data_2DO8
#
_entry.id   2DO8
#
_entity_poly.entity_id   1
_entity_poly.type   'polypeptide(L)'
_entity_poly.pdbx_seq_one_letter_code
;MFGNLQGKFIIATPEMDDEYFDRTVIYICEHNDNGTIGVIINTPTDLSVLELLTRMDFQMAKPRIYTQDQMVLNGGPVNQ
DRGFIVHSKTDHEFTHSYKVTDDITLTTSGDVLDSFGTQTAPEKFIVCLGCSTWKPHQLEQEIAQNYWLLSEANNQTLFE
TSYLDRWVEANEMLGISGILAPAGRALE
;
_entity_poly.pdbx_strand_id   A
#
# COMPACT_ATOMS: atom_id res chain seq x y z
N MET A 1 10.57 -20.52 -3.39
CA MET A 1 9.19 -21.05 -3.37
C MET A 1 8.28 -20.04 -2.68
N PHE A 2 8.34 -20.02 -1.34
CA PHE A 2 7.53 -19.12 -0.51
C PHE A 2 6.04 -19.34 -0.69
N GLY A 3 5.39 -19.76 0.38
CA GLY A 3 3.97 -20.04 0.35
C GLY A 3 3.12 -18.79 0.20
N ASN A 4 3.15 -18.22 -1.00
CA ASN A 4 2.33 -17.06 -1.37
C ASN A 4 2.81 -15.80 -0.67
N LEU A 5 3.31 -14.85 -1.44
CA LEU A 5 3.82 -13.60 -0.90
C LEU A 5 2.69 -12.61 -0.63
N GLN A 6 1.47 -13.00 -0.99
CA GLN A 6 0.30 -12.20 -0.69
C GLN A 6 0.10 -12.10 0.82
N GLY A 7 -0.20 -10.90 1.29
CA GLY A 7 -0.41 -10.71 2.72
C GLY A 7 0.89 -10.61 3.48
N LYS A 8 1.98 -10.46 2.74
CA LYS A 8 3.29 -10.26 3.35
C LYS A 8 3.77 -8.85 3.04
N PHE A 9 4.77 -8.40 3.79
CA PHE A 9 5.38 -7.12 3.49
C PHE A 9 6.89 -7.19 3.68
N ILE A 10 7.61 -6.39 2.91
CA ILE A 10 9.05 -6.38 2.96
C ILE A 10 9.59 -5.04 3.45
N ILE A 11 10.46 -5.10 4.45
CA ILE A 11 11.01 -3.89 5.04
C ILE A 11 12.21 -3.42 4.25
N ALA A 12 12.01 -2.39 3.45
CA ALA A 12 13.09 -1.80 2.69
C ALA A 12 13.70 -0.63 3.43
N THR A 13 12.84 0.32 3.81
CA THR A 13 13.25 1.53 4.50
C THR A 13 14.27 2.31 3.66
N PRO A 14 13.79 3.11 2.70
CA PRO A 14 14.65 3.90 1.81
C PRO A 14 15.37 5.01 2.56
N GLU A 15 16.54 5.38 2.06
CA GLU A 15 17.31 6.48 2.64
C GLU A 15 16.49 7.76 2.61
N MET A 16 15.88 8.01 1.48
CA MET A 16 14.96 9.13 1.31
C MET A 16 14.23 8.96 -0.02
N ASP A 17 14.95 9.24 -1.10
CA ASP A 17 14.47 8.99 -2.46
C ASP A 17 13.10 9.61 -2.71
N ASP A 18 13.06 10.94 -2.83
CA ASP A 18 11.85 11.70 -3.16
C ASP A 18 10.90 11.81 -1.97
N GLU A 19 10.60 10.67 -1.35
CA GLU A 19 9.73 10.62 -0.18
C GLU A 19 10.47 11.22 1.03
N TYR A 20 9.72 11.68 2.01
CA TYR A 20 10.30 12.38 3.14
C TYR A 20 9.91 11.73 4.48
N PHE A 21 8.66 11.28 4.57
CA PHE A 21 8.13 10.75 5.84
C PHE A 21 6.69 10.22 5.70
N ASP A 22 6.02 10.51 4.61
CA ASP A 22 4.58 10.27 4.54
C ASP A 22 4.26 8.91 3.93
N ARG A 23 4.50 7.87 4.72
CA ARG A 23 4.17 6.49 4.38
C ARG A 23 5.07 5.92 3.27
N THR A 24 5.73 4.80 3.58
CA THR A 24 6.64 4.17 2.63
C THR A 24 6.51 2.64 2.68
N VAL A 25 5.97 2.06 1.59
CA VAL A 25 5.79 0.59 1.47
C VAL A 25 4.64 0.11 2.36
N ILE A 26 3.85 -0.83 1.86
CA ILE A 26 2.72 -1.33 2.64
C ILE A 26 2.61 -2.87 2.60
N TYR A 27 2.48 -3.47 1.42
CA TYR A 27 2.33 -4.92 1.33
C TYR A 27 2.49 -5.44 -0.11
N ILE A 28 2.54 -6.77 -0.23
CA ILE A 28 2.55 -7.44 -1.52
C ILE A 28 1.15 -7.92 -1.85
N CYS A 29 0.72 -7.68 -3.08
CA CYS A 29 -0.64 -7.99 -3.49
C CYS A 29 -0.82 -9.48 -3.74
N GLU A 30 0.05 -10.06 -4.56
CA GLU A 30 -0.03 -11.49 -4.86
C GLU A 30 1.29 -12.03 -5.43
N HIS A 31 1.37 -13.35 -5.54
CA HIS A 31 2.57 -14.02 -6.04
C HIS A 31 2.17 -15.08 -7.05
N ASN A 32 2.51 -14.85 -8.31
CA ASN A 32 2.09 -15.73 -9.40
C ASN A 32 3.30 -16.14 -10.24
N ASP A 33 3.09 -17.10 -11.15
CA ASP A 33 4.12 -17.55 -12.07
C ASP A 33 4.51 -16.43 -13.02
N ASN A 34 3.55 -15.57 -13.34
CA ASN A 34 3.77 -14.47 -14.26
C ASN A 34 4.58 -13.36 -13.60
N GLY A 35 4.63 -13.37 -12.27
CA GLY A 35 5.37 -12.36 -11.56
C GLY A 35 4.83 -12.10 -10.17
N THR A 36 5.43 -11.15 -9.47
CA THR A 36 5.00 -10.80 -8.13
C THR A 36 4.42 -9.39 -8.11
N ILE A 37 3.15 -9.28 -7.77
CA ILE A 37 2.47 -8.00 -7.79
C ILE A 37 2.47 -7.40 -6.39
N GLY A 38 2.97 -6.18 -6.26
CA GLY A 38 3.04 -5.53 -4.97
C GLY A 38 3.19 -4.03 -5.10
N VAL A 39 2.95 -3.32 -4.01
CA VAL A 39 3.13 -1.87 -3.99
C VAL A 39 4.16 -1.48 -2.95
N ILE A 40 5.43 -1.59 -3.34
CA ILE A 40 6.54 -1.33 -2.43
C ILE A 40 7.61 -0.45 -3.07
N ILE A 41 7.32 0.05 -4.27
CA ILE A 41 8.30 0.85 -5.01
C ILE A 41 8.51 2.22 -4.37
N ASN A 42 7.44 2.78 -3.82
CA ASN A 42 7.45 4.11 -3.20
C ASN A 42 7.77 5.19 -4.23
N THR A 43 6.73 5.91 -4.64
CA THR A 43 6.89 7.07 -5.49
C THR A 43 5.63 7.95 -5.43
N PRO A 44 5.64 8.93 -4.52
CA PRO A 44 4.51 9.85 -4.34
C PRO A 44 4.42 10.86 -5.48
N THR A 45 3.23 11.38 -5.72
CA THR A 45 3.04 12.35 -6.77
C THR A 45 2.61 13.68 -6.15
N ASP A 46 2.64 14.75 -6.95
CA ASP A 46 2.25 16.07 -6.47
C ASP A 46 0.75 16.26 -6.49
N LEU A 47 0.02 15.25 -6.93
CA LEU A 47 -1.42 15.32 -7.00
C LEU A 47 -2.04 14.78 -5.72
N SER A 48 -3.22 15.27 -5.38
CA SER A 48 -3.88 14.86 -4.17
C SER A 48 -5.08 13.99 -4.50
N VAL A 49 -5.48 13.14 -3.57
CA VAL A 49 -6.60 12.21 -3.79
C VAL A 49 -7.90 12.97 -4.05
N LEU A 50 -8.18 13.99 -3.26
CA LEU A 50 -9.39 14.78 -3.43
C LEU A 50 -9.25 15.72 -4.63
N GLU A 51 -8.00 16.08 -4.95
CA GLU A 51 -7.73 16.95 -6.08
C GLU A 51 -8.29 16.34 -7.35
N LEU A 52 -7.92 15.10 -7.63
CA LEU A 52 -8.34 14.43 -8.85
C LEU A 52 -9.85 14.19 -8.85
N LEU A 53 -10.40 13.88 -7.69
CA LEU A 53 -11.83 13.61 -7.58
C LEU A 53 -12.65 14.85 -7.93
N THR A 54 -12.32 15.97 -7.29
CA THR A 54 -13.09 17.20 -7.48
C THR A 54 -12.81 17.81 -8.86
N ARG A 55 -11.61 17.56 -9.37
CA ARG A 55 -11.19 18.10 -10.66
C ARG A 55 -11.94 17.44 -11.82
N MET A 56 -12.21 16.14 -11.69
CA MET A 56 -12.86 15.38 -12.77
C MET A 56 -14.38 15.56 -12.75
N ASP A 57 -15.07 14.66 -12.04
CA ASP A 57 -16.52 14.66 -12.04
C ASP A 57 -17.06 14.20 -10.69
N PHE A 58 -16.23 14.38 -9.68
CA PHE A 58 -16.61 14.07 -8.30
C PHE A 58 -16.45 15.33 -7.48
N GLN A 59 -17.04 16.40 -8.00
CA GLN A 59 -16.87 17.74 -7.46
C GLN A 59 -17.49 17.88 -6.08
N MET A 60 -18.64 17.24 -5.88
CA MET A 60 -19.33 17.35 -4.61
C MET A 60 -18.88 16.26 -3.65
N ALA A 61 -17.78 16.51 -2.97
CA ALA A 61 -17.27 15.62 -1.95
C ALA A 61 -17.41 16.28 -0.58
N LYS A 62 -16.75 15.75 0.43
CA LYS A 62 -16.82 16.34 1.77
C LYS A 62 -15.44 16.66 2.33
N PRO A 63 -14.72 17.63 1.75
CA PRO A 63 -13.45 18.10 2.28
C PRO A 63 -13.66 19.24 3.28
N ARG A 64 -14.87 19.80 3.25
CA ARG A 64 -15.23 20.93 4.11
C ARG A 64 -14.27 22.11 3.91
N ILE A 65 -14.29 23.03 4.86
CA ILE A 65 -13.49 24.25 4.78
C ILE A 65 -12.07 24.01 5.23
N TYR A 66 -11.71 22.75 5.45
CA TYR A 66 -10.35 22.40 5.84
C TYR A 66 -9.39 22.67 4.70
N THR A 67 -9.81 22.29 3.49
CA THR A 67 -9.03 22.54 2.27
C THR A 67 -7.81 21.60 2.16
N GLN A 68 -7.38 21.05 3.29
CA GLN A 68 -6.26 20.12 3.32
C GLN A 68 -6.62 18.84 2.57
N ASP A 69 -5.61 18.16 2.04
CA ASP A 69 -5.85 16.98 1.22
C ASP A 69 -4.83 15.89 1.55
N GLN A 70 -4.95 14.76 0.89
CA GLN A 70 -3.98 13.68 1.00
C GLN A 70 -3.35 13.43 -0.35
N MET A 71 -2.04 13.24 -0.38
CA MET A 71 -1.34 13.08 -1.64
C MET A 71 -1.46 11.65 -2.14
N VAL A 72 -1.65 11.50 -3.44
CA VAL A 72 -1.79 10.18 -4.04
C VAL A 72 -0.43 9.68 -4.53
N LEU A 73 -0.15 8.42 -4.28
CA LEU A 73 1.12 7.84 -4.67
C LEU A 73 0.95 6.93 -5.87
N ASN A 74 2.04 6.75 -6.61
CA ASN A 74 2.06 5.79 -7.70
C ASN A 74 2.52 4.44 -7.16
N GLY A 75 1.75 3.41 -7.44
CA GLY A 75 2.04 2.10 -6.91
C GLY A 75 3.04 1.34 -7.77
N GLY A 76 3.24 1.84 -8.98
CA GLY A 76 4.20 1.23 -9.89
C GLY A 76 3.92 1.61 -11.32
N PRO A 77 4.78 1.20 -12.26
CA PRO A 77 4.63 1.53 -13.68
C PRO A 77 3.54 0.71 -14.36
N VAL A 78 3.07 -0.33 -13.68
CA VAL A 78 2.05 -1.20 -14.22
C VAL A 78 0.67 -0.82 -13.67
N ASN A 79 -0.35 -0.96 -14.50
CA ASN A 79 -1.74 -0.70 -14.09
C ASN A 79 -1.97 0.76 -13.75
N GLN A 80 -1.22 1.64 -14.41
CA GLN A 80 -1.32 3.09 -14.17
C GLN A 80 -2.69 3.63 -14.59
N ASP A 81 -3.47 2.78 -15.25
CA ASP A 81 -4.76 3.16 -15.79
C ASP A 81 -5.79 3.29 -14.69
N ARG A 82 -5.53 2.67 -13.54
CA ARG A 82 -6.54 2.57 -12.49
C ARG A 82 -5.94 2.91 -11.12
N GLY A 83 -6.75 3.57 -10.31
CA GLY A 83 -6.35 3.88 -8.96
C GLY A 83 -6.87 2.84 -7.99
N PHE A 84 -5.97 2.21 -7.25
CA PHE A 84 -6.34 1.15 -6.34
C PHE A 84 -6.50 1.69 -4.93
N ILE A 85 -7.65 1.43 -4.32
CA ILE A 85 -7.92 1.88 -2.96
C ILE A 85 -7.98 0.68 -2.01
N VAL A 86 -7.04 0.64 -1.09
CA VAL A 86 -7.01 -0.39 -0.07
C VAL A 86 -7.70 0.11 1.18
N HIS A 87 -8.72 -0.61 1.65
CA HIS A 87 -9.46 -0.18 2.82
C HIS A 87 -9.78 -1.35 3.73
N SER A 88 -10.21 -1.03 4.95
CA SER A 88 -10.56 -2.06 5.92
C SER A 88 -12.05 -2.39 5.86
N LYS A 89 -12.45 -3.40 6.63
CA LYS A 89 -13.86 -3.75 6.81
C LYS A 89 -14.66 -2.56 7.34
N THR A 90 -15.81 -2.33 6.76
CA THR A 90 -16.74 -1.32 7.24
C THR A 90 -18.15 -1.67 6.80
N ASP A 91 -19.00 -1.98 7.78
CA ASP A 91 -20.40 -2.37 7.53
C ASP A 91 -20.42 -3.64 6.65
N HIS A 92 -21.44 -3.78 5.81
CA HIS A 92 -21.58 -4.99 5.00
C HIS A 92 -21.71 -4.69 3.52
N GLU A 93 -21.03 -3.67 3.05
CA GLU A 93 -21.03 -3.36 1.62
C GLU A 93 -19.91 -4.09 0.91
N PHE A 94 -20.05 -4.22 -0.40
CA PHE A 94 -19.15 -5.02 -1.23
C PHE A 94 -19.75 -5.21 -2.63
N THR A 95 -19.25 -4.46 -3.60
CA THR A 95 -19.71 -4.62 -4.98
C THR A 95 -18.56 -4.97 -5.90
N HIS A 96 -17.52 -4.15 -5.90
CA HIS A 96 -16.35 -4.37 -6.75
C HIS A 96 -15.08 -4.36 -5.91
N SER A 97 -14.89 -5.39 -5.12
CA SER A 97 -13.74 -5.47 -4.26
C SER A 97 -13.01 -6.81 -4.44
N TYR A 98 -11.68 -6.74 -4.44
CA TYR A 98 -10.85 -7.91 -4.57
C TYR A 98 -10.27 -8.29 -3.21
N LYS A 99 -10.33 -9.57 -2.87
CA LYS A 99 -9.86 -10.02 -1.58
C LYS A 99 -8.34 -10.10 -1.53
N VAL A 100 -7.76 -9.24 -0.71
CA VAL A 100 -6.36 -9.37 -0.34
C VAL A 100 -6.28 -10.33 0.83
N THR A 101 -7.05 -10.01 1.86
CA THR A 101 -7.25 -10.91 2.98
C THR A 101 -8.71 -10.77 3.43
N ASP A 102 -9.05 -11.24 4.63
CA ASP A 102 -10.44 -11.21 5.06
C ASP A 102 -10.93 -9.77 5.27
N ASP A 103 -10.20 -9.00 6.08
CA ASP A 103 -10.59 -7.62 6.37
C ASP A 103 -10.13 -6.65 5.31
N ILE A 104 -8.97 -6.91 4.72
CA ILE A 104 -8.42 -5.99 3.72
C ILE A 104 -9.07 -6.24 2.37
N THR A 105 -9.68 -5.21 1.83
CA THR A 105 -10.36 -5.31 0.56
C THR A 105 -9.82 -4.28 -0.42
N LEU A 106 -9.47 -4.74 -1.60
CA LEU A 106 -8.92 -3.87 -2.63
C LEU A 106 -10.01 -3.44 -3.61
N THR A 107 -10.35 -2.17 -3.59
CA THR A 107 -11.39 -1.65 -4.46
C THR A 107 -10.81 -0.59 -5.40
N THR A 108 -11.05 -0.75 -6.69
CA THR A 108 -10.45 0.15 -7.67
C THR A 108 -11.47 0.66 -8.70
N SER A 109 -12.50 -0.13 -8.99
CA SER A 109 -13.41 0.22 -10.07
C SER A 109 -14.81 0.56 -9.55
N GLY A 110 -15.13 1.85 -9.53
CA GLY A 110 -16.48 2.31 -9.28
C GLY A 110 -16.91 2.26 -7.81
N ASP A 111 -16.77 1.08 -7.21
CA ASP A 111 -17.31 0.80 -5.87
C ASP A 111 -16.80 1.80 -4.82
N VAL A 112 -15.55 2.24 -4.99
CA VAL A 112 -14.97 3.22 -4.06
C VAL A 112 -15.77 4.52 -4.01
N LEU A 113 -16.35 4.92 -5.15
CA LEU A 113 -17.13 6.16 -5.21
C LEU A 113 -18.44 5.98 -4.46
N ASP A 114 -18.89 4.75 -4.41
CA ASP A 114 -20.11 4.40 -3.69
C ASP A 114 -19.85 4.35 -2.19
N SER A 115 -18.63 3.94 -1.84
CA SER A 115 -18.24 3.76 -0.44
C SER A 115 -18.32 5.07 0.35
N PHE A 116 -17.44 6.02 0.02
CA PHE A 116 -17.42 7.27 0.76
C PHE A 116 -18.54 8.21 0.31
N GLY A 117 -19.14 8.89 1.26
CA GLY A 117 -20.28 9.74 0.98
C GLY A 117 -21.50 9.30 1.76
N THR A 118 -21.45 8.08 2.26
CA THR A 118 -22.51 7.52 3.07
C THR A 118 -21.92 6.88 4.33
N GLN A 119 -22.77 6.35 5.20
CA GLN A 119 -22.31 5.81 6.48
C GLN A 119 -21.66 4.44 6.33
N THR A 120 -21.58 3.95 5.11
CA THR A 120 -20.88 2.69 4.85
C THR A 120 -19.48 2.94 4.32
N ALA A 121 -19.03 4.18 4.48
CA ALA A 121 -17.69 4.57 4.08
C ALA A 121 -16.66 3.97 5.04
N PRO A 122 -15.60 3.33 4.50
CA PRO A 122 -14.57 2.72 5.33
C PRO A 122 -13.80 3.75 6.15
N GLU A 123 -13.49 3.37 7.39
CA GLU A 123 -12.78 4.25 8.31
C GLU A 123 -11.47 4.73 7.71
N LYS A 124 -10.68 3.78 7.23
CA LYS A 124 -9.36 4.08 6.72
C LYS A 124 -9.21 3.48 5.32
N PHE A 125 -8.60 4.24 4.42
CA PHE A 125 -8.34 3.77 3.07
C PHE A 125 -7.14 4.49 2.48
N ILE A 126 -6.37 3.76 1.67
CA ILE A 126 -5.23 4.34 0.99
C ILE A 126 -5.37 4.16 -0.52
N VAL A 127 -4.91 5.14 -1.28
CA VAL A 127 -5.05 5.09 -2.73
C VAL A 127 -3.68 5.12 -3.41
N CYS A 128 -3.50 4.24 -4.40
CA CYS A 128 -2.29 4.20 -5.17
C CYS A 128 -2.60 3.96 -6.64
N LEU A 129 -2.00 4.76 -7.51
CA LEU A 129 -2.19 4.62 -8.95
C LEU A 129 -1.24 3.56 -9.50
N GLY A 130 -1.79 2.48 -10.04
CA GLY A 130 -0.95 1.41 -10.55
C GLY A 130 -0.34 0.54 -9.45
N CYS A 131 0.47 -0.42 -9.87
CA CYS A 131 1.17 -1.31 -8.97
C CYS A 131 2.50 -1.75 -9.61
N SER A 132 3.35 -2.39 -8.84
CA SER A 132 4.64 -2.84 -9.34
C SER A 132 4.64 -4.36 -9.51
N THR A 133 5.24 -4.82 -10.59
CA THR A 133 5.37 -6.26 -10.82
C THR A 133 6.83 -6.66 -10.87
N TRP A 134 7.23 -7.45 -9.88
CA TRP A 134 8.61 -7.93 -9.79
C TRP A 134 8.80 -9.16 -10.66
N LYS A 135 10.04 -9.40 -11.06
CA LYS A 135 10.37 -10.55 -11.90
C LYS A 135 9.95 -11.85 -11.21
N PRO A 136 9.43 -12.81 -11.98
CA PRO A 136 8.98 -14.10 -11.45
C PRO A 136 10.09 -14.84 -10.70
N HIS A 137 9.85 -15.10 -9.42
CA HIS A 137 10.74 -15.89 -8.57
C HIS A 137 12.00 -15.10 -8.16
N GLN A 138 12.22 -13.93 -8.75
CA GLN A 138 13.41 -13.15 -8.46
C GLN A 138 13.42 -12.65 -7.02
N LEU A 139 12.32 -12.02 -6.62
CA LEU A 139 12.20 -11.44 -5.28
C LEU A 139 12.49 -12.48 -4.21
N GLU A 140 12.08 -13.72 -4.48
CA GLU A 140 12.31 -14.83 -3.57
C GLU A 140 13.81 -15.02 -3.29
N GLN A 141 14.61 -14.91 -4.34
CA GLN A 141 16.05 -15.09 -4.23
C GLN A 141 16.67 -13.87 -3.54
N GLU A 142 16.15 -12.69 -3.85
CA GLU A 142 16.64 -11.46 -3.25
C GLU A 142 16.41 -11.48 -1.73
N ILE A 143 15.24 -11.98 -1.32
CA ILE A 143 14.93 -12.13 0.09
C ILE A 143 15.87 -13.16 0.73
N ALA A 144 16.25 -14.17 -0.04
CA ALA A 144 17.16 -15.20 0.43
C ALA A 144 18.56 -14.64 0.66
N GLN A 145 18.89 -13.56 -0.04
CA GLN A 145 20.17 -12.87 0.15
C GLN A 145 20.15 -12.06 1.43
N ASN A 146 18.97 -11.96 2.04
CA ASN A 146 18.73 -11.12 3.20
C ASN A 146 18.89 -9.64 2.82
N TYR A 147 18.57 -9.33 1.57
CA TYR A 147 18.60 -7.96 1.08
C TYR A 147 17.25 -7.30 1.35
N TRP A 148 16.26 -8.13 1.60
CA TRP A 148 14.91 -7.68 1.93
C TRP A 148 14.48 -8.31 3.24
N LEU A 149 13.86 -7.54 4.10
CA LEU A 149 13.35 -8.06 5.35
C LEU A 149 11.91 -8.49 5.20
N LEU A 150 11.71 -9.79 5.21
CA LEU A 150 10.38 -10.35 4.99
C LEU A 150 9.66 -10.54 6.31
N SER A 151 8.41 -10.12 6.35
CA SER A 151 7.57 -10.31 7.51
C SER A 151 6.11 -10.45 7.05
N GLU A 152 5.33 -11.23 7.77
CA GLU A 152 3.94 -11.44 7.40
C GLU A 152 3.07 -10.33 7.98
N ALA A 153 1.97 -10.06 7.32
CA ALA A 153 1.02 -9.08 7.80
C ALA A 153 -0.23 -9.78 8.29
N ASN A 154 -0.38 -9.88 9.60
CA ASN A 154 -1.49 -10.60 10.17
C ASN A 154 -2.75 -9.76 10.17
N ASN A 155 -3.38 -9.66 8.99
CA ASN A 155 -4.68 -9.00 8.79
C ASN A 155 -4.74 -7.59 9.42
N GLN A 156 -5.03 -7.52 10.72
CA GLN A 156 -5.10 -6.23 11.41
C GLN A 156 -3.76 -5.53 11.39
N THR A 157 -2.68 -6.30 11.49
CA THR A 157 -1.33 -5.75 11.50
C THR A 157 -1.04 -4.93 10.22
N LEU A 158 -1.68 -5.33 9.12
CA LEU A 158 -1.44 -4.72 7.83
C LEU A 158 -1.93 -3.27 7.82
N PHE A 159 -3.17 -3.08 8.26
CA PHE A 159 -3.82 -1.78 8.07
C PHE A 159 -4.05 -1.04 9.39
N GLU A 160 -4.19 -1.78 10.49
CA GLU A 160 -4.50 -1.17 11.78
C GLU A 160 -3.28 -1.14 12.69
N THR A 161 -2.69 -2.32 12.90
CA THR A 161 -1.61 -2.55 13.87
C THR A 161 -1.82 -1.75 15.16
N SER A 162 -2.55 -2.36 16.10
CA SER A 162 -2.94 -1.74 17.37
C SER A 162 -4.10 -0.74 17.16
N TYR A 163 -4.08 -0.03 16.04
CA TYR A 163 -5.13 0.92 15.66
C TYR A 163 -5.18 2.14 16.59
N LEU A 164 -4.48 3.19 16.18
CA LEU A 164 -4.52 4.48 16.86
C LEU A 164 -3.75 5.51 16.03
N ASP A 165 -2.49 5.18 15.76
CA ASP A 165 -1.60 5.98 14.92
C ASP A 165 -0.22 5.32 14.95
N ARG A 166 0.48 5.33 13.84
CA ARG A 166 1.80 4.72 13.79
C ARG A 166 2.62 5.25 12.63
N TRP A 167 3.92 5.34 12.87
CA TRP A 167 4.90 5.66 11.86
C TRP A 167 6.10 4.75 12.06
N VAL A 168 6.65 4.20 10.98
CA VAL A 168 7.77 3.25 11.07
C VAL A 168 7.26 1.94 11.70
N GLU A 169 5.95 1.78 11.64
CA GLU A 169 5.25 0.62 12.20
C GLU A 169 5.73 -0.68 11.56
N ALA A 170 6.02 -0.63 10.26
CA ALA A 170 6.51 -1.81 9.55
C ALA A 170 7.85 -2.28 10.12
N ASN A 171 8.67 -1.32 10.53
CA ASN A 171 9.98 -1.64 11.09
C ASN A 171 9.83 -2.07 12.54
N GLU A 172 8.80 -1.56 13.20
CA GLU A 172 8.53 -1.86 14.60
C GLU A 172 7.85 -3.22 14.76
N MET A 173 7.13 -3.63 13.72
CA MET A 173 6.41 -4.90 13.74
C MET A 173 7.33 -6.07 14.10
N LEU A 174 8.58 -5.96 13.67
CA LEU A 174 9.58 -6.98 13.97
C LEU A 174 10.25 -6.70 15.31
N GLY A 175 10.50 -5.42 15.56
CA GLY A 175 11.12 -5.01 16.81
C GLY A 175 12.31 -4.09 16.60
N ILE A 176 12.11 -3.09 15.73
CA ILE A 176 13.17 -2.15 15.37
C ILE A 176 14.39 -2.90 14.83
N SER A 177 14.26 -3.40 13.61
CA SER A 177 15.32 -4.16 12.98
C SER A 177 16.11 -3.28 12.01
N GLY A 178 17.43 -3.33 12.13
CA GLY A 178 18.29 -2.64 11.19
C GLY A 178 19.26 -3.58 10.55
N ILE A 179 20.22 -3.04 9.79
CA ILE A 179 21.22 -3.84 9.08
C ILE A 179 20.57 -4.65 7.95
N LEU A 180 21.40 -5.20 7.07
CA LEU A 180 20.94 -6.02 5.93
C LEU A 180 20.08 -5.20 4.98
N ALA A 181 20.71 -4.18 4.40
CA ALA A 181 20.11 -3.32 3.38
C ALA A 181 21.11 -2.22 2.99
N PRO A 182 21.55 -1.38 3.97
CA PRO A 182 22.58 -0.39 3.73
C PRO A 182 23.95 -0.91 4.18
N ALA A 183 24.72 -1.41 3.24
CA ALA A 183 26.04 -1.94 3.56
C ALA A 183 27.12 -1.01 3.02
N GLY A 184 26.85 -0.44 1.84
CA GLY A 184 27.79 0.47 1.23
C GLY A 184 29.08 -0.21 0.79
N ARG A 185 29.00 -1.51 0.57
CA ARG A 185 30.17 -2.27 0.14
C ARG A 185 30.01 -2.66 -1.32
N ALA A 186 30.26 -1.72 -2.21
CA ALA A 186 30.09 -1.94 -3.63
C ALA A 186 31.38 -2.47 -4.26
N LEU A 187 32.43 -1.69 -4.16
CA LEU A 187 33.72 -2.06 -4.72
C LEU A 187 34.61 -2.72 -3.67
N GLU A 188 34.62 -4.05 -3.67
CA GLU A 188 35.41 -4.81 -2.72
C GLU A 188 35.41 -6.27 -3.14
N MET A 1 13.47 -21.20 -2.06
CA MET A 1 12.23 -21.04 -2.83
C MET A 1 11.02 -20.87 -1.90
N PHE A 2 10.16 -19.93 -2.24
CA PHE A 2 8.90 -19.75 -1.54
C PHE A 2 7.74 -20.07 -2.48
N GLY A 3 7.84 -19.56 -3.70
CA GLY A 3 6.84 -19.83 -4.70
C GLY A 3 5.56 -19.04 -4.49
N ASN A 4 4.84 -19.35 -3.42
CA ASN A 4 3.58 -18.69 -3.14
C ASN A 4 3.79 -17.44 -2.31
N LEU A 5 3.19 -16.35 -2.77
CA LEU A 5 3.26 -15.07 -2.10
C LEU A 5 1.86 -14.50 -1.93
N GLN A 6 1.73 -13.18 -1.87
CA GLN A 6 0.45 -12.52 -1.60
C GLN A 6 -0.02 -12.80 -0.18
N GLY A 7 -0.18 -11.74 0.60
CA GLY A 7 -0.53 -11.89 2.00
C GLY A 7 0.67 -11.85 2.90
N LYS A 8 1.76 -11.30 2.39
CA LYS A 8 2.99 -11.13 3.15
C LYS A 8 3.53 -9.73 2.92
N PHE A 9 4.53 -9.34 3.71
CA PHE A 9 5.20 -8.06 3.49
C PHE A 9 6.68 -8.18 3.80
N ILE A 10 7.46 -7.22 3.32
CA ILE A 10 8.91 -7.29 3.43
C ILE A 10 9.49 -5.96 3.92
N ILE A 11 10.31 -6.03 4.95
CA ILE A 11 10.97 -4.86 5.51
C ILE A 11 12.37 -4.74 4.92
N ALA A 12 12.80 -3.53 4.59
CA ALA A 12 14.12 -3.31 4.02
C ALA A 12 14.72 -2.02 4.53
N THR A 13 16.02 -1.83 4.25
CA THR A 13 16.76 -0.61 4.60
C THR A 13 16.65 -0.24 6.08
N PRO A 14 17.65 -0.64 6.90
CA PRO A 14 17.72 -0.25 8.30
C PRO A 14 17.87 1.26 8.45
N GLU A 15 18.47 1.88 7.45
CA GLU A 15 18.68 3.31 7.43
C GLU A 15 18.17 3.91 6.13
N MET A 16 17.70 5.14 6.20
CA MET A 16 17.25 5.87 5.02
C MET A 16 17.18 7.35 5.36
N ASP A 17 17.41 8.20 4.37
CA ASP A 17 17.49 9.63 4.61
C ASP A 17 16.15 10.30 4.36
N ASP A 18 15.40 10.48 5.46
CA ASP A 18 14.06 11.08 5.43
C ASP A 18 13.08 10.17 4.68
N GLU A 19 11.79 10.54 4.70
CA GLU A 19 10.71 9.78 4.05
C GLU A 19 10.42 8.46 4.78
N TYR A 20 11.48 7.80 5.24
CA TYR A 20 11.39 6.51 5.92
C TYR A 20 10.48 6.58 7.15
N PHE A 21 10.37 7.76 7.74
CA PHE A 21 9.58 7.93 8.94
C PHE A 21 8.25 8.61 8.63
N ASP A 22 7.88 8.61 7.36
CA ASP A 22 6.62 9.21 6.94
C ASP A 22 5.81 8.21 6.10
N ARG A 23 5.47 7.10 6.73
CA ARG A 23 4.62 6.05 6.13
C ARG A 23 5.31 5.40 4.92
N THR A 24 6.11 4.38 5.19
CA THR A 24 6.82 3.67 4.13
C THR A 24 6.98 2.18 4.47
N VAL A 25 7.19 1.37 3.43
CA VAL A 25 7.37 -0.08 3.57
C VAL A 25 6.06 -0.75 4.01
N ILE A 26 5.37 -1.35 3.05
CA ILE A 26 4.08 -1.97 3.33
C ILE A 26 4.06 -3.42 2.76
N TYR A 27 2.93 -3.89 2.22
CA TYR A 27 2.77 -5.32 1.96
C TYR A 27 2.59 -5.62 0.47
N ILE A 28 2.55 -6.90 0.17
CA ILE A 28 2.34 -7.38 -1.20
C ILE A 28 0.85 -7.64 -1.44
N CYS A 29 0.31 -7.02 -2.49
CA CYS A 29 -1.11 -7.13 -2.80
C CYS A 29 -1.44 -8.51 -3.36
N GLU A 30 -0.81 -8.88 -4.46
CA GLU A 30 -1.05 -10.18 -5.07
C GLU A 30 0.22 -10.74 -5.71
N HIS A 31 0.20 -12.02 -5.99
CA HIS A 31 1.28 -12.68 -6.71
C HIS A 31 0.71 -13.24 -8.00
N ASN A 32 1.24 -12.77 -9.12
CA ASN A 32 0.65 -13.07 -10.42
C ASN A 32 1.62 -13.91 -11.25
N ASP A 33 1.23 -14.21 -12.49
CA ASP A 33 2.03 -15.03 -13.39
C ASP A 33 3.33 -14.30 -13.75
N ASN A 34 3.27 -12.98 -13.75
CA ASN A 34 4.39 -12.17 -14.20
C ASN A 34 5.22 -11.64 -13.03
N GLY A 35 4.96 -12.14 -11.83
CA GLY A 35 5.76 -11.74 -10.70
C GLY A 35 4.95 -11.40 -9.47
N THR A 36 5.40 -10.40 -8.72
CA THR A 36 4.78 -10.06 -7.46
C THR A 36 4.36 -8.58 -7.45
N ILE A 37 3.11 -8.33 -7.08
CA ILE A 37 2.56 -6.97 -7.09
C ILE A 37 2.49 -6.43 -5.66
N GLY A 38 3.26 -5.41 -5.38
CA GLY A 38 3.21 -4.76 -4.08
C GLY A 38 3.45 -3.27 -4.20
N VAL A 39 3.16 -2.52 -3.15
CA VAL A 39 3.34 -1.08 -3.20
C VAL A 39 4.44 -0.63 -2.24
N ILE A 40 5.67 -1.01 -2.57
CA ILE A 40 6.80 -0.78 -1.66
C ILE A 40 7.82 0.19 -2.26
N ILE A 41 7.42 0.92 -3.31
CA ILE A 41 8.32 1.87 -3.95
C ILE A 41 8.62 3.06 -3.01
N ASN A 42 7.65 3.36 -2.15
CA ASN A 42 7.79 4.39 -1.12
C ASN A 42 8.01 5.78 -1.71
N THR A 43 6.91 6.47 -2.04
CA THR A 43 7.01 7.84 -2.53
C THR A 43 5.61 8.42 -2.81
N PRO A 44 5.30 9.55 -2.17
CA PRO A 44 4.10 10.32 -2.49
C PRO A 44 4.34 11.21 -3.71
N THR A 45 3.28 11.56 -4.40
CA THR A 45 3.41 12.42 -5.57
C THR A 45 2.79 13.78 -5.31
N ASP A 46 3.17 14.76 -6.14
CA ASP A 46 2.74 16.15 -5.94
C ASP A 46 1.26 16.31 -6.23
N LEU A 47 0.70 15.38 -6.98
CA LEU A 47 -0.73 15.37 -7.26
C LEU A 47 -1.50 15.09 -5.98
N SER A 48 -2.66 15.71 -5.85
CA SER A 48 -3.43 15.57 -4.64
C SER A 48 -4.57 14.58 -4.85
N VAL A 49 -5.02 13.95 -3.77
CA VAL A 49 -6.10 13.00 -3.87
C VAL A 49 -7.40 13.73 -4.19
N LEU A 50 -7.55 14.94 -3.67
CA LEU A 50 -8.72 15.75 -3.96
C LEU A 50 -8.65 16.30 -5.38
N GLU A 51 -7.44 16.45 -5.90
CA GLU A 51 -7.23 16.95 -7.25
C GLU A 51 -7.65 15.90 -8.28
N LEU A 52 -7.33 14.64 -8.02
CA LEU A 52 -7.63 13.57 -8.96
C LEU A 52 -9.13 13.25 -8.94
N LEU A 53 -9.76 13.40 -7.78
CA LEU A 53 -11.20 13.16 -7.67
C LEU A 53 -11.97 14.19 -8.49
N THR A 54 -11.65 15.45 -8.28
CA THR A 54 -12.32 16.55 -8.96
C THR A 54 -12.02 16.54 -10.45
N ARG A 55 -10.84 16.02 -10.79
CA ARG A 55 -10.38 15.95 -12.17
C ARG A 55 -11.38 15.21 -13.05
N MET A 56 -11.97 14.15 -12.52
CA MET A 56 -12.91 13.34 -13.27
C MET A 56 -14.34 13.54 -12.79
N ASP A 57 -14.53 13.51 -11.48
CA ASP A 57 -15.87 13.47 -10.90
C ASP A 57 -15.87 14.17 -9.53
N PHE A 58 -16.76 13.73 -8.64
CA PHE A 58 -16.83 14.24 -7.27
C PHE A 58 -17.55 15.59 -7.27
N GLN A 59 -18.36 15.78 -8.29
CA GLN A 59 -19.15 17.00 -8.45
C GLN A 59 -20.45 16.91 -7.64
N MET A 60 -20.50 15.94 -6.74
CA MET A 60 -21.71 15.67 -5.98
C MET A 60 -21.36 14.97 -4.67
N ALA A 61 -22.19 15.19 -3.65
CA ALA A 61 -22.07 14.52 -2.34
C ALA A 61 -20.92 15.04 -1.49
N LYS A 62 -21.01 14.80 -0.19
CA LYS A 62 -20.01 15.21 0.80
C LYS A 62 -19.94 16.72 1.00
N PRO A 63 -19.57 17.15 2.22
CA PRO A 63 -19.47 18.58 2.56
C PRO A 63 -18.25 19.26 1.92
N ARG A 64 -18.08 20.55 2.19
CA ARG A 64 -17.01 21.32 1.58
C ARG A 64 -15.72 21.19 2.37
N ILE A 65 -14.88 20.23 1.98
CA ILE A 65 -13.54 20.12 2.53
C ILE A 65 -12.57 20.89 1.65
N TYR A 66 -12.43 22.19 1.94
CA TYR A 66 -11.67 23.09 1.08
C TYR A 66 -10.22 22.63 0.93
N THR A 67 -9.51 22.54 2.04
CA THR A 67 -8.14 22.05 2.02
C THR A 67 -7.93 21.02 3.13
N GLN A 68 -8.37 19.80 2.84
CA GLN A 68 -8.18 18.69 3.75
C GLN A 68 -7.58 17.53 2.97
N ASP A 69 -6.74 17.90 2.02
CA ASP A 69 -6.10 16.94 1.12
C ASP A 69 -4.92 16.28 1.80
N GLN A 70 -4.60 15.07 1.38
CA GLN A 70 -3.55 14.28 2.02
C GLN A 70 -2.53 13.81 0.99
N MET A 71 -2.61 14.40 -0.19
CA MET A 71 -1.79 13.99 -1.35
C MET A 71 -2.12 12.57 -1.78
N VAL A 72 -1.66 12.20 -2.97
CA VAL A 72 -1.77 10.84 -3.43
C VAL A 72 -0.38 10.24 -3.61
N LEU A 73 -0.24 8.96 -3.31
CA LEU A 73 1.03 8.28 -3.47
C LEU A 73 1.00 7.40 -4.70
N ASN A 74 2.17 7.09 -5.23
CA ASN A 74 2.28 6.15 -6.32
C ASN A 74 2.84 4.84 -5.81
N GLY A 75 2.15 3.75 -6.11
CA GLY A 75 2.55 2.46 -5.59
C GLY A 75 3.56 1.77 -6.47
N GLY A 76 3.76 2.32 -7.65
CA GLY A 76 4.73 1.76 -8.58
C GLY A 76 4.46 2.22 -9.99
N PRO A 77 5.30 1.85 -10.96
CA PRO A 77 5.18 2.27 -12.34
C PRO A 77 4.23 1.40 -13.17
N VAL A 78 3.68 0.36 -12.54
CA VAL A 78 2.81 -0.58 -13.26
C VAL A 78 1.35 -0.33 -12.91
N ASN A 79 0.52 -0.17 -13.94
CA ASN A 79 -0.92 0.10 -13.78
C ASN A 79 -1.17 1.43 -13.07
N GLN A 80 -0.36 2.44 -13.41
CA GLN A 80 -0.54 3.78 -12.87
C GLN A 80 -1.81 4.42 -13.41
N ASP A 81 -2.40 3.76 -14.41
CA ASP A 81 -3.67 4.18 -14.97
C ASP A 81 -4.80 3.90 -13.99
N ARG A 82 -4.53 3.03 -13.02
CA ARG A 82 -5.55 2.59 -12.08
C ARG A 82 -5.27 3.16 -10.69
N GLY A 83 -6.28 3.78 -10.11
CA GLY A 83 -6.16 4.27 -8.75
C GLY A 83 -6.58 3.23 -7.74
N PHE A 84 -5.64 2.74 -6.96
CA PHE A 84 -5.93 1.69 -6.00
C PHE A 84 -6.26 2.29 -4.64
N ILE A 85 -7.41 1.93 -4.09
CA ILE A 85 -7.77 2.35 -2.74
C ILE A 85 -8.06 1.14 -1.87
N VAL A 86 -7.13 0.82 -0.99
CA VAL A 86 -7.29 -0.28 -0.07
C VAL A 86 -7.99 0.21 1.19
N HIS A 87 -9.12 -0.38 1.52
CA HIS A 87 -9.90 0.05 2.68
C HIS A 87 -10.32 -1.16 3.52
N SER A 88 -10.72 -0.89 4.76
CA SER A 88 -11.12 -1.93 5.69
C SER A 88 -12.37 -2.67 5.20
N LYS A 89 -12.57 -3.89 5.72
CA LYS A 89 -13.73 -4.70 5.37
C LYS A 89 -15.01 -4.08 5.91
N THR A 90 -15.90 -3.74 5.01
CA THR A 90 -17.21 -3.25 5.36
C THR A 90 -18.30 -4.07 4.67
N ASP A 91 -19.53 -3.59 4.74
CA ASP A 91 -20.66 -4.31 4.16
C ASP A 91 -21.29 -3.48 3.05
N HIS A 92 -21.98 -4.16 2.12
CA HIS A 92 -22.68 -3.51 1.01
C HIS A 92 -21.68 -3.04 -0.05
N GLU A 93 -22.19 -2.70 -1.24
CA GLU A 93 -21.37 -2.31 -2.40
C GLU A 93 -20.57 -3.48 -2.96
N PHE A 94 -19.99 -3.22 -4.12
CA PHE A 94 -19.29 -4.21 -4.93
C PHE A 94 -19.25 -3.75 -6.40
N THR A 95 -18.05 -3.53 -6.91
CA THR A 95 -17.90 -3.15 -8.31
C THR A 95 -16.60 -3.73 -8.87
N HIS A 96 -15.49 -3.17 -8.42
CA HIS A 96 -14.17 -3.70 -8.73
C HIS A 96 -13.48 -4.05 -7.43
N SER A 97 -14.28 -4.55 -6.50
CA SER A 97 -13.82 -4.88 -5.17
C SER A 97 -12.98 -6.15 -5.18
N TYR A 98 -11.68 -5.96 -5.05
CA TYR A 98 -10.73 -7.05 -5.02
C TYR A 98 -10.30 -7.31 -3.58
N LYS A 99 -10.58 -8.50 -3.09
CA LYS A 99 -10.24 -8.84 -1.72
C LYS A 99 -8.97 -9.65 -1.66
N VAL A 100 -7.91 -9.05 -1.12
CA VAL A 100 -6.69 -9.77 -0.81
C VAL A 100 -7.01 -10.85 0.22
N THR A 101 -7.62 -10.40 1.30
CA THR A 101 -8.29 -11.26 2.25
C THR A 101 -9.64 -10.63 2.53
N ASP A 102 -10.54 -11.32 3.21
CA ASP A 102 -11.89 -10.80 3.38
C ASP A 102 -11.89 -9.47 4.14
N ASP A 103 -10.98 -9.34 5.11
CA ASP A 103 -10.92 -8.13 5.93
C ASP A 103 -10.24 -6.96 5.21
N ILE A 104 -9.67 -7.21 4.04
CA ILE A 104 -9.02 -6.16 3.27
C ILE A 104 -9.68 -6.03 1.90
N THR A 105 -10.18 -4.84 1.59
CA THR A 105 -10.89 -4.64 0.34
C THR A 105 -10.22 -3.56 -0.51
N LEU A 106 -9.69 -3.97 -1.64
CA LEU A 106 -9.12 -3.06 -2.61
C LEU A 106 -10.18 -2.71 -3.67
N THR A 107 -10.25 -1.45 -4.05
CA THR A 107 -11.18 -1.04 -5.10
C THR A 107 -10.56 0.10 -5.92
N THR A 108 -10.72 0.04 -7.24
CA THR A 108 -10.09 1.00 -8.13
C THR A 108 -11.10 1.87 -8.86
N SER A 109 -12.35 1.84 -8.41
CA SER A 109 -13.40 2.59 -9.08
C SER A 109 -14.16 3.48 -8.10
N GLY A 110 -15.22 4.12 -8.60
CA GLY A 110 -15.99 5.07 -7.80
C GLY A 110 -16.76 4.40 -6.68
N ASP A 111 -16.76 3.06 -6.67
CA ASP A 111 -17.33 2.28 -5.58
C ASP A 111 -16.79 2.77 -4.24
N VAL A 112 -15.50 3.11 -4.24
CA VAL A 112 -14.84 3.66 -3.07
C VAL A 112 -15.48 4.98 -2.64
N LEU A 113 -15.67 5.87 -3.59
CA LEU A 113 -16.24 7.18 -3.32
C LEU A 113 -17.67 7.05 -2.83
N ASP A 114 -18.39 6.09 -3.39
CA ASP A 114 -19.77 5.85 -3.01
C ASP A 114 -19.85 5.33 -1.59
N SER A 115 -19.02 4.36 -1.25
CA SER A 115 -19.01 3.79 0.08
C SER A 115 -18.54 4.83 1.12
N PHE A 116 -17.56 5.64 0.73
CA PHE A 116 -17.07 6.70 1.61
C PHE A 116 -18.13 7.78 1.79
N GLY A 117 -19.05 7.87 0.84
CA GLY A 117 -20.11 8.86 0.91
C GLY A 117 -21.38 8.29 1.50
N THR A 118 -21.27 7.18 2.21
CA THR A 118 -22.42 6.56 2.84
C THR A 118 -22.02 5.97 4.19
N GLN A 119 -22.90 5.22 4.82
CA GLN A 119 -22.67 4.75 6.20
C GLN A 119 -21.78 3.51 6.25
N THR A 120 -21.14 3.16 5.14
CA THR A 120 -20.26 2.01 5.12
C THR A 120 -18.82 2.43 4.83
N ALA A 121 -18.53 3.71 5.05
CA ALA A 121 -17.18 4.24 4.88
C ALA A 121 -16.24 3.68 5.94
N PRO A 122 -15.24 2.90 5.51
CA PRO A 122 -14.24 2.31 6.41
C PRO A 122 -13.27 3.36 6.95
N GLU A 123 -12.87 3.20 8.21
CA GLU A 123 -11.97 4.14 8.86
C GLU A 123 -10.62 4.19 8.17
N LYS A 124 -10.06 3.01 7.88
CA LYS A 124 -8.71 2.93 7.39
C LYS A 124 -8.71 2.70 5.89
N PHE A 125 -8.03 3.58 5.16
CA PHE A 125 -7.94 3.46 3.72
C PHE A 125 -6.64 4.09 3.22
N ILE A 126 -6.04 3.47 2.22
CA ILE A 126 -4.85 4.00 1.58
C ILE A 126 -5.05 4.09 0.07
N VAL A 127 -4.64 5.20 -0.51
CA VAL A 127 -4.80 5.42 -1.94
C VAL A 127 -3.44 5.50 -2.64
N CYS A 128 -3.25 4.68 -3.66
CA CYS A 128 -2.00 4.68 -4.41
C CYS A 128 -2.27 4.43 -5.90
N LEU A 129 -1.60 5.20 -6.73
CA LEU A 129 -1.68 5.02 -8.18
C LEU A 129 -0.63 4.03 -8.65
N GLY A 130 -1.06 2.97 -9.32
CA GLY A 130 -0.13 1.96 -9.79
C GLY A 130 0.46 1.11 -8.67
N CYS A 131 1.23 0.10 -9.05
CA CYS A 131 1.89 -0.78 -8.10
C CYS A 131 3.25 -1.21 -8.65
N SER A 132 4.07 -1.82 -7.81
CA SER A 132 5.41 -2.25 -8.22
C SER A 132 5.44 -3.77 -8.39
N THR A 133 5.82 -4.21 -9.57
CA THR A 133 5.95 -5.63 -9.84
C THR A 133 7.42 -6.07 -9.82
N TRP A 134 7.75 -6.93 -8.87
CA TRP A 134 9.09 -7.48 -8.78
C TRP A 134 9.30 -8.57 -9.82
N LYS A 135 10.55 -8.82 -10.18
CA LYS A 135 10.89 -9.80 -11.19
C LYS A 135 10.44 -11.20 -10.75
N PRO A 136 9.86 -11.97 -11.68
CA PRO A 136 9.35 -13.31 -11.41
C PRO A 136 10.38 -14.21 -10.76
N HIS A 137 10.04 -14.71 -9.57
CA HIS A 137 10.86 -15.68 -8.83
C HIS A 137 12.08 -15.02 -8.17
N GLN A 138 12.45 -13.83 -8.61
CA GLN A 138 13.67 -13.21 -8.11
C GLN A 138 13.50 -12.69 -6.68
N LEU A 139 12.27 -12.28 -6.34
CA LEU A 139 12.01 -11.71 -5.02
C LEU A 139 12.45 -12.64 -3.88
N GLU A 140 12.15 -13.92 -4.00
CA GLU A 140 12.52 -14.88 -2.95
C GLU A 140 14.03 -15.00 -2.83
N GLN A 141 14.73 -14.87 -3.95
CA GLN A 141 16.18 -14.90 -3.94
C GLN A 141 16.74 -13.62 -3.32
N GLU A 142 16.10 -12.49 -3.62
CA GLU A 142 16.45 -11.21 -3.00
C GLU A 142 16.28 -11.30 -1.50
N ILE A 143 15.17 -11.93 -1.08
CA ILE A 143 14.90 -12.15 0.34
C ILE A 143 15.98 -13.01 0.98
N ALA A 144 16.48 -14.00 0.24
CA ALA A 144 17.50 -14.90 0.76
C ALA A 144 18.83 -14.17 1.00
N GLN A 145 18.98 -13.00 0.39
CA GLN A 145 20.16 -12.17 0.58
C GLN A 145 20.00 -11.29 1.82
N ASN A 146 18.84 -11.42 2.47
CA ASN A 146 18.49 -10.65 3.66
C ASN A 146 18.41 -9.15 3.38
N TYR A 147 18.16 -8.80 2.13
CA TYR A 147 17.87 -7.41 1.80
C TYR A 147 16.38 -7.16 1.92
N TRP A 148 15.64 -8.23 2.15
CA TRP A 148 14.20 -8.15 2.35
C TRP A 148 13.79 -9.03 3.53
N LEU A 149 13.28 -8.39 4.58
CA LEU A 149 12.82 -9.10 5.75
C LEU A 149 11.38 -9.56 5.53
N LEU A 150 11.21 -10.83 5.23
CA LEU A 150 9.89 -11.36 4.90
C LEU A 150 9.11 -11.70 6.17
N SER A 151 7.83 -11.29 6.18
CA SER A 151 6.94 -11.60 7.28
C SER A 151 5.50 -11.69 6.76
N GLU A 152 4.61 -12.27 7.56
CA GLU A 152 3.25 -12.50 7.12
C GLU A 152 2.33 -11.33 7.46
N ALA A 153 1.26 -11.19 6.68
CA ALA A 153 0.31 -10.11 6.86
C ALA A 153 -0.84 -10.54 7.77
N ASN A 154 -1.96 -9.81 7.69
CA ASN A 154 -3.12 -10.07 8.54
C ASN A 154 -2.85 -9.67 9.98
N ASN A 155 -1.79 -8.90 10.17
CA ASN A 155 -1.41 -8.43 11.50
C ASN A 155 -1.95 -7.04 11.75
N GLN A 156 -2.26 -6.73 13.00
CA GLN A 156 -2.88 -5.47 13.39
C GLN A 156 -2.05 -4.26 12.97
N THR A 157 -0.84 -4.14 13.51
CA THR A 157 0.00 -2.95 13.32
C THR A 157 0.16 -2.58 11.85
N LEU A 158 0.10 -3.58 10.97
CA LEU A 158 0.22 -3.37 9.52
C LEU A 158 -0.77 -2.31 9.04
N PHE A 159 -2.02 -2.43 9.44
CA PHE A 159 -3.07 -1.56 8.92
C PHE A 159 -3.82 -0.82 10.04
N GLU A 160 -3.72 -1.34 11.27
CA GLU A 160 -4.44 -0.77 12.40
C GLU A 160 -3.64 0.33 13.07
N THR A 161 -2.37 0.46 12.69
CA THR A 161 -1.48 1.46 13.28
C THR A 161 -1.99 2.88 12.99
N SER A 162 -2.95 3.00 12.07
CA SER A 162 -3.59 4.27 11.81
C SER A 162 -4.57 4.60 12.93
N TYR A 163 -4.00 4.99 14.06
CA TYR A 163 -4.76 5.32 15.27
C TYR A 163 -3.93 6.25 16.14
N LEU A 164 -2.88 5.67 16.71
CA LEU A 164 -1.99 6.38 17.60
C LEU A 164 -0.57 6.29 17.09
N ASP A 165 -0.21 5.07 16.65
CA ASP A 165 1.13 4.78 16.13
C ASP A 165 2.17 4.97 17.24
N ARG A 166 3.44 4.97 16.89
CA ARG A 166 4.50 5.19 17.86
C ARG A 166 5.75 5.74 17.20
N TRP A 167 6.07 5.26 16.01
CA TRP A 167 7.33 5.60 15.36
C TRP A 167 7.39 5.00 13.96
N VAL A 168 7.37 3.67 13.88
CA VAL A 168 7.45 2.97 12.60
C VAL A 168 6.37 1.90 12.51
N GLU A 169 5.90 1.64 11.30
CA GLU A 169 4.82 0.69 11.08
C GLU A 169 5.36 -0.72 10.79
N ALA A 170 6.30 -0.84 9.88
CA ALA A 170 6.79 -2.14 9.41
C ALA A 170 7.81 -2.72 10.37
N ASN A 171 8.80 -1.91 10.74
CA ASN A 171 9.90 -2.36 11.60
C ASN A 171 9.38 -2.83 12.96
N GLU A 172 8.22 -2.30 13.35
CA GLU A 172 7.63 -2.62 14.64
C GLU A 172 7.10 -4.05 14.66
N MET A 173 6.84 -4.62 13.48
CA MET A 173 6.32 -5.97 13.38
C MET A 173 7.34 -6.98 13.89
N LEU A 174 8.62 -6.64 13.77
CA LEU A 174 9.68 -7.50 14.29
C LEU A 174 10.08 -7.04 15.67
N GLY A 175 10.23 -5.74 15.81
CA GLY A 175 10.58 -5.16 17.09
C GLY A 175 11.85 -4.34 17.01
N ILE A 176 11.87 -3.40 16.05
CA ILE A 176 13.03 -2.53 15.84
C ILE A 176 14.24 -3.33 15.38
N SER A 177 14.43 -3.40 14.07
CA SER A 177 15.56 -4.12 13.48
C SER A 177 15.52 -3.98 11.97
N GLY A 178 16.65 -3.60 11.38
CA GLY A 178 16.75 -3.48 9.94
C GLY A 178 17.94 -4.24 9.41
N ILE A 179 17.74 -5.03 8.37
CA ILE A 179 18.80 -5.89 7.86
C ILE A 179 19.25 -5.45 6.46
N LEU A 180 20.52 -5.07 6.37
CA LEU A 180 21.22 -4.84 5.10
C LEU A 180 20.58 -3.74 4.24
N ALA A 181 21.21 -2.59 4.22
CA ALA A 181 20.80 -1.51 3.34
C ALA A 181 21.59 -1.57 2.04
N PRO A 182 20.89 -1.54 0.89
CA PRO A 182 21.53 -1.52 -0.45
C PRO A 182 22.11 -0.16 -0.80
N ALA A 183 22.05 0.76 0.17
CA ALA A 183 22.63 2.10 0.04
C ALA A 183 21.92 2.93 -1.04
N GLY A 184 20.81 2.41 -1.54
CA GLY A 184 20.07 3.11 -2.58
C GLY A 184 20.17 2.42 -3.93
N ARG A 185 21.19 1.58 -4.07
CA ARG A 185 21.40 0.84 -5.31
C ARG A 185 20.56 -0.42 -5.34
N ALA A 186 19.51 -0.38 -6.14
CA ALA A 186 18.64 -1.55 -6.30
C ALA A 186 18.26 -1.71 -7.77
N LEU A 187 17.89 -0.61 -8.42
CA LEU A 187 17.53 -0.64 -9.82
C LEU A 187 18.08 0.59 -10.54
N GLU A 188 19.24 0.43 -11.16
CA GLU A 188 19.85 1.48 -11.94
C GLU A 188 20.05 0.98 -13.36
N MET A 1 11.86 -19.63 -6.35
CA MET A 1 10.88 -18.52 -6.29
C MET A 1 9.92 -18.73 -5.13
N PHE A 2 9.51 -17.64 -4.50
CA PHE A 2 8.53 -17.70 -3.43
C PHE A 2 7.17 -18.06 -4.01
N GLY A 3 6.65 -19.22 -3.60
CA GLY A 3 5.42 -19.74 -4.15
C GLY A 3 4.26 -18.77 -3.99
N ASN A 4 3.96 -18.41 -2.76
CA ASN A 4 2.88 -17.49 -2.47
C ASN A 4 3.33 -16.39 -1.52
N LEU A 5 2.64 -15.26 -1.58
CA LEU A 5 2.94 -14.13 -0.71
C LEU A 5 1.63 -13.55 -0.18
N GLN A 6 1.41 -12.25 -0.43
CA GLN A 6 0.19 -11.55 0.01
C GLN A 6 0.12 -11.45 1.52
N GLY A 7 0.07 -10.22 1.99
CA GLY A 7 0.10 -9.96 3.41
C GLY A 7 1.52 -9.85 3.92
N LYS A 8 2.48 -9.90 3.00
CA LYS A 8 3.88 -9.72 3.36
C LYS A 8 4.38 -8.42 2.76
N PHE A 9 5.51 -7.96 3.22
CA PHE A 9 6.03 -6.69 2.78
C PHE A 9 7.52 -6.77 2.51
N ILE A 10 8.02 -5.83 1.73
CA ILE A 10 9.43 -5.76 1.40
C ILE A 10 9.95 -4.35 1.67
N ILE A 11 11.04 -4.27 2.42
CA ILE A 11 11.63 -2.99 2.78
C ILE A 11 12.73 -2.63 1.79
N ALA A 12 12.60 -1.47 1.16
CA ALA A 12 13.64 -0.93 0.30
C ALA A 12 14.19 0.34 0.90
N THR A 13 15.35 0.25 1.54
CA THR A 13 15.93 1.40 2.19
C THR A 13 17.33 1.69 1.67
N PRO A 14 17.44 2.67 0.75
CA PRO A 14 18.72 3.19 0.29
C PRO A 14 19.27 4.21 1.29
N GLU A 15 18.44 4.50 2.30
CA GLU A 15 18.75 5.46 3.36
C GLU A 15 18.75 6.89 2.84
N MET A 16 18.58 7.85 3.75
CA MET A 16 18.37 9.27 3.41
C MET A 16 16.98 9.43 2.80
N ASP A 17 16.34 10.57 3.07
CA ASP A 17 14.98 10.84 2.59
C ASP A 17 14.92 10.94 1.07
N ASP A 18 14.90 12.16 0.54
CA ASP A 18 14.70 12.39 -0.88
C ASP A 18 13.44 11.65 -1.38
N GLU A 19 12.28 12.18 -0.96
CA GLU A 19 10.97 11.60 -1.31
C GLU A 19 10.81 10.20 -0.72
N TYR A 20 11.19 10.04 0.55
CA TYR A 20 11.17 8.73 1.20
C TYR A 20 10.25 8.74 2.42
N PHE A 21 10.25 9.85 3.15
CA PHE A 21 9.55 9.97 4.45
C PHE A 21 8.04 9.72 4.34
N ASP A 22 7.48 9.89 3.16
CA ASP A 22 6.04 9.87 3.01
C ASP A 22 5.58 8.48 2.57
N ARG A 23 5.16 7.71 3.57
CA ARG A 23 4.67 6.36 3.36
C ARG A 23 5.71 5.49 2.66
N THR A 24 6.60 4.91 3.45
CA THR A 24 7.65 4.07 2.92
C THR A 24 7.45 2.64 3.37
N VAL A 25 7.77 1.69 2.49
CA VAL A 25 7.61 0.27 2.76
C VAL A 25 6.15 -0.12 2.97
N ILE A 26 5.61 -0.84 2.00
CA ILE A 26 4.25 -1.35 2.11
C ILE A 26 4.24 -2.82 1.69
N TYR A 27 3.09 -3.38 1.33
CA TYR A 27 2.97 -4.83 1.26
C TYR A 27 2.64 -5.29 -0.15
N ILE A 28 2.72 -6.60 -0.35
CA ILE A 28 2.34 -7.22 -1.61
C ILE A 28 0.83 -7.40 -1.63
N CYS A 29 0.17 -6.67 -2.51
CA CYS A 29 -1.28 -6.67 -2.59
C CYS A 29 -1.80 -7.96 -3.22
N GLU A 30 -1.18 -8.35 -4.32
CA GLU A 30 -1.59 -9.55 -5.03
C GLU A 30 -0.38 -10.37 -5.45
N HIS A 31 -0.51 -11.68 -5.41
CA HIS A 31 0.53 -12.57 -5.90
C HIS A 31 -0.09 -13.80 -6.51
N ASN A 32 -0.08 -13.84 -7.81
CA ASN A 32 -0.67 -14.95 -8.56
C ASN A 32 0.41 -15.54 -9.46
N ASP A 33 0.11 -16.63 -10.14
CA ASP A 33 1.03 -17.21 -11.11
C ASP A 33 1.22 -16.26 -12.29
N ASN A 34 0.25 -15.36 -12.46
CA ASN A 34 0.29 -14.36 -13.50
C ASN A 34 1.35 -13.29 -13.19
N GLY A 35 1.59 -13.04 -11.91
CA GLY A 35 2.56 -12.04 -11.52
C GLY A 35 2.35 -11.57 -10.09
N THR A 36 3.20 -10.65 -9.65
CA THR A 36 3.11 -10.10 -8.30
C THR A 36 2.78 -8.61 -8.34
N ILE A 37 1.74 -8.22 -7.61
CA ILE A 37 1.29 -6.84 -7.59
C ILE A 37 1.54 -6.23 -6.21
N GLY A 38 2.40 -5.22 -6.18
CA GLY A 38 2.65 -4.49 -4.94
C GLY A 38 2.76 -3.01 -5.20
N VAL A 39 2.66 -2.20 -4.15
CA VAL A 39 2.70 -0.75 -4.32
C VAL A 39 3.81 -0.14 -3.46
N ILE A 40 4.93 -0.87 -3.37
CA ILE A 40 5.99 -0.55 -2.42
C ILE A 40 6.99 0.49 -2.94
N ILE A 41 6.64 1.21 -4.01
CA ILE A 41 7.59 2.15 -4.61
C ILE A 41 7.96 3.30 -3.67
N ASN A 42 7.05 3.62 -2.73
CA ASN A 42 7.30 4.65 -1.71
C ASN A 42 7.46 6.04 -2.32
N THR A 43 6.35 6.78 -2.38
CA THR A 43 6.37 8.16 -2.84
C THR A 43 4.93 8.66 -3.06
N PRO A 44 4.65 9.90 -2.63
CA PRO A 44 3.40 10.57 -2.96
C PRO A 44 3.48 11.27 -4.31
N THR A 45 2.38 11.86 -4.73
CA THR A 45 2.40 12.60 -5.99
C THR A 45 2.11 14.08 -5.73
N ASP A 46 2.16 14.87 -6.78
CA ASP A 46 1.84 16.30 -6.70
C ASP A 46 0.35 16.50 -6.99
N LEU A 47 -0.35 15.39 -7.15
CA LEU A 47 -1.77 15.42 -7.44
C LEU A 47 -2.54 15.00 -6.19
N SER A 48 -3.79 15.42 -6.10
CA SER A 48 -4.60 15.11 -4.95
C SER A 48 -5.54 13.94 -5.27
N VAL A 49 -5.90 13.17 -4.26
CA VAL A 49 -6.86 12.08 -4.46
C VAL A 49 -8.21 12.67 -4.83
N LEU A 50 -8.48 13.84 -4.27
CA LEU A 50 -9.71 14.56 -4.53
C LEU A 50 -9.72 15.09 -5.96
N GLU A 51 -8.53 15.32 -6.52
CA GLU A 51 -8.38 15.77 -7.90
C GLU A 51 -8.92 14.72 -8.87
N LEU A 52 -8.54 13.47 -8.65
CA LEU A 52 -9.03 12.37 -9.48
C LEU A 52 -10.52 12.16 -9.26
N LEU A 53 -10.95 12.30 -8.02
CA LEU A 53 -12.35 12.11 -7.66
C LEU A 53 -13.24 13.17 -8.32
N THR A 54 -12.78 14.41 -8.29
CA THR A 54 -13.56 15.53 -8.82
C THR A 54 -13.61 15.51 -10.34
N ARG A 55 -12.56 14.98 -10.96
CA ARG A 55 -12.51 14.86 -12.42
C ARG A 55 -13.72 14.08 -12.92
N MET A 56 -14.03 12.99 -12.24
CA MET A 56 -15.20 12.18 -12.57
C MET A 56 -16.44 12.71 -11.84
N ASP A 57 -16.20 13.39 -10.73
CA ASP A 57 -17.23 13.86 -9.81
C ASP A 57 -17.81 12.72 -9.00
N PHE A 58 -18.00 12.94 -7.71
CA PHE A 58 -18.44 11.88 -6.82
C PHE A 58 -19.49 12.38 -5.82
N GLN A 59 -19.18 13.47 -5.13
CA GLN A 59 -20.07 14.00 -4.11
C GLN A 59 -20.00 15.52 -4.08
N MET A 60 -21.03 16.13 -3.49
CA MET A 60 -21.15 17.59 -3.48
C MET A 60 -20.15 18.25 -2.55
N ALA A 61 -19.36 19.16 -3.11
CA ALA A 61 -18.49 20.06 -2.35
C ALA A 61 -17.41 19.30 -1.59
N LYS A 62 -17.49 19.33 -0.25
CA LYS A 62 -16.47 18.78 0.63
C LYS A 62 -15.15 19.56 0.53
N PRO A 63 -14.28 19.44 1.55
CA PRO A 63 -12.93 19.99 1.50
C PRO A 63 -12.11 19.32 0.42
N ARG A 64 -11.79 20.07 -0.62
CA ARG A 64 -11.05 19.54 -1.76
C ARG A 64 -10.32 20.65 -2.50
N ILE A 65 -10.34 21.83 -1.93
CA ILE A 65 -9.69 23.00 -2.53
C ILE A 65 -9.08 23.85 -1.42
N TYR A 66 -9.87 24.11 -0.39
CA TYR A 66 -9.41 24.83 0.78
C TYR A 66 -9.34 23.88 1.95
N THR A 67 -8.55 24.23 2.96
CA THR A 67 -8.19 23.32 4.05
C THR A 67 -7.14 22.33 3.54
N GLN A 68 -6.29 21.83 4.43
CA GLN A 68 -5.24 20.90 4.04
C GLN A 68 -5.83 19.57 3.56
N ASP A 69 -5.69 19.31 2.27
CA ASP A 69 -6.33 18.17 1.62
C ASP A 69 -5.47 16.92 1.71
N GLN A 70 -5.77 15.95 0.86
CA GLN A 70 -5.04 14.70 0.84
C GLN A 70 -4.51 14.40 -0.55
N MET A 71 -3.21 14.22 -0.64
CA MET A 71 -2.56 13.89 -1.89
C MET A 71 -2.80 12.41 -2.22
N VAL A 72 -2.68 12.07 -3.49
CA VAL A 72 -2.76 10.68 -3.89
C VAL A 72 -1.35 10.14 -4.08
N LEU A 73 -1.11 8.91 -3.66
CA LEU A 73 0.21 8.34 -3.77
C LEU A 73 0.27 7.33 -4.91
N ASN A 74 1.44 7.17 -5.49
CA ASN A 74 1.63 6.25 -6.59
C ASN A 74 1.90 4.84 -6.09
N GLY A 75 1.34 3.87 -6.79
CA GLY A 75 1.59 2.48 -6.46
C GLY A 75 2.55 1.84 -7.43
N GLY A 76 2.60 2.38 -8.65
CA GLY A 76 3.51 1.87 -9.65
C GLY A 76 3.16 2.37 -11.02
N PRO A 77 4.02 2.13 -12.03
CA PRO A 77 3.82 2.60 -13.40
C PRO A 77 2.85 1.71 -14.18
N VAL A 78 2.38 0.63 -13.56
CA VAL A 78 1.46 -0.29 -14.22
C VAL A 78 0.04 -0.05 -13.72
N ASN A 79 -0.95 -0.25 -14.60
CA ASN A 79 -2.36 -0.07 -14.26
C ASN A 79 -2.65 1.36 -13.84
N GLN A 80 -2.08 2.31 -14.58
CA GLN A 80 -2.20 3.73 -14.25
C GLN A 80 -3.64 4.24 -14.36
N ASP A 81 -4.52 3.44 -14.92
CA ASP A 81 -5.89 3.86 -15.16
C ASP A 81 -6.74 3.68 -13.91
N ARG A 82 -6.21 2.95 -12.94
CA ARG A 82 -7.02 2.50 -11.83
C ARG A 82 -6.38 2.80 -10.49
N GLY A 83 -7.16 3.42 -9.62
CA GLY A 83 -6.73 3.68 -8.27
C GLY A 83 -7.14 2.55 -7.34
N PHE A 84 -6.17 1.98 -6.65
CA PHE A 84 -6.43 0.87 -5.75
C PHE A 84 -6.51 1.37 -4.31
N ILE A 85 -7.60 1.04 -3.63
CA ILE A 85 -7.80 1.49 -2.27
C ILE A 85 -7.81 0.31 -1.30
N VAL A 86 -6.91 0.37 -0.33
CA VAL A 86 -6.85 -0.64 0.71
C VAL A 86 -7.50 -0.12 1.98
N HIS A 87 -8.45 -0.85 2.51
CA HIS A 87 -9.19 -0.40 3.68
C HIS A 87 -9.26 -1.51 4.73
N SER A 88 -9.53 -1.14 5.97
CA SER A 88 -9.74 -2.13 7.01
C SER A 88 -11.07 -2.84 6.81
N LYS A 89 -11.04 -4.14 6.89
CA LYS A 89 -12.21 -4.96 6.60
C LYS A 89 -13.29 -4.76 7.66
N THR A 90 -14.46 -4.36 7.18
CA THR A 90 -15.62 -4.17 8.02
C THR A 90 -16.89 -4.39 7.20
N ASP A 91 -16.71 -4.41 5.87
CA ASP A 91 -17.79 -4.61 4.94
C ASP A 91 -18.11 -6.09 4.77
N HIS A 92 -19.30 -6.38 4.29
CA HIS A 92 -19.76 -7.76 4.15
C HIS A 92 -20.70 -7.85 2.95
N GLU A 93 -20.21 -8.40 1.85
CA GLU A 93 -20.96 -8.48 0.59
C GLU A 93 -21.20 -7.08 0.02
N PHE A 94 -21.89 -7.02 -1.12
CA PHE A 94 -22.16 -5.76 -1.82
C PHE A 94 -20.89 -5.19 -2.45
N THR A 95 -19.91 -4.87 -1.61
CA THR A 95 -18.66 -4.32 -2.05
C THR A 95 -17.79 -5.40 -2.68
N HIS A 96 -17.21 -5.07 -3.82
CA HIS A 96 -16.31 -5.97 -4.51
C HIS A 96 -14.91 -5.86 -3.91
N SER A 97 -14.81 -6.20 -2.64
CA SER A 97 -13.55 -6.16 -1.93
C SER A 97 -12.78 -7.46 -2.14
N TYR A 98 -11.49 -7.33 -2.36
CA TYR A 98 -10.62 -8.49 -2.51
C TYR A 98 -9.88 -8.74 -1.20
N LYS A 99 -10.03 -9.95 -0.68
CA LYS A 99 -9.42 -10.30 0.58
C LYS A 99 -7.98 -10.73 0.38
N VAL A 100 -7.05 -9.87 0.78
CA VAL A 100 -5.63 -10.18 0.69
C VAL A 100 -5.28 -11.25 1.72
N THR A 101 -5.61 -10.98 2.97
CA THR A 101 -5.40 -11.94 4.04
C THR A 101 -6.71 -12.21 4.79
N ASP A 102 -7.37 -11.16 5.28
CA ASP A 102 -8.65 -11.29 5.94
C ASP A 102 -9.19 -9.91 6.32
N ASP A 103 -8.57 -9.30 7.34
CA ASP A 103 -8.97 -7.96 7.78
C ASP A 103 -8.44 -6.88 6.84
N ILE A 104 -7.67 -7.30 5.85
CA ILE A 104 -7.17 -6.38 4.83
C ILE A 104 -7.92 -6.62 3.54
N THR A 105 -8.57 -5.57 3.02
CA THR A 105 -9.39 -5.69 1.85
C THR A 105 -9.03 -4.65 0.79
N LEU A 106 -8.80 -5.13 -0.41
CA LEU A 106 -8.45 -4.26 -1.53
C LEU A 106 -9.66 -4.05 -2.44
N THR A 107 -10.06 -2.81 -2.64
CA THR A 107 -11.20 -2.51 -3.49
C THR A 107 -10.82 -1.47 -4.55
N THR A 108 -11.22 -1.72 -5.79
CA THR A 108 -10.92 -0.79 -6.87
C THR A 108 -12.03 -0.78 -7.93
N SER A 109 -13.09 -1.53 -7.68
CA SER A 109 -14.15 -1.71 -8.67
C SER A 109 -15.20 -0.59 -8.57
N GLY A 110 -14.85 0.50 -7.88
CA GLY A 110 -15.74 1.64 -7.78
C GLY A 110 -16.48 1.68 -6.45
N ASP A 111 -16.58 0.52 -5.82
CA ASP A 111 -17.28 0.35 -4.54
C ASP A 111 -16.79 1.36 -3.50
N VAL A 112 -15.48 1.61 -3.55
CA VAL A 112 -14.83 2.54 -2.62
C VAL A 112 -15.59 3.86 -2.50
N LEU A 113 -16.07 4.38 -3.64
CA LEU A 113 -16.76 5.65 -3.67
C LEU A 113 -18.04 5.61 -2.84
N ASP A 114 -18.66 4.44 -2.81
CA ASP A 114 -19.88 4.25 -2.05
C ASP A 114 -19.55 4.04 -0.58
N SER A 115 -18.43 3.36 -0.34
CA SER A 115 -18.02 2.96 0.99
C SER A 115 -17.89 4.14 1.96
N PHE A 116 -17.19 5.20 1.57
CA PHE A 116 -16.95 6.32 2.49
C PHE A 116 -18.17 7.25 2.57
N GLY A 117 -19.28 6.79 2.02
CA GLY A 117 -20.52 7.52 2.11
C GLY A 117 -21.58 6.76 2.88
N THR A 118 -21.16 5.74 3.62
CA THR A 118 -22.08 4.90 4.36
C THR A 118 -21.90 5.10 5.86
N GLN A 119 -22.73 4.42 6.64
CA GLN A 119 -22.65 4.48 8.09
C GLN A 119 -21.59 3.49 8.58
N THR A 120 -21.36 2.45 7.78
CA THR A 120 -20.38 1.44 8.12
C THR A 120 -19.04 1.69 7.43
N ALA A 121 -18.83 2.94 7.03
CA ALA A 121 -17.59 3.37 6.39
C ALA A 121 -16.36 2.95 7.20
N PRO A 122 -15.33 2.43 6.51
CA PRO A 122 -14.11 1.93 7.15
C PRO A 122 -13.37 3.02 7.92
N GLU A 123 -12.66 2.59 8.97
CA GLU A 123 -11.91 3.51 9.81
C GLU A 123 -10.85 4.26 9.01
N LYS A 124 -10.09 3.50 8.23
CA LYS A 124 -8.99 4.05 7.46
C LYS A 124 -8.87 3.34 6.12
N PHE A 125 -8.48 4.08 5.11
CA PHE A 125 -8.28 3.52 3.78
C PHE A 125 -7.23 4.34 3.04
N ILE A 126 -6.33 3.67 2.34
CA ILE A 126 -5.29 4.35 1.59
C ILE A 126 -5.49 4.15 0.10
N VAL A 127 -5.11 5.14 -0.68
CA VAL A 127 -5.29 5.09 -2.13
C VAL A 127 -3.94 5.12 -2.85
N CYS A 128 -3.77 4.19 -3.76
CA CYS A 128 -2.57 4.12 -4.57
C CYS A 128 -2.93 4.09 -6.05
N LEU A 129 -2.38 5.02 -6.81
CA LEU A 129 -2.63 5.11 -8.23
C LEU A 129 -1.69 4.17 -8.97
N GLY A 130 -2.26 3.19 -9.68
CA GLY A 130 -1.45 2.19 -10.33
C GLY A 130 -0.80 1.23 -9.35
N CYS A 131 -0.08 0.26 -9.87
CA CYS A 131 0.65 -0.70 -9.05
C CYS A 131 1.93 -1.12 -9.75
N SER A 132 2.75 -1.87 -9.04
CA SER A 132 4.00 -2.36 -9.59
C SER A 132 3.94 -3.87 -9.77
N THR A 133 4.12 -4.33 -11.01
CA THR A 133 4.07 -5.75 -11.30
C THR A 133 5.47 -6.36 -11.34
N TRP A 134 5.74 -7.26 -10.40
CA TRP A 134 7.01 -7.94 -10.35
C TRP A 134 6.89 -9.34 -10.93
N LYS A 135 7.99 -9.80 -11.50
CA LYS A 135 8.03 -11.12 -12.10
C LYS A 135 8.37 -12.17 -11.05
N PRO A 136 7.58 -13.25 -11.00
CA PRO A 136 7.62 -14.23 -9.89
C PRO A 136 8.86 -15.15 -9.91
N HIS A 137 10.02 -14.58 -10.15
CA HIS A 137 11.27 -15.34 -10.06
C HIS A 137 12.44 -14.43 -9.74
N GLN A 138 12.44 -13.24 -10.33
CA GLN A 138 13.56 -12.33 -10.18
C GLN A 138 13.53 -11.67 -8.80
N LEU A 139 12.33 -11.48 -8.27
CA LEU A 139 12.13 -10.86 -6.96
C LEU A 139 12.88 -11.63 -5.88
N GLU A 140 12.88 -12.96 -5.98
CA GLU A 140 13.56 -13.80 -5.01
C GLU A 140 15.05 -13.50 -4.99
N GLN A 141 15.62 -13.34 -6.18
CA GLN A 141 17.03 -13.05 -6.31
C GLN A 141 17.35 -11.66 -5.77
N GLU A 142 16.45 -10.71 -6.03
CA GLU A 142 16.61 -9.35 -5.53
C GLU A 142 16.60 -9.33 -4.01
N ILE A 143 15.69 -10.11 -3.43
CA ILE A 143 15.58 -10.23 -1.98
C ILE A 143 16.82 -10.88 -1.38
N ALA A 144 17.35 -11.89 -2.07
CA ALA A 144 18.52 -12.62 -1.61
C ALA A 144 19.75 -11.71 -1.54
N GLN A 145 19.81 -10.73 -2.43
CA GLN A 145 20.91 -9.77 -2.46
C GLN A 145 20.72 -8.68 -1.40
N ASN A 146 19.67 -8.83 -0.60
CA ASN A 146 19.36 -7.92 0.51
C ASN A 146 18.99 -6.52 0.03
N TYR A 147 18.67 -6.40 -1.25
CA TYR A 147 18.18 -5.13 -1.80
C TYR A 147 16.70 -4.98 -1.48
N TRP A 148 16.06 -6.10 -1.21
CA TRP A 148 14.67 -6.10 -0.78
C TRP A 148 14.53 -6.91 0.49
N LEU A 149 14.17 -6.24 1.57
CA LEU A 149 14.03 -6.88 2.86
C LEU A 149 12.65 -7.49 3.02
N LEU A 150 12.58 -8.80 2.86
CA LEU A 150 11.31 -9.50 2.92
C LEU A 150 10.95 -9.87 4.35
N SER A 151 9.70 -9.59 4.72
CA SER A 151 9.16 -9.99 6.01
C SER A 151 7.65 -10.06 5.92
N GLU A 152 7.02 -10.88 6.74
CA GLU A 152 5.58 -11.02 6.73
C GLU A 152 4.95 -10.05 7.73
N ALA A 153 3.71 -9.67 7.46
CA ALA A 153 2.99 -8.80 8.36
C ALA A 153 2.02 -9.62 9.20
N ASN A 154 2.26 -9.67 10.50
CA ASN A 154 1.41 -10.45 11.39
C ASN A 154 0.11 -9.69 11.65
N ASN A 155 -0.70 -9.58 10.60
CA ASN A 155 -2.01 -8.96 10.65
C ASN A 155 -1.93 -7.46 10.95
N GLN A 156 -1.77 -7.12 12.22
CA GLN A 156 -1.82 -5.73 12.67
C GLN A 156 -0.74 -4.87 12.00
N THR A 157 0.47 -5.41 11.91
CA THR A 157 1.64 -4.68 11.40
C THR A 157 1.39 -4.07 10.02
N LEU A 158 0.55 -4.72 9.23
CA LEU A 158 0.31 -4.31 7.85
C LEU A 158 -0.29 -2.92 7.79
N PHE A 159 -1.44 -2.74 8.42
CA PHE A 159 -2.22 -1.52 8.25
C PHE A 159 -2.44 -0.79 9.58
N GLU A 160 -2.36 -1.50 10.70
CA GLU A 160 -2.65 -0.91 11.99
C GLU A 160 -1.38 -0.54 12.75
N THR A 161 -0.55 -1.55 13.04
CA THR A 161 0.66 -1.41 13.87
C THR A 161 0.47 -0.42 15.02
N SER A 162 -0.12 -0.92 16.11
CA SER A 162 -0.51 -0.12 17.27
C SER A 162 -1.79 0.66 16.98
N TYR A 163 -2.34 0.43 15.78
CA TYR A 163 -3.64 0.96 15.36
C TYR A 163 -3.61 2.48 15.09
N LEU A 164 -2.93 3.22 15.96
CA LEU A 164 -2.94 4.69 15.92
C LEU A 164 -2.64 5.25 14.54
N ASP A 165 -1.41 5.06 14.09
CA ASP A 165 -0.98 5.60 12.80
C ASP A 165 0.28 4.87 12.35
N ARG A 166 0.66 5.02 11.09
CA ARG A 166 1.82 4.30 10.55
C ARG A 166 2.39 5.00 9.33
N TRP A 167 3.71 5.08 9.29
CA TRP A 167 4.42 5.64 8.15
C TRP A 167 5.58 4.75 7.73
N VAL A 168 6.41 4.38 8.71
CA VAL A 168 7.65 3.66 8.43
C VAL A 168 7.78 2.42 9.34
N GLU A 169 6.80 2.23 10.22
CA GLU A 169 6.84 1.18 11.25
C GLU A 169 6.92 -0.23 10.66
N ALA A 170 6.85 -0.34 9.35
CA ALA A 170 7.02 -1.61 8.68
C ALA A 170 8.44 -2.15 8.92
N ASN A 171 9.39 -1.24 9.11
CA ASN A 171 10.78 -1.63 9.37
C ASN A 171 10.96 -2.02 10.84
N GLU A 172 10.08 -1.49 11.69
CA GLU A 172 10.14 -1.74 13.13
C GLU A 172 10.03 -3.23 13.42
N MET A 173 9.12 -3.88 12.70
CA MET A 173 8.90 -5.32 12.84
C MET A 173 10.20 -6.08 12.53
N LEU A 174 10.99 -5.51 11.63
CA LEU A 174 12.22 -6.15 11.18
C LEU A 174 13.33 -5.88 12.19
N GLY A 175 13.43 -4.62 12.61
CA GLY A 175 14.44 -4.22 13.56
C GLY A 175 14.32 -4.93 14.89
N ILE A 176 13.10 -5.07 15.39
CA ILE A 176 12.86 -5.71 16.68
C ILE A 176 13.24 -7.19 16.64
N SER A 177 12.76 -7.90 15.63
CA SER A 177 13.00 -9.33 15.54
C SER A 177 14.42 -9.65 15.07
N GLY A 178 15.04 -8.71 14.36
CA GLY A 178 16.40 -8.90 13.90
C GLY A 178 16.46 -9.78 12.67
N ILE A 179 15.73 -9.38 11.63
CA ILE A 179 15.63 -10.17 10.41
C ILE A 179 16.80 -9.89 9.46
N LEU A 180 17.40 -10.97 8.96
CA LEU A 180 18.52 -10.88 8.02
C LEU A 180 19.76 -10.29 8.68
N ALA A 181 20.72 -9.86 7.85
CA ALA A 181 21.98 -9.32 8.35
C ALA A 181 21.79 -7.99 9.08
N PRO A 182 22.04 -7.96 10.39
CA PRO A 182 21.89 -6.76 11.20
C PRO A 182 23.03 -5.77 10.98
N ALA A 183 22.68 -4.48 10.94
CA ALA A 183 23.66 -3.40 10.75
C ALA A 183 24.37 -3.52 9.40
N GLY A 184 23.72 -4.20 8.46
CA GLY A 184 24.31 -4.38 7.14
C GLY A 184 23.86 -3.32 6.16
N ARG A 185 23.54 -2.13 6.66
CA ARG A 185 23.12 -1.03 5.81
C ARG A 185 24.33 -0.17 5.43
N ALA A 186 24.07 1.01 4.89
CA ALA A 186 25.14 1.84 4.37
C ALA A 186 25.63 2.84 5.41
N LEU A 187 24.84 3.90 5.64
CA LEU A 187 25.25 5.01 6.51
C LEU A 187 26.55 5.65 6.03
N GLU A 188 26.89 5.41 4.78
CA GLU A 188 28.12 5.92 4.21
C GLU A 188 27.84 6.79 2.98
N MET A 1 10.82 -19.00 5.84
CA MET A 1 10.55 -17.56 6.07
C MET A 1 9.73 -17.00 4.91
N PHE A 2 10.23 -17.16 3.70
CA PHE A 2 9.53 -16.67 2.51
C PHE A 2 8.98 -17.84 1.70
N GLY A 3 8.38 -18.80 2.40
CA GLY A 3 7.84 -19.98 1.74
C GLY A 3 6.50 -19.72 1.06
N ASN A 4 6.02 -18.48 1.17
CA ASN A 4 4.79 -18.08 0.50
C ASN A 4 4.74 -16.57 0.37
N LEU A 5 3.98 -16.08 -0.59
CA LEU A 5 3.88 -14.65 -0.85
C LEU A 5 2.42 -14.22 -0.91
N GLN A 6 2.19 -12.98 -1.34
CA GLN A 6 0.83 -12.40 -1.41
C GLN A 6 0.26 -12.19 0.00
N GLY A 7 0.09 -10.93 0.37
CA GLY A 7 -0.29 -10.62 1.74
C GLY A 7 0.94 -10.36 2.59
N LYS A 8 2.09 -10.38 1.93
CA LYS A 8 3.36 -10.10 2.58
C LYS A 8 3.85 -8.73 2.16
N PHE A 9 4.89 -8.24 2.79
CA PHE A 9 5.46 -6.95 2.44
C PHE A 9 6.98 -7.00 2.49
N ILE A 10 7.61 -6.18 1.67
CA ILE A 10 9.06 -6.11 1.62
C ILE A 10 9.53 -4.79 2.22
N ILE A 11 10.50 -4.87 3.13
CA ILE A 11 11.01 -3.70 3.80
C ILE A 11 11.94 -2.92 2.88
N ALA A 12 11.72 -1.61 2.79
CA ALA A 12 12.54 -0.74 1.96
C ALA A 12 14.00 -0.83 2.36
N THR A 13 14.87 -0.88 1.38
CA THR A 13 16.29 -0.95 1.61
C THR A 13 16.88 0.44 1.91
N PRO A 14 17.31 0.66 3.17
CA PRO A 14 17.86 1.94 3.60
C PRO A 14 19.17 2.25 2.90
N GLU A 15 19.21 3.34 2.16
CA GLU A 15 20.39 3.70 1.39
C GLU A 15 20.55 5.21 1.25
N MET A 16 19.50 5.97 1.51
CA MET A 16 19.51 7.38 1.14
C MET A 16 19.17 8.33 2.29
N ASP A 17 18.04 8.12 2.94
CA ASP A 17 17.53 9.11 3.88
C ASP A 17 17.46 8.55 5.30
N ASP A 18 16.60 7.56 5.47
CA ASP A 18 16.29 7.03 6.79
C ASP A 18 15.45 5.78 6.63
N GLU A 19 14.46 5.91 5.76
CA GLU A 19 13.63 4.80 5.32
C GLU A 19 12.67 4.33 6.41
N TYR A 20 12.71 5.01 7.56
CA TYR A 20 11.62 4.94 8.52
C TYR A 20 10.77 6.20 8.36
N PHE A 21 11.43 7.25 7.89
CA PHE A 21 10.81 8.53 7.59
C PHE A 21 9.73 8.37 6.52
N ASP A 22 10.13 7.80 5.39
CA ASP A 22 9.19 7.53 4.31
C ASP A 22 8.66 6.11 4.47
N ARG A 23 7.35 5.94 4.45
CA ARG A 23 6.75 4.61 4.65
C ARG A 23 6.77 3.83 3.36
N THR A 24 7.97 3.62 2.83
CA THR A 24 8.17 2.95 1.56
C THR A 24 7.97 1.43 1.70
N VAL A 25 6.79 1.05 2.18
CA VAL A 25 6.47 -0.34 2.42
C VAL A 25 5.01 -0.51 2.82
N ILE A 26 4.24 -1.16 1.97
CA ILE A 26 2.84 -1.45 2.27
C ILE A 26 2.60 -2.95 2.25
N TYR A 27 2.36 -3.52 1.06
CA TYR A 27 2.18 -4.97 0.93
C TYR A 27 2.09 -5.38 -0.53
N ILE A 28 2.13 -6.69 -0.77
CA ILE A 28 1.97 -7.26 -2.09
C ILE A 28 0.57 -7.83 -2.25
N CYS A 29 -0.17 -7.33 -3.25
CA CYS A 29 -1.56 -7.72 -3.45
C CYS A 29 -1.66 -9.10 -4.10
N GLU A 30 -0.88 -9.32 -5.14
CA GLU A 30 -0.90 -10.60 -5.86
C GLU A 30 0.47 -10.87 -6.47
N HIS A 31 0.74 -12.14 -6.78
CA HIS A 31 2.06 -12.53 -7.25
C HIS A 31 1.98 -13.70 -8.24
N ASN A 32 2.78 -13.60 -9.31
CA ASN A 32 2.97 -14.68 -10.29
C ASN A 32 1.79 -14.78 -11.25
N ASP A 33 2.01 -15.50 -12.37
CA ASP A 33 1.00 -15.73 -13.40
C ASP A 33 0.66 -14.46 -14.17
N ASN A 34 -0.03 -13.54 -13.52
CA ASN A 34 -0.36 -12.26 -14.12
C ASN A 34 0.78 -11.28 -13.83
N GLY A 35 1.49 -11.53 -12.75
CA GLY A 35 2.61 -10.69 -12.38
C GLY A 35 2.62 -10.45 -10.89
N THR A 36 3.57 -9.64 -10.42
CA THR A 36 3.62 -9.26 -9.02
C THR A 36 3.03 -7.88 -8.83
N ILE A 37 1.79 -7.83 -8.36
CA ILE A 37 1.12 -6.56 -8.16
C ILE A 37 1.29 -6.13 -6.71
N GLY A 38 2.03 -5.04 -6.50
CA GLY A 38 2.23 -4.55 -5.17
C GLY A 38 2.49 -3.06 -5.15
N VAL A 39 2.23 -2.44 -4.01
CA VAL A 39 2.47 -1.02 -3.85
C VAL A 39 3.40 -0.77 -2.68
N ILE A 40 4.70 -0.67 -2.96
CA ILE A 40 5.69 -0.47 -1.91
C ILE A 40 6.61 0.70 -2.22
N ILE A 41 6.26 1.45 -3.27
CA ILE A 41 7.07 2.61 -3.65
C ILE A 41 6.74 3.81 -2.79
N ASN A 42 5.50 3.84 -2.30
CA ASN A 42 4.99 4.92 -1.43
C ASN A 42 5.48 6.30 -1.83
N THR A 43 4.77 6.92 -2.76
CA THR A 43 5.11 8.27 -3.18
C THR A 43 3.84 9.06 -3.46
N PRO A 44 3.55 10.07 -2.63
CA PRO A 44 2.38 10.91 -2.82
C PRO A 44 2.60 11.92 -3.94
N THR A 45 1.53 12.33 -4.58
CA THR A 45 1.61 13.29 -5.66
C THR A 45 0.72 14.49 -5.39
N ASP A 46 0.97 15.58 -6.12
CA ASP A 46 0.25 16.82 -5.90
C ASP A 46 -1.08 16.80 -6.63
N LEU A 47 -1.37 15.69 -7.29
CA LEU A 47 -2.66 15.47 -7.91
C LEU A 47 -3.63 14.96 -6.87
N SER A 48 -4.89 15.36 -6.98
CA SER A 48 -5.89 14.96 -6.01
C SER A 48 -6.79 13.89 -6.59
N VAL A 49 -7.23 12.96 -5.75
CA VAL A 49 -8.15 11.94 -6.20
C VAL A 49 -9.48 12.58 -6.64
N LEU A 50 -9.83 13.68 -5.97
CA LEU A 50 -11.02 14.45 -6.34
C LEU A 50 -10.83 15.11 -7.70
N GLU A 51 -9.59 15.49 -7.99
CA GLU A 51 -9.23 16.06 -9.29
C GLU A 51 -9.52 15.05 -10.40
N LEU A 52 -9.14 13.81 -10.15
CA LEU A 52 -9.39 12.73 -11.11
C LEU A 52 -10.90 12.43 -11.22
N LEU A 53 -11.62 12.60 -10.13
CA LEU A 53 -13.06 12.36 -10.12
C LEU A 53 -13.75 13.44 -10.93
N THR A 54 -13.30 14.67 -10.74
CA THR A 54 -13.80 15.81 -11.52
C THR A 54 -13.48 15.61 -13.00
N ARG A 55 -12.28 15.08 -13.28
CA ARG A 55 -11.85 14.76 -14.64
C ARG A 55 -12.80 13.76 -15.30
N MET A 56 -13.27 12.79 -14.54
CA MET A 56 -14.15 11.76 -15.06
C MET A 56 -15.61 12.20 -15.00
N ASP A 57 -16.28 11.86 -13.92
CA ASP A 57 -17.69 12.18 -13.73
C ASP A 57 -18.09 11.99 -12.27
N PHE A 58 -17.71 12.94 -11.44
CA PHE A 58 -18.01 12.86 -10.02
C PHE A 58 -17.78 14.22 -9.37
N GLN A 59 -18.68 14.60 -8.48
CA GLN A 59 -18.58 15.90 -7.81
C GLN A 59 -18.96 15.76 -6.34
N MET A 60 -18.38 16.63 -5.50
CA MET A 60 -18.66 16.67 -4.06
C MET A 60 -18.10 15.44 -3.36
N ALA A 61 -18.78 15.02 -2.28
CA ALA A 61 -18.35 13.90 -1.44
C ALA A 61 -17.12 14.24 -0.63
N LYS A 62 -17.30 15.14 0.34
CA LYS A 62 -16.26 15.52 1.30
C LYS A 62 -15.09 16.20 0.60
N PRO A 63 -15.24 17.51 0.32
CA PRO A 63 -14.23 18.28 -0.43
C PRO A 63 -12.93 18.45 0.35
N ARG A 64 -13.05 18.75 1.65
CA ARG A 64 -11.88 18.99 2.51
C ARG A 64 -10.99 20.09 1.93
N ILE A 65 -11.32 21.33 2.24
CA ILE A 65 -10.68 22.47 1.58
C ILE A 65 -9.31 22.80 2.19
N TYR A 66 -9.24 22.78 3.52
CA TYR A 66 -8.04 23.23 4.24
C TYR A 66 -6.82 22.39 3.87
N THR A 67 -6.87 21.10 4.13
CA THR A 67 -5.87 20.21 3.59
C THR A 67 -6.27 19.85 2.16
N GLN A 68 -5.46 20.30 1.21
CA GLN A 68 -5.82 20.38 -0.22
C GLN A 68 -6.58 19.14 -0.72
N ASP A 69 -7.91 19.27 -0.71
CA ASP A 69 -8.83 18.24 -1.21
C ASP A 69 -8.51 16.87 -0.65
N GLN A 70 -7.99 16.02 -1.51
CA GLN A 70 -7.60 14.67 -1.15
C GLN A 70 -6.48 14.23 -2.08
N MET A 71 -5.26 14.48 -1.67
CA MET A 71 -4.11 14.16 -2.49
C MET A 71 -3.91 12.65 -2.57
N VAL A 72 -3.56 12.17 -3.74
CA VAL A 72 -3.46 10.75 -3.99
C VAL A 72 -2.00 10.33 -4.12
N LEU A 73 -1.70 9.09 -3.73
CA LEU A 73 -0.37 8.54 -3.90
C LEU A 73 -0.29 7.76 -5.20
N ASN A 74 0.89 7.68 -5.76
CA ASN A 74 1.11 6.91 -6.98
C ASN A 74 1.46 5.47 -6.62
N GLY A 75 0.69 4.55 -7.16
CA GLY A 75 0.91 3.14 -6.87
C GLY A 75 1.86 2.50 -7.85
N GLY A 76 1.91 3.05 -9.06
CA GLY A 76 2.79 2.55 -10.07
C GLY A 76 2.36 2.97 -11.45
N PRO A 77 3.25 2.86 -12.46
CA PRO A 77 2.94 3.26 -13.83
C PRO A 77 1.99 2.28 -14.53
N VAL A 78 1.89 1.07 -13.99
CA VAL A 78 1.04 0.05 -14.59
C VAL A 78 -0.36 0.12 -14.01
N ASN A 79 -1.37 0.08 -14.88
CA ASN A 79 -2.78 0.17 -14.49
C ASN A 79 -3.06 1.55 -13.89
N GLN A 80 -2.30 2.53 -14.35
CA GLN A 80 -2.36 3.90 -13.85
C GLN A 80 -3.70 4.54 -14.21
N ASP A 81 -4.38 3.94 -15.17
CA ASP A 81 -5.66 4.45 -15.63
C ASP A 81 -6.76 4.20 -14.61
N ARG A 82 -6.46 3.40 -13.58
CA ARG A 82 -7.46 3.05 -12.60
C ARG A 82 -6.95 3.39 -11.20
N GLY A 83 -7.88 3.82 -10.35
CA GLY A 83 -7.53 4.14 -8.99
C GLY A 83 -7.89 3.00 -8.06
N PHE A 84 -6.88 2.48 -7.37
CA PHE A 84 -7.09 1.36 -6.47
C PHE A 84 -7.23 1.86 -5.03
N ILE A 85 -8.30 1.46 -4.38
CA ILE A 85 -8.53 1.84 -3.01
C ILE A 85 -8.45 0.62 -2.10
N VAL A 86 -7.43 0.60 -1.26
CA VAL A 86 -7.24 -0.48 -0.31
C VAL A 86 -7.87 -0.09 1.02
N HIS A 87 -8.91 -0.80 1.43
CA HIS A 87 -9.65 -0.41 2.62
C HIS A 87 -9.54 -1.48 3.72
N SER A 88 -9.58 -1.01 4.96
CA SER A 88 -9.61 -1.90 6.11
C SER A 88 -11.04 -2.38 6.33
N LYS A 89 -11.19 -3.56 6.88
CA LYS A 89 -12.49 -4.19 6.94
C LYS A 89 -13.41 -3.49 7.93
N THR A 90 -14.44 -2.89 7.39
CA THR A 90 -15.47 -2.22 8.17
C THR A 90 -16.82 -2.63 7.61
N ASP A 91 -16.76 -3.63 6.75
CA ASP A 91 -17.84 -3.97 5.85
C ASP A 91 -17.70 -5.40 5.36
N HIS A 92 -18.55 -5.77 4.42
CA HIS A 92 -18.45 -7.07 3.76
C HIS A 92 -19.18 -7.02 2.43
N GLU A 93 -19.26 -5.82 1.86
CA GLU A 93 -19.90 -5.61 0.58
C GLU A 93 -18.85 -5.45 -0.50
N PHE A 94 -19.27 -5.46 -1.76
CA PHE A 94 -18.34 -5.37 -2.88
C PHE A 94 -19.06 -5.49 -4.21
N THR A 95 -18.44 -4.96 -5.24
CA THR A 95 -18.82 -5.27 -6.60
C THR A 95 -17.81 -6.26 -7.17
N HIS A 96 -16.55 -6.05 -6.79
CA HIS A 96 -15.48 -7.01 -7.05
C HIS A 96 -14.25 -6.61 -6.25
N SER A 97 -14.14 -7.14 -5.06
CA SER A 97 -13.02 -6.84 -4.18
C SER A 97 -12.00 -7.97 -4.24
N TYR A 98 -10.82 -7.70 -3.69
CA TYR A 98 -9.80 -8.72 -3.56
C TYR A 98 -9.37 -8.81 -2.10
N LYS A 99 -9.94 -9.77 -1.38
CA LYS A 99 -9.67 -9.93 0.03
C LYS A 99 -8.26 -10.50 0.25
N VAL A 100 -7.36 -9.66 0.74
CA VAL A 100 -6.00 -10.07 0.99
C VAL A 100 -5.90 -10.76 2.35
N THR A 101 -6.28 -10.03 3.39
CA THR A 101 -6.35 -10.58 4.73
C THR A 101 -7.79 -10.52 5.21
N ASP A 102 -8.05 -10.92 6.46
CA ASP A 102 -9.40 -10.83 6.99
C ASP A 102 -9.66 -9.41 7.49
N ASP A 103 -9.08 -8.46 6.79
CA ASP A 103 -9.24 -7.05 7.12
C ASP A 103 -8.94 -6.21 5.90
N ILE A 104 -7.68 -6.22 5.48
CA ILE A 104 -7.25 -5.37 4.39
C ILE A 104 -7.75 -5.95 3.07
N THR A 105 -8.51 -5.15 2.34
CA THR A 105 -9.16 -5.62 1.13
C THR A 105 -9.01 -4.60 0.00
N LEU A 106 -8.66 -5.10 -1.18
CA LEU A 106 -8.49 -4.26 -2.35
C LEU A 106 -9.84 -4.03 -3.04
N THR A 107 -10.12 -2.78 -3.37
CA THR A 107 -11.37 -2.42 -4.00
C THR A 107 -11.14 -1.43 -5.15
N THR A 108 -11.91 -1.57 -6.22
CA THR A 108 -11.79 -0.67 -7.37
C THR A 108 -12.80 -1.03 -8.46
N SER A 109 -13.88 -1.72 -8.11
CA SER A 109 -14.81 -2.19 -9.11
C SER A 109 -16.05 -1.30 -9.18
N GLY A 110 -16.00 -0.17 -8.49
CA GLY A 110 -17.15 0.72 -8.42
C GLY A 110 -17.66 0.82 -7.00
N ASP A 111 -17.47 -0.27 -6.26
CA ASP A 111 -17.73 -0.32 -4.83
C ASP A 111 -17.18 0.89 -4.12
N VAL A 112 -15.92 1.17 -4.40
CA VAL A 112 -15.21 2.33 -3.82
C VAL A 112 -16.02 3.62 -3.93
N LEU A 113 -16.61 3.88 -5.09
CA LEU A 113 -17.35 5.12 -5.33
C LEU A 113 -18.63 5.15 -4.49
N ASP A 114 -19.18 3.97 -4.24
CA ASP A 114 -20.40 3.85 -3.44
C ASP A 114 -20.04 3.98 -1.96
N SER A 115 -18.85 3.49 -1.60
CA SER A 115 -18.42 3.43 -0.22
C SER A 115 -18.34 4.81 0.44
N PHE A 116 -17.48 5.69 -0.07
CA PHE A 116 -17.24 6.98 0.58
C PHE A 116 -18.42 7.94 0.37
N GLY A 117 -19.40 7.51 -0.38
CA GLY A 117 -20.57 8.32 -0.63
C GLY A 117 -21.72 7.99 0.31
N THR A 118 -21.48 7.08 1.24
CA THR A 118 -22.51 6.67 2.16
C THR A 118 -21.91 6.51 3.56
N GLN A 119 -22.76 6.30 4.56
CA GLN A 119 -22.30 6.24 5.94
C GLN A 119 -21.74 4.86 6.29
N THR A 120 -21.66 3.98 5.30
CA THR A 120 -21.07 2.67 5.51
C THR A 120 -19.66 2.62 4.94
N ALA A 121 -19.09 3.79 4.68
CA ALA A 121 -17.71 3.90 4.25
C ALA A 121 -16.76 3.30 5.28
N PRO A 122 -15.70 2.61 4.83
CA PRO A 122 -14.71 2.00 5.72
C PRO A 122 -13.93 3.05 6.50
N GLU A 123 -13.56 2.71 7.73
CA GLU A 123 -12.88 3.64 8.63
C GLU A 123 -11.50 4.01 8.10
N LYS A 124 -10.83 3.03 7.51
CA LYS A 124 -9.47 3.23 7.01
C LYS A 124 -9.37 2.77 5.56
N PHE A 125 -8.78 3.60 4.72
CA PHE A 125 -8.58 3.26 3.31
C PHE A 125 -7.55 4.18 2.69
N ILE A 126 -6.80 3.66 1.73
CA ILE A 126 -5.83 4.46 0.99
C ILE A 126 -6.08 4.31 -0.50
N VAL A 127 -5.87 5.39 -1.23
CA VAL A 127 -6.09 5.38 -2.67
C VAL A 127 -4.77 5.59 -3.41
N CYS A 128 -4.50 4.71 -4.37
CA CYS A 128 -3.30 4.82 -5.18
C CYS A 128 -3.63 4.61 -6.65
N LEU A 129 -3.07 5.44 -7.50
CA LEU A 129 -3.28 5.32 -8.94
C LEU A 129 -2.26 4.35 -9.53
N GLY A 130 -2.76 3.30 -10.16
CA GLY A 130 -1.90 2.28 -10.73
C GLY A 130 -1.24 1.42 -9.67
N CYS A 131 -0.42 0.49 -10.11
CA CYS A 131 0.34 -0.37 -9.23
C CYS A 131 1.69 -0.69 -9.85
N SER A 132 2.60 -1.24 -9.06
CA SER A 132 3.92 -1.59 -9.55
C SER A 132 3.97 -3.10 -9.79
N THR A 133 4.30 -3.48 -11.02
CA THR A 133 4.31 -4.89 -11.37
C THR A 133 5.73 -5.43 -11.54
N TRP A 134 6.05 -6.42 -10.74
CA TRP A 134 7.29 -7.17 -10.91
C TRP A 134 7.01 -8.43 -11.72
N LYS A 135 7.95 -8.83 -12.54
CA LYS A 135 7.80 -10.04 -13.34
C LYS A 135 7.76 -11.26 -12.42
N PRO A 136 7.16 -12.36 -12.88
CA PRO A 136 7.20 -13.64 -12.17
C PRO A 136 8.64 -14.16 -12.09
N HIS A 137 9.03 -14.61 -10.89
CA HIS A 137 10.41 -15.06 -10.65
C HIS A 137 11.40 -13.91 -10.82
N GLN A 138 10.94 -12.70 -10.56
CA GLN A 138 11.81 -11.53 -10.54
C GLN A 138 12.07 -11.08 -9.11
N LEU A 139 11.02 -10.56 -8.46
CA LEU A 139 11.14 -10.07 -7.09
C LEU A 139 11.50 -11.21 -6.14
N GLU A 140 10.80 -12.33 -6.27
CA GLU A 140 11.02 -13.50 -5.43
C GLU A 140 12.47 -13.99 -5.54
N GLN A 141 13.03 -13.84 -6.74
CA GLN A 141 14.39 -14.26 -7.02
C GLN A 141 15.38 -13.42 -6.22
N GLU A 142 15.26 -12.10 -6.31
CA GLU A 142 16.17 -11.20 -5.62
C GLU A 142 15.90 -11.21 -4.11
N ILE A 143 14.66 -11.46 -3.71
CA ILE A 143 14.35 -11.66 -2.29
C ILE A 143 15.11 -12.88 -1.77
N ALA A 144 15.12 -13.95 -2.57
CA ALA A 144 15.86 -15.17 -2.22
C ALA A 144 17.36 -14.91 -2.18
N GLN A 145 17.81 -13.96 -3.01
CA GLN A 145 19.22 -13.57 -3.05
C GLN A 145 19.55 -12.59 -1.94
N ASN A 146 18.57 -12.34 -1.06
CA ASN A 146 18.76 -11.51 0.13
C ASN A 146 18.90 -10.02 -0.21
N TYR A 147 18.26 -9.58 -1.28
CA TYR A 147 18.29 -8.16 -1.65
C TYR A 147 17.08 -7.42 -1.07
N TRP A 148 16.19 -8.17 -0.42
CA TRP A 148 15.00 -7.59 0.19
C TRP A 148 14.73 -8.24 1.54
N LEU A 149 13.94 -7.56 2.36
CA LEU A 149 13.55 -8.10 3.65
C LEU A 149 12.05 -8.37 3.62
N LEU A 150 11.66 -9.62 3.79
CA LEU A 150 10.25 -9.99 3.67
C LEU A 150 9.62 -10.25 5.04
N SER A 151 8.34 -9.95 5.15
CA SER A 151 7.54 -10.26 6.31
C SER A 151 6.07 -10.26 5.89
N GLU A 152 5.17 -10.77 6.72
CA GLU A 152 3.76 -10.81 6.35
C GLU A 152 2.97 -9.77 7.11
N ALA A 153 1.87 -9.34 6.53
CA ALA A 153 1.04 -8.31 7.13
C ALA A 153 -0.37 -8.82 7.37
N ASN A 154 -1.03 -8.26 8.36
CA ASN A 154 -2.41 -8.61 8.65
C ASN A 154 -3.32 -7.41 8.43
N ASN A 155 -3.09 -6.35 9.20
CA ASN A 155 -3.94 -5.16 9.13
C ASN A 155 -3.36 -3.99 9.93
N GLN A 156 -3.17 -4.20 11.24
CA GLN A 156 -2.76 -3.15 12.14
C GLN A 156 -1.45 -2.49 11.71
N THR A 157 -0.50 -3.30 11.26
CA THR A 157 0.84 -2.82 10.94
C THR A 157 0.82 -1.69 9.90
N LEU A 158 -0.14 -1.73 8.99
CA LEU A 158 -0.18 -0.78 7.89
C LEU A 158 -1.03 0.44 8.20
N PHE A 159 -2.26 0.21 8.63
CA PHE A 159 -3.22 1.28 8.77
C PHE A 159 -3.37 1.78 10.21
N GLU A 160 -3.02 0.94 11.19
CA GLU A 160 -3.41 1.21 12.57
C GLU A 160 -2.21 1.55 13.48
N THR A 161 -1.02 1.06 13.14
CA THR A 161 0.16 1.21 13.99
C THR A 161 0.35 2.63 14.54
N SER A 162 0.14 3.62 13.69
CA SER A 162 0.38 5.01 14.04
C SER A 162 -0.46 5.45 15.24
N TYR A 163 -1.53 4.71 15.53
CA TYR A 163 -2.39 5.03 16.67
C TYR A 163 -1.87 4.38 17.96
N LEU A 164 -1.64 3.07 17.92
CA LEU A 164 -1.29 2.35 19.14
C LEU A 164 0.20 2.43 19.46
N ASP A 165 1.05 2.43 18.43
CA ASP A 165 2.48 2.46 18.65
C ASP A 165 2.99 3.89 18.47
N ARG A 166 4.31 4.06 18.46
CA ARG A 166 4.89 5.39 18.38
C ARG A 166 5.75 5.52 17.12
N TRP A 167 6.74 4.64 16.98
CA TRP A 167 7.68 4.73 15.88
C TRP A 167 8.49 3.44 15.79
N VAL A 168 8.74 2.99 14.55
CA VAL A 168 9.47 1.74 14.30
C VAL A 168 8.64 0.52 14.68
N GLU A 169 7.88 0.02 13.73
CA GLU A 169 7.05 -1.16 13.94
C GLU A 169 7.48 -2.29 13.02
N ALA A 170 7.77 -1.95 11.76
CA ALA A 170 8.14 -2.93 10.75
C ALA A 170 9.39 -3.72 11.15
N ASN A 171 10.39 -3.01 11.67
CA ASN A 171 11.64 -3.65 12.07
C ASN A 171 11.46 -4.38 13.39
N GLU A 172 10.51 -3.91 14.20
CA GLU A 172 10.19 -4.57 15.46
C GLU A 172 9.51 -5.90 15.22
N MET A 173 8.78 -6.00 14.11
CA MET A 173 8.17 -7.26 13.68
C MET A 173 9.24 -8.32 13.45
N LEU A 174 10.40 -7.85 13.01
CA LEU A 174 11.54 -8.73 12.77
C LEU A 174 12.19 -9.10 14.08
N GLY A 175 12.34 -8.11 14.94
CA GLY A 175 12.93 -8.32 16.25
C GLY A 175 14.27 -7.62 16.38
N ILE A 176 14.84 -7.27 15.24
CA ILE A 176 16.12 -6.60 15.16
C ILE A 176 17.24 -7.47 15.72
N SER A 177 17.72 -8.39 14.89
CA SER A 177 18.86 -9.23 15.25
C SER A 177 19.96 -9.06 14.22
N GLY A 178 19.59 -9.11 12.95
CA GLY A 178 20.54 -8.92 11.87
C GLY A 178 19.86 -8.48 10.59
N ILE A 179 20.26 -7.33 10.08
CA ILE A 179 19.67 -6.81 8.85
C ILE A 179 20.72 -6.77 7.75
N LEU A 180 20.34 -7.23 6.57
CA LEU A 180 21.25 -7.29 5.43
C LEU A 180 21.15 -6.00 4.63
N ALA A 181 22.22 -5.23 4.61
CA ALA A 181 22.26 -3.98 3.88
C ALA A 181 23.70 -3.56 3.62
N PRO A 182 24.20 -3.79 2.40
CA PRO A 182 25.55 -3.41 2.01
C PRO A 182 25.64 -1.92 1.70
N ALA A 183 26.30 -1.18 2.57
CA ALA A 183 26.42 0.27 2.45
C ALA A 183 25.05 0.93 2.53
N GLY A 184 24.37 0.69 3.64
CA GLY A 184 23.05 1.25 3.83
C GLY A 184 23.10 2.53 4.64
N ARG A 185 22.23 3.48 4.29
CA ARG A 185 22.23 4.76 4.96
C ARG A 185 20.84 5.14 5.45
N ALA A 186 20.62 4.89 6.73
CA ALA A 186 19.40 5.35 7.40
C ALA A 186 19.72 6.60 8.20
N LEU A 187 20.89 7.14 7.92
CA LEU A 187 21.40 8.32 8.59
C LEU A 187 22.47 8.98 7.71
N GLU A 188 22.84 10.20 8.05
CA GLU A 188 23.88 10.89 7.31
C GLU A 188 25.25 10.43 7.75
N MET A 1 9.96 -18.71 -6.43
CA MET A 1 10.90 -19.32 -5.47
C MET A 1 10.16 -19.78 -4.22
N PHE A 2 9.54 -18.85 -3.50
CA PHE A 2 8.86 -19.18 -2.26
C PHE A 2 7.42 -19.61 -2.52
N GLY A 3 6.90 -19.19 -3.66
CA GLY A 3 5.55 -19.55 -4.03
C GLY A 3 4.62 -18.35 -4.00
N ASN A 4 3.36 -18.58 -3.72
CA ASN A 4 2.39 -17.50 -3.68
C ASN A 4 2.29 -16.90 -2.28
N LEU A 5 2.86 -15.72 -2.11
CA LEU A 5 2.85 -15.03 -0.83
C LEU A 5 1.48 -14.42 -0.53
N GLN A 6 1.32 -13.14 -0.89
CA GLN A 6 0.06 -12.40 -0.65
C GLN A 6 -0.22 -12.23 0.84
N GLY A 7 -0.25 -11.00 1.31
CA GLY A 7 -0.46 -10.74 2.72
C GLY A 7 0.84 -10.61 3.49
N LYS A 8 1.95 -10.84 2.80
CA LYS A 8 3.26 -10.71 3.42
C LYS A 8 3.91 -9.43 2.92
N PHE A 9 4.93 -8.96 3.60
CA PHE A 9 5.57 -7.72 3.20
C PHE A 9 7.08 -7.81 3.34
N ILE A 10 7.78 -7.08 2.48
CA ILE A 10 9.23 -7.06 2.51
C ILE A 10 9.72 -5.83 3.27
N ILE A 11 10.83 -5.99 3.97
CA ILE A 11 11.38 -4.89 4.76
C ILE A 11 12.19 -3.99 3.85
N ALA A 12 11.55 -2.93 3.37
CA ALA A 12 12.21 -1.97 2.51
C ALA A 12 12.57 -0.71 3.28
N THR A 13 11.62 -0.23 4.09
CA THR A 13 11.75 1.01 4.87
C THR A 13 12.06 2.21 3.96
N PRO A 14 12.23 3.41 4.52
CA PRO A 14 12.75 4.55 3.76
C PRO A 14 14.19 4.28 3.32
N GLU A 15 15.04 4.03 4.32
CA GLU A 15 16.42 3.65 4.10
C GLU A 15 17.08 3.56 5.47
N MET A 16 16.72 2.49 6.20
CA MET A 16 17.16 2.28 7.59
C MET A 16 16.44 3.22 8.55
N ASP A 17 16.52 4.51 8.29
CA ASP A 17 15.93 5.52 9.16
C ASP A 17 15.40 6.69 8.32
N ASP A 18 15.09 7.80 8.97
CA ASP A 18 14.65 9.04 8.30
C ASP A 18 13.26 8.89 7.69
N GLU A 19 12.88 9.84 6.82
CA GLU A 19 11.54 9.93 6.25
C GLU A 19 10.53 10.19 7.37
N TYR A 20 9.95 9.12 7.94
CA TYR A 20 9.19 9.17 9.18
C TYR A 20 8.52 7.83 9.47
N PHE A 21 7.25 7.68 9.10
CA PHE A 21 6.50 6.48 9.43
C PHE A 21 5.12 6.48 8.77
N ASP A 22 4.94 7.34 7.79
CA ASP A 22 3.62 7.58 7.26
C ASP A 22 3.48 6.91 5.92
N ARG A 23 2.66 5.87 5.90
CA ARG A 23 2.39 5.07 4.71
C ARG A 23 3.65 4.31 4.26
N THR A 24 4.61 4.19 5.16
CA THR A 24 5.85 3.50 4.86
C THR A 24 5.78 2.04 5.25
N VAL A 25 6.19 1.17 4.33
CA VAL A 25 6.26 -0.27 4.55
C VAL A 25 4.85 -0.90 4.54
N ILE A 26 4.37 -1.17 3.34
CA ILE A 26 3.09 -1.84 3.17
C ILE A 26 3.37 -3.27 2.69
N TYR A 27 2.36 -3.99 2.21
CA TYR A 27 2.50 -5.42 1.99
C TYR A 27 2.40 -5.77 0.51
N ILE A 28 2.60 -7.04 0.21
CA ILE A 28 2.43 -7.57 -1.12
C ILE A 28 0.98 -7.96 -1.33
N CYS A 29 0.31 -7.24 -2.20
CA CYS A 29 -1.11 -7.46 -2.45
C CYS A 29 -1.35 -8.85 -3.01
N GLU A 30 -0.66 -9.16 -4.11
CA GLU A 30 -0.81 -10.46 -4.74
C GLU A 30 0.51 -10.95 -5.32
N HIS A 31 0.89 -12.16 -4.97
CA HIS A 31 1.83 -12.91 -5.78
C HIS A 31 1.03 -14.02 -6.42
N ASN A 32 0.66 -13.81 -7.66
CA ASN A 32 -0.33 -14.64 -8.33
C ASN A 32 0.31 -15.45 -9.42
N ASP A 33 1.28 -16.28 -9.02
CA ASP A 33 2.07 -17.13 -9.91
C ASP A 33 2.88 -16.31 -10.91
N ASN A 34 2.20 -15.62 -11.81
CA ASN A 34 2.87 -14.84 -12.85
C ASN A 34 3.09 -13.40 -12.39
N GLY A 35 2.11 -12.86 -11.69
CA GLY A 35 2.18 -11.46 -11.30
C GLY A 35 2.56 -11.28 -9.85
N THR A 36 3.27 -10.20 -9.57
CA THR A 36 3.64 -9.86 -8.21
C THR A 36 3.36 -8.38 -7.98
N ILE A 37 2.28 -8.10 -7.28
CA ILE A 37 1.83 -6.73 -7.08
C ILE A 37 2.00 -6.32 -5.62
N GLY A 38 2.77 -5.27 -5.38
CA GLY A 38 2.94 -4.76 -4.03
C GLY A 38 3.20 -3.27 -4.02
N VAL A 39 3.02 -2.66 -2.86
CA VAL A 39 3.26 -1.22 -2.70
C VAL A 39 4.23 -0.96 -1.55
N ILE A 40 5.52 -0.92 -1.86
CA ILE A 40 6.54 -0.84 -0.81
C ILE A 40 7.63 0.19 -1.13
N ILE A 41 7.38 1.07 -2.09
CA ILE A 41 8.39 2.07 -2.45
C ILE A 41 8.39 3.24 -1.47
N ASN A 42 7.27 3.42 -0.76
CA ASN A 42 7.20 4.32 0.41
C ASN A 42 7.49 5.77 0.03
N THR A 43 6.86 6.28 -1.03
CA THR A 43 7.13 7.64 -1.46
C THR A 43 5.87 8.31 -2.03
N PRO A 44 5.60 9.55 -1.62
CA PRO A 44 4.44 10.32 -2.10
C PRO A 44 4.62 10.81 -3.54
N THR A 45 3.54 11.25 -4.15
CA THR A 45 3.60 11.81 -5.49
C THR A 45 3.58 13.33 -5.41
N ASP A 46 3.36 13.97 -6.55
CA ASP A 46 3.14 15.40 -6.59
C ASP A 46 1.66 15.66 -6.87
N LEU A 47 0.88 14.60 -6.77
CA LEU A 47 -0.53 14.66 -7.11
C LEU A 47 -1.39 14.54 -5.85
N SER A 48 -2.52 15.21 -5.85
CA SER A 48 -3.45 15.13 -4.75
C SER A 48 -4.52 14.09 -5.03
N VAL A 49 -5.03 13.45 -3.99
CA VAL A 49 -6.09 12.45 -4.16
C VAL A 49 -7.35 13.11 -4.72
N LEU A 50 -7.53 14.38 -4.38
CA LEU A 50 -8.66 15.16 -4.88
C LEU A 50 -8.43 15.55 -6.33
N GLU A 51 -7.17 15.65 -6.71
CA GLU A 51 -6.78 16.10 -8.05
C GLU A 51 -7.18 15.05 -9.09
N LEU A 52 -6.98 13.79 -8.75
CA LEU A 52 -7.36 12.70 -9.65
C LEU A 52 -8.88 12.57 -9.67
N LEU A 53 -9.51 12.91 -8.55
CA LEU A 53 -10.97 12.91 -8.46
C LEU A 53 -11.56 13.97 -9.38
N THR A 54 -11.02 15.18 -9.29
CA THR A 54 -11.49 16.28 -10.14
C THR A 54 -11.28 15.96 -11.63
N ARG A 55 -10.25 15.18 -11.92
CA ARG A 55 -9.95 14.78 -13.28
C ARG A 55 -10.97 13.76 -13.79
N MET A 56 -11.18 12.68 -13.05
CA MET A 56 -12.11 11.64 -13.45
C MET A 56 -13.50 11.92 -12.89
N ASP A 57 -13.79 11.37 -11.72
CA ASP A 57 -15.06 11.60 -11.04
C ASP A 57 -14.77 11.82 -9.56
N PHE A 58 -15.56 12.66 -8.91
CA PHE A 58 -15.25 13.04 -7.54
C PHE A 58 -16.44 12.89 -6.59
N GLN A 59 -17.65 13.06 -7.12
CA GLN A 59 -18.89 12.95 -6.31
C GLN A 59 -19.01 14.11 -5.32
N MET A 60 -20.17 14.78 -5.35
CA MET A 60 -20.43 15.92 -4.49
C MET A 60 -19.41 17.03 -4.75
N ALA A 61 -19.22 17.90 -3.76
CA ALA A 61 -18.26 18.98 -3.86
C ALA A 61 -17.15 18.80 -2.83
N LYS A 62 -16.74 17.55 -2.64
CA LYS A 62 -15.70 17.22 -1.66
C LYS A 62 -14.34 17.83 -2.06
N PRO A 63 -13.83 17.57 -3.28
CA PRO A 63 -12.60 18.19 -3.77
C PRO A 63 -12.82 19.67 -4.09
N ARG A 64 -12.83 20.49 -3.05
CA ARG A 64 -13.12 21.90 -3.19
C ARG A 64 -12.14 22.74 -2.38
N ILE A 65 -11.23 22.07 -1.66
CA ILE A 65 -10.29 22.74 -0.80
C ILE A 65 -8.86 22.32 -1.12
N TYR A 66 -8.03 23.29 -1.49
CA TYR A 66 -6.62 23.03 -1.74
C TYR A 66 -5.79 23.50 -0.56
N THR A 67 -4.49 23.21 -0.60
CA THR A 67 -3.56 23.56 0.47
C THR A 67 -3.72 22.59 1.65
N GLN A 68 -4.95 22.36 2.06
CA GLN A 68 -5.25 21.38 3.10
C GLN A 68 -5.80 20.13 2.43
N ASP A 69 -5.28 19.86 1.25
CA ASP A 69 -5.69 18.71 0.48
C ASP A 69 -4.76 17.53 0.77
N GLN A 70 -5.23 16.33 0.50
CA GLN A 70 -4.45 15.13 0.78
C GLN A 70 -3.71 14.67 -0.47
N MET A 71 -2.41 14.51 -0.36
CA MET A 71 -1.60 14.05 -1.47
C MET A 71 -1.63 12.52 -1.54
N VAL A 72 -1.49 12.00 -2.75
CA VAL A 72 -1.50 10.55 -2.96
C VAL A 72 -0.07 10.05 -3.14
N LEU A 73 0.18 8.80 -2.74
CA LEU A 73 1.52 8.25 -2.84
C LEU A 73 1.68 7.37 -4.06
N ASN A 74 2.93 7.08 -4.41
CA ASN A 74 3.23 6.21 -5.52
C ASN A 74 3.13 4.77 -5.08
N GLY A 75 2.32 3.99 -5.77
CA GLY A 75 2.26 2.57 -5.50
C GLY A 75 3.35 1.84 -6.25
N GLY A 76 3.75 2.44 -7.36
CA GLY A 76 4.82 1.89 -8.16
C GLY A 76 4.90 2.59 -9.50
N PRO A 77 5.90 2.27 -10.32
CA PRO A 77 6.07 2.86 -11.64
C PRO A 77 5.28 2.13 -12.72
N VAL A 78 4.51 1.12 -12.32
CA VAL A 78 3.78 0.29 -13.26
C VAL A 78 2.28 0.54 -13.19
N ASN A 79 1.71 0.95 -14.32
CA ASN A 79 0.28 1.23 -14.45
C ASN A 79 -0.19 2.26 -13.43
N GLN A 80 0.44 3.43 -13.45
CA GLN A 80 0.07 4.54 -12.57
C GLN A 80 -1.28 5.13 -12.99
N ASP A 81 -1.78 4.67 -14.12
CA ASP A 81 -3.06 5.13 -14.65
C ASP A 81 -4.21 4.61 -13.80
N ARG A 82 -3.89 3.70 -12.90
CA ARG A 82 -4.88 3.02 -12.09
C ARG A 82 -4.74 3.43 -10.62
N GLY A 83 -5.86 3.79 -10.02
CA GLY A 83 -5.86 4.16 -8.62
C GLY A 83 -6.27 3.00 -7.73
N PHE A 84 -5.36 2.57 -6.87
CA PHE A 84 -5.62 1.46 -5.97
C PHE A 84 -5.92 1.97 -4.57
N ILE A 85 -7.05 1.55 -4.02
CA ILE A 85 -7.45 1.96 -2.69
C ILE A 85 -7.60 0.74 -1.77
N VAL A 86 -6.65 0.59 -0.87
CA VAL A 86 -6.69 -0.48 0.11
C VAL A 86 -7.41 0.00 1.36
N HIS A 87 -8.50 -0.64 1.73
CA HIS A 87 -9.29 -0.19 2.87
C HIS A 87 -9.68 -1.36 3.76
N SER A 88 -10.01 -1.03 5.01
CA SER A 88 -10.44 -2.03 5.96
C SER A 88 -11.89 -2.46 5.68
N LYS A 89 -12.31 -3.53 6.31
CA LYS A 89 -13.66 -4.06 6.15
C LYS A 89 -14.67 -3.22 6.92
N THR A 90 -15.56 -2.56 6.19
CA THR A 90 -16.66 -1.85 6.79
C THR A 90 -18.00 -2.47 6.37
N ASP A 91 -17.93 -3.48 5.52
CA ASP A 91 -19.12 -4.19 5.03
C ASP A 91 -18.66 -5.36 4.15
N HIS A 92 -19.42 -5.68 3.11
CA HIS A 92 -19.07 -6.74 2.18
C HIS A 92 -18.20 -6.15 1.07
N GLU A 93 -18.12 -6.84 -0.06
CA GLU A 93 -17.46 -6.29 -1.22
C GLU A 93 -18.34 -5.23 -1.87
N PHE A 94 -17.78 -4.50 -2.81
CA PHE A 94 -18.53 -3.46 -3.50
C PHE A 94 -18.63 -3.78 -4.98
N THR A 95 -18.92 -2.78 -5.80
CA THR A 95 -19.15 -2.99 -7.23
C THR A 95 -17.93 -3.60 -7.91
N HIS A 96 -16.74 -3.18 -7.49
CA HIS A 96 -15.52 -3.76 -8.03
C HIS A 96 -14.40 -3.65 -7.00
N SER A 97 -14.39 -4.57 -6.05
CA SER A 97 -13.37 -4.59 -5.01
C SER A 97 -12.82 -5.99 -4.82
N TYR A 98 -11.53 -6.08 -4.54
CA TYR A 98 -10.84 -7.35 -4.38
C TYR A 98 -10.63 -7.64 -2.90
N LYS A 99 -11.02 -8.83 -2.48
CA LYS A 99 -10.88 -9.23 -1.08
C LYS A 99 -9.53 -9.92 -0.89
N VAL A 100 -8.61 -9.27 -0.18
CA VAL A 100 -7.29 -9.82 0.02
C VAL A 100 -7.29 -10.84 1.16
N THR A 101 -7.44 -10.37 2.38
CA THR A 101 -7.45 -11.25 3.54
C THR A 101 -8.65 -10.94 4.43
N ASP A 102 -9.84 -11.23 3.90
CA ASP A 102 -11.11 -11.09 4.61
C ASP A 102 -11.45 -9.62 4.93
N ASP A 103 -10.70 -9.03 5.84
CA ASP A 103 -10.94 -7.64 6.23
C ASP A 103 -10.37 -6.70 5.18
N ILE A 104 -9.09 -6.86 4.88
CA ILE A 104 -8.41 -5.98 3.95
C ILE A 104 -8.99 -6.14 2.55
N THR A 105 -9.46 -5.02 2.00
CA THR A 105 -10.10 -5.02 0.70
C THR A 105 -9.48 -3.97 -0.23
N LEU A 106 -9.15 -4.39 -1.44
CA LEU A 106 -8.50 -3.51 -2.41
C LEU A 106 -9.45 -3.12 -3.52
N THR A 107 -9.82 -1.85 -3.57
CA THR A 107 -10.67 -1.34 -4.63
C THR A 107 -9.80 -0.71 -5.73
N THR A 108 -9.96 -1.18 -6.96
CA THR A 108 -9.09 -0.77 -8.06
C THR A 108 -9.79 0.17 -9.03
N SER A 109 -10.89 0.76 -8.60
CA SER A 109 -11.69 1.60 -9.48
C SER A 109 -12.37 2.73 -8.71
N GLY A 110 -13.17 3.53 -9.41
CA GLY A 110 -13.90 4.62 -8.79
C GLY A 110 -14.98 4.12 -7.84
N ASP A 111 -15.12 2.81 -7.78
CA ASP A 111 -16.00 2.12 -6.84
C ASP A 111 -15.81 2.63 -5.42
N VAL A 112 -14.57 3.00 -5.13
CA VAL A 112 -14.19 3.57 -3.84
C VAL A 112 -15.05 4.78 -3.46
N LEU A 113 -15.44 5.59 -4.46
CA LEU A 113 -16.26 6.77 -4.21
C LEU A 113 -17.65 6.37 -3.77
N ASP A 114 -18.15 5.30 -4.37
CA ASP A 114 -19.47 4.77 -4.05
C ASP A 114 -19.47 4.18 -2.66
N SER A 115 -18.28 3.78 -2.22
CA SER A 115 -18.08 3.28 -0.87
C SER A 115 -18.17 4.41 0.17
N PHE A 116 -18.03 5.65 -0.28
CA PHE A 116 -18.08 6.80 0.61
C PHE A 116 -19.48 7.41 0.61
N GLY A 117 -19.90 7.92 1.76
CA GLY A 117 -21.19 8.58 1.88
C GLY A 117 -22.33 7.60 2.08
N THR A 118 -22.07 6.33 1.76
CA THR A 118 -23.10 5.30 1.81
C THR A 118 -23.13 4.60 3.17
N GLN A 119 -22.68 5.32 4.20
CA GLN A 119 -22.63 4.80 5.58
C GLN A 119 -21.50 3.79 5.75
N THR A 120 -21.30 2.94 4.75
CA THR A 120 -20.27 1.91 4.79
C THR A 120 -18.89 2.45 4.44
N ALA A 121 -18.75 3.77 4.53
CA ALA A 121 -17.46 4.42 4.27
C ALA A 121 -16.38 3.89 5.20
N PRO A 122 -15.28 3.38 4.64
CA PRO A 122 -14.19 2.79 5.42
C PRO A 122 -13.49 3.81 6.31
N GLU A 123 -13.22 3.41 7.56
CA GLU A 123 -12.53 4.27 8.50
C GLU A 123 -11.09 4.52 8.07
N LYS A 124 -10.41 3.44 7.71
CA LYS A 124 -9.00 3.51 7.39
C LYS A 124 -8.76 2.95 6.00
N PHE A 125 -8.07 3.74 5.18
CA PHE A 125 -7.80 3.36 3.81
C PHE A 125 -6.57 4.09 3.29
N ILE A 126 -5.89 3.47 2.34
CA ILE A 126 -4.75 4.08 1.69
C ILE A 126 -4.88 4.01 0.19
N VAL A 127 -4.64 5.13 -0.47
CA VAL A 127 -4.75 5.20 -1.92
C VAL A 127 -3.37 5.40 -2.54
N CYS A 128 -3.09 4.64 -3.59
CA CYS A 128 -1.83 4.76 -4.29
C CYS A 128 -2.07 4.63 -5.79
N LEU A 129 -1.36 5.45 -6.57
CA LEU A 129 -1.46 5.40 -8.01
C LEU A 129 -0.45 4.43 -8.57
N GLY A 130 -0.94 3.39 -9.24
CA GLY A 130 -0.07 2.36 -9.76
C GLY A 130 0.41 1.42 -8.67
N CYS A 131 1.17 0.42 -9.07
CA CYS A 131 1.77 -0.49 -8.12
C CYS A 131 3.13 -0.94 -8.60
N SER A 132 3.85 -1.64 -7.74
CA SER A 132 5.14 -2.17 -8.11
C SER A 132 4.98 -3.64 -8.45
N THR A 133 5.25 -3.98 -9.70
CA THR A 133 5.10 -5.36 -10.15
C THR A 133 6.46 -5.99 -10.39
N TRP A 134 6.63 -7.21 -9.91
CA TRP A 134 7.87 -7.94 -10.12
C TRP A 134 7.59 -9.22 -10.87
N LYS A 135 8.65 -9.80 -11.38
CA LYS A 135 8.56 -11.10 -12.03
C LYS A 135 8.82 -12.17 -10.98
N PRO A 136 8.08 -13.29 -11.04
CA PRO A 136 8.13 -14.35 -10.02
C PRO A 136 9.40 -15.19 -10.08
N HIS A 137 10.53 -14.54 -9.88
CA HIS A 137 11.81 -15.21 -9.94
C HIS A 137 12.89 -14.30 -9.38
N GLN A 138 12.93 -13.07 -9.89
CA GLN A 138 13.97 -12.10 -9.54
C GLN A 138 13.90 -11.67 -8.07
N LEU A 139 12.85 -10.95 -7.70
CA LEU A 139 12.72 -10.38 -6.35
C LEU A 139 12.91 -11.44 -5.27
N GLU A 140 12.33 -12.60 -5.50
CA GLU A 140 12.40 -13.70 -4.55
C GLU A 140 13.84 -14.13 -4.33
N GLN A 141 14.66 -14.02 -5.36
CA GLN A 141 16.09 -14.32 -5.23
C GLN A 141 16.80 -13.24 -4.44
N GLU A 142 16.53 -11.97 -4.74
CA GLU A 142 17.09 -10.87 -3.97
C GLU A 142 16.76 -11.02 -2.48
N ILE A 143 15.53 -11.43 -2.19
CA ILE A 143 15.11 -11.70 -0.82
C ILE A 143 16.02 -12.77 -0.19
N ALA A 144 16.32 -13.80 -0.96
CA ALA A 144 17.15 -14.90 -0.49
C ALA A 144 18.61 -14.47 -0.27
N GLN A 145 19.00 -13.37 -0.91
CA GLN A 145 20.35 -12.84 -0.77
C GLN A 145 20.44 -11.87 0.40
N ASN A 146 19.36 -11.77 1.17
CA ASN A 146 19.27 -10.85 2.31
C ASN A 146 19.24 -9.40 1.85
N TYR A 147 19.02 -9.19 0.56
CA TYR A 147 18.95 -7.85 0.02
C TYR A 147 17.55 -7.28 0.27
N TRP A 148 16.62 -8.20 0.46
CA TRP A 148 15.26 -7.86 0.88
C TRP A 148 14.86 -8.78 2.02
N LEU A 149 14.33 -8.22 3.09
CA LEU A 149 13.85 -9.04 4.19
C LEU A 149 12.36 -9.26 4.05
N LEU A 150 11.87 -10.35 4.62
CA LEU A 150 10.47 -10.72 4.45
C LEU A 150 9.79 -10.95 5.80
N SER A 151 8.59 -10.41 5.93
CA SER A 151 7.79 -10.60 7.12
C SER A 151 6.32 -10.77 6.71
N GLU A 152 5.44 -11.03 7.68
CA GLU A 152 4.05 -11.29 7.38
C GLU A 152 3.14 -10.36 8.15
N ALA A 153 1.95 -10.11 7.61
CA ALA A 153 0.97 -9.24 8.26
C ALA A 153 -0.42 -9.84 8.11
N ASN A 154 -1.09 -10.05 9.23
CA ASN A 154 -2.39 -10.69 9.21
C ASN A 154 -3.51 -9.68 9.05
N ASN A 155 -3.43 -8.58 9.80
CA ASN A 155 -4.46 -7.54 9.76
C ASN A 155 -4.03 -6.33 10.58
N GLN A 156 -3.79 -6.56 11.86
CA GLN A 156 -3.55 -5.47 12.80
C GLN A 156 -2.41 -4.56 12.35
N THR A 157 -1.28 -5.16 11.97
CA THR A 157 -0.09 -4.40 11.60
C THR A 157 -0.35 -3.46 10.42
N LEU A 158 -1.31 -3.83 9.57
CA LEU A 158 -1.60 -3.05 8.37
C LEU A 158 -2.65 -1.97 8.64
N PHE A 159 -3.80 -2.36 9.18
CA PHE A 159 -4.93 -1.44 9.27
C PHE A 159 -5.51 -1.32 10.68
N GLU A 160 -4.81 -1.83 11.69
CA GLU A 160 -5.22 -1.56 13.06
C GLU A 160 -4.20 -0.64 13.70
N THR A 161 -2.95 -1.01 13.58
CA THR A 161 -1.85 -0.15 13.97
C THR A 161 -1.28 0.51 12.72
N SER A 162 -0.87 1.77 12.84
CA SER A 162 -0.41 2.51 11.69
C SER A 162 0.19 3.83 12.14
N TYR A 163 0.08 4.86 11.30
CA TYR A 163 0.60 6.20 11.59
C TYR A 163 0.02 6.76 12.90
N LEU A 164 -1.09 6.18 13.34
CA LEU A 164 -1.78 6.64 14.55
C LEU A 164 -1.24 5.96 15.80
N ASP A 165 -0.33 5.01 15.63
CA ASP A 165 0.21 4.25 16.74
C ASP A 165 1.73 4.07 16.55
N ARG A 166 2.24 2.91 16.97
CA ARG A 166 3.66 2.61 16.92
C ARG A 166 4.25 2.85 15.53
N TRP A 167 5.28 3.69 15.48
CA TRP A 167 5.90 4.08 14.22
C TRP A 167 6.71 2.94 13.63
N VAL A 168 6.14 2.29 12.62
CA VAL A 168 6.82 1.22 11.88
C VAL A 168 7.16 0.04 12.79
N GLU A 169 6.23 -0.90 12.89
CA GLU A 169 6.43 -2.10 13.71
C GLU A 169 7.28 -3.13 12.98
N ALA A 170 7.66 -2.84 11.75
CA ALA A 170 8.34 -3.81 10.88
C ALA A 170 9.55 -4.44 11.55
N ASN A 171 10.31 -3.66 12.30
CA ASN A 171 11.51 -4.18 12.97
C ASN A 171 11.14 -4.89 14.27
N GLU A 172 10.15 -4.36 14.97
CA GLU A 172 9.75 -4.89 16.27
C GLU A 172 8.97 -6.19 16.12
N MET A 173 8.13 -6.25 15.09
CA MET A 173 7.35 -7.44 14.80
C MET A 173 8.27 -8.60 14.43
N LEU A 174 9.43 -8.26 13.90
CA LEU A 174 10.40 -9.25 13.49
C LEU A 174 11.17 -9.76 14.69
N GLY A 175 11.42 -8.87 15.63
CA GLY A 175 12.15 -9.22 16.83
C GLY A 175 13.44 -8.42 16.97
N ILE A 176 13.59 -7.43 16.10
CA ILE A 176 14.76 -6.56 16.08
C ILE A 176 16.03 -7.38 15.85
N SER A 177 16.29 -7.68 14.59
CA SER A 177 17.49 -8.39 14.19
C SER A 177 17.88 -7.94 12.78
N GLY A 178 18.98 -7.20 12.69
CA GLY A 178 19.38 -6.66 11.41
C GLY A 178 20.47 -7.47 10.74
N ILE A 179 20.09 -8.29 9.78
CA ILE A 179 21.06 -9.05 9.00
C ILE A 179 21.23 -8.38 7.63
N LEU A 180 22.43 -7.87 7.38
CA LEU A 180 22.73 -7.10 6.18
C LEU A 180 21.91 -5.81 6.11
N ALA A 181 21.96 -5.14 4.97
CA ALA A 181 21.23 -3.91 4.77
C ALA A 181 20.35 -4.01 3.53
N PRO A 182 19.05 -3.69 3.68
CA PRO A 182 18.08 -3.78 2.58
C PRO A 182 18.44 -2.84 1.42
N ALA A 183 17.77 -3.05 0.29
CA ALA A 183 17.98 -2.23 -0.89
C ALA A 183 17.70 -0.76 -0.61
N GLY A 184 18.75 0.03 -0.56
CA GLY A 184 18.59 1.45 -0.34
C GLY A 184 17.99 2.14 -1.54
N ARG A 185 17.06 3.06 -1.29
CA ARG A 185 16.40 3.77 -2.37
C ARG A 185 17.33 4.84 -2.95
N ALA A 186 18.03 4.47 -4.00
CA ALA A 186 18.89 5.40 -4.72
C ALA A 186 18.60 5.35 -6.21
N LEU A 187 17.56 6.05 -6.62
CA LEU A 187 17.12 6.06 -8.01
C LEU A 187 16.80 7.47 -8.46
N GLU A 188 16.67 7.66 -9.77
CA GLU A 188 16.35 8.97 -10.33
C GLU A 188 16.02 8.83 -11.82
N MET A 1 11.53 -20.81 0.11
CA MET A 1 11.50 -20.16 -1.22
C MET A 1 10.54 -18.98 -1.23
N PHE A 2 9.77 -18.83 -0.15
CA PHE A 2 8.82 -17.71 0.02
C PHE A 2 7.63 -17.86 -0.92
N GLY A 3 7.85 -17.59 -2.20
CA GLY A 3 6.82 -17.78 -3.21
C GLY A 3 5.71 -16.75 -3.15
N ASN A 4 4.55 -17.17 -2.65
CA ASN A 4 3.36 -16.33 -2.65
C ASN A 4 3.38 -15.34 -1.50
N LEU A 5 3.65 -14.08 -1.83
CA LEU A 5 3.54 -13.01 -0.86
C LEU A 5 2.07 -12.64 -0.68
N GLN A 6 1.62 -11.64 -1.46
CA GLN A 6 0.21 -11.20 -1.48
C GLN A 6 -0.42 -11.19 -0.08
N GLY A 7 -0.22 -10.10 0.65
CA GLY A 7 -0.72 -10.02 2.02
C GLY A 7 0.39 -9.85 3.03
N LYS A 8 1.62 -9.99 2.58
CA LYS A 8 2.78 -9.73 3.43
C LYS A 8 3.44 -8.43 3.01
N PHE A 9 4.41 -7.98 3.77
CA PHE A 9 5.16 -6.79 3.40
C PHE A 9 6.65 -7.06 3.46
N ILE A 10 7.39 -6.49 2.54
CA ILE A 10 8.82 -6.66 2.48
C ILE A 10 9.53 -5.40 2.93
N ILE A 11 10.43 -5.54 3.88
CA ILE A 11 11.09 -4.39 4.49
C ILE A 11 12.40 -4.08 3.77
N ALA A 12 12.41 -3.00 3.02
CA ALA A 12 13.62 -2.54 2.34
C ALA A 12 14.40 -1.58 3.22
N THR A 13 13.66 -0.63 3.80
CA THR A 13 14.24 0.45 4.59
C THR A 13 15.14 1.33 3.71
N PRO A 14 14.53 2.25 2.95
CA PRO A 14 15.25 3.15 2.06
C PRO A 14 15.79 4.38 2.77
N GLU A 15 15.83 4.29 4.11
CA GLU A 15 16.26 5.40 4.97
C GLU A 15 15.28 6.57 4.88
N MET A 16 14.10 6.28 4.35
CA MET A 16 13.03 7.25 4.25
C MET A 16 12.27 7.30 5.56
N ASP A 17 12.38 8.43 6.25
CA ASP A 17 11.90 8.55 7.63
C ASP A 17 10.58 9.33 7.67
N ASP A 18 9.82 9.27 6.58
CA ASP A 18 8.57 10.03 6.43
C ASP A 18 8.83 11.53 6.33
N GLU A 19 8.26 12.14 5.30
CA GLU A 19 8.39 13.57 5.10
C GLU A 19 7.24 14.32 5.76
N TYR A 20 6.02 13.79 5.62
CA TYR A 20 4.85 14.45 6.15
C TYR A 20 3.70 13.46 6.30
N PHE A 21 3.60 12.53 5.36
CA PHE A 21 2.55 11.51 5.38
C PHE A 21 3.06 10.26 4.66
N ASP A 22 4.34 9.97 4.84
CA ASP A 22 4.96 8.86 4.14
C ASP A 22 4.80 7.58 4.94
N ARG A 23 4.17 6.60 4.34
CA ARG A 23 3.97 5.31 4.99
C ARG A 23 5.15 4.41 4.71
N THR A 24 5.92 4.13 5.74
CA THR A 24 7.17 3.39 5.61
C THR A 24 6.98 1.96 5.11
N VAL A 25 6.87 1.82 3.78
CA VAL A 25 6.81 0.52 3.12
C VAL A 25 5.58 -0.29 3.54
N ILE A 26 4.57 -0.28 2.69
CA ILE A 26 3.35 -1.01 2.98
C ILE A 26 3.46 -2.46 2.42
N TYR A 27 2.41 -3.03 1.86
CA TYR A 27 2.36 -4.48 1.65
C TYR A 27 2.32 -4.87 0.18
N ILE A 28 2.39 -6.17 -0.08
CA ILE A 28 2.29 -6.73 -1.41
C ILE A 28 0.83 -7.03 -1.74
N CYS A 29 0.32 -6.41 -2.79
CA CYS A 29 -1.11 -6.48 -3.10
C CYS A 29 -1.45 -7.71 -3.96
N GLU A 30 -0.58 -8.04 -4.90
CA GLU A 30 -0.86 -9.09 -5.86
C GLU A 30 0.39 -9.93 -6.14
N HIS A 31 0.18 -11.17 -6.56
CA HIS A 31 1.27 -12.03 -7.00
C HIS A 31 0.79 -12.95 -8.12
N ASN A 32 1.19 -12.62 -9.33
CA ASN A 32 0.77 -13.34 -10.51
C ASN A 32 1.94 -14.17 -11.03
N ASP A 33 1.68 -15.06 -11.99
CA ASP A 33 2.71 -15.92 -12.55
C ASP A 33 3.80 -15.11 -13.23
N ASN A 34 3.45 -13.89 -13.62
CA ASN A 34 4.34 -13.06 -14.42
C ASN A 34 4.91 -11.91 -13.62
N GLY A 35 4.65 -11.87 -12.31
CA GLY A 35 5.20 -10.81 -11.50
C GLY A 35 4.47 -10.62 -10.18
N THR A 36 5.15 -9.97 -9.25
CA THR A 36 4.60 -9.68 -7.95
C THR A 36 4.29 -8.18 -7.84
N ILE A 37 3.07 -7.86 -7.44
CA ILE A 37 2.60 -6.48 -7.42
C ILE A 37 2.53 -5.95 -5.99
N GLY A 38 3.31 -4.92 -5.71
CA GLY A 38 3.27 -4.30 -4.41
C GLY A 38 3.44 -2.80 -4.50
N VAL A 39 3.13 -2.09 -3.43
CA VAL A 39 3.25 -0.64 -3.41
C VAL A 39 4.25 -0.18 -2.36
N ILE A 40 5.38 -0.88 -2.32
CA ILE A 40 6.41 -0.64 -1.30
C ILE A 40 7.50 0.32 -1.81
N ILE A 41 7.20 1.07 -2.85
CA ILE A 41 8.19 1.95 -3.46
C ILE A 41 8.41 3.23 -2.63
N ASN A 42 7.35 3.67 -1.96
CA ASN A 42 7.36 4.94 -1.19
C ASN A 42 7.71 6.13 -2.07
N THR A 43 6.68 6.85 -2.51
CA THR A 43 6.86 8.09 -3.23
C THR A 43 5.52 8.81 -3.42
N PRO A 44 5.31 9.90 -2.69
CA PRO A 44 4.11 10.73 -2.83
C PRO A 44 4.15 11.56 -4.10
N THR A 45 2.98 11.91 -4.61
CA THR A 45 2.92 12.68 -5.84
C THR A 45 2.05 13.92 -5.66
N ASP A 46 2.26 14.90 -6.52
CA ASP A 46 1.54 16.17 -6.45
C ASP A 46 0.12 16.05 -7.01
N LEU A 47 -0.31 14.82 -7.25
CA LEU A 47 -1.66 14.56 -7.70
C LEU A 47 -2.58 14.46 -6.49
N SER A 48 -3.81 14.91 -6.64
CA SER A 48 -4.75 14.92 -5.53
C SER A 48 -5.68 13.71 -5.61
N VAL A 49 -6.12 13.24 -4.46
CA VAL A 49 -7.10 12.15 -4.41
C VAL A 49 -8.41 12.61 -5.04
N LEU A 50 -8.65 13.91 -5.01
CA LEU A 50 -9.85 14.49 -5.61
C LEU A 50 -9.72 14.51 -7.11
N GLU A 51 -8.49 14.59 -7.59
CA GLU A 51 -8.22 14.68 -9.02
C GLU A 51 -8.41 13.33 -9.72
N LEU A 52 -8.15 12.24 -9.00
CA LEU A 52 -8.37 10.92 -9.56
C LEU A 52 -9.87 10.64 -9.62
N LEU A 53 -10.62 11.29 -8.74
CA LEU A 53 -12.07 11.20 -8.75
C LEU A 53 -12.67 12.03 -9.89
N THR A 54 -12.12 13.22 -10.10
CA THR A 54 -12.65 14.13 -11.11
C THR A 54 -12.42 13.62 -12.53
N ARG A 55 -11.32 12.89 -12.74
CA ARG A 55 -11.02 12.32 -14.04
C ARG A 55 -11.96 11.15 -14.34
N MET A 56 -12.68 10.70 -13.34
CA MET A 56 -13.72 9.70 -13.54
C MET A 56 -15.05 10.40 -13.78
N ASP A 57 -15.73 10.75 -12.69
CA ASP A 57 -17.02 11.42 -12.76
C ASP A 57 -17.54 11.68 -11.33
N PHE A 58 -16.61 11.78 -10.39
CA PHE A 58 -16.97 11.81 -8.98
C PHE A 58 -16.25 12.92 -8.24
N GLN A 59 -16.73 13.19 -7.03
CA GLN A 59 -16.09 14.14 -6.12
C GLN A 59 -16.49 13.79 -4.69
N MET A 60 -15.94 14.51 -3.71
CA MET A 60 -16.24 14.29 -2.29
C MET A 60 -15.70 12.95 -1.80
N ALA A 61 -14.58 13.00 -1.11
CA ALA A 61 -13.97 11.80 -0.55
C ALA A 61 -13.81 11.95 0.97
N LYS A 62 -13.22 13.06 1.37
CA LYS A 62 -13.04 13.37 2.79
C LYS A 62 -13.49 14.80 3.04
N PRO A 63 -13.90 15.13 4.29
CA PRO A 63 -14.35 16.47 4.65
C PRO A 63 -13.19 17.48 4.71
N ARG A 64 -12.31 17.43 3.72
CA ARG A 64 -11.16 18.31 3.68
C ARG A 64 -11.31 19.25 2.49
N ILE A 65 -11.98 20.37 2.71
CA ILE A 65 -12.33 21.26 1.60
C ILE A 65 -11.22 22.25 1.29
N TYR A 66 -10.28 21.81 0.44
CA TYR A 66 -9.25 22.68 -0.17
C TYR A 66 -8.19 23.17 0.82
N THR A 67 -8.61 23.57 2.02
CA THR A 67 -7.71 24.10 3.03
C THR A 67 -6.58 23.13 3.36
N GLN A 68 -6.86 21.84 3.19
CA GLN A 68 -5.85 20.81 3.35
C GLN A 68 -6.10 19.70 2.33
N ASP A 69 -5.54 19.89 1.13
CA ASP A 69 -5.75 18.95 0.03
C ASP A 69 -5.11 17.60 0.33
N GLN A 70 -5.81 16.55 -0.06
CA GLN A 70 -5.34 15.20 0.21
C GLN A 70 -4.57 14.67 -1.00
N MET A 71 -3.25 14.65 -0.88
CA MET A 71 -2.38 14.21 -1.96
C MET A 71 -2.35 12.70 -2.04
N VAL A 72 -2.30 12.18 -3.24
CA VAL A 72 -2.23 10.74 -3.46
C VAL A 72 -0.77 10.34 -3.74
N LEU A 73 -0.42 9.13 -3.34
CA LEU A 73 0.92 8.60 -3.58
C LEU A 73 0.90 7.69 -4.80
N ASN A 74 2.07 7.49 -5.40
CA ASN A 74 2.19 6.56 -6.50
C ASN A 74 2.76 5.24 -6.01
N GLY A 75 2.14 4.14 -6.41
CA GLY A 75 2.57 2.84 -5.95
C GLY A 75 3.59 2.21 -6.87
N GLY A 76 3.75 2.79 -8.05
CA GLY A 76 4.72 2.28 -8.99
C GLY A 76 4.44 2.75 -10.41
N PRO A 77 5.33 2.43 -11.37
CA PRO A 77 5.20 2.87 -12.75
C PRO A 77 4.21 2.03 -13.54
N VAL A 78 3.76 0.92 -12.97
CA VAL A 78 2.83 0.03 -13.66
C VAL A 78 1.38 0.41 -13.35
N ASN A 79 0.62 0.70 -14.41
CA ASN A 79 -0.81 1.03 -14.29
C ASN A 79 -1.02 2.33 -13.53
N GLN A 80 -0.24 3.35 -13.88
CA GLN A 80 -0.34 4.66 -13.21
C GLN A 80 -1.67 5.35 -13.48
N ASP A 81 -2.46 4.82 -14.41
CA ASP A 81 -3.77 5.38 -14.72
C ASP A 81 -4.84 4.75 -13.84
N ARG A 82 -4.44 3.79 -13.01
CA ARG A 82 -5.38 3.12 -12.13
C ARG A 82 -5.07 3.45 -10.67
N GLY A 83 -6.00 4.12 -10.02
CA GLY A 83 -5.87 4.40 -8.61
C GLY A 83 -6.55 3.35 -7.78
N PHE A 84 -5.77 2.62 -7.00
CA PHE A 84 -6.32 1.54 -6.18
C PHE A 84 -6.57 2.04 -4.77
N ILE A 85 -7.80 1.85 -4.29
CA ILE A 85 -8.13 2.23 -2.93
C ILE A 85 -8.32 0.98 -2.06
N VAL A 86 -7.32 0.71 -1.23
CA VAL A 86 -7.36 -0.44 -0.35
C VAL A 86 -7.91 -0.02 1.00
N HIS A 87 -8.96 -0.69 1.46
CA HIS A 87 -9.63 -0.31 2.69
C HIS A 87 -9.93 -1.51 3.57
N SER A 88 -10.24 -1.23 4.83
CA SER A 88 -10.59 -2.28 5.77
C SER A 88 -11.95 -2.89 5.45
N LYS A 89 -12.18 -4.08 5.98
CA LYS A 89 -13.46 -4.77 5.84
C LYS A 89 -14.52 -4.18 6.77
N THR A 90 -15.61 -3.70 6.20
CA THR A 90 -16.78 -3.32 6.95
C THR A 90 -17.88 -4.36 6.73
N ASP A 91 -18.38 -4.40 5.51
CA ASP A 91 -19.31 -5.44 5.08
C ASP A 91 -19.41 -5.44 3.57
N HIS A 92 -20.32 -6.21 3.01
CA HIS A 92 -20.40 -6.37 1.56
C HIS A 92 -21.58 -5.60 0.97
N GLU A 93 -21.32 -4.37 0.54
CA GLU A 93 -22.29 -3.65 -0.28
C GLU A 93 -21.83 -3.65 -1.73
N PHE A 94 -22.59 -2.95 -2.57
CA PHE A 94 -22.37 -2.97 -4.01
C PHE A 94 -21.10 -2.22 -4.39
N THR A 95 -20.00 -2.95 -4.57
CA THR A 95 -18.75 -2.36 -4.97
C THR A 95 -17.98 -3.31 -5.89
N HIS A 96 -17.31 -2.76 -6.89
CA HIS A 96 -16.42 -3.55 -7.72
C HIS A 96 -15.03 -3.57 -7.09
N SER A 97 -14.88 -4.43 -6.11
CA SER A 97 -13.65 -4.49 -5.35
C SER A 97 -12.96 -5.84 -5.52
N TYR A 98 -11.63 -5.84 -5.41
CA TYR A 98 -10.85 -7.06 -5.49
C TYR A 98 -10.40 -7.43 -4.09
N LYS A 99 -10.43 -8.72 -3.77
CA LYS A 99 -10.12 -9.17 -2.41
C LYS A 99 -8.72 -9.73 -2.32
N VAL A 100 -7.88 -9.07 -1.52
CA VAL A 100 -6.60 -9.65 -1.12
C VAL A 100 -6.88 -10.80 -0.17
N THR A 101 -7.64 -10.48 0.87
CA THR A 101 -8.20 -11.47 1.77
C THR A 101 -9.64 -11.05 2.05
N ASP A 102 -10.29 -11.62 3.05
CA ASP A 102 -11.69 -11.30 3.32
C ASP A 102 -11.80 -10.02 4.15
N ASP A 103 -10.73 -9.68 4.87
CA ASP A 103 -10.72 -8.48 5.72
C ASP A 103 -9.99 -7.32 5.05
N ILE A 104 -9.28 -7.61 3.97
CA ILE A 104 -8.59 -6.57 3.22
C ILE A 104 -9.12 -6.56 1.79
N THR A 105 -9.62 -5.42 1.36
CA THR A 105 -10.26 -5.34 0.05
C THR A 105 -10.01 -3.97 -0.60
N LEU A 106 -9.58 -4.00 -1.85
CA LEU A 106 -9.33 -2.77 -2.59
C LEU A 106 -10.40 -2.58 -3.66
N THR A 107 -10.93 -1.37 -3.74
CA THR A 107 -11.96 -1.05 -4.72
C THR A 107 -11.34 -0.39 -5.95
N THR A 108 -11.67 -0.91 -7.12
CA THR A 108 -11.05 -0.46 -8.37
C THR A 108 -12.02 0.38 -9.19
N SER A 109 -13.02 0.92 -8.54
CA SER A 109 -14.01 1.74 -9.22
C SER A 109 -14.52 2.84 -8.30
N GLY A 110 -15.36 3.71 -8.84
CA GLY A 110 -15.87 4.85 -8.08
C GLY A 110 -16.89 4.46 -7.03
N ASP A 111 -17.18 3.16 -6.95
CA ASP A 111 -18.11 2.63 -5.95
C ASP A 111 -17.65 3.01 -4.54
N VAL A 112 -16.33 3.08 -4.39
CA VAL A 112 -15.70 3.38 -3.12
C VAL A 112 -16.26 4.67 -2.50
N LEU A 113 -16.62 5.65 -3.33
CA LEU A 113 -17.16 6.91 -2.81
C LEU A 113 -18.58 6.72 -2.27
N ASP A 114 -19.31 5.80 -2.88
CA ASP A 114 -20.69 5.53 -2.47
C ASP A 114 -20.70 4.97 -1.06
N SER A 115 -19.69 4.18 -0.75
CA SER A 115 -19.55 3.58 0.57
C SER A 115 -18.96 4.56 1.60
N PHE A 116 -18.62 5.77 1.16
CA PHE A 116 -18.08 6.77 2.06
C PHE A 116 -19.18 7.68 2.59
N GLY A 117 -19.03 8.13 3.83
CA GLY A 117 -20.00 9.01 4.43
C GLY A 117 -20.98 8.27 5.32
N THR A 118 -21.14 6.98 5.05
CA THR A 118 -22.07 6.15 5.79
C THR A 118 -21.39 5.55 7.02
N GLN A 119 -22.09 4.69 7.74
CA GLN A 119 -21.52 4.01 8.88
C GLN A 119 -20.60 2.90 8.41
N THR A 120 -20.75 2.53 7.14
CA THR A 120 -19.99 1.44 6.55
C THR A 120 -18.70 1.96 5.91
N ALA A 121 -18.41 3.22 6.14
CA ALA A 121 -17.19 3.84 5.63
C ALA A 121 -15.98 3.41 6.45
N PRO A 122 -15.05 2.67 5.83
CA PRO A 122 -13.85 2.19 6.51
C PRO A 122 -12.89 3.33 6.84
N GLU A 123 -12.44 3.37 8.09
CA GLU A 123 -11.51 4.39 8.55
C GLU A 123 -10.19 4.29 7.83
N LYS A 124 -9.77 3.06 7.57
CA LYS A 124 -8.44 2.80 7.06
C LYS A 124 -8.49 2.48 5.57
N PHE A 125 -8.17 3.48 4.76
CA PHE A 125 -8.12 3.29 3.33
C PHE A 125 -6.91 4.00 2.75
N ILE A 126 -6.14 3.30 1.94
CA ILE A 126 -4.99 3.88 1.29
C ILE A 126 -5.19 3.87 -0.22
N VAL A 127 -4.90 4.99 -0.84
CA VAL A 127 -5.06 5.11 -2.28
C VAL A 127 -3.71 5.33 -2.94
N CYS A 128 -3.41 4.52 -3.95
CA CYS A 128 -2.16 4.63 -4.67
C CYS A 128 -2.38 4.52 -6.17
N LEU A 129 -1.71 5.39 -6.92
CA LEU A 129 -1.78 5.36 -8.37
C LEU A 129 -0.68 4.46 -8.91
N GLY A 130 -1.06 3.36 -9.53
CA GLY A 130 -0.10 2.42 -10.06
C GLY A 130 0.50 1.54 -8.98
N CYS A 131 1.30 0.56 -9.40
CA CYS A 131 1.97 -0.33 -8.46
C CYS A 131 3.33 -0.76 -9.03
N SER A 132 4.13 -1.40 -8.19
CA SER A 132 5.45 -1.85 -8.59
C SER A 132 5.45 -3.36 -8.80
N THR A 133 5.83 -3.77 -10.00
CA THR A 133 5.88 -5.18 -10.35
C THR A 133 7.30 -5.73 -10.29
N TRP A 134 7.51 -6.76 -9.48
CA TRP A 134 8.79 -7.43 -9.43
C TRP A 134 8.72 -8.77 -10.15
N LYS A 135 9.86 -9.24 -10.64
CA LYS A 135 9.90 -10.46 -11.44
C LYS A 135 9.72 -11.69 -10.56
N PRO A 136 8.93 -12.67 -11.04
CA PRO A 136 8.68 -13.92 -10.31
C PRO A 136 9.95 -14.76 -10.20
N HIS A 137 10.17 -15.31 -9.01
CA HIS A 137 11.36 -16.10 -8.71
C HIS A 137 12.63 -15.27 -8.76
N GLN A 138 12.47 -13.95 -8.79
CA GLN A 138 13.61 -13.07 -8.66
C GLN A 138 13.58 -12.39 -7.29
N LEU A 139 12.46 -11.74 -6.99
CA LEU A 139 12.29 -11.02 -5.72
C LEU A 139 12.49 -11.93 -4.51
N GLU A 140 11.97 -13.14 -4.59
CA GLU A 140 12.10 -14.11 -3.51
C GLU A 140 13.58 -14.40 -3.21
N GLN A 141 14.39 -14.47 -4.25
CA GLN A 141 15.83 -14.66 -4.08
C GLN A 141 16.50 -13.37 -3.63
N GLU A 142 15.95 -12.24 -4.05
CA GLU A 142 16.45 -10.94 -3.61
C GLU A 142 16.30 -10.81 -2.10
N ILE A 143 15.16 -11.27 -1.59
CA ILE A 143 14.92 -11.32 -0.14
C ILE A 143 15.98 -12.15 0.56
N ALA A 144 16.35 -13.27 -0.06
CA ALA A 144 17.32 -14.20 0.51
C ALA A 144 18.69 -13.56 0.67
N GLN A 145 18.95 -12.48 -0.07
CA GLN A 145 20.23 -11.79 0.01
C GLN A 145 20.26 -10.83 1.21
N ASN A 146 19.14 -10.77 1.94
CA ASN A 146 18.97 -9.83 3.05
C ASN A 146 18.81 -8.41 2.53
N TYR A 147 18.63 -8.30 1.22
CA TYR A 147 18.40 -7.03 0.56
C TYR A 147 16.96 -6.60 0.80
N TRP A 148 16.12 -7.59 1.06
CA TRP A 148 14.74 -7.39 1.42
C TRP A 148 14.42 -8.21 2.66
N LEU A 149 13.67 -7.64 3.59
CA LEU A 149 13.20 -8.39 4.74
C LEU A 149 11.75 -8.79 4.52
N LEU A 150 11.31 -9.82 5.21
CA LEU A 150 9.97 -10.32 5.03
C LEU A 150 9.23 -10.47 6.35
N SER A 151 7.99 -9.99 6.37
CA SER A 151 7.12 -10.17 7.52
C SER A 151 5.66 -10.12 7.06
N GLU A 152 4.82 -10.94 7.66
CA GLU A 152 3.39 -10.92 7.36
C GLU A 152 2.76 -9.67 7.95
N ALA A 153 1.66 -9.22 7.36
CA ALA A 153 0.97 -8.04 7.84
C ALA A 153 -0.01 -8.39 8.94
N ASN A 154 -0.48 -9.63 8.90
CA ASN A 154 -1.40 -10.17 9.91
C ASN A 154 -2.66 -9.32 10.04
N ASN A 155 -2.96 -8.54 9.00
CA ASN A 155 -4.14 -7.66 8.95
C ASN A 155 -3.99 -6.47 9.90
N GLN A 156 -3.66 -6.76 11.15
CA GLN A 156 -3.61 -5.75 12.20
C GLN A 156 -2.54 -4.70 11.95
N THR A 157 -1.33 -5.16 11.65
CA THR A 157 -0.22 -4.25 11.38
C THR A 157 -0.52 -3.38 10.15
N LEU A 158 -1.30 -3.93 9.24
CA LEU A 158 -1.62 -3.24 7.99
C LEU A 158 -2.58 -2.07 8.24
N PHE A 159 -3.74 -2.36 8.81
CA PHE A 159 -4.77 -1.33 8.99
C PHE A 159 -5.17 -1.11 10.43
N GLU A 160 -5.25 -2.16 11.24
CA GLU A 160 -5.74 -2.06 12.61
C GLU A 160 -4.93 -1.04 13.41
N THR A 161 -3.63 -1.29 13.50
CA THR A 161 -2.74 -0.49 14.36
C THR A 161 -2.67 0.97 13.91
N SER A 162 -3.16 1.25 12.71
CA SER A 162 -3.15 2.59 12.16
C SER A 162 -4.28 3.45 12.75
N TYR A 163 -4.49 3.34 14.06
CA TYR A 163 -5.52 4.11 14.74
C TYR A 163 -5.06 5.54 15.00
N LEU A 164 -3.81 5.69 15.41
CA LEU A 164 -3.32 6.95 15.92
C LEU A 164 -2.62 7.78 14.85
N ASP A 165 -1.35 7.46 14.61
CA ASP A 165 -0.47 8.31 13.81
C ASP A 165 0.87 7.61 13.56
N ARG A 166 1.24 6.74 14.50
CA ARG A 166 2.52 6.04 14.49
C ARG A 166 2.91 5.50 13.12
N TRP A 167 3.98 6.05 12.57
CA TRP A 167 4.63 5.49 11.39
C TRP A 167 5.81 4.65 11.82
N VAL A 168 6.52 4.07 10.85
CA VAL A 168 7.65 3.19 11.12
C VAL A 168 7.18 1.98 11.91
N GLU A 169 6.38 1.14 11.25
CA GLU A 169 5.81 -0.05 11.86
C GLU A 169 6.54 -1.29 11.38
N ALA A 170 6.93 -1.28 10.10
CA ALA A 170 7.67 -2.39 9.51
C ALA A 170 8.96 -2.63 10.27
N ASN A 171 9.68 -1.54 10.54
CA ASN A 171 10.92 -1.62 11.28
C ASN A 171 10.65 -1.92 12.75
N GLU A 172 9.51 -1.46 13.25
CA GLU A 172 9.15 -1.66 14.66
C GLU A 172 8.87 -3.13 14.93
N MET A 173 8.35 -3.83 13.93
CA MET A 173 8.08 -5.27 14.04
C MET A 173 9.34 -6.03 14.39
N LEU A 174 10.48 -5.50 13.96
CA LEU A 174 11.77 -6.11 14.26
C LEU A 174 12.39 -5.42 15.48
N GLY A 175 12.57 -4.11 15.38
CA GLY A 175 13.08 -3.32 16.46
C GLY A 175 12.98 -1.85 16.16
N ILE A 176 14.12 -1.21 15.96
CA ILE A 176 14.20 0.21 15.58
C ILE A 176 15.57 0.51 14.96
N SER A 177 16.62 0.29 15.75
CA SER A 177 17.97 0.59 15.31
C SER A 177 18.68 -0.67 14.83
N GLY A 178 19.15 -0.64 13.59
CA GLY A 178 19.89 -1.77 13.05
C GLY A 178 19.81 -1.83 11.55
N ILE A 179 18.94 -2.72 11.05
CA ILE A 179 18.80 -2.97 9.62
C ILE A 179 20.02 -3.72 9.09
N LEU A 180 19.77 -4.77 8.34
CA LEU A 180 20.82 -5.61 7.81
C LEU A 180 21.57 -4.90 6.68
N ALA A 181 22.70 -4.31 7.02
CA ALA A 181 23.49 -3.57 6.05
C ALA A 181 24.91 -4.12 6.02
N PRO A 182 25.24 -4.92 4.99
CA PRO A 182 26.57 -5.54 4.85
C PRO A 182 27.69 -4.50 4.87
N ALA A 183 27.42 -3.35 4.26
CA ALA A 183 28.40 -2.26 4.19
C ALA A 183 29.75 -2.74 3.68
N GLY A 184 29.75 -3.30 2.47
CA GLY A 184 30.97 -3.81 1.86
C GLY A 184 30.84 -3.89 0.36
N ARG A 185 31.34 -4.95 -0.23
CA ARG A 185 31.25 -5.13 -1.68
C ARG A 185 29.84 -5.57 -2.09
N ALA A 186 28.93 -4.60 -2.10
CA ALA A 186 27.57 -4.83 -2.56
C ALA A 186 27.26 -3.90 -3.72
N LEU A 187 28.31 -3.59 -4.47
CA LEU A 187 28.22 -2.63 -5.56
C LEU A 187 28.56 -3.30 -6.89
N GLU A 188 28.38 -2.55 -7.97
CA GLU A 188 28.67 -3.04 -9.30
C GLU A 188 29.14 -1.88 -10.17
N MET A 1 12.92 -18.36 -5.10
CA MET A 1 12.50 -19.75 -4.82
C MET A 1 11.33 -19.77 -3.84
N PHE A 2 10.16 -19.41 -4.34
CA PHE A 2 8.93 -19.50 -3.55
C PHE A 2 7.71 -19.37 -4.46
N GLY A 3 6.57 -19.82 -3.98
CA GLY A 3 5.34 -19.74 -4.73
C GLY A 3 4.57 -18.47 -4.44
N ASN A 4 3.30 -18.62 -4.10
CA ASN A 4 2.46 -17.48 -3.80
C ASN A 4 2.68 -17.05 -2.35
N LEU A 5 2.59 -15.76 -2.09
CA LEU A 5 2.82 -15.23 -0.76
C LEU A 5 1.61 -14.43 -0.29
N GLN A 6 1.56 -13.17 -0.70
CA GLN A 6 0.52 -12.23 -0.29
C GLN A 6 0.56 -11.96 1.20
N GLY A 7 0.09 -10.79 1.57
CA GLY A 7 0.05 -10.41 2.98
C GLY A 7 1.45 -10.29 3.56
N LYS A 8 2.43 -10.05 2.70
CA LYS A 8 3.79 -9.84 3.12
C LYS A 8 4.16 -8.38 2.88
N PHE A 9 5.25 -7.93 3.47
CA PHE A 9 5.77 -6.61 3.19
C PHE A 9 7.29 -6.64 3.22
N ILE A 10 7.92 -5.73 2.49
CA ILE A 10 9.36 -5.70 2.38
C ILE A 10 9.93 -4.40 2.93
N ILE A 11 10.89 -4.53 3.84
CA ILE A 11 11.47 -3.38 4.51
C ILE A 11 12.75 -2.93 3.82
N ALA A 12 12.68 -1.75 3.23
CA ALA A 12 13.84 -1.09 2.66
C ALA A 12 13.58 0.40 2.55
N THR A 13 14.45 1.19 3.15
CA THR A 13 14.28 2.63 3.16
C THR A 13 14.98 3.27 1.96
N PRO A 14 14.19 3.75 0.98
CA PRO A 14 14.69 4.27 -0.28
C PRO A 14 15.36 5.64 -0.14
N GLU A 15 16.65 5.61 0.14
CA GLU A 15 17.50 6.82 0.15
C GLU A 15 17.12 7.77 1.30
N MET A 16 16.11 7.38 2.09
CA MET A 16 15.61 8.22 3.17
C MET A 16 15.32 9.64 2.67
N ASP A 17 14.60 9.72 1.56
CA ASP A 17 14.38 10.99 0.88
C ASP A 17 13.30 11.82 1.56
N ASP A 18 12.88 12.90 0.91
CA ASP A 18 11.91 13.85 1.45
C ASP A 18 10.54 13.19 1.60
N GLU A 19 10.04 12.66 0.50
CA GLU A 19 8.71 12.06 0.46
C GLU A 19 8.75 10.61 0.98
N TYR A 20 9.53 10.41 2.02
CA TYR A 20 9.79 9.08 2.58
C TYR A 20 9.28 8.98 4.01
N PHE A 21 9.36 10.09 4.71
CA PHE A 21 9.04 10.14 6.15
C PHE A 21 7.61 9.69 6.47
N ASP A 22 6.70 9.82 5.53
CA ASP A 22 5.31 9.48 5.80
C ASP A 22 4.99 8.16 5.11
N ARG A 23 5.01 7.11 5.90
CA ARG A 23 4.75 5.75 5.44
C ARG A 23 5.96 5.15 4.76
N THR A 24 6.64 4.27 5.48
CA THR A 24 7.81 3.60 4.95
C THR A 24 7.43 2.22 4.40
N VAL A 25 7.09 2.19 3.11
CA VAL A 25 6.66 0.98 2.39
C VAL A 25 5.36 0.40 2.98
N ILE A 26 4.85 -0.64 2.33
CA ILE A 26 3.67 -1.34 2.83
C ILE A 26 3.66 -2.78 2.26
N TYR A 27 2.51 -3.34 1.91
CA TYR A 27 2.40 -4.77 1.71
C TYR A 27 2.22 -5.15 0.24
N ILE A 28 2.33 -6.44 -0.03
CA ILE A 28 2.10 -6.99 -1.35
C ILE A 28 0.67 -7.52 -1.45
N CYS A 29 -0.07 -7.07 -2.46
CA CYS A 29 -1.46 -7.47 -2.63
C CYS A 29 -1.55 -8.87 -3.24
N GLU A 30 -0.98 -9.05 -4.44
CA GLU A 30 -1.03 -10.33 -5.12
C GLU A 30 0.35 -10.80 -5.56
N HIS A 31 0.47 -12.10 -5.80
CA HIS A 31 1.70 -12.70 -6.27
C HIS A 31 1.38 -13.84 -7.24
N ASN A 32 2.21 -13.96 -8.28
CA ASN A 32 2.03 -14.94 -9.36
C ASN A 32 1.05 -14.37 -10.39
N ASP A 33 0.81 -15.13 -11.47
CA ASP A 33 -0.05 -14.70 -12.57
C ASP A 33 0.58 -13.55 -13.34
N ASN A 34 0.53 -12.35 -12.78
CA ASN A 34 1.13 -11.18 -13.42
C ASN A 34 2.56 -10.99 -12.90
N GLY A 35 2.78 -11.31 -11.63
CA GLY A 35 4.10 -11.17 -11.05
C GLY A 35 4.04 -10.93 -9.55
N THR A 36 4.37 -9.73 -9.13
CA THR A 36 4.28 -9.35 -7.73
C THR A 36 3.67 -7.96 -7.63
N ILE A 37 2.42 -7.90 -7.23
CA ILE A 37 1.69 -6.64 -7.20
C ILE A 37 1.68 -6.06 -5.79
N GLY A 38 2.37 -4.94 -5.61
CA GLY A 38 2.38 -4.28 -4.33
C GLY A 38 2.61 -2.78 -4.48
N VAL A 39 2.44 -2.04 -3.40
CA VAL A 39 2.63 -0.59 -3.47
C VAL A 39 3.73 -0.14 -2.51
N ILE A 40 4.97 -0.37 -2.91
CA ILE A 40 6.11 -0.08 -2.06
C ILE A 40 7.06 0.90 -2.76
N ILE A 41 6.53 1.63 -3.74
CA ILE A 41 7.34 2.57 -4.51
C ILE A 41 7.67 3.82 -3.67
N ASN A 42 6.84 4.09 -2.67
CA ASN A 42 7.02 5.22 -1.75
C ASN A 42 7.18 6.55 -2.49
N THR A 43 6.05 7.14 -2.87
CA THR A 43 6.06 8.43 -3.53
C THR A 43 4.65 8.97 -3.69
N PRO A 44 4.32 10.07 -3.00
CA PRO A 44 3.07 10.79 -3.21
C PRO A 44 3.10 11.52 -4.55
N THR A 45 1.93 11.75 -5.13
CA THR A 45 1.88 12.43 -6.41
C THR A 45 1.62 13.91 -6.20
N ASP A 46 1.74 14.68 -7.27
CA ASP A 46 1.48 16.12 -7.20
C ASP A 46 -0.01 16.39 -7.25
N LEU A 47 -0.80 15.32 -7.22
CA LEU A 47 -2.24 15.41 -7.33
C LEU A 47 -2.91 14.99 -6.04
N SER A 48 -4.16 15.36 -5.87
CA SER A 48 -4.92 15.01 -4.67
C SER A 48 -6.09 14.13 -5.05
N VAL A 49 -6.63 13.41 -4.07
CA VAL A 49 -7.77 12.53 -4.30
C VAL A 49 -9.02 13.35 -4.64
N LEU A 50 -9.12 14.54 -4.06
CA LEU A 50 -10.27 15.40 -4.29
C LEU A 50 -10.20 16.04 -5.67
N GLU A 51 -8.98 16.29 -6.15
CA GLU A 51 -8.80 16.83 -7.49
C GLU A 51 -9.43 15.89 -8.50
N LEU A 52 -9.06 14.62 -8.43
CA LEU A 52 -9.62 13.59 -9.30
C LEU A 52 -11.14 13.56 -9.22
N LEU A 53 -11.66 13.66 -8.00
CA LEU A 53 -13.10 13.64 -7.77
C LEU A 53 -13.78 14.82 -8.46
N THR A 54 -13.22 16.02 -8.31
CA THR A 54 -13.80 17.20 -8.91
C THR A 54 -13.56 17.21 -10.43
N ARG A 55 -12.43 16.66 -10.84
CA ARG A 55 -12.01 16.66 -12.24
C ARG A 55 -12.93 15.80 -13.08
N MET A 56 -13.41 14.71 -12.50
CA MET A 56 -14.32 13.80 -13.20
C MET A 56 -15.75 13.94 -12.67
N ASP A 57 -15.93 14.85 -11.71
CA ASP A 57 -17.22 15.09 -11.05
C ASP A 57 -17.69 13.84 -10.31
N PHE A 58 -17.49 13.83 -9.00
CA PHE A 58 -17.78 12.66 -8.18
C PHE A 58 -19.26 12.58 -7.82
N GLN A 59 -19.71 11.37 -7.53
CA GLN A 59 -21.07 11.13 -7.08
C GLN A 59 -21.32 11.84 -5.75
N MET A 60 -22.41 12.59 -5.68
CA MET A 60 -22.69 13.39 -4.49
C MET A 60 -23.19 12.53 -3.33
N ALA A 61 -22.24 12.04 -2.55
CA ALA A 61 -22.54 11.30 -1.33
C ALA A 61 -21.58 11.73 -0.22
N LYS A 62 -20.85 12.79 -0.50
CA LYS A 62 -19.86 13.31 0.43
C LYS A 62 -19.67 14.81 0.16
N PRO A 63 -19.69 15.64 1.22
CA PRO A 63 -19.49 17.09 1.09
C PRO A 63 -18.15 17.46 0.44
N ARG A 64 -18.05 18.70 -0.02
CA ARG A 64 -16.89 19.18 -0.77
C ARG A 64 -15.63 19.16 0.09
N ILE A 65 -15.65 19.95 1.18
CA ILE A 65 -14.47 20.18 2.01
C ILE A 65 -13.44 21.01 1.25
N TYR A 66 -13.28 22.25 1.66
CA TYR A 66 -12.40 23.18 0.96
C TYR A 66 -11.07 23.33 1.69
N THR A 67 -9.98 23.11 0.94
CA THR A 67 -8.62 23.34 1.45
C THR A 67 -8.27 22.41 2.61
N GLN A 68 -8.77 21.18 2.53
CA GLN A 68 -8.38 20.12 3.46
C GLN A 68 -8.24 18.83 2.68
N ASP A 69 -7.79 18.98 1.45
CA ASP A 69 -7.68 17.87 0.51
C ASP A 69 -6.53 16.95 0.88
N GLN A 70 -6.71 15.67 0.62
CA GLN A 70 -5.67 14.70 0.84
C GLN A 70 -4.98 14.37 -0.47
N MET A 71 -3.66 14.43 -0.47
CA MET A 71 -2.88 14.14 -1.66
C MET A 71 -2.83 12.64 -1.91
N VAL A 72 -3.01 12.25 -3.16
CA VAL A 72 -3.03 10.84 -3.51
C VAL A 72 -1.62 10.37 -3.84
N LEU A 73 -1.28 9.16 -3.43
CA LEU A 73 0.04 8.62 -3.66
C LEU A 73 0.07 7.77 -4.91
N ASN A 74 1.26 7.55 -5.42
CA ASN A 74 1.45 6.73 -6.61
C ASN A 74 1.71 5.30 -6.19
N GLY A 75 1.01 4.37 -6.82
CA GLY A 75 1.20 2.97 -6.48
C GLY A 75 2.32 2.35 -7.29
N GLY A 76 2.57 2.92 -8.46
CA GLY A 76 3.59 2.39 -9.33
C GLY A 76 3.32 2.74 -10.78
N PRO A 77 4.21 2.39 -11.70
CA PRO A 77 4.08 2.72 -13.12
C PRO A 77 3.01 1.87 -13.82
N VAL A 78 2.65 0.76 -13.20
CA VAL A 78 1.71 -0.19 -13.81
C VAL A 78 0.29 0.02 -13.28
N ASN A 79 -0.69 -0.16 -14.16
CA ASN A 79 -2.11 -0.11 -13.79
C ASN A 79 -2.53 1.26 -13.26
N GLN A 80 -1.89 2.30 -13.77
CA GLN A 80 -2.14 3.66 -13.31
C GLN A 80 -3.51 4.18 -13.75
N ASP A 81 -4.16 3.43 -14.64
CA ASP A 81 -5.48 3.82 -15.12
C ASP A 81 -6.55 3.41 -14.12
N ARG A 82 -6.12 2.80 -13.02
CA ARG A 82 -7.05 2.32 -12.00
C ARG A 82 -6.73 2.93 -10.66
N GLY A 83 -7.77 3.40 -9.98
CA GLY A 83 -7.60 3.91 -8.64
C GLY A 83 -7.74 2.80 -7.62
N PHE A 84 -6.65 2.44 -6.98
CA PHE A 84 -6.65 1.36 -6.01
C PHE A 84 -6.91 1.90 -4.62
N ILE A 85 -7.92 1.37 -3.96
CA ILE A 85 -8.23 1.75 -2.60
C ILE A 85 -8.19 0.53 -1.68
N VAL A 86 -7.20 0.53 -0.80
CA VAL A 86 -7.05 -0.54 0.18
C VAL A 86 -7.81 -0.15 1.45
N HIS A 87 -8.89 -0.86 1.75
CA HIS A 87 -9.75 -0.49 2.86
C HIS A 87 -10.19 -1.71 3.66
N SER A 88 -10.71 -1.47 4.85
CA SER A 88 -11.26 -2.54 5.67
C SER A 88 -12.68 -2.85 5.21
N LYS A 89 -13.16 -4.04 5.55
CA LYS A 89 -14.53 -4.42 5.23
C LYS A 89 -15.47 -3.97 6.33
N THR A 90 -16.64 -3.50 5.94
CA THR A 90 -17.65 -3.11 6.91
C THR A 90 -18.62 -4.28 7.12
N ASP A 91 -19.72 -4.04 7.83
CA ASP A 91 -20.70 -5.07 8.07
C ASP A 91 -21.34 -5.53 6.77
N HIS A 92 -21.50 -4.58 5.86
CA HIS A 92 -22.06 -4.87 4.54
C HIS A 92 -20.98 -5.38 3.59
N GLU A 93 -21.41 -5.98 2.50
CA GLU A 93 -20.51 -6.46 1.47
C GLU A 93 -20.18 -5.33 0.50
N PHE A 94 -19.48 -5.66 -0.57
CA PHE A 94 -19.13 -4.70 -1.60
C PHE A 94 -19.46 -5.28 -2.96
N THR A 95 -19.54 -4.43 -3.98
CA THR A 95 -19.96 -4.85 -5.29
C THR A 95 -18.81 -5.50 -6.04
N HIS A 96 -17.65 -4.84 -6.02
CA HIS A 96 -16.47 -5.39 -6.65
C HIS A 96 -15.21 -5.03 -5.86
N SER A 97 -14.78 -5.96 -5.03
CA SER A 97 -13.56 -5.78 -4.27
C SER A 97 -12.72 -7.04 -4.32
N TYR A 98 -11.42 -6.88 -4.18
CA TYR A 98 -10.48 -7.99 -4.23
C TYR A 98 -10.06 -8.36 -2.82
N LYS A 99 -10.44 -9.56 -2.39
CA LYS A 99 -10.14 -10.00 -1.04
C LYS A 99 -8.67 -10.44 -0.93
N VAL A 100 -7.85 -9.58 -0.36
CA VAL A 100 -6.45 -9.89 -0.13
C VAL A 100 -6.30 -10.63 1.19
N THR A 101 -6.82 -10.03 2.25
CA THR A 101 -6.86 -10.66 3.55
C THR A 101 -8.32 -10.86 3.95
N ASP A 102 -8.56 -11.50 5.10
CA ASP A 102 -9.92 -11.76 5.52
C ASP A 102 -10.47 -10.57 6.29
N ASP A 103 -10.37 -9.40 5.67
CA ASP A 103 -10.89 -8.16 6.25
C ASP A 103 -10.56 -6.99 5.34
N ILE A 104 -9.33 -6.96 4.83
CA ILE A 104 -8.90 -5.87 3.98
C ILE A 104 -9.19 -6.20 2.52
N THR A 105 -9.92 -5.32 1.87
CA THR A 105 -10.33 -5.53 0.50
C THR A 105 -9.84 -4.40 -0.41
N LEU A 106 -9.39 -4.78 -1.59
CA LEU A 106 -8.89 -3.83 -2.58
C LEU A 106 -9.95 -3.56 -3.64
N THR A 107 -10.48 -2.35 -3.67
CA THR A 107 -11.48 -2.01 -4.66
C THR A 107 -10.84 -1.22 -5.81
N THR A 108 -11.12 -1.65 -7.03
CA THR A 108 -10.50 -1.08 -8.21
C THR A 108 -11.50 -0.36 -9.11
N SER A 109 -12.70 -0.14 -8.60
CA SER A 109 -13.77 0.44 -9.40
C SER A 109 -14.46 1.58 -8.64
N GLY A 110 -15.49 2.16 -9.25
CA GLY A 110 -16.23 3.25 -8.65
C GLY A 110 -17.07 2.80 -7.47
N ASP A 111 -16.94 1.54 -7.11
CA ASP A 111 -17.58 0.97 -5.94
C ASP A 111 -17.09 1.69 -4.68
N VAL A 112 -15.85 2.18 -4.76
CA VAL A 112 -15.25 2.97 -3.70
C VAL A 112 -16.11 4.20 -3.40
N LEU A 113 -16.63 4.82 -4.45
CA LEU A 113 -17.47 6.01 -4.33
C LEU A 113 -18.72 5.70 -3.52
N ASP A 114 -19.20 4.48 -3.64
CA ASP A 114 -20.37 4.04 -2.89
C ASP A 114 -19.96 3.63 -1.48
N SER A 115 -18.75 3.09 -1.38
CA SER A 115 -18.21 2.63 -0.11
C SER A 115 -18.17 3.75 0.92
N PHE A 116 -17.57 4.90 0.56
CA PHE A 116 -17.52 6.02 1.48
C PHE A 116 -18.70 6.96 1.28
N GLY A 117 -19.65 6.52 0.46
CA GLY A 117 -20.84 7.30 0.21
C GLY A 117 -22.04 6.74 0.94
N THR A 118 -21.80 6.24 2.15
CA THR A 118 -22.86 5.67 2.96
C THR A 118 -22.53 5.83 4.43
N GLN A 119 -23.51 5.63 5.30
CA GLN A 119 -23.32 5.81 6.74
C GLN A 119 -22.38 4.76 7.30
N THR A 120 -22.27 3.64 6.60
CA THR A 120 -21.36 2.58 7.00
C THR A 120 -20.13 2.55 6.10
N ALA A 121 -19.61 3.74 5.81
CA ALA A 121 -18.37 3.90 5.08
C ALA A 121 -17.19 3.32 5.87
N PRO A 122 -16.25 2.66 5.19
CA PRO A 122 -15.04 2.13 5.83
C PRO A 122 -14.12 3.27 6.26
N GLU A 123 -13.78 3.29 7.54
CA GLU A 123 -12.97 4.36 8.09
C GLU A 123 -11.51 4.21 7.70
N LYS A 124 -11.08 2.97 7.48
CA LYS A 124 -9.68 2.68 7.25
C LYS A 124 -9.45 2.37 5.79
N PHE A 125 -8.86 3.31 5.07
CA PHE A 125 -8.55 3.09 3.66
C PHE A 125 -7.42 4.01 3.19
N ILE A 126 -6.62 3.49 2.27
CA ILE A 126 -5.58 4.27 1.61
C ILE A 126 -5.79 4.22 0.10
N VAL A 127 -5.53 5.33 -0.58
CA VAL A 127 -5.75 5.42 -2.01
C VAL A 127 -4.44 5.61 -2.77
N CYS A 128 -4.24 4.81 -3.81
CA CYS A 128 -3.05 4.91 -4.64
C CYS A 128 -3.40 4.65 -6.10
N LEU A 129 -2.78 5.41 -7.00
CA LEU A 129 -2.99 5.23 -8.43
C LEU A 129 -1.93 4.31 -9.00
N GLY A 130 -2.38 3.20 -9.57
CA GLY A 130 -1.45 2.21 -10.11
C GLY A 130 -0.83 1.35 -9.02
N CYS A 131 0.03 0.43 -9.43
CA CYS A 131 0.77 -0.41 -8.49
C CYS A 131 2.14 -0.75 -9.08
N SER A 132 2.99 -1.32 -8.25
CA SER A 132 4.33 -1.69 -8.67
C SER A 132 4.42 -3.21 -8.81
N THR A 133 4.87 -3.67 -9.96
CA THR A 133 4.95 -5.10 -10.20
C THR A 133 6.39 -5.57 -10.36
N TRP A 134 6.80 -6.48 -9.48
CA TRP A 134 8.11 -7.11 -9.56
C TRP A 134 7.98 -8.49 -10.18
N LYS A 135 8.89 -8.81 -11.09
CA LYS A 135 8.82 -10.06 -11.83
C LYS A 135 9.43 -11.22 -11.03
N PRO A 136 8.88 -12.45 -11.21
CA PRO A 136 9.37 -13.66 -10.55
C PRO A 136 10.78 -14.06 -11.02
N HIS A 137 11.76 -13.30 -10.55
CA HIS A 137 13.19 -13.50 -10.84
C HIS A 137 13.94 -12.26 -10.40
N GLN A 138 13.22 -11.15 -10.36
CA GLN A 138 13.78 -9.87 -9.94
C GLN A 138 13.75 -9.75 -8.42
N LEU A 139 12.54 -9.66 -7.86
CA LEU A 139 12.36 -9.41 -6.43
C LEU A 139 12.99 -10.50 -5.57
N GLU A 140 12.76 -11.76 -5.95
CA GLU A 140 13.23 -12.89 -5.15
C GLU A 140 14.76 -12.88 -5.03
N GLN A 141 15.44 -12.60 -6.13
CA GLN A 141 16.90 -12.54 -6.12
C GLN A 141 17.39 -11.34 -5.31
N GLU A 142 16.65 -10.24 -5.37
CA GLU A 142 16.97 -9.06 -4.57
C GLU A 142 16.85 -9.37 -3.08
N ILE A 143 15.75 -10.02 -2.71
CA ILE A 143 15.53 -10.43 -1.32
C ILE A 143 16.62 -11.42 -0.88
N ALA A 144 16.97 -12.35 -1.77
CA ALA A 144 17.99 -13.34 -1.50
C ALA A 144 19.34 -12.69 -1.24
N GLN A 145 19.63 -11.62 -1.96
CA GLN A 145 20.88 -10.88 -1.77
C GLN A 145 20.77 -9.90 -0.60
N ASN A 146 19.65 -9.99 0.12
CA ASN A 146 19.40 -9.18 1.31
C ASN A 146 19.24 -7.70 0.96
N TYR A 147 18.60 -7.42 -0.17
CA TYR A 147 18.25 -6.06 -0.53
C TYR A 147 16.92 -5.68 0.13
N TRP A 148 15.95 -6.56 0.00
CA TRP A 148 14.63 -6.34 0.58
C TRP A 148 14.42 -7.24 1.79
N LEU A 149 13.98 -6.66 2.89
CA LEU A 149 13.72 -7.42 4.11
C LEU A 149 12.26 -7.87 4.12
N LEU A 150 12.02 -9.14 3.83
CA LEU A 150 10.66 -9.66 3.75
C LEU A 150 10.13 -10.02 5.14
N SER A 151 8.91 -9.60 5.43
CA SER A 151 8.26 -9.92 6.69
C SER A 151 6.75 -10.10 6.46
N GLU A 152 6.04 -10.55 7.50
CA GLU A 152 4.62 -10.84 7.38
C GLU A 152 3.75 -9.68 7.84
N ALA A 153 2.56 -9.62 7.29
CA ALA A 153 1.55 -8.67 7.72
C ALA A 153 0.33 -9.43 8.21
N ASN A 154 0.12 -9.41 9.52
CA ASN A 154 -0.89 -10.25 10.16
C ASN A 154 -2.30 -9.68 10.02
N ASN A 155 -2.67 -9.31 8.80
CA ASN A 155 -4.02 -8.82 8.47
C ASN A 155 -4.33 -7.50 9.18
N GLN A 156 -4.58 -7.58 10.48
CA GLN A 156 -4.89 -6.41 11.29
C GLN A 156 -3.74 -5.42 11.30
N THR A 157 -2.54 -5.93 11.07
CA THR A 157 -1.33 -5.11 11.04
C THR A 157 -1.46 -3.92 10.08
N LEU A 158 -2.26 -4.10 9.04
CA LEU A 158 -2.39 -3.08 8.00
C LEU A 158 -2.98 -1.77 8.53
N PHE A 159 -4.02 -1.86 9.36
CA PHE A 159 -4.71 -0.66 9.82
C PHE A 159 -4.98 -0.65 11.33
N GLU A 160 -4.63 -1.74 12.01
CA GLU A 160 -4.90 -1.85 13.44
C GLU A 160 -3.62 -1.96 14.26
N THR A 161 -2.63 -2.68 13.74
CA THR A 161 -1.39 -2.90 14.47
C THR A 161 -0.35 -1.85 14.08
N SER A 162 0.00 -0.98 15.03
CA SER A 162 0.96 0.09 14.82
C SER A 162 0.41 1.10 13.82
N TYR A 163 -0.28 2.11 14.35
CA TYR A 163 -0.95 3.09 13.50
C TYR A 163 0.08 4.00 12.83
N LEU A 164 0.90 4.67 13.63
CA LEU A 164 2.00 5.45 13.09
C LEU A 164 3.05 5.74 14.17
N ASP A 165 2.66 6.54 15.17
CA ASP A 165 3.56 6.99 16.25
C ASP A 165 4.74 7.81 15.71
N ARG A 166 5.64 7.15 14.99
CA ARG A 166 6.82 7.80 14.43
C ARG A 166 6.85 7.68 12.91
N TRP A 167 7.87 8.23 12.28
CA TRP A 167 8.00 8.19 10.83
C TRP A 167 8.74 6.93 10.37
N VAL A 168 8.67 5.89 11.20
CA VAL A 168 9.29 4.61 10.91
C VAL A 168 8.34 3.48 11.30
N GLU A 169 7.06 3.73 11.08
CA GLU A 169 5.98 2.86 11.56
C GLU A 169 6.12 1.41 11.08
N ALA A 170 6.31 1.22 9.78
CA ALA A 170 6.42 -0.12 9.21
C ALA A 170 7.68 -0.82 9.70
N ASN A 171 8.75 -0.07 9.82
CA ASN A 171 10.02 -0.61 10.29
C ASN A 171 9.93 -1.00 11.77
N GLU A 172 9.20 -0.19 12.52
CA GLU A 172 9.01 -0.40 13.96
C GLU A 172 8.27 -1.69 14.25
N MET A 173 7.42 -2.12 13.31
CA MET A 173 6.65 -3.35 13.46
C MET A 173 7.58 -4.53 13.72
N LEU A 174 8.76 -4.49 13.10
CA LEU A 174 9.73 -5.56 13.25
C LEU A 174 10.82 -5.15 14.22
N GLY A 175 11.45 -4.02 13.94
CA GLY A 175 12.57 -3.56 14.72
C GLY A 175 13.52 -2.73 13.89
N ILE A 176 13.67 -1.47 14.26
CA ILE A 176 14.58 -0.56 13.59
C ILE A 176 16.00 -1.13 13.60
N SER A 177 16.46 -1.53 14.77
CA SER A 177 17.76 -2.17 14.90
C SER A 177 17.62 -3.68 14.68
N GLY A 178 18.05 -4.12 13.50
CA GLY A 178 17.98 -5.53 13.16
C GLY A 178 18.69 -5.84 11.86
N ILE A 179 17.96 -5.77 10.75
CA ILE A 179 18.50 -6.03 9.41
C ILE A 179 18.80 -7.52 9.20
N LEU A 180 18.50 -8.01 8.00
CA LEU A 180 18.75 -9.40 7.66
C LEU A 180 20.26 -9.62 7.47
N ALA A 181 20.78 -10.58 8.23
CA ALA A 181 22.21 -10.93 8.19
C ALA A 181 23.11 -9.73 8.50
N PRO A 182 23.11 -9.28 9.76
CA PRO A 182 23.95 -8.16 10.19
C PRO A 182 25.34 -8.61 10.59
N ALA A 183 25.69 -9.83 10.20
CA ALA A 183 26.99 -10.39 10.54
C ALA A 183 27.77 -10.74 9.28
N GLY A 184 28.76 -9.91 8.96
CA GLY A 184 29.57 -10.14 7.78
C GLY A 184 30.41 -8.93 7.45
N ARG A 185 31.70 -9.14 7.23
CA ARG A 185 32.61 -8.06 6.91
C ARG A 185 32.58 -7.77 5.40
N ALA A 186 33.48 -8.43 4.69
CA ALA A 186 33.58 -8.30 3.24
C ALA A 186 34.58 -9.31 2.71
N LEU A 187 34.25 -10.59 2.83
CA LEU A 187 35.14 -11.64 2.38
C LEU A 187 35.10 -11.76 0.86
N GLU A 188 36.24 -11.53 0.25
CA GLU A 188 36.34 -11.53 -1.19
C GLU A 188 37.30 -12.61 -1.63
N MET A 1 11.14 -20.09 -3.00
CA MET A 1 9.84 -20.69 -2.60
C MET A 1 9.47 -20.28 -1.18
N PHE A 2 8.90 -19.08 -1.06
CA PHE A 2 8.39 -18.59 0.22
C PHE A 2 6.89 -18.84 0.32
N GLY A 3 6.39 -18.98 1.55
CA GLY A 3 5.01 -19.31 1.77
C GLY A 3 4.06 -18.14 1.55
N ASN A 4 3.97 -17.68 0.31
CA ASN A 4 3.03 -16.62 -0.10
C ASN A 4 3.41 -15.26 0.48
N LEU A 5 3.68 -14.32 -0.40
CA LEU A 5 3.97 -12.95 0.01
C LEU A 5 2.67 -12.16 0.17
N GLN A 6 1.58 -12.76 -0.29
CA GLN A 6 0.26 -12.16 -0.16
C GLN A 6 -0.13 -12.10 1.31
N GLY A 7 -0.51 -10.91 1.77
CA GLY A 7 -0.86 -10.73 3.17
C GLY A 7 0.34 -10.36 4.00
N LYS A 8 1.48 -10.25 3.34
CA LYS A 8 2.71 -9.85 4.00
C LYS A 8 3.17 -8.51 3.45
N PHE A 9 4.31 -8.03 3.91
CA PHE A 9 4.91 -6.83 3.35
C PHE A 9 6.42 -6.88 3.50
N ILE A 10 7.11 -6.06 2.72
CA ILE A 10 8.56 -6.01 2.78
C ILE A 10 9.03 -4.60 3.13
N ILE A 11 9.90 -4.51 4.14
CA ILE A 11 10.40 -3.23 4.60
C ILE A 11 11.42 -2.66 3.62
N ALA A 12 11.02 -1.64 2.88
CA ALA A 12 11.89 -1.00 1.92
C ALA A 12 12.86 -0.05 2.61
N THR A 13 14.09 -0.50 2.80
CA THR A 13 15.09 0.32 3.45
C THR A 13 16.09 0.85 2.42
N PRO A 14 16.02 2.16 2.11
CA PRO A 14 16.91 2.79 1.15
C PRO A 14 18.34 2.90 1.67
N GLU A 15 18.56 3.88 2.54
CA GLU A 15 19.87 4.10 3.12
C GLU A 15 19.72 4.75 4.49
N MET A 16 19.51 3.91 5.50
CA MET A 16 19.27 4.34 6.88
C MET A 16 17.95 5.11 6.99
N ASP A 17 17.94 6.36 6.54
CA ASP A 17 16.74 7.17 6.55
C ASP A 17 16.88 8.31 5.54
N ASP A 18 15.76 8.86 5.12
CA ASP A 18 15.75 9.93 4.13
C ASP A 18 14.37 10.60 4.11
N GLU A 19 13.45 10.00 3.38
CA GLU A 19 12.03 10.35 3.47
C GLU A 19 11.23 9.11 3.84
N TYR A 20 11.99 8.13 4.34
CA TYR A 20 11.46 6.83 4.79
C TYR A 20 10.37 7.01 5.84
N PHE A 21 10.54 8.02 6.69
CA PHE A 21 9.61 8.27 7.79
C PHE A 21 8.22 8.65 7.30
N ASP A 22 8.12 9.11 6.06
CA ASP A 22 6.84 9.63 5.55
C ASP A 22 6.12 8.57 4.74
N ARG A 23 5.45 7.66 5.45
CA ARG A 23 4.58 6.65 4.85
C ARG A 23 5.36 5.72 3.91
N THR A 24 5.93 4.67 4.48
CA THR A 24 6.74 3.73 3.72
C THR A 24 6.14 2.32 3.75
N VAL A 25 5.76 1.82 2.56
CA VAL A 25 5.30 0.44 2.39
C VAL A 25 3.93 0.20 3.04
N ILE A 26 3.17 -0.76 2.52
CA ILE A 26 1.94 -1.16 3.14
C ILE A 26 1.79 -2.69 3.17
N TYR A 27 1.84 -3.33 2.00
CA TYR A 27 1.77 -4.79 1.93
C TYR A 27 1.90 -5.30 0.50
N ILE A 28 1.93 -6.61 0.36
CA ILE A 28 1.98 -7.28 -0.94
C ILE A 28 0.60 -7.86 -1.26
N CYS A 29 0.09 -7.53 -2.44
CA CYS A 29 -1.26 -7.90 -2.82
C CYS A 29 -1.34 -9.34 -3.32
N GLU A 30 -0.51 -9.69 -4.30
CA GLU A 30 -0.58 -11.00 -4.92
C GLU A 30 0.79 -11.63 -5.09
N HIS A 31 0.78 -12.94 -5.27
CA HIS A 31 1.97 -13.72 -5.48
C HIS A 31 1.60 -15.10 -6.03
N ASN A 32 2.35 -15.54 -7.04
CA ASN A 32 2.20 -16.86 -7.67
C ASN A 32 1.16 -16.81 -8.77
N ASP A 33 0.09 -16.07 -8.54
CA ASP A 33 -0.88 -15.81 -9.59
C ASP A 33 -0.30 -14.81 -10.58
N ASN A 34 0.25 -15.34 -11.68
CA ASN A 34 0.88 -14.55 -12.74
C ASN A 34 2.27 -14.06 -12.33
N GLY A 35 2.43 -13.67 -11.07
CA GLY A 35 3.70 -13.15 -10.60
C GLY A 35 3.63 -12.67 -9.17
N THR A 36 4.31 -11.57 -8.87
CA THR A 36 4.23 -10.99 -7.54
C THR A 36 3.82 -9.52 -7.64
N ILE A 37 2.62 -9.21 -7.15
CA ILE A 37 2.10 -7.86 -7.23
C ILE A 37 2.04 -7.21 -5.85
N GLY A 38 2.72 -6.10 -5.69
CA GLY A 38 2.72 -5.41 -4.42
C GLY A 38 2.93 -3.93 -4.57
N VAL A 39 2.77 -3.20 -3.48
CA VAL A 39 3.00 -1.76 -3.48
C VAL A 39 3.95 -1.36 -2.37
N ILE A 40 5.24 -1.34 -2.69
CA ILE A 40 6.29 -1.08 -1.71
C ILE A 40 7.33 -0.09 -2.25
N ILE A 41 6.96 0.64 -3.30
CA ILE A 41 7.88 1.57 -3.94
C ILE A 41 8.27 2.70 -2.99
N ASN A 42 7.36 3.05 -2.07
CA ASN A 42 7.61 4.08 -1.05
C ASN A 42 7.95 5.44 -1.68
N THR A 43 6.91 6.17 -2.06
CA THR A 43 7.07 7.50 -2.61
C THR A 43 5.72 8.15 -2.88
N PRO A 44 5.47 9.31 -2.25
CA PRO A 44 4.29 10.12 -2.56
C PRO A 44 4.50 10.91 -3.84
N THR A 45 3.42 11.25 -4.53
CA THR A 45 3.54 11.96 -5.78
C THR A 45 3.23 13.45 -5.57
N ASP A 46 3.34 14.23 -6.63
CA ASP A 46 3.00 15.64 -6.59
C ASP A 46 1.49 15.83 -6.72
N LEU A 47 0.82 14.80 -7.21
CA LEU A 47 -0.60 14.85 -7.46
C LEU A 47 -1.38 14.63 -6.16
N SER A 48 -2.56 15.21 -6.08
CA SER A 48 -3.38 15.11 -4.88
C SER A 48 -4.51 14.11 -5.10
N VAL A 49 -4.96 13.47 -4.03
CA VAL A 49 -6.09 12.53 -4.13
C VAL A 49 -7.36 13.30 -4.51
N LEU A 50 -7.42 14.56 -4.08
CA LEU A 50 -8.55 15.42 -4.40
C LEU A 50 -8.49 15.84 -5.87
N GLU A 51 -7.27 15.88 -6.40
CA GLU A 51 -7.05 16.27 -7.78
C GLU A 51 -7.57 15.20 -8.73
N LEU A 52 -7.30 13.94 -8.44
CA LEU A 52 -7.77 12.85 -9.28
C LEU A 52 -9.28 12.72 -9.22
N LEU A 53 -9.85 12.99 -8.04
CA LEU A 53 -11.30 12.95 -7.87
C LEU A 53 -11.98 14.03 -8.70
N THR A 54 -11.47 15.25 -8.62
CA THR A 54 -12.03 16.37 -9.37
C THR A 54 -11.76 16.21 -10.87
N ARG A 55 -10.64 15.56 -11.19
CA ARG A 55 -10.27 15.30 -12.57
C ARG A 55 -11.31 14.41 -13.25
N MET A 56 -11.95 13.55 -12.46
CA MET A 56 -13.01 12.71 -12.97
C MET A 56 -14.33 13.45 -12.97
N ASP A 57 -15.09 13.31 -11.88
CA ASP A 57 -16.42 13.93 -11.80
C ASP A 57 -16.87 14.02 -10.34
N PHE A 58 -15.91 14.15 -9.44
CA PHE A 58 -16.21 14.31 -8.02
C PHE A 58 -15.92 15.74 -7.61
N GLN A 59 -16.96 16.51 -7.35
CA GLN A 59 -16.79 17.94 -7.08
C GLN A 59 -17.66 18.40 -5.91
N MET A 60 -18.34 17.45 -5.27
CA MET A 60 -19.21 17.78 -4.14
C MET A 60 -19.23 16.63 -3.13
N ALA A 61 -19.69 16.95 -1.92
CA ALA A 61 -19.89 15.97 -0.85
C ALA A 61 -18.59 15.56 -0.15
N LYS A 62 -18.64 15.55 1.18
CA LYS A 62 -17.55 15.08 2.03
C LYS A 62 -16.28 15.92 1.81
N PRO A 63 -16.27 17.15 2.33
CA PRO A 63 -15.14 18.06 2.18
C PRO A 63 -14.20 18.04 3.39
N ARG A 64 -12.93 17.74 3.14
CA ARG A 64 -11.91 17.83 4.19
C ARG A 64 -11.43 19.26 4.31
N ILE A 65 -12.39 20.15 4.60
CA ILE A 65 -12.15 21.59 4.62
C ILE A 65 -11.75 22.07 3.23
N TYR A 66 -10.44 22.02 2.97
CA TYR A 66 -9.85 22.33 1.66
C TYR A 66 -8.36 22.53 1.85
N THR A 67 -8.00 22.89 3.08
CA THR A 67 -6.60 23.10 3.45
C THR A 67 -5.87 21.78 3.58
N GLN A 68 -6.59 20.73 3.98
CA GLN A 68 -6.00 19.41 4.12
C GLN A 68 -5.80 18.78 2.75
N ASP A 69 -4.63 18.99 2.19
CA ASP A 69 -4.31 18.45 0.87
C ASP A 69 -3.54 17.15 1.02
N GLN A 70 -4.14 16.07 0.57
CA GLN A 70 -3.49 14.76 0.62
C GLN A 70 -2.95 14.36 -0.72
N MET A 71 -1.64 14.25 -0.80
CA MET A 71 -0.97 13.88 -2.03
C MET A 71 -0.98 12.36 -2.19
N VAL A 72 -1.49 11.91 -3.31
CA VAL A 72 -1.60 10.48 -3.57
C VAL A 72 -0.21 9.87 -3.77
N LEU A 73 -0.01 8.65 -3.31
CA LEU A 73 1.27 8.00 -3.42
C LEU A 73 1.30 7.09 -4.64
N ASN A 74 2.50 6.82 -5.12
CA ASN A 74 2.68 5.96 -6.28
C ASN A 74 2.69 4.50 -5.84
N GLY A 75 2.18 3.62 -6.67
CA GLY A 75 2.18 2.22 -6.35
C GLY A 75 3.24 1.46 -7.12
N GLY A 76 3.60 1.99 -8.28
CA GLY A 76 4.60 1.36 -9.11
C GLY A 76 4.44 1.74 -10.56
N PRO A 77 5.45 1.45 -11.41
CA PRO A 77 5.45 1.82 -12.82
C PRO A 77 4.39 1.08 -13.64
N VAL A 78 3.90 -0.04 -13.11
CA VAL A 78 2.93 -0.86 -13.83
C VAL A 78 1.51 -0.49 -13.44
N ASN A 79 0.64 -0.31 -14.45
CA ASN A 79 -0.76 0.04 -14.24
C ASN A 79 -0.88 1.42 -13.57
N GLN A 80 0.07 2.29 -13.85
CA GLN A 80 0.15 3.61 -13.21
C GLN A 80 -0.98 4.52 -13.67
N ASP A 81 -1.68 4.10 -14.72
CA ASP A 81 -2.79 4.88 -15.25
C ASP A 81 -4.04 4.69 -14.41
N ARG A 82 -3.98 3.77 -13.46
CA ARG A 82 -5.15 3.41 -12.69
C ARG A 82 -4.87 3.49 -11.20
N GLY A 83 -5.83 4.01 -10.45
CA GLY A 83 -5.69 4.11 -9.02
C GLY A 83 -6.34 2.95 -8.32
N PHE A 84 -5.62 2.36 -7.39
CA PHE A 84 -6.13 1.23 -6.63
C PHE A 84 -6.45 1.69 -5.20
N ILE A 85 -7.67 1.44 -4.76
CA ILE A 85 -8.09 1.90 -3.44
C ILE A 85 -8.47 0.73 -2.55
N VAL A 86 -7.60 0.43 -1.60
CA VAL A 86 -7.84 -0.65 -0.66
C VAL A 86 -8.55 -0.10 0.57
N HIS A 87 -9.53 -0.83 1.08
CA HIS A 87 -10.29 -0.37 2.24
C HIS A 87 -10.79 -1.56 3.06
N SER A 88 -11.05 -1.32 4.34
CA SER A 88 -11.57 -2.36 5.21
C SER A 88 -13.05 -2.60 4.94
N LYS A 89 -13.61 -3.64 5.54
CA LYS A 89 -15.00 -3.98 5.33
C LYS A 89 -15.91 -3.07 6.15
N THR A 90 -16.72 -2.30 5.46
CA THR A 90 -17.73 -1.47 6.11
C THR A 90 -19.00 -1.51 5.29
N ASP A 91 -18.84 -1.37 3.98
CA ASP A 91 -19.94 -1.55 3.04
C ASP A 91 -19.87 -2.98 2.51
N HIS A 92 -20.94 -3.44 1.87
CA HIS A 92 -21.01 -4.80 1.39
C HIS A 92 -21.13 -4.82 -0.13
N GLU A 93 -20.84 -3.68 -0.74
CA GLU A 93 -20.95 -3.53 -2.17
C GLU A 93 -19.57 -3.63 -2.82
N PHE A 94 -19.59 -3.86 -4.13
CA PHE A 94 -18.37 -4.03 -4.93
C PHE A 94 -18.73 -4.36 -6.38
N THR A 95 -18.18 -3.61 -7.31
CA THR A 95 -18.35 -3.90 -8.72
C THR A 95 -17.13 -4.66 -9.25
N HIS A 96 -15.95 -4.13 -8.95
CA HIS A 96 -14.70 -4.79 -9.31
C HIS A 96 -13.74 -4.72 -8.13
N SER A 97 -13.61 -5.84 -7.44
CA SER A 97 -12.77 -5.90 -6.26
C SER A 97 -11.92 -7.15 -6.23
N TYR A 98 -10.78 -7.06 -5.56
CA TYR A 98 -9.97 -8.22 -5.28
C TYR A 98 -10.04 -8.51 -3.78
N LYS A 99 -10.17 -9.78 -3.44
CA LYS A 99 -10.27 -10.18 -2.05
C LYS A 99 -8.90 -10.48 -1.47
N VAL A 100 -8.40 -9.57 -0.64
CA VAL A 100 -7.18 -9.82 0.09
C VAL A 100 -7.50 -10.70 1.28
N THR A 101 -8.44 -10.24 2.09
CA THR A 101 -9.01 -11.03 3.17
C THR A 101 -10.52 -10.92 3.11
N ASP A 102 -11.22 -11.50 4.06
CA ASP A 102 -12.67 -11.42 4.10
C ASP A 102 -13.12 -10.03 4.55
N ASP A 103 -12.19 -9.26 5.08
CA ASP A 103 -12.47 -7.89 5.49
C ASP A 103 -11.86 -6.91 4.50
N ILE A 104 -10.54 -6.98 4.34
CA ILE A 104 -9.81 -6.04 3.50
C ILE A 104 -10.19 -6.23 2.04
N THR A 105 -10.67 -5.17 1.41
CA THR A 105 -11.17 -5.23 0.05
C THR A 105 -10.51 -4.18 -0.83
N LEU A 106 -9.91 -4.63 -1.92
CA LEU A 106 -9.35 -3.73 -2.92
C LEU A 106 -10.35 -3.52 -4.04
N THR A 107 -10.82 -2.29 -4.20
CA THR A 107 -11.82 -1.99 -5.21
C THR A 107 -11.27 -1.01 -6.23
N THR A 108 -11.36 -1.37 -7.50
CA THR A 108 -10.83 -0.55 -8.59
C THR A 108 -11.93 0.31 -9.22
N SER A 109 -13.17 0.03 -8.85
CA SER A 109 -14.30 0.78 -9.37
C SER A 109 -14.68 1.89 -8.38
N GLY A 110 -15.71 2.66 -8.75
CA GLY A 110 -16.10 3.81 -7.94
C GLY A 110 -16.83 3.43 -6.67
N ASP A 111 -16.92 2.13 -6.42
CA ASP A 111 -17.59 1.60 -5.22
C ASP A 111 -17.02 2.21 -3.97
N VAL A 112 -15.70 2.36 -3.93
CA VAL A 112 -15.03 2.91 -2.77
C VAL A 112 -15.56 4.30 -2.42
N LEU A 113 -15.63 5.15 -3.44
CA LEU A 113 -16.13 6.51 -3.27
C LEU A 113 -17.62 6.48 -2.97
N ASP A 114 -18.30 5.52 -3.59
CA ASP A 114 -19.73 5.33 -3.39
C ASP A 114 -20.03 5.05 -1.92
N SER A 115 -19.26 4.16 -1.32
CA SER A 115 -19.42 3.85 0.10
C SER A 115 -19.05 5.05 0.96
N PHE A 116 -17.95 5.69 0.62
CA PHE A 116 -17.40 6.75 1.45
C PHE A 116 -18.31 7.99 1.45
N GLY A 117 -19.10 8.14 0.40
CA GLY A 117 -20.01 9.25 0.32
C GLY A 117 -21.38 8.95 0.90
N THR A 118 -21.52 7.78 1.53
CA THR A 118 -22.80 7.38 2.09
C THR A 118 -22.64 6.94 3.55
N GLN A 119 -23.63 6.22 4.06
CA GLN A 119 -23.65 5.80 5.46
C GLN A 119 -22.78 4.56 5.68
N THR A 120 -22.17 4.08 4.62
CA THR A 120 -21.33 2.88 4.70
C THR A 120 -19.87 3.21 4.43
N ALA A 121 -19.50 4.46 4.70
CA ALA A 121 -18.13 4.93 4.53
C ALA A 121 -17.14 4.15 5.39
N PRO A 122 -16.11 3.56 4.77
CA PRO A 122 -15.05 2.84 5.47
C PRO A 122 -13.98 3.78 6.01
N GLU A 123 -13.65 3.64 7.29
CA GLU A 123 -12.65 4.48 7.94
C GLU A 123 -11.25 4.22 7.40
N LYS A 124 -10.99 2.97 7.06
CA LYS A 124 -9.65 2.57 6.68
C LYS A 124 -9.58 2.38 5.17
N PHE A 125 -8.88 3.29 4.48
CA PHE A 125 -8.75 3.21 3.02
C PHE A 125 -7.45 3.88 2.57
N ILE A 126 -6.83 3.32 1.55
CA ILE A 126 -5.63 3.89 0.95
C ILE A 126 -5.71 3.83 -0.56
N VAL A 127 -5.13 4.81 -1.23
CA VAL A 127 -5.15 4.86 -2.69
C VAL A 127 -3.74 5.03 -3.25
N CYS A 128 -3.39 4.20 -4.23
CA CYS A 128 -2.10 4.29 -4.87
C CYS A 128 -2.26 4.22 -6.39
N LEU A 129 -1.44 4.96 -7.10
CA LEU A 129 -1.46 4.96 -8.55
C LEU A 129 -0.48 3.92 -9.10
N GLY A 130 -1.01 2.85 -9.68
CA GLY A 130 -0.17 1.79 -10.20
C GLY A 130 0.24 0.79 -9.14
N CYS A 131 1.02 -0.20 -9.54
CA CYS A 131 1.55 -1.21 -8.62
C CYS A 131 2.92 -1.67 -9.09
N SER A 132 3.61 -2.42 -8.23
CA SER A 132 4.92 -2.93 -8.53
C SER A 132 4.86 -4.43 -8.79
N THR A 133 5.35 -4.86 -9.93
CA THR A 133 5.34 -6.27 -10.30
C THR A 133 6.73 -6.88 -10.23
N TRP A 134 6.85 -7.98 -9.50
CA TRP A 134 8.09 -8.72 -9.42
C TRP A 134 7.90 -10.11 -10.03
N LYS A 135 8.99 -10.64 -10.56
CA LYS A 135 8.97 -11.97 -11.15
C LYS A 135 8.91 -13.04 -10.06
N PRO A 136 8.32 -14.20 -10.34
CA PRO A 136 8.26 -15.32 -9.41
C PRO A 136 9.66 -15.76 -8.96
N HIS A 137 9.84 -15.87 -7.64
CA HIS A 137 11.11 -16.29 -7.02
C HIS A 137 12.19 -15.20 -7.13
N GLN A 138 11.90 -14.12 -7.83
CA GLN A 138 12.84 -13.02 -7.97
C GLN A 138 12.92 -12.23 -6.67
N LEU A 139 11.79 -11.72 -6.22
CA LEU A 139 11.72 -10.98 -4.96
C LEU A 139 12.09 -11.88 -3.80
N GLU A 140 11.70 -13.14 -3.90
CA GLU A 140 12.02 -14.14 -2.89
C GLU A 140 13.53 -14.24 -2.71
N GLN A 141 14.26 -14.20 -3.81
CA GLN A 141 15.71 -14.22 -3.78
C GLN A 141 16.25 -12.98 -3.11
N GLU A 142 15.74 -11.82 -3.52
CA GLU A 142 16.16 -10.54 -2.96
C GLU A 142 15.95 -10.50 -1.44
N ILE A 143 14.82 -11.05 -0.98
CA ILE A 143 14.55 -11.15 0.45
C ILE A 143 15.60 -12.02 1.14
N ALA A 144 15.93 -13.15 0.51
CA ALA A 144 16.93 -14.06 1.06
C ALA A 144 18.32 -13.41 1.08
N GLN A 145 18.57 -12.53 0.11
CA GLN A 145 19.82 -11.80 0.03
C GLN A 145 19.83 -10.61 1.00
N ASN A 146 18.78 -10.53 1.82
CA ASN A 146 18.65 -9.51 2.86
C ASN A 146 18.56 -8.10 2.29
N TYR A 147 18.09 -7.99 1.05
CA TYR A 147 17.81 -6.68 0.46
C TYR A 147 16.44 -6.19 0.88
N TRP A 148 15.62 -7.12 1.36
CA TRP A 148 14.27 -6.81 1.80
C TRP A 148 13.96 -7.50 3.11
N LEU A 149 13.33 -6.79 4.03
CA LEU A 149 12.89 -7.39 5.28
C LEU A 149 11.45 -7.85 5.16
N LEU A 150 11.16 -9.02 5.69
CA LEU A 150 9.86 -9.62 5.51
C LEU A 150 9.07 -9.67 6.82
N SER A 151 7.80 -9.33 6.73
CA SER A 151 6.90 -9.42 7.87
C SER A 151 5.46 -9.55 7.38
N GLU A 152 4.57 -10.02 8.23
CA GLU A 152 3.17 -10.18 7.85
C GLU A 152 2.40 -8.89 8.10
N ALA A 153 1.34 -8.71 7.35
CA ALA A 153 0.47 -7.55 7.50
C ALA A 153 -0.93 -7.99 7.90
N ASN A 154 -1.33 -9.13 7.32
CA ASN A 154 -2.62 -9.76 7.61
C ASN A 154 -3.78 -8.77 7.49
N ASN A 155 -4.21 -8.24 8.63
CA ASN A 155 -5.25 -7.21 8.65
C ASN A 155 -4.93 -6.15 9.70
N GLN A 156 -4.04 -6.49 10.63
CA GLN A 156 -3.72 -5.59 11.73
C GLN A 156 -2.87 -4.43 11.26
N THR A 157 -1.61 -4.70 10.97
CA THR A 157 -0.68 -3.67 10.53
C THR A 157 -1.18 -2.97 9.27
N LEU A 158 -1.95 -3.71 8.48
CA LEU A 158 -2.47 -3.21 7.22
C LEU A 158 -3.42 -2.02 7.45
N PHE A 159 -4.49 -2.23 8.22
CA PHE A 159 -5.47 -1.18 8.45
C PHE A 159 -5.88 -1.07 9.91
N GLU A 160 -6.03 -2.21 10.58
CA GLU A 160 -6.60 -2.27 11.92
C GLU A 160 -5.75 -1.50 12.94
N THR A 161 -4.45 -1.37 12.66
CA THR A 161 -3.56 -0.61 13.53
C THR A 161 -4.04 0.85 13.66
N SER A 162 -4.62 1.36 12.57
CA SER A 162 -5.23 2.69 12.55
C SER A 162 -4.28 3.81 12.98
N TYR A 163 -3.59 4.38 11.99
CA TYR A 163 -2.68 5.52 12.20
C TYR A 163 -1.43 5.11 12.95
N LEU A 164 -0.33 5.03 12.21
CA LEU A 164 0.96 4.74 12.81
C LEU A 164 1.42 5.95 13.59
N ASP A 165 1.80 7.00 12.85
CA ASP A 165 2.17 8.32 13.40
C ASP A 165 3.49 8.25 14.17
N ARG A 166 4.02 7.05 14.34
CA ARG A 166 5.30 6.84 14.96
C ARG A 166 6.37 6.58 13.89
N TRP A 167 7.51 6.03 14.29
CA TRP A 167 8.60 5.74 13.37
C TRP A 167 8.16 4.72 12.32
N VAL A 168 8.41 3.44 12.60
CA VAL A 168 7.98 2.36 11.72
C VAL A 168 7.75 1.09 12.51
N GLU A 169 6.49 0.75 12.73
CA GLU A 169 6.13 -0.49 13.39
C GLU A 169 6.38 -1.67 12.47
N ALA A 170 6.62 -1.36 11.20
CA ALA A 170 6.98 -2.37 10.21
C ALA A 170 8.22 -3.14 10.65
N ASN A 171 9.23 -2.41 11.11
CA ASN A 171 10.47 -3.03 11.55
C ASN A 171 10.32 -3.56 12.98
N GLU A 172 9.43 -2.93 13.74
CA GLU A 172 9.15 -3.35 15.11
C GLU A 172 8.52 -4.75 15.13
N MET A 173 7.80 -5.08 14.06
CA MET A 173 7.19 -6.39 13.90
C MET A 173 8.26 -7.48 13.82
N LEU A 174 9.43 -7.10 13.33
CA LEU A 174 10.54 -8.04 13.18
C LEU A 174 11.46 -7.96 14.38
N GLY A 175 11.85 -6.74 14.72
CA GLY A 175 12.79 -6.51 15.78
C GLY A 175 13.57 -5.24 15.53
N ILE A 176 13.44 -4.28 16.44
CA ILE A 176 14.11 -2.99 16.33
C ILE A 176 15.63 -3.17 16.20
N SER A 177 16.09 -3.18 14.96
CA SER A 177 17.49 -3.37 14.63
C SER A 177 17.64 -3.26 13.11
N GLY A 178 18.83 -3.57 12.61
CA GLY A 178 19.07 -3.54 11.19
C GLY A 178 20.06 -4.60 10.78
N ILE A 179 21.27 -4.15 10.41
CA ILE A 179 22.38 -5.04 10.07
C ILE A 179 22.16 -5.71 8.70
N LEU A 180 23.27 -5.94 7.99
CA LEU A 180 23.25 -6.40 6.61
C LEU A 180 22.60 -5.37 5.71
N ALA A 181 23.22 -4.20 5.64
CA ALA A 181 22.73 -3.11 4.82
C ALA A 181 23.90 -2.27 4.32
N PRO A 182 24.23 -2.40 3.02
CA PRO A 182 25.35 -1.69 2.44
C PRO A 182 25.12 -0.18 2.35
N ALA A 183 25.81 0.57 3.19
CA ALA A 183 25.72 2.02 3.16
C ALA A 183 26.27 2.55 1.84
N GLY A 184 25.36 2.98 0.98
CA GLY A 184 25.74 3.41 -0.35
C GLY A 184 24.71 2.97 -1.37
N ARG A 185 23.53 3.55 -1.27
CA ARG A 185 22.42 3.18 -2.14
C ARG A 185 22.59 3.79 -3.52
N ALA A 186 23.32 3.09 -4.37
CA ALA A 186 23.60 3.57 -5.71
C ALA A 186 22.59 3.01 -6.71
N LEU A 187 22.41 1.70 -6.69
CA LEU A 187 21.55 1.05 -7.67
C LEU A 187 20.25 0.57 -7.03
N GLU A 188 20.29 -0.57 -6.37
CA GLU A 188 19.11 -1.15 -5.76
C GLU A 188 19.46 -1.73 -4.40
N MET A 1 8.30 -20.80 2.85
CA MET A 1 9.28 -19.69 2.88
C MET A 1 8.62 -18.40 2.39
N PHE A 2 8.16 -18.41 1.15
CA PHE A 2 7.46 -17.25 0.59
C PHE A 2 5.96 -17.54 0.50
N GLY A 3 5.61 -18.57 -0.27
CA GLY A 3 4.23 -18.96 -0.41
C GLY A 3 3.35 -17.87 -1.02
N ASN A 4 3.73 -17.40 -2.21
CA ASN A 4 2.98 -16.40 -2.97
C ASN A 4 3.13 -15.00 -2.38
N LEU A 5 3.26 -14.91 -1.07
CA LEU A 5 3.51 -13.65 -0.36
C LEU A 5 2.28 -12.75 -0.30
N GLN A 6 1.11 -13.29 -0.62
CA GLN A 6 -0.13 -12.55 -0.42
C GLN A 6 -0.40 -12.39 1.06
N GLY A 7 -0.78 -11.19 1.48
CA GLY A 7 -1.05 -10.94 2.88
C GLY A 7 0.21 -10.95 3.72
N LYS A 8 1.31 -10.51 3.13
CA LYS A 8 2.56 -10.34 3.85
C LYS A 8 3.05 -8.91 3.63
N PHE A 9 4.21 -8.57 4.17
CA PHE A 9 4.84 -7.30 3.86
C PHE A 9 6.35 -7.41 3.94
N ILE A 10 7.04 -6.63 3.12
CA ILE A 10 8.49 -6.61 3.10
C ILE A 10 9.00 -5.22 3.45
N ILE A 11 9.92 -5.18 4.40
CA ILE A 11 10.45 -3.93 4.89
C ILE A 11 11.79 -3.62 4.23
N ALA A 12 11.97 -2.36 3.85
CA ALA A 12 13.23 -1.90 3.26
C ALA A 12 13.52 -0.48 3.72
N THR A 13 14.56 0.12 3.18
CA THR A 13 14.93 1.49 3.50
C THR A 13 15.34 1.63 4.99
N PRO A 14 16.59 1.31 5.31
CA PRO A 14 17.08 1.34 6.67
C PRO A 14 17.85 2.62 7.04
N GLU A 15 17.82 3.62 6.15
CA GLU A 15 18.57 4.86 6.37
C GLU A 15 18.26 5.92 5.33
N MET A 16 18.16 5.51 4.07
CA MET A 16 17.96 6.44 2.98
C MET A 16 16.58 6.28 2.36
N ASP A 17 15.65 7.15 2.73
CA ASP A 17 14.31 7.14 2.15
C ASP A 17 14.13 8.39 1.31
N ASP A 18 13.19 8.35 0.38
CA ASP A 18 12.94 9.50 -0.48
C ASP A 18 12.10 10.54 0.25
N GLU A 19 11.25 10.07 1.14
CA GLU A 19 10.42 10.96 1.93
C GLU A 19 11.01 11.06 3.34
N TYR A 20 10.54 10.18 4.23
CA TYR A 20 11.05 10.08 5.59
C TYR A 20 10.11 9.23 6.44
N PHE A 21 8.85 9.63 6.48
CA PHE A 21 7.89 9.02 7.39
C PHE A 21 6.48 8.90 6.77
N ASP A 22 6.27 9.58 5.66
CA ASP A 22 4.93 9.69 5.10
C ASP A 22 4.59 8.49 4.24
N ARG A 23 4.21 7.41 4.92
CA ARG A 23 3.68 6.22 4.30
C ARG A 23 4.76 5.38 3.60
N THR A 24 5.87 5.19 4.30
CA THR A 24 6.95 4.34 3.82
C THR A 24 6.66 2.86 4.11
N VAL A 25 6.36 2.10 3.05
CA VAL A 25 6.10 0.65 3.14
C VAL A 25 4.74 0.34 3.77
N ILE A 26 4.00 -0.58 3.15
CA ILE A 26 2.71 -0.97 3.69
C ILE A 26 2.51 -2.50 3.69
N TYR A 27 2.44 -3.13 2.50
CA TYR A 27 2.19 -4.59 2.43
C TYR A 27 2.21 -5.09 0.99
N ILE A 28 2.06 -6.41 0.84
CA ILE A 28 1.92 -7.04 -0.47
C ILE A 28 0.46 -7.41 -0.71
N CYS A 29 -0.03 -7.09 -1.90
CA CYS A 29 -1.45 -7.26 -2.19
C CYS A 29 -1.76 -8.71 -2.56
N GLU A 30 -1.13 -9.22 -3.61
CA GLU A 30 -1.47 -10.54 -4.12
C GLU A 30 -0.40 -11.06 -5.08
N HIS A 31 -0.35 -12.37 -5.24
CA HIS A 31 0.53 -13.01 -6.19
C HIS A 31 -0.27 -13.43 -7.41
N ASN A 32 0.23 -13.12 -8.57
CA ASN A 32 -0.37 -13.58 -9.81
C ASN A 32 0.70 -14.22 -10.68
N ASP A 33 0.29 -14.84 -11.78
CA ASP A 33 1.23 -15.48 -12.70
C ASP A 33 2.21 -14.48 -13.26
N ASN A 34 1.73 -13.27 -13.51
CA ASN A 34 2.56 -12.23 -14.12
C ASN A 34 3.58 -11.69 -13.11
N GLY A 35 3.29 -11.86 -11.83
CA GLY A 35 4.19 -11.37 -10.80
C GLY A 35 3.47 -11.13 -9.49
N THR A 36 4.21 -10.64 -8.50
CA THR A 36 3.66 -10.35 -7.20
C THR A 36 3.30 -8.86 -7.08
N ILE A 37 2.05 -8.56 -6.82
CA ILE A 37 1.57 -7.18 -6.79
C ILE A 37 1.74 -6.60 -5.39
N GLY A 38 2.56 -5.56 -5.28
CA GLY A 38 2.79 -4.93 -4.00
C GLY A 38 3.22 -3.49 -4.15
N VAL A 39 2.89 -2.68 -3.16
CA VAL A 39 3.26 -1.27 -3.19
C VAL A 39 4.21 -0.94 -2.03
N ILE A 40 5.50 -1.00 -2.32
CA ILE A 40 6.52 -0.77 -1.30
C ILE A 40 7.60 0.18 -1.80
N ILE A 41 7.33 0.86 -2.91
CA ILE A 41 8.31 1.75 -3.50
C ILE A 41 8.35 3.10 -2.78
N ASN A 42 7.22 3.47 -2.17
CA ASN A 42 7.09 4.72 -1.41
C ASN A 42 7.37 5.95 -2.27
N THR A 43 6.32 6.50 -2.87
CA THR A 43 6.45 7.73 -3.62
C THR A 43 5.11 8.46 -3.71
N PRO A 44 4.88 9.40 -2.77
CA PRO A 44 3.68 10.24 -2.78
C PRO A 44 3.84 11.43 -3.73
N THR A 45 2.73 11.97 -4.16
CA THR A 45 2.75 13.13 -5.06
C THR A 45 1.99 14.28 -4.41
N ASP A 46 2.29 15.51 -4.82
CA ASP A 46 1.65 16.68 -4.22
C ASP A 46 0.21 16.80 -4.69
N LEU A 47 -0.14 16.04 -5.70
CA LEU A 47 -1.51 15.98 -6.20
C LEU A 47 -2.38 15.25 -5.19
N SER A 48 -3.63 15.68 -5.05
CA SER A 48 -4.49 15.11 -4.03
C SER A 48 -5.54 14.19 -4.65
N VAL A 49 -6.07 13.29 -3.82
CA VAL A 49 -7.13 12.40 -4.26
C VAL A 49 -8.40 13.20 -4.57
N LEU A 50 -8.61 14.27 -3.80
CA LEU A 50 -9.73 15.18 -4.03
C LEU A 50 -9.58 15.87 -5.37
N GLU A 51 -8.34 16.19 -5.72
CA GLU A 51 -8.01 16.82 -6.98
C GLU A 51 -8.45 15.94 -8.16
N LEU A 52 -8.15 14.65 -8.05
CA LEU A 52 -8.58 13.68 -9.05
C LEU A 52 -10.10 13.63 -9.15
N LEU A 53 -10.76 13.66 -8.01
CA LEU A 53 -12.21 13.60 -7.95
C LEU A 53 -12.85 14.83 -8.58
N THR A 54 -12.29 16.00 -8.31
CA THR A 54 -12.81 17.25 -8.83
C THR A 54 -12.55 17.37 -10.33
N ARG A 55 -11.44 16.79 -10.79
CA ARG A 55 -11.11 16.78 -12.22
C ARG A 55 -12.16 16.01 -13.00
N MET A 56 -12.66 14.93 -12.39
CA MET A 56 -13.76 14.18 -12.97
C MET A 56 -15.03 15.01 -12.86
N ASP A 57 -15.70 14.88 -11.71
CA ASP A 57 -16.84 15.74 -11.35
C ASP A 57 -17.50 15.19 -10.08
N PHE A 58 -16.69 14.62 -9.20
CA PHE A 58 -17.19 14.04 -7.97
C PHE A 58 -16.65 14.79 -6.76
N GLN A 59 -17.34 15.84 -6.37
CA GLN A 59 -16.91 16.65 -5.24
C GLN A 59 -17.63 16.21 -3.97
N MET A 60 -17.11 15.16 -3.35
CA MET A 60 -17.72 14.60 -2.15
C MET A 60 -16.64 14.27 -1.11
N ALA A 61 -17.06 13.58 -0.04
CA ALA A 61 -16.18 13.23 1.09
C ALA A 61 -15.75 14.48 1.86
N LYS A 62 -14.81 15.23 1.30
CA LYS A 62 -14.37 16.48 1.90
C LYS A 62 -14.71 17.64 0.98
N PRO A 63 -15.59 18.55 1.43
CA PRO A 63 -16.05 19.69 0.64
C PRO A 63 -14.92 20.66 0.30
N ARG A 64 -14.30 20.45 -0.86
CA ARG A 64 -13.22 21.30 -1.36
C ARG A 64 -12.13 21.49 -0.31
N ILE A 65 -11.36 20.41 -0.09
CA ILE A 65 -10.27 20.39 0.88
C ILE A 65 -10.81 20.35 2.31
N TYR A 66 -11.43 21.46 2.74
CA TYR A 66 -12.02 21.57 4.08
C TYR A 66 -10.96 21.36 5.16
N THR A 67 -9.75 21.87 4.88
CA THR A 67 -8.59 21.75 5.78
C THR A 67 -8.08 20.29 5.83
N GLN A 68 -8.68 19.44 5.02
CA GLN A 68 -8.33 18.03 5.00
C GLN A 68 -7.83 17.61 3.62
N ASP A 69 -6.68 18.13 3.22
CA ASP A 69 -6.08 17.74 1.96
C ASP A 69 -5.41 16.38 2.10
N GLN A 70 -5.69 15.50 1.15
CA GLN A 70 -5.13 14.15 1.18
C GLN A 70 -4.45 13.86 -0.16
N MET A 71 -3.14 13.72 -0.11
CA MET A 71 -2.35 13.54 -1.32
C MET A 71 -2.36 12.09 -1.78
N VAL A 72 -2.27 11.90 -3.09
CA VAL A 72 -2.31 10.57 -3.67
C VAL A 72 -0.89 10.08 -3.93
N LEU A 73 -0.70 8.78 -3.82
CA LEU A 73 0.62 8.19 -4.02
C LEU A 73 0.64 7.41 -5.34
N ASN A 74 1.84 7.26 -5.88
CA ASN A 74 2.04 6.44 -7.07
C ASN A 74 2.45 5.04 -6.65
N GLY A 75 1.66 4.05 -7.05
CA GLY A 75 1.88 2.70 -6.60
C GLY A 75 2.87 1.95 -7.46
N GLY A 76 3.02 2.40 -8.69
CA GLY A 76 3.96 1.75 -9.61
C GLY A 76 3.56 1.95 -11.05
N PRO A 77 4.40 1.50 -11.99
CA PRO A 77 4.15 1.69 -13.43
C PRO A 77 3.09 0.73 -13.98
N VAL A 78 2.86 -0.37 -13.27
CA VAL A 78 1.89 -1.37 -13.71
C VAL A 78 0.49 -0.94 -13.32
N ASN A 79 -0.44 -0.99 -14.28
CA ASN A 79 -1.82 -0.55 -14.05
C ASN A 79 -1.85 0.92 -13.66
N GLN A 80 -0.87 1.66 -14.19
CA GLN A 80 -0.65 3.06 -13.83
C GLN A 80 -1.87 3.93 -14.13
N ASP A 81 -2.67 3.53 -15.11
CA ASP A 81 -3.81 4.33 -15.55
C ASP A 81 -4.98 4.20 -14.58
N ARG A 82 -4.87 3.30 -13.62
CA ARG A 82 -5.97 3.03 -12.71
C ARG A 82 -5.57 3.35 -11.27
N GLY A 83 -6.44 4.10 -10.60
CA GLY A 83 -6.21 4.42 -9.20
C GLY A 83 -6.79 3.36 -8.30
N PHE A 84 -5.94 2.71 -7.53
CA PHE A 84 -6.37 1.64 -6.64
C PHE A 84 -6.69 2.20 -5.26
N ILE A 85 -7.88 1.91 -4.78
CA ILE A 85 -8.25 2.27 -3.43
C ILE A 85 -8.44 1.02 -2.60
N VAL A 86 -7.53 0.82 -1.66
CA VAL A 86 -7.60 -0.30 -0.75
C VAL A 86 -8.36 0.10 0.50
N HIS A 87 -9.47 -0.57 0.77
CA HIS A 87 -10.28 -0.23 1.92
C HIS A 87 -10.58 -1.48 2.73
N SER A 88 -10.80 -1.30 4.03
CA SER A 88 -11.14 -2.41 4.89
C SER A 88 -12.48 -3.02 4.48
N LYS A 89 -12.68 -4.26 4.83
CA LYS A 89 -13.91 -4.95 4.52
C LYS A 89 -15.03 -4.47 5.42
N THR A 90 -16.04 -3.89 4.81
CA THR A 90 -17.21 -3.41 5.48
C THR A 90 -18.42 -3.74 4.61
N ASP A 91 -19.60 -3.80 5.18
CA ASP A 91 -20.78 -4.20 4.41
C ASP A 91 -21.09 -3.19 3.34
N HIS A 92 -21.15 -3.70 2.13
CA HIS A 92 -21.37 -2.88 0.94
C HIS A 92 -21.55 -3.80 -0.25
N GLU A 93 -22.49 -3.47 -1.12
CA GLU A 93 -22.73 -4.24 -2.33
C GLU A 93 -21.49 -4.17 -3.22
N PHE A 94 -21.38 -5.11 -4.15
CA PHE A 94 -20.18 -5.22 -4.96
C PHE A 94 -20.42 -4.73 -6.37
N THR A 95 -19.76 -3.63 -6.71
CA THR A 95 -19.78 -3.10 -8.05
C THR A 95 -18.74 -3.83 -8.90
N HIS A 96 -17.56 -3.98 -8.32
CA HIS A 96 -16.42 -4.61 -8.98
C HIS A 96 -15.32 -4.74 -7.95
N SER A 97 -15.74 -5.04 -6.73
CA SER A 97 -14.86 -5.06 -5.58
C SER A 97 -14.03 -6.34 -5.55
N TYR A 98 -12.72 -6.18 -5.48
CA TYR A 98 -11.81 -7.30 -5.51
C TYR A 98 -11.23 -7.56 -4.12
N LYS A 99 -11.18 -8.82 -3.70
CA LYS A 99 -10.61 -9.15 -2.41
C LYS A 99 -9.10 -9.33 -2.51
N VAL A 100 -8.38 -8.64 -1.64
CA VAL A 100 -6.94 -8.82 -1.51
C VAL A 100 -6.66 -10.19 -0.89
N THR A 101 -7.27 -10.40 0.27
CA THR A 101 -7.25 -11.69 0.91
C THR A 101 -8.65 -12.03 1.41
N ASP A 102 -9.28 -11.07 2.10
CA ASP A 102 -10.70 -11.13 2.44
C ASP A 102 -11.13 -9.86 3.15
N ASP A 103 -10.55 -9.61 4.32
CA ASP A 103 -10.88 -8.43 5.11
C ASP A 103 -10.24 -7.18 4.52
N ILE A 104 -9.31 -7.37 3.60
CA ILE A 104 -8.72 -6.27 2.88
C ILE A 104 -9.29 -6.24 1.46
N THR A 105 -9.87 -5.11 1.06
CA THR A 105 -10.56 -5.04 -0.21
C THR A 105 -9.90 -4.03 -1.14
N LEU A 106 -9.65 -4.47 -2.37
CA LEU A 106 -9.04 -3.63 -3.39
C LEU A 106 -10.09 -3.26 -4.43
N THR A 107 -10.23 -1.98 -4.72
CA THR A 107 -11.25 -1.56 -5.68
C THR A 107 -10.76 -0.40 -6.56
N THR A 108 -11.07 -0.50 -7.85
CA THR A 108 -10.73 0.54 -8.81
C THR A 108 -11.99 1.09 -9.50
N SER A 109 -13.15 0.60 -9.07
CA SER A 109 -14.42 0.97 -9.70
C SER A 109 -15.24 1.86 -8.77
N GLY A 110 -16.48 2.14 -9.19
CA GLY A 110 -17.37 3.05 -8.46
C GLY A 110 -17.62 2.64 -7.02
N ASP A 111 -17.30 1.40 -6.67
CA ASP A 111 -17.43 0.92 -5.28
C ASP A 111 -16.77 1.89 -4.31
N VAL A 112 -15.57 2.30 -4.66
CA VAL A 112 -14.80 3.22 -3.81
C VAL A 112 -15.54 4.56 -3.62
N LEU A 113 -16.18 5.05 -4.68
CA LEU A 113 -16.96 6.29 -4.60
C LEU A 113 -18.22 6.06 -3.80
N ASP A 114 -18.86 4.91 -4.06
CA ASP A 114 -20.13 4.56 -3.44
C ASP A 114 -19.95 4.27 -1.95
N SER A 115 -18.77 3.81 -1.60
CA SER A 115 -18.44 3.49 -0.20
C SER A 115 -18.71 4.68 0.71
N PHE A 116 -18.08 5.82 0.44
CA PHE A 116 -18.26 7.00 1.30
C PHE A 116 -19.52 7.77 0.91
N GLY A 117 -20.34 7.14 0.10
CA GLY A 117 -21.62 7.72 -0.27
C GLY A 117 -22.77 7.04 0.44
N THR A 118 -22.44 6.18 1.39
CA THR A 118 -23.46 5.48 2.16
C THR A 118 -23.07 5.47 3.63
N GLN A 119 -23.94 4.93 4.47
CA GLN A 119 -23.76 4.98 5.90
C GLN A 119 -22.77 3.92 6.37
N THR A 120 -22.39 3.02 5.47
CA THR A 120 -21.44 1.97 5.79
C THR A 120 -20.06 2.27 5.21
N ALA A 121 -19.78 3.55 5.01
CA ALA A 121 -18.46 4.00 4.57
C ALA A 121 -17.36 3.48 5.51
N PRO A 122 -16.39 2.73 4.95
CA PRO A 122 -15.29 2.16 5.74
C PRO A 122 -14.35 3.23 6.27
N GLU A 123 -13.80 2.98 7.47
CA GLU A 123 -12.89 3.92 8.12
C GLU A 123 -11.58 4.04 7.36
N LYS A 124 -11.06 2.91 6.93
CA LYS A 124 -9.71 2.84 6.38
C LYS A 124 -9.73 2.64 4.88
N PHE A 125 -9.07 3.54 4.17
CA PHE A 125 -8.95 3.43 2.73
C PHE A 125 -7.75 4.25 2.24
N ILE A 126 -6.95 3.64 1.37
CA ILE A 126 -5.79 4.32 0.80
C ILE A 126 -5.86 4.27 -0.73
N VAL A 127 -5.33 5.32 -1.37
CA VAL A 127 -5.38 5.41 -2.82
C VAL A 127 -3.99 5.52 -3.43
N CYS A 128 -3.71 4.69 -4.40
CA CYS A 128 -2.44 4.71 -5.12
C CYS A 128 -2.65 4.50 -6.61
N LEU A 129 -2.03 5.35 -7.42
CA LEU A 129 -2.12 5.23 -8.86
C LEU A 129 -1.17 4.17 -9.37
N GLY A 130 -1.72 3.10 -9.92
CA GLY A 130 -0.90 1.99 -10.38
C GLY A 130 -0.34 1.16 -9.23
N CYS A 131 0.38 0.11 -9.57
CA CYS A 131 1.03 -0.73 -8.59
C CYS A 131 2.34 -1.28 -9.14
N SER A 132 3.11 -1.94 -8.30
CA SER A 132 4.37 -2.53 -8.71
C SER A 132 4.27 -4.05 -8.67
N THR A 133 4.72 -4.70 -9.73
CA THR A 133 4.69 -6.14 -9.77
C THR A 133 6.11 -6.71 -9.76
N TRP A 134 6.44 -7.45 -8.72
CA TRP A 134 7.73 -8.08 -8.64
C TRP A 134 7.66 -9.50 -9.17
N LYS A 135 8.40 -9.75 -10.24
CA LYS A 135 8.43 -11.06 -10.88
C LYS A 135 8.93 -12.11 -9.91
N PRO A 136 8.27 -13.28 -9.88
CA PRO A 136 8.56 -14.37 -8.94
C PRO A 136 9.88 -15.10 -9.23
N HIS A 137 10.96 -14.33 -9.30
CA HIS A 137 12.29 -14.89 -9.46
C HIS A 137 13.32 -13.91 -8.90
N GLN A 138 13.28 -12.68 -9.42
CA GLN A 138 14.18 -11.64 -8.95
C GLN A 138 13.90 -11.33 -7.49
N LEU A 139 12.63 -11.38 -7.09
CA LEU A 139 12.24 -11.10 -5.71
C LEU A 139 12.94 -12.05 -4.74
N GLU A 140 13.12 -13.30 -5.16
CA GLU A 140 13.82 -14.28 -4.34
C GLU A 140 15.28 -13.86 -4.17
N GLN A 141 15.87 -13.38 -5.26
CA GLN A 141 17.24 -12.91 -5.25
C GLN A 141 17.39 -11.68 -4.35
N GLU A 142 16.48 -10.72 -4.53
CA GLU A 142 16.50 -9.48 -3.77
C GLU A 142 16.50 -9.74 -2.26
N ILE A 143 15.57 -10.59 -1.82
CA ILE A 143 15.44 -10.91 -0.41
C ILE A 143 16.63 -11.74 0.08
N ALA A 144 17.14 -12.62 -0.78
CA ALA A 144 18.28 -13.46 -0.43
C ALA A 144 19.52 -12.62 -0.19
N GLN A 145 19.64 -11.52 -0.93
CA GLN A 145 20.75 -10.61 -0.78
C GLN A 145 20.53 -9.63 0.38
N ASN A 146 19.54 -9.94 1.22
CA ASN A 146 19.27 -9.20 2.45
C ASN A 146 18.76 -7.78 2.18
N TYR A 147 18.19 -7.56 1.02
CA TYR A 147 17.71 -6.23 0.67
C TYR A 147 16.24 -6.03 1.04
N TRP A 148 15.59 -7.10 1.51
CA TRP A 148 14.18 -7.02 1.90
C TRP A 148 13.93 -7.84 3.16
N LEU A 149 13.27 -7.22 4.12
CA LEU A 149 12.89 -7.89 5.36
C LEU A 149 11.50 -8.48 5.21
N LEU A 150 11.38 -9.80 5.29
CA LEU A 150 10.10 -10.47 5.07
C LEU A 150 9.39 -10.73 6.39
N SER A 151 8.10 -10.41 6.42
CA SER A 151 7.26 -10.65 7.59
C SER A 151 5.82 -10.88 7.16
N GLU A 152 5.06 -11.60 8.00
CA GLU A 152 3.67 -11.92 7.70
C GLU A 152 2.77 -10.73 8.03
N ALA A 153 1.61 -10.69 7.38
CA ALA A 153 0.63 -9.66 7.64
C ALA A 153 -0.73 -10.29 7.96
N ASN A 154 -1.81 -9.71 7.44
CA ASN A 154 -3.18 -10.16 7.72
C ASN A 154 -3.46 -10.04 9.21
N ASN A 155 -3.24 -8.84 9.73
CA ASN A 155 -3.43 -8.54 11.14
C ASN A 155 -3.79 -7.07 11.29
N GLN A 156 -4.22 -6.68 12.47
CA GLN A 156 -4.60 -5.30 12.76
C GLN A 156 -3.49 -4.31 12.43
N THR A 157 -2.26 -4.78 12.44
CA THR A 157 -1.10 -3.95 12.10
C THR A 157 -1.26 -3.27 10.74
N LEU A 158 -2.03 -3.89 9.86
CA LEU A 158 -2.19 -3.40 8.49
C LEU A 158 -2.94 -2.06 8.45
N PHE A 159 -4.16 -2.02 8.99
CA PHE A 159 -4.97 -0.81 8.90
C PHE A 159 -5.48 -0.32 10.25
N GLU A 160 -5.14 -1.03 11.31
CA GLU A 160 -5.59 -0.65 12.66
C GLU A 160 -4.40 -0.23 13.52
N THR A 161 -3.27 -0.03 12.86
CA THR A 161 -2.06 0.48 13.48
C THR A 161 -2.33 1.77 14.27
N SER A 162 -1.46 2.06 15.23
CA SER A 162 -1.59 3.25 16.06
C SER A 162 -1.19 4.49 15.26
N TYR A 163 -1.84 5.61 15.57
CA TYR A 163 -1.55 6.86 14.87
C TYR A 163 -0.80 7.83 15.80
N LEU A 164 -0.50 7.37 17.00
CA LEU A 164 0.14 8.24 17.98
C LEU A 164 1.51 7.70 18.39
N ASP A 165 1.81 6.46 18.03
CA ASP A 165 3.07 5.85 18.37
C ASP A 165 3.39 4.70 17.41
N ARG A 166 4.67 4.35 17.32
CA ARG A 166 5.15 3.25 16.48
C ARG A 166 5.13 3.60 15.00
N TRP A 167 6.30 3.93 14.48
CA TRP A 167 6.47 4.17 13.07
C TRP A 167 6.71 2.84 12.35
N VAL A 168 5.62 2.20 11.93
CA VAL A 168 5.66 0.90 11.27
C VAL A 168 6.14 -0.17 12.25
N GLU A 169 5.18 -0.86 12.89
CA GLU A 169 5.50 -1.85 13.92
C GLU A 169 6.23 -3.07 13.36
N ALA A 170 6.32 -3.15 12.04
CA ALA A 170 6.90 -4.32 11.37
C ALA A 170 8.32 -4.62 11.83
N ASN A 171 9.08 -3.58 12.14
CA ASN A 171 10.48 -3.74 12.52
C ASN A 171 10.59 -4.32 13.93
N GLU A 172 9.79 -3.80 14.85
CA GLU A 172 9.84 -4.21 16.24
C GLU A 172 9.10 -5.54 16.43
N MET A 173 8.21 -5.84 15.48
CA MET A 173 7.53 -7.14 15.45
C MET A 173 8.53 -8.25 15.22
N LEU A 174 9.56 -7.94 14.44
CA LEU A 174 10.63 -8.90 14.18
C LEU A 174 11.63 -8.84 15.32
N GLY A 175 11.88 -7.63 15.79
CA GLY A 175 12.80 -7.44 16.90
C GLY A 175 13.95 -6.53 16.51
N ILE A 176 14.01 -6.17 15.23
CA ILE A 176 15.06 -5.31 14.69
C ILE A 176 16.42 -6.02 14.71
N SER A 177 17.05 -6.05 15.89
CA SER A 177 18.35 -6.69 16.09
C SER A 177 19.47 -5.91 15.40
N GLY A 178 19.36 -5.74 14.09
CA GLY A 178 20.36 -5.04 13.33
C GLY A 178 20.28 -5.37 11.85
N ILE A 179 20.07 -4.35 11.03
CA ILE A 179 19.93 -4.56 9.60
C ILE A 179 21.21 -5.13 8.99
N LEU A 180 21.05 -6.15 8.16
CA LEU A 180 22.16 -6.79 7.50
C LEU A 180 22.49 -6.08 6.20
N ALA A 181 23.50 -5.23 6.23
CA ALA A 181 23.89 -4.46 5.06
C ALA A 181 25.36 -4.68 4.75
N PRO A 182 25.67 -5.14 3.53
CA PRO A 182 27.04 -5.35 3.07
C PRO A 182 27.80 -4.03 2.97
N ALA A 183 29.06 -4.03 3.41
CA ALA A 183 29.87 -2.84 3.38
C ALA A 183 30.57 -2.71 2.02
N GLY A 184 29.87 -2.14 1.06
CA GLY A 184 30.42 -1.94 -0.26
C GLY A 184 29.66 -0.87 -1.02
N ARG A 185 30.37 -0.11 -1.81
CA ARG A 185 29.77 1.02 -2.50
C ARG A 185 29.85 0.86 -4.01
N ALA A 186 28.67 0.84 -4.65
CA ALA A 186 28.54 0.80 -6.11
C ALA A 186 29.03 -0.52 -6.69
N LEU A 187 29.04 -1.57 -5.88
CA LEU A 187 29.50 -2.87 -6.33
C LEU A 187 28.39 -3.67 -6.99
N GLU A 188 28.78 -4.58 -7.88
CA GLU A 188 27.86 -5.49 -8.54
C GLU A 188 28.68 -6.50 -9.34
N MET A 1 9.55 -21.42 -3.37
CA MET A 1 10.13 -20.86 -2.13
C MET A 1 9.04 -20.34 -1.20
N PHE A 2 8.11 -19.57 -1.76
CA PHE A 2 7.13 -18.86 -0.96
C PHE A 2 5.76 -19.53 -1.01
N GLY A 3 5.42 -20.08 -2.16
CA GLY A 3 4.10 -20.67 -2.34
C GLY A 3 3.05 -19.61 -2.60
N ASN A 4 2.72 -18.85 -1.57
CA ASN A 4 1.78 -17.75 -1.69
C ASN A 4 2.37 -16.48 -1.10
N LEU A 5 2.68 -15.52 -1.96
CA LEU A 5 3.38 -14.31 -1.53
C LEU A 5 2.40 -13.17 -1.22
N GLN A 6 1.12 -13.36 -1.52
CA GLN A 6 0.15 -12.31 -1.24
C GLN A 6 -0.29 -12.40 0.21
N GLY A 7 -0.63 -11.25 0.79
CA GLY A 7 -0.94 -11.21 2.20
C GLY A 7 0.31 -10.97 3.03
N LYS A 8 1.43 -10.76 2.33
CA LYS A 8 2.69 -10.45 2.97
C LYS A 8 3.19 -9.12 2.44
N PHE A 9 4.33 -8.67 2.93
CA PHE A 9 4.92 -7.45 2.42
C PHE A 9 6.44 -7.50 2.52
N ILE A 10 7.10 -7.01 1.48
CA ILE A 10 8.55 -7.00 1.43
C ILE A 10 9.07 -5.58 1.59
N ILE A 11 9.99 -5.41 2.52
CA ILE A 11 10.50 -4.08 2.84
C ILE A 11 11.86 -3.86 2.17
N ALA A 12 11.99 -2.73 1.48
CA ALA A 12 13.25 -2.35 0.88
C ALA A 12 13.38 -0.84 0.85
N THR A 13 14.00 -0.27 1.87
CA THR A 13 14.27 1.16 1.89
C THR A 13 15.41 1.47 0.92
N PRO A 14 15.17 2.37 -0.04
CA PRO A 14 16.14 2.71 -1.09
C PRO A 14 17.52 3.06 -0.52
N GLU A 15 17.63 4.21 0.12
CA GLU A 15 18.88 4.62 0.72
C GLU A 15 18.69 5.10 2.15
N MET A 16 18.15 6.30 2.30
CA MET A 16 18.08 6.95 3.61
C MET A 16 16.83 7.83 3.70
N ASP A 17 16.47 8.21 4.93
CA ASP A 17 15.29 9.03 5.21
C ASP A 17 14.02 8.21 5.02
N ASP A 18 13.28 8.05 6.10
CA ASP A 18 12.16 7.13 6.12
C ASP A 18 10.83 7.85 5.89
N GLU A 19 9.79 7.32 6.54
CA GLU A 19 8.42 7.73 6.32
C GLU A 19 8.21 9.24 6.53
N TYR A 20 8.07 9.65 7.80
CA TYR A 20 7.82 11.05 8.18
C TYR A 20 6.42 11.47 7.77
N PHE A 21 6.18 11.48 6.47
CA PHE A 21 4.86 11.76 5.92
C PHE A 21 4.74 11.07 4.55
N ASP A 22 5.70 10.19 4.28
CA ASP A 22 5.79 9.50 3.01
C ASP A 22 6.04 8.02 3.29
N ARG A 23 4.97 7.23 3.34
CA ARG A 23 5.10 5.85 3.75
C ARG A 23 5.08 4.92 2.55
N THR A 24 6.24 4.40 2.22
CA THR A 24 6.40 3.54 1.05
C THR A 24 6.30 2.06 1.44
N VAL A 25 5.57 1.29 0.63
CA VAL A 25 5.41 -0.16 0.83
C VAL A 25 4.39 -0.46 1.93
N ILE A 26 3.32 -1.17 1.56
CA ILE A 26 2.33 -1.58 2.55
C ILE A 26 2.18 -3.12 2.56
N TYR A 27 1.88 -3.72 1.40
CA TYR A 27 1.76 -5.19 1.31
C TYR A 27 1.45 -5.63 -0.12
N ILE A 28 1.47 -6.95 -0.33
CA ILE A 28 1.13 -7.55 -1.62
C ILE A 28 -0.30 -8.06 -1.59
N CYS A 29 -1.08 -7.73 -2.60
CA CYS A 29 -2.51 -8.00 -2.60
C CYS A 29 -2.86 -9.37 -3.19
N GLU A 30 -2.22 -9.73 -4.29
CA GLU A 30 -2.54 -10.97 -4.97
C GLU A 30 -1.29 -11.65 -5.51
N HIS A 31 -1.29 -12.97 -5.51
CA HIS A 31 -0.20 -13.75 -6.07
C HIS A 31 -0.71 -14.72 -7.12
N ASN A 32 -0.39 -14.42 -8.36
CA ASN A 32 -0.63 -15.34 -9.46
C ASN A 32 0.66 -16.13 -9.67
N ASP A 33 0.66 -17.09 -10.60
CA ASP A 33 1.84 -17.91 -10.82
C ASP A 33 3.03 -17.07 -11.30
N ASN A 34 2.75 -16.13 -12.20
CA ASN A 34 3.81 -15.31 -12.77
C ASN A 34 3.56 -13.82 -12.47
N GLY A 35 2.52 -13.54 -11.69
CA GLY A 35 2.18 -12.16 -11.41
C GLY A 35 1.91 -11.90 -9.94
N THR A 36 2.81 -11.21 -9.27
CA THR A 36 2.62 -10.83 -7.89
C THR A 36 2.16 -9.37 -7.82
N ILE A 37 0.89 -9.16 -7.53
CA ILE A 37 0.31 -7.83 -7.53
C ILE A 37 0.46 -7.18 -6.16
N GLY A 38 1.24 -6.12 -6.10
CA GLY A 38 1.42 -5.40 -4.86
C GLY A 38 1.78 -3.95 -5.09
N VAL A 39 1.84 -3.17 -4.02
CA VAL A 39 2.24 -1.78 -4.12
C VAL A 39 3.47 -1.52 -3.25
N ILE A 40 4.64 -1.82 -3.83
CA ILE A 40 5.90 -1.70 -3.11
C ILE A 40 6.95 -1.01 -3.97
N ILE A 41 6.51 -0.14 -4.87
CA ILE A 41 7.41 0.53 -5.81
C ILE A 41 8.27 1.59 -5.10
N ASN A 42 7.85 1.96 -3.88
CA ASN A 42 8.57 2.93 -3.05
C ASN A 42 8.57 4.33 -3.65
N THR A 43 7.41 4.99 -3.61
CA THR A 43 7.27 6.38 -4.02
C THR A 43 5.80 6.77 -4.07
N PRO A 44 5.46 8.00 -3.69
CA PRO A 44 4.13 8.55 -3.88
C PRO A 44 4.01 9.26 -5.23
N THR A 45 2.92 9.96 -5.43
CA THR A 45 2.83 10.84 -6.58
C THR A 45 2.79 12.28 -6.07
N ASP A 46 2.90 13.24 -6.97
CA ASP A 46 2.88 14.64 -6.56
C ASP A 46 1.45 15.16 -6.52
N LEU A 47 0.52 14.27 -6.82
CA LEU A 47 -0.88 14.64 -6.94
C LEU A 47 -1.63 14.24 -5.67
N SER A 48 -2.80 14.82 -5.47
CA SER A 48 -3.61 14.52 -4.30
C SER A 48 -4.78 13.63 -4.72
N VAL A 49 -5.35 12.91 -3.77
CA VAL A 49 -6.47 12.02 -4.07
C VAL A 49 -7.67 12.82 -4.58
N LEU A 50 -7.89 14.00 -4.00
CA LEU A 50 -8.99 14.87 -4.41
C LEU A 50 -8.79 15.37 -5.83
N GLU A 51 -7.53 15.47 -6.24
CA GLU A 51 -7.19 15.98 -7.56
C GLU A 51 -7.80 15.12 -8.67
N LEU A 52 -7.71 13.81 -8.52
CA LEU A 52 -8.30 12.90 -9.51
C LEU A 52 -9.81 12.90 -9.38
N LEU A 53 -10.28 12.85 -8.15
CA LEU A 53 -11.71 12.80 -7.85
C LEU A 53 -12.44 14.02 -8.44
N THR A 54 -11.88 15.20 -8.24
CA THR A 54 -12.50 16.43 -8.71
C THR A 54 -12.39 16.57 -10.23
N ARG A 55 -11.30 16.07 -10.80
CA ARG A 55 -11.10 16.13 -12.25
C ARG A 55 -12.14 15.25 -12.94
N MET A 56 -12.39 14.08 -12.39
CA MET A 56 -13.39 13.18 -12.95
C MET A 56 -14.79 13.63 -12.53
N ASP A 57 -15.25 13.15 -11.38
CA ASP A 57 -16.52 13.56 -10.79
C ASP A 57 -16.69 12.93 -9.43
N PHE A 58 -16.41 13.69 -8.39
CA PHE A 58 -16.62 13.23 -7.03
C PHE A 58 -16.78 14.42 -6.11
N GLN A 59 -17.98 14.98 -6.10
CA GLN A 59 -18.27 16.17 -5.29
C GLN A 59 -19.18 15.81 -4.12
N MET A 60 -19.67 14.58 -4.12
CA MET A 60 -20.59 14.13 -3.09
C MET A 60 -19.89 13.22 -2.10
N ALA A 61 -19.37 13.80 -1.04
CA ALA A 61 -18.73 13.04 0.04
C ALA A 61 -18.66 13.90 1.31
N LYS A 62 -17.46 14.37 1.64
CA LYS A 62 -17.28 15.25 2.79
C LYS A 62 -16.25 16.32 2.45
N PRO A 63 -16.71 17.53 2.10
CA PRO A 63 -15.83 18.64 1.79
C PRO A 63 -15.18 19.23 3.03
N ARG A 64 -13.90 18.93 3.21
CA ARG A 64 -13.17 19.42 4.38
C ARG A 64 -12.29 20.61 3.99
N ILE A 65 -11.87 20.64 2.73
CA ILE A 65 -11.07 21.75 2.17
C ILE A 65 -9.81 22.05 3.00
N TYR A 66 -8.69 21.49 2.57
CA TYR A 66 -7.42 21.78 3.21
C TYR A 66 -6.34 22.01 2.17
N THR A 67 -5.31 22.77 2.53
CA THR A 67 -4.22 23.06 1.61
C THR A 67 -3.42 21.81 1.32
N GLN A 68 -3.26 20.97 2.33
CA GLN A 68 -2.63 19.67 2.17
C GLN A 68 -3.57 18.59 2.68
N ASP A 69 -4.34 18.02 1.76
CA ASP A 69 -5.32 17.01 2.13
C ASP A 69 -4.66 15.64 2.19
N GLN A 70 -4.88 14.83 1.17
CA GLN A 70 -4.26 13.52 1.09
C GLN A 70 -3.57 13.34 -0.25
N MET A 71 -2.27 13.12 -0.20
CA MET A 71 -1.50 12.86 -1.41
C MET A 71 -1.60 11.38 -1.76
N VAL A 72 -1.89 11.09 -3.02
CA VAL A 72 -2.08 9.72 -3.45
C VAL A 72 -0.74 9.04 -3.73
N LEU A 73 -0.55 7.88 -3.12
CA LEU A 73 0.69 7.13 -3.28
C LEU A 73 0.78 6.55 -4.68
N ASN A 74 1.99 6.21 -5.09
CA ASN A 74 2.19 5.64 -6.41
C ASN A 74 2.29 4.13 -6.28
N GLY A 75 1.36 3.43 -6.91
CA GLY A 75 1.30 1.99 -6.76
C GLY A 75 2.32 1.31 -7.63
N GLY A 76 2.58 1.89 -8.79
CA GLY A 76 3.54 1.32 -9.70
C GLY A 76 3.22 1.65 -11.14
N PRO A 77 3.99 1.12 -12.10
CA PRO A 77 3.82 1.41 -13.51
C PRO A 77 2.81 0.49 -14.20
N VAL A 78 2.14 -0.36 -13.43
CA VAL A 78 1.16 -1.28 -13.97
C VAL A 78 -0.25 -0.87 -13.56
N ASN A 79 -1.17 -0.84 -14.52
CA ASN A 79 -2.56 -0.44 -14.25
C ASN A 79 -2.63 0.97 -13.70
N GLN A 80 -1.75 1.83 -14.20
CA GLN A 80 -1.57 3.17 -13.68
C GLN A 80 -2.78 4.06 -13.97
N ASP A 81 -3.67 3.58 -14.82
CA ASP A 81 -4.85 4.35 -15.18
C ASP A 81 -5.97 4.14 -14.16
N ARG A 82 -5.66 3.42 -13.09
CA ARG A 82 -6.65 3.09 -12.11
C ARG A 82 -6.18 3.40 -10.70
N GLY A 83 -7.03 4.06 -9.95
CA GLY A 83 -6.76 4.29 -8.54
C GLY A 83 -7.25 3.13 -7.71
N PHE A 84 -6.34 2.48 -7.02
CA PHE A 84 -6.68 1.35 -6.19
C PHE A 84 -6.83 1.80 -4.75
N ILE A 85 -7.97 1.51 -4.14
CA ILE A 85 -8.21 1.86 -2.76
C ILE A 85 -8.31 0.60 -1.92
N VAL A 86 -7.28 0.37 -1.12
CA VAL A 86 -7.27 -0.75 -0.20
C VAL A 86 -7.94 -0.33 1.09
N HIS A 87 -9.05 -0.97 1.41
CA HIS A 87 -9.84 -0.55 2.56
C HIS A 87 -10.22 -1.73 3.44
N SER A 88 -10.55 -1.45 4.68
CA SER A 88 -11.09 -2.46 5.57
C SER A 88 -12.50 -2.84 5.12
N LYS A 89 -12.98 -3.99 5.56
CA LYS A 89 -14.32 -4.44 5.23
C LYS A 89 -15.35 -3.58 5.95
N THR A 90 -16.62 -3.80 5.61
CA THR A 90 -17.72 -3.07 6.20
C THR A 90 -19.06 -3.66 5.77
N ASP A 91 -19.19 -3.98 4.49
CA ASP A 91 -20.41 -4.58 3.97
C ASP A 91 -20.09 -5.38 2.71
N HIS A 92 -21.08 -5.55 1.85
CA HIS A 92 -20.92 -6.36 0.64
C HIS A 92 -20.46 -5.48 -0.52
N GLU A 93 -20.21 -6.09 -1.68
CA GLU A 93 -19.80 -5.32 -2.85
C GLU A 93 -20.99 -4.97 -3.72
N PHE A 94 -20.73 -4.09 -4.67
CA PHE A 94 -21.76 -3.60 -5.58
C PHE A 94 -21.34 -3.87 -7.02
N THR A 95 -20.05 -3.74 -7.27
CA THR A 95 -19.48 -4.08 -8.55
C THR A 95 -18.56 -5.28 -8.40
N HIS A 96 -17.49 -5.10 -7.61
CA HIS A 96 -16.59 -6.20 -7.28
C HIS A 96 -15.44 -5.73 -6.39
N SER A 97 -15.27 -6.40 -5.26
CA SER A 97 -14.15 -6.15 -4.38
C SER A 97 -13.29 -7.41 -4.23
N TYR A 98 -11.98 -7.24 -4.13
CA TYR A 98 -11.08 -8.37 -4.00
C TYR A 98 -10.62 -8.53 -2.56
N LYS A 99 -11.09 -9.59 -1.92
CA LYS A 99 -10.75 -9.83 -0.53
C LYS A 99 -9.41 -10.55 -0.42
N VAL A 100 -8.37 -9.82 -0.07
CA VAL A 100 -7.07 -10.42 0.19
C VAL A 100 -7.15 -11.22 1.47
N THR A 101 -7.59 -10.54 2.51
CA THR A 101 -7.93 -11.17 3.77
C THR A 101 -9.26 -10.58 4.22
N ASP A 102 -9.90 -11.19 5.21
CA ASP A 102 -11.25 -10.78 5.57
C ASP A 102 -11.33 -9.32 5.98
N ASP A 103 -10.38 -8.86 6.78
CA ASP A 103 -10.40 -7.50 7.29
C ASP A 103 -9.96 -6.48 6.24
N ILE A 104 -9.11 -6.90 5.32
CA ILE A 104 -8.55 -5.97 4.33
C ILE A 104 -8.95 -6.37 2.92
N THR A 105 -9.58 -5.45 2.21
CA THR A 105 -10.12 -5.72 0.89
C THR A 105 -9.71 -4.65 -0.11
N LEU A 106 -9.31 -5.08 -1.30
CA LEU A 106 -8.89 -4.16 -2.36
C LEU A 106 -10.03 -3.94 -3.35
N THR A 107 -10.38 -2.68 -3.58
CA THR A 107 -11.46 -2.37 -4.51
C THR A 107 -11.08 -1.21 -5.42
N THR A 108 -11.23 -1.40 -6.72
CA THR A 108 -11.00 -0.33 -7.69
C THR A 108 -12.12 -0.32 -8.75
N SER A 109 -13.09 -1.21 -8.58
CA SER A 109 -14.18 -1.36 -9.54
C SER A 109 -15.16 -0.19 -9.46
N GLY A 110 -14.99 0.66 -8.45
CA GLY A 110 -15.88 1.80 -8.28
C GLY A 110 -16.64 1.74 -6.98
N ASP A 111 -16.74 0.53 -6.42
CA ASP A 111 -17.43 0.28 -5.16
C ASP A 111 -17.00 1.27 -4.09
N VAL A 112 -15.69 1.51 -4.03
CA VAL A 112 -15.10 2.39 -3.03
C VAL A 112 -15.76 3.76 -3.00
N LEU A 113 -15.96 4.36 -4.18
CA LEU A 113 -16.50 5.70 -4.28
C LEU A 113 -17.97 5.71 -3.88
N ASP A 114 -18.66 4.64 -4.24
CA ASP A 114 -20.08 4.51 -3.93
C ASP A 114 -20.29 4.30 -2.43
N SER A 115 -19.25 3.77 -1.78
CA SER A 115 -19.29 3.50 -0.35
C SER A 115 -19.11 4.78 0.49
N PHE A 116 -18.65 5.85 -0.14
CA PHE A 116 -18.39 7.10 0.58
C PHE A 116 -19.66 7.93 0.71
N GLY A 117 -19.94 8.40 1.92
CA GLY A 117 -21.11 9.22 2.14
C GLY A 117 -22.14 8.54 3.02
N THR A 118 -21.88 7.29 3.37
CA THR A 118 -22.77 6.54 4.23
C THR A 118 -22.01 6.06 5.45
N GLN A 119 -22.73 5.78 6.53
CA GLN A 119 -22.10 5.34 7.77
C GLN A 119 -21.45 3.97 7.62
N THR A 120 -21.72 3.30 6.51
CA THR A 120 -21.08 2.03 6.24
C THR A 120 -19.80 2.21 5.43
N ALA A 121 -19.27 3.42 5.45
CA ALA A 121 -17.96 3.70 4.86
C ALA A 121 -16.87 2.91 5.60
N PRO A 122 -15.85 2.44 4.87
CA PRO A 122 -14.76 1.66 5.46
C PRO A 122 -13.99 2.41 6.55
N GLU A 123 -13.63 1.70 7.61
CA GLU A 123 -12.91 2.28 8.74
C GLU A 123 -11.60 2.92 8.28
N LYS A 124 -10.80 2.13 7.58
CA LYS A 124 -9.50 2.55 7.10
C LYS A 124 -9.37 2.26 5.62
N PHE A 125 -8.67 3.12 4.90
CA PHE A 125 -8.47 2.93 3.47
C PHE A 125 -7.26 3.72 2.99
N ILE A 126 -6.50 3.13 2.09
CA ILE A 126 -5.36 3.81 1.47
C ILE A 126 -5.52 3.82 -0.04
N VAL A 127 -5.10 4.90 -0.68
CA VAL A 127 -5.25 5.04 -2.12
C VAL A 127 -3.89 5.00 -2.82
N CYS A 128 -3.78 4.15 -3.83
CA CYS A 128 -2.56 4.03 -4.61
C CYS A 128 -2.88 4.12 -6.09
N LEU A 129 -2.14 4.98 -6.78
CA LEU A 129 -2.31 5.16 -8.21
C LEU A 129 -1.52 4.09 -8.96
N GLY A 130 -2.23 3.15 -9.57
CA GLY A 130 -1.58 2.03 -10.22
C GLY A 130 -1.10 0.98 -9.23
N CYS A 131 -0.42 -0.05 -9.75
CA CYS A 131 0.16 -1.08 -8.91
C CYS A 131 1.43 -1.61 -9.54
N SER A 132 2.13 -2.47 -8.81
CA SER A 132 3.35 -3.06 -9.31
C SER A 132 3.21 -4.58 -9.35
N THR A 133 3.28 -5.15 -10.54
CA THR A 133 3.25 -6.59 -10.66
C THR A 133 4.67 -7.13 -10.77
N TRP A 134 5.08 -7.87 -9.76
CA TRP A 134 6.41 -8.43 -9.71
C TRP A 134 6.38 -9.87 -10.14
N LYS A 135 7.40 -10.28 -10.87
CA LYS A 135 7.49 -11.64 -11.36
C LYS A 135 8.23 -12.51 -10.36
N PRO A 136 7.54 -13.52 -9.81
CA PRO A 136 8.11 -14.47 -8.84
C PRO A 136 9.12 -15.42 -9.48
N HIS A 137 10.12 -14.83 -10.12
CA HIS A 137 11.21 -15.57 -10.72
C HIS A 137 12.48 -14.73 -10.59
N GLN A 138 12.29 -13.41 -10.74
CA GLN A 138 13.34 -12.45 -10.46
C GLN A 138 13.30 -12.05 -8.99
N LEU A 139 12.10 -11.80 -8.49
CA LEU A 139 11.89 -11.36 -7.11
C LEU A 139 12.50 -12.34 -6.12
N GLU A 140 12.34 -13.64 -6.40
CA GLU A 140 12.86 -14.68 -5.51
C GLU A 140 14.37 -14.57 -5.39
N GLN A 141 15.04 -14.15 -6.46
CA GLN A 141 16.49 -14.02 -6.45
C GLN A 141 16.91 -12.90 -5.51
N GLU A 142 16.32 -11.73 -5.69
CA GLU A 142 16.62 -10.58 -4.85
C GLU A 142 16.27 -10.84 -3.40
N ILE A 143 15.13 -11.49 -3.16
CA ILE A 143 14.74 -11.83 -1.79
C ILE A 143 15.73 -12.80 -1.16
N ALA A 144 16.18 -13.78 -1.95
CA ALA A 144 17.15 -14.77 -1.46
C ALA A 144 18.50 -14.11 -1.16
N GLN A 145 18.82 -13.06 -1.91
CA GLN A 145 20.05 -12.32 -1.68
C GLN A 145 19.84 -11.21 -0.63
N ASN A 146 18.68 -11.26 0.02
CA ASN A 146 18.36 -10.35 1.13
C ASN A 146 18.29 -8.89 0.70
N TYR A 147 17.85 -8.66 -0.53
CA TYR A 147 17.61 -7.29 -1.00
C TYR A 147 16.15 -6.91 -0.78
N TRP A 148 15.42 -7.81 -0.14
CA TRP A 148 14.04 -7.57 0.24
C TRP A 148 13.77 -8.19 1.61
N LEU A 149 13.31 -7.38 2.55
CA LEU A 149 12.96 -7.86 3.88
C LEU A 149 11.60 -8.53 3.82
N LEU A 150 11.58 -9.85 3.98
CA LEU A 150 10.34 -10.60 3.86
C LEU A 150 9.64 -10.73 5.22
N SER A 151 8.34 -10.47 5.20
CA SER A 151 7.51 -10.61 6.39
C SER A 151 6.04 -10.68 5.97
N GLU A 152 5.19 -11.26 6.81
CA GLU A 152 3.77 -11.32 6.52
C GLU A 152 3.08 -10.05 6.99
N ALA A 153 1.96 -9.72 6.36
CA ALA A 153 1.25 -8.49 6.66
C ALA A 153 0.07 -8.76 7.57
N ASN A 154 0.08 -8.14 8.74
CA ASN A 154 -0.99 -8.30 9.71
C ASN A 154 -0.83 -7.26 10.81
N ASN A 155 -1.68 -7.32 11.83
CA ASN A 155 -1.62 -6.43 12.99
C ASN A 155 -2.15 -5.03 12.64
N GLN A 156 -2.45 -4.25 13.67
CA GLN A 156 -3.04 -2.93 13.51
C GLN A 156 -2.12 -1.97 12.75
N THR A 157 -0.83 -2.25 12.81
CA THR A 157 0.20 -1.40 12.22
C THR A 157 -0.08 -1.07 10.75
N LEU A 158 -0.75 -1.99 10.05
CA LEU A 158 -1.03 -1.81 8.63
C LEU A 158 -1.90 -0.57 8.35
N PHE A 159 -3.04 -0.48 9.02
CA PHE A 159 -4.02 0.56 8.70
C PHE A 159 -4.41 1.41 9.89
N GLU A 160 -4.15 0.92 11.10
CA GLU A 160 -4.56 1.62 12.31
C GLU A 160 -3.42 2.46 12.86
N THR A 161 -2.32 2.45 12.14
CA THR A 161 -1.16 3.25 12.47
C THR A 161 -1.51 4.74 12.47
N SER A 162 -1.03 5.47 13.47
CA SER A 162 -1.32 6.89 13.59
C SER A 162 -0.17 7.72 13.03
N TYR A 163 -0.49 8.90 12.51
CA TYR A 163 0.49 9.72 11.82
C TYR A 163 0.86 10.94 12.65
N LEU A 164 2.07 10.94 13.21
CA LEU A 164 2.54 12.06 14.01
C LEU A 164 3.91 12.54 13.54
N ASP A 165 4.75 11.60 13.12
CA ASP A 165 6.08 11.92 12.60
C ASP A 165 6.67 10.68 11.93
N ARG A 166 7.64 10.02 12.57
CA ARG A 166 8.12 8.75 12.03
C ARG A 166 8.93 7.96 13.05
N TRP A 167 8.67 6.66 13.07
CA TRP A 167 9.51 5.69 13.72
C TRP A 167 9.31 4.38 12.97
N VAL A 168 10.07 4.25 11.88
CA VAL A 168 9.79 3.27 10.83
C VAL A 168 9.28 1.92 11.36
N GLU A 169 7.95 1.80 11.35
CA GLU A 169 7.28 0.61 11.86
C GLU A 169 7.50 -0.59 10.95
N ALA A 170 7.70 -0.31 9.67
CA ALA A 170 7.95 -1.37 8.70
C ALA A 170 9.27 -2.07 9.01
N ASN A 171 10.22 -1.30 9.53
CA ASN A 171 11.53 -1.85 9.90
C ASN A 171 11.45 -2.53 11.26
N GLU A 172 10.59 -2.01 12.13
CA GLU A 172 10.40 -2.57 13.45
C GLU A 172 9.65 -3.90 13.37
N MET A 173 8.88 -4.08 12.30
CA MET A 173 8.06 -5.27 12.11
C MET A 173 8.90 -6.54 12.18
N LEU A 174 10.17 -6.45 11.78
CA LEU A 174 11.07 -7.58 11.87
C LEU A 174 11.92 -7.48 13.13
N GLY A 175 12.51 -6.32 13.32
CA GLY A 175 13.33 -6.08 14.49
C GLY A 175 14.48 -5.13 14.21
N ILE A 176 14.21 -4.13 13.38
CA ILE A 176 15.23 -3.17 12.95
C ILE A 176 16.33 -3.90 12.15
N SER A 177 16.16 -3.89 10.84
CA SER A 177 17.04 -4.63 9.93
C SER A 177 16.87 -6.13 10.16
N GLY A 178 17.66 -6.92 9.45
CA GLY A 178 17.56 -8.36 9.58
C GLY A 178 18.89 -9.04 9.36
N ILE A 179 19.15 -9.43 8.12
CA ILE A 179 20.40 -10.09 7.78
C ILE A 179 20.87 -9.61 6.41
N LEU A 180 22.14 -9.22 6.34
CA LEU A 180 22.77 -8.74 5.10
C LEU A 180 21.95 -7.63 4.45
N ALA A 181 21.81 -6.50 5.15
CA ALA A 181 21.02 -5.39 4.64
C ALA A 181 21.28 -4.11 5.42
N PRO A 182 22.29 -3.33 5.02
CA PRO A 182 22.55 -2.01 5.57
C PRO A 182 21.88 -0.90 4.76
N ALA A 183 21.25 -1.30 3.65
CA ALA A 183 20.57 -0.39 2.73
C ALA A 183 21.56 0.60 2.11
N GLY A 184 21.79 1.71 2.80
CA GLY A 184 22.70 2.72 2.32
C GLY A 184 22.94 3.78 3.38
N ARG A 185 22.91 3.37 4.64
CA ARG A 185 23.07 4.30 5.74
C ARG A 185 24.27 3.90 6.59
N ALA A 186 25.23 4.79 6.71
CA ALA A 186 26.40 4.57 7.54
C ALA A 186 26.63 5.79 8.43
N LEU A 187 26.01 5.78 9.59
CA LEU A 187 26.07 6.92 10.50
C LEU A 187 26.95 6.61 11.70
N GLU A 188 27.44 5.37 11.75
CA GLU A 188 28.32 4.96 12.83
C GLU A 188 29.76 4.88 12.34
N MET A 1 9.94 -21.08 -4.03
CA MET A 1 10.27 -20.16 -2.92
C MET A 1 9.10 -19.23 -2.65
N PHE A 2 8.52 -19.37 -1.46
CA PHE A 2 7.35 -18.58 -1.05
C PHE A 2 6.17 -18.83 -1.98
N GLY A 3 5.30 -19.75 -1.58
CA GLY A 3 4.14 -20.08 -2.39
C GLY A 3 3.17 -18.92 -2.47
N ASN A 4 2.53 -18.61 -1.35
CA ASN A 4 1.65 -17.46 -1.30
C ASN A 4 2.40 -16.25 -0.77
N LEU A 5 2.84 -15.39 -1.69
CA LEU A 5 3.55 -14.17 -1.33
C LEU A 5 2.53 -13.04 -1.16
N GLN A 6 1.27 -13.37 -1.39
CA GLN A 6 0.18 -12.42 -1.22
C GLN A 6 -0.16 -12.29 0.26
N GLY A 7 -0.37 -11.07 0.71
CA GLY A 7 -0.66 -10.84 2.12
C GLY A 7 0.59 -10.65 2.94
N LYS A 8 1.73 -10.69 2.26
CA LYS A 8 3.02 -10.50 2.90
C LYS A 8 3.50 -9.08 2.65
N PHE A 9 4.41 -8.60 3.48
CA PHE A 9 5.03 -7.30 3.26
C PHE A 9 6.53 -7.44 3.23
N ILE A 10 7.19 -6.53 2.54
CA ILE A 10 8.63 -6.57 2.40
C ILE A 10 9.27 -5.26 2.86
N ILE A 11 10.26 -5.37 3.73
CA ILE A 11 10.95 -4.21 4.26
C ILE A 11 11.91 -3.64 3.23
N ALA A 12 11.67 -2.39 2.84
CA ALA A 12 12.55 -1.69 1.92
C ALA A 12 13.45 -0.74 2.69
N THR A 13 14.60 -0.41 2.12
CA THR A 13 15.51 0.53 2.75
C THR A 13 16.28 1.37 1.72
N PRO A 14 15.58 2.27 1.01
CA PRO A 14 16.20 3.27 0.16
C PRO A 14 16.36 4.60 0.88
N GLU A 15 17.56 5.17 0.86
CA GLU A 15 17.81 6.42 1.55
C GLU A 15 17.11 7.59 0.88
N MET A 16 15.99 8.00 1.46
CA MET A 16 15.27 9.17 0.99
C MET A 16 14.95 10.05 2.20
N ASP A 17 15.04 11.36 2.03
CA ASP A 17 14.87 12.29 3.15
C ASP A 17 13.41 12.73 3.28
N ASP A 18 12.57 12.22 2.40
CA ASP A 18 11.15 12.55 2.43
C ASP A 18 10.33 11.28 2.54
N GLU A 19 9.14 11.39 3.14
CA GLU A 19 8.27 10.23 3.40
C GLU A 19 8.87 9.35 4.49
N TYR A 20 8.28 9.40 5.68
CA TYR A 20 8.85 8.71 6.82
C TYR A 20 7.78 8.37 7.87
N PHE A 21 7.10 9.39 8.35
CA PHE A 21 6.18 9.23 9.48
C PHE A 21 4.81 8.70 9.05
N ASP A 22 4.59 8.58 7.75
CA ASP A 22 3.31 8.08 7.25
C ASP A 22 3.44 6.61 6.89
N ARG A 23 2.34 5.96 6.56
CA ARG A 23 2.35 4.54 6.32
C ARG A 23 2.53 4.23 4.84
N THR A 24 3.78 4.19 4.40
CA THR A 24 4.12 3.84 3.04
C THR A 24 4.66 2.41 2.99
N VAL A 25 4.78 1.84 1.79
CA VAL A 25 5.25 0.47 1.61
C VAL A 25 4.50 -0.49 2.52
N ILE A 26 3.29 -0.85 2.12
CA ILE A 26 2.40 -1.59 3.00
C ILE A 26 2.51 -3.11 2.82
N TYR A 27 2.21 -3.64 1.63
CA TYR A 27 2.22 -5.08 1.43
C TYR A 27 2.13 -5.44 -0.05
N ILE A 28 2.23 -6.74 -0.32
CA ILE A 28 2.08 -7.28 -1.67
C ILE A 28 0.63 -7.69 -1.89
N CYS A 29 0.01 -7.12 -2.93
CA CYS A 29 -1.41 -7.32 -3.17
C CYS A 29 -1.68 -8.68 -3.81
N GLU A 30 -0.79 -9.11 -4.71
CA GLU A 30 -0.91 -10.42 -5.33
C GLU A 30 0.44 -10.86 -5.89
N HIS A 31 0.66 -12.16 -5.91
CA HIS A 31 1.87 -12.73 -6.49
C HIS A 31 1.51 -13.86 -7.43
N ASN A 32 1.60 -13.58 -8.71
CA ASN A 32 1.18 -14.53 -9.72
C ASN A 32 2.37 -14.90 -10.61
N ASP A 33 2.21 -15.94 -11.41
CA ASP A 33 3.28 -16.36 -12.31
C ASP A 33 3.43 -15.39 -13.48
N ASN A 34 2.43 -14.52 -13.63
CA ASN A 34 2.48 -13.48 -14.65
C ASN A 34 3.27 -12.28 -14.15
N GLY A 35 3.39 -12.16 -12.83
CA GLY A 35 4.07 -11.03 -12.24
C GLY A 35 3.61 -10.78 -10.81
N THR A 36 4.23 -9.82 -10.15
CA THR A 36 3.90 -9.52 -8.77
C THR A 36 3.25 -8.14 -8.66
N ILE A 37 2.08 -8.08 -8.04
CA ILE A 37 1.37 -6.83 -7.88
C ILE A 37 1.51 -6.34 -6.45
N GLY A 38 2.25 -5.25 -6.26
CA GLY A 38 2.44 -4.72 -4.93
C GLY A 38 2.51 -3.21 -4.92
N VAL A 39 2.38 -2.64 -3.74
CA VAL A 39 2.49 -1.20 -3.57
C VAL A 39 3.64 -0.87 -2.63
N ILE A 40 4.85 -0.91 -3.18
CA ILE A 40 6.07 -0.68 -2.42
C ILE A 40 6.96 0.32 -3.14
N ILE A 41 6.31 1.21 -3.90
CA ILE A 41 7.02 2.19 -4.73
C ILE A 41 7.88 3.13 -3.89
N ASN A 42 7.49 3.31 -2.63
CA ASN A 42 8.22 4.13 -1.66
C ASN A 42 8.31 5.58 -2.14
N THR A 43 7.15 6.20 -2.28
CA THR A 43 7.05 7.60 -2.65
C THR A 43 5.58 8.01 -2.75
N PRO A 44 5.20 9.13 -2.13
CA PRO A 44 3.84 9.65 -2.22
C PRO A 44 3.66 10.45 -3.51
N THR A 45 2.45 10.96 -3.73
CA THR A 45 2.21 11.83 -4.86
C THR A 45 2.37 13.28 -4.40
N ASP A 46 1.96 14.21 -5.24
CA ASP A 46 1.98 15.62 -4.88
C ASP A 46 0.56 16.17 -4.92
N LEU A 47 -0.41 15.26 -4.84
CA LEU A 47 -1.81 15.62 -4.86
C LEU A 47 -2.53 15.03 -3.63
N SER A 48 -3.77 15.43 -3.42
CA SER A 48 -4.52 14.93 -2.29
C SER A 48 -5.69 14.06 -2.74
N VAL A 49 -6.24 13.28 -1.82
CA VAL A 49 -7.32 12.35 -2.14
C VAL A 49 -8.58 13.09 -2.59
N LEU A 50 -8.80 14.28 -2.03
CA LEU A 50 -9.96 15.09 -2.38
C LEU A 50 -9.84 15.59 -3.81
N GLU A 51 -8.64 16.07 -4.13
CA GLU A 51 -8.31 16.62 -5.44
C GLU A 51 -8.63 15.63 -6.56
N LEU A 52 -8.29 14.36 -6.35
CA LEU A 52 -8.49 13.31 -7.36
C LEU A 52 -9.95 13.22 -7.78
N LEU A 53 -10.83 13.03 -6.80
CA LEU A 53 -12.25 12.83 -7.05
C LEU A 53 -12.85 14.01 -7.79
N THR A 54 -12.49 15.20 -7.37
CA THR A 54 -13.04 16.42 -7.93
C THR A 54 -12.40 16.81 -9.25
N ARG A 55 -11.12 16.46 -9.44
CA ARG A 55 -10.38 16.92 -10.60
C ARG A 55 -11.00 16.43 -11.90
N MET A 56 -11.11 15.11 -12.07
CA MET A 56 -11.59 14.55 -13.32
C MET A 56 -11.99 13.08 -13.21
N ASP A 57 -11.44 12.34 -12.24
CA ASP A 57 -11.66 10.90 -12.21
C ASP A 57 -12.86 10.53 -11.36
N PHE A 58 -13.80 11.45 -11.26
CA PHE A 58 -15.07 11.19 -10.62
C PHE A 58 -16.08 12.26 -11.02
N GLN A 59 -16.36 13.21 -10.13
CA GLN A 59 -17.34 14.26 -10.37
C GLN A 59 -17.14 15.39 -9.37
N MET A 60 -17.83 15.28 -8.25
CA MET A 60 -17.75 16.26 -7.17
C MET A 60 -18.53 15.73 -5.97
N ALA A 61 -17.83 15.53 -4.86
CA ALA A 61 -18.45 15.01 -3.66
C ALA A 61 -17.77 15.60 -2.43
N LYS A 62 -16.47 15.45 -2.37
CA LYS A 62 -15.68 16.04 -1.30
C LYS A 62 -15.27 17.46 -1.68
N PRO A 63 -15.08 18.33 -0.67
CA PRO A 63 -14.75 19.74 -0.90
C PRO A 63 -13.40 19.93 -1.59
N ARG A 64 -13.44 20.35 -2.86
CA ARG A 64 -12.22 20.61 -3.62
C ARG A 64 -11.62 21.97 -3.25
N ILE A 65 -12.24 22.61 -2.26
CA ILE A 65 -11.72 23.87 -1.73
C ILE A 65 -10.51 23.58 -0.84
N TYR A 66 -10.45 22.36 -0.31
CA TYR A 66 -9.34 21.97 0.55
C TYR A 66 -8.31 21.17 -0.23
N THR A 67 -7.27 21.86 -0.67
CA THR A 67 -6.17 21.20 -1.36
C THR A 67 -5.28 20.48 -0.35
N GLN A 68 -5.13 21.11 0.81
CA GLN A 68 -4.36 20.54 1.91
C GLN A 68 -5.27 19.77 2.85
N ASP A 69 -5.20 18.46 2.80
CA ASP A 69 -5.91 17.62 3.74
C ASP A 69 -5.23 16.25 3.84
N GLN A 70 -5.84 15.23 3.25
CA GLN A 70 -5.22 13.91 3.21
C GLN A 70 -4.56 13.68 1.86
N MET A 71 -3.28 13.35 1.89
CA MET A 71 -2.49 13.16 0.68
C MET A 71 -2.62 11.73 0.16
N VAL A 72 -2.59 11.58 -1.16
CA VAL A 72 -2.72 10.27 -1.78
C VAL A 72 -1.34 9.70 -2.09
N LEU A 73 -1.18 8.39 -1.87
CA LEU A 73 0.09 7.73 -2.10
C LEU A 73 0.19 7.22 -3.53
N ASN A 74 1.40 6.88 -3.95
CA ASN A 74 1.61 6.34 -5.28
C ASN A 74 1.61 4.82 -5.20
N GLY A 75 1.11 4.17 -6.23
CA GLY A 75 1.09 2.73 -6.25
C GLY A 75 2.22 2.16 -7.07
N GLY A 76 2.53 2.83 -8.16
CA GLY A 76 3.58 2.37 -9.05
C GLY A 76 3.44 2.97 -10.43
N PRO A 77 4.24 2.51 -11.41
CA PRO A 77 4.23 3.03 -12.77
C PRO A 77 3.10 2.45 -13.62
N VAL A 78 2.50 1.36 -13.14
CA VAL A 78 1.47 0.66 -13.91
C VAL A 78 0.09 0.97 -13.35
N ASN A 79 -0.88 1.16 -14.26
CA ASN A 79 -2.28 1.40 -13.90
C ASN A 79 -2.45 2.74 -13.18
N GLN A 80 -1.60 3.70 -13.50
CA GLN A 80 -1.62 5.01 -12.86
C GLN A 80 -2.91 5.76 -13.19
N ASP A 81 -3.62 5.29 -14.21
CA ASP A 81 -4.85 5.90 -14.64
C ASP A 81 -6.02 5.42 -13.77
N ARG A 82 -5.73 4.53 -12.84
CA ARG A 82 -6.76 3.92 -12.01
C ARG A 82 -6.39 4.02 -10.53
N GLY A 83 -7.34 4.38 -9.71
CA GLY A 83 -7.10 4.50 -8.29
C GLY A 83 -7.47 3.23 -7.55
N PHE A 84 -6.53 2.70 -6.78
CA PHE A 84 -6.76 1.50 -5.99
C PHE A 84 -6.89 1.86 -4.52
N ILE A 85 -7.97 1.45 -3.90
CA ILE A 85 -8.21 1.77 -2.50
C ILE A 85 -8.30 0.49 -1.68
N VAL A 86 -7.32 0.31 -0.79
CA VAL A 86 -7.31 -0.82 0.11
C VAL A 86 -7.98 -0.43 1.42
N HIS A 87 -9.05 -1.11 1.80
CA HIS A 87 -9.79 -0.72 2.99
C HIS A 87 -10.21 -1.96 3.78
N SER A 88 -10.54 -1.76 5.04
CA SER A 88 -10.93 -2.86 5.90
C SER A 88 -12.40 -3.22 5.73
N LYS A 89 -12.72 -4.48 5.96
CA LYS A 89 -14.09 -4.96 5.88
C LYS A 89 -14.89 -4.44 7.07
N THR A 90 -16.02 -3.83 6.78
CA THR A 90 -16.91 -3.37 7.82
C THR A 90 -18.34 -3.86 7.56
N ASP A 91 -18.78 -3.75 6.32
CA ASP A 91 -20.13 -4.19 5.95
C ASP A 91 -20.08 -5.20 4.81
N HIS A 92 -18.92 -5.24 4.16
CA HIS A 92 -18.68 -6.10 2.98
C HIS A 92 -19.45 -5.55 1.79
N GLU A 93 -18.86 -4.53 1.18
CA GLU A 93 -19.44 -3.90 0.00
C GLU A 93 -19.23 -4.77 -1.23
N PHE A 94 -19.91 -4.40 -2.30
CA PHE A 94 -19.86 -5.21 -3.51
C PHE A 94 -20.45 -4.49 -4.73
N THR A 95 -19.64 -3.66 -5.34
CA THR A 95 -19.89 -3.21 -6.70
C THR A 95 -18.82 -3.82 -7.58
N HIS A 96 -17.62 -3.89 -7.03
CA HIS A 96 -16.53 -4.70 -7.57
C HIS A 96 -15.38 -4.72 -6.58
N SER A 97 -15.54 -5.51 -5.54
CA SER A 97 -14.54 -5.61 -4.49
C SER A 97 -13.64 -6.81 -4.70
N TYR A 98 -12.34 -6.60 -4.55
CA TYR A 98 -11.36 -7.66 -4.68
C TYR A 98 -10.90 -8.10 -3.29
N LYS A 99 -11.10 -9.37 -2.98
CA LYS A 99 -10.80 -9.87 -1.66
C LYS A 99 -9.34 -10.29 -1.54
N VAL A 100 -8.60 -9.61 -0.69
CA VAL A 100 -7.23 -10.00 -0.37
C VAL A 100 -7.25 -11.05 0.73
N THR A 101 -7.91 -10.71 1.83
CA THR A 101 -8.09 -11.63 2.94
C THR A 101 -9.43 -11.33 3.61
N ASP A 102 -9.83 -12.16 4.57
CA ASP A 102 -11.14 -12.02 5.18
C ASP A 102 -11.11 -10.99 6.31
N ASP A 103 -10.74 -9.76 5.94
CA ASP A 103 -10.66 -8.65 6.89
C ASP A 103 -10.30 -7.36 6.14
N ILE A 104 -9.44 -7.49 5.15
CA ILE A 104 -9.02 -6.36 4.33
C ILE A 104 -9.42 -6.59 2.88
N THR A 105 -10.08 -5.60 2.28
CA THR A 105 -10.63 -5.74 0.94
C THR A 105 -10.16 -4.59 0.04
N LEU A 106 -9.85 -4.94 -1.21
CA LEU A 106 -9.39 -3.96 -2.18
C LEU A 106 -10.56 -3.49 -3.06
N THR A 107 -10.62 -2.19 -3.31
CA THR A 107 -11.64 -1.65 -4.19
C THR A 107 -10.98 -1.01 -5.41
N THR A 108 -11.38 -1.46 -6.59
CA THR A 108 -10.76 -1.03 -7.84
C THR A 108 -11.70 -0.18 -8.67
N SER A 109 -12.72 0.37 -8.05
CA SER A 109 -13.74 1.11 -8.77
C SER A 109 -14.28 2.25 -7.90
N GLY A 110 -15.25 2.99 -8.44
CA GLY A 110 -15.89 4.06 -7.69
C GLY A 110 -16.78 3.52 -6.58
N ASP A 111 -16.74 2.19 -6.43
CA ASP A 111 -17.38 1.48 -5.33
C ASP A 111 -16.98 2.13 -4.01
N VAL A 112 -15.73 2.57 -3.94
CA VAL A 112 -15.19 3.24 -2.76
C VAL A 112 -16.07 4.42 -2.34
N LEU A 113 -16.56 5.17 -3.33
CA LEU A 113 -17.38 6.35 -3.07
C LEU A 113 -18.73 5.95 -2.51
N ASP A 114 -19.21 4.79 -2.95
CA ASP A 114 -20.48 4.24 -2.47
C ASP A 114 -20.31 3.74 -1.04
N SER A 115 -19.21 3.04 -0.79
CA SER A 115 -18.89 2.54 0.54
C SER A 115 -18.66 3.70 1.50
N PHE A 116 -17.95 4.72 1.03
CA PHE A 116 -17.62 5.87 1.86
C PHE A 116 -18.77 6.89 1.82
N GLY A 117 -19.89 6.48 1.25
CA GLY A 117 -21.06 7.33 1.18
C GLY A 117 -22.18 6.82 2.06
N THR A 118 -21.81 6.20 3.16
CA THR A 118 -22.77 5.66 4.10
C THR A 118 -22.13 5.60 5.49
N GLN A 119 -22.93 5.42 6.52
CA GLN A 119 -22.42 5.37 7.89
C GLN A 119 -21.50 4.16 8.08
N THR A 120 -21.71 3.14 7.26
CA THR A 120 -20.88 1.94 7.31
C THR A 120 -19.66 2.08 6.41
N ALA A 121 -19.16 3.31 6.28
CA ALA A 121 -17.92 3.57 5.57
C ALA A 121 -16.75 2.81 6.20
N PRO A 122 -15.79 2.36 5.39
CA PRO A 122 -14.63 1.58 5.85
C PRO A 122 -13.86 2.26 6.99
N GLU A 123 -13.54 1.47 8.01
CA GLU A 123 -12.77 1.95 9.14
C GLU A 123 -11.39 2.40 8.69
N LYS A 124 -10.63 1.46 8.17
CA LYS A 124 -9.29 1.70 7.67
C LYS A 124 -9.31 1.75 6.15
N PHE A 125 -8.48 2.60 5.57
CA PHE A 125 -8.42 2.72 4.11
C PHE A 125 -7.20 3.53 3.67
N ILE A 126 -6.58 3.09 2.58
CA ILE A 126 -5.50 3.83 1.95
C ILE A 126 -5.75 3.88 0.45
N VAL A 127 -5.39 4.99 -0.17
CA VAL A 127 -5.60 5.17 -1.60
C VAL A 127 -4.27 5.32 -2.33
N CYS A 128 -4.06 4.48 -3.33
CA CYS A 128 -2.84 4.50 -4.12
C CYS A 128 -3.18 4.55 -5.61
N LEU A 129 -2.50 5.43 -6.33
CA LEU A 129 -2.71 5.55 -7.77
C LEU A 129 -1.76 4.61 -8.50
N GLY A 130 -2.32 3.64 -9.21
CA GLY A 130 -1.52 2.65 -9.89
C GLY A 130 -0.98 1.60 -8.94
N CYS A 131 -0.14 0.71 -9.47
CA CYS A 131 0.53 -0.32 -8.68
C CYS A 131 1.88 -0.65 -9.29
N SER A 132 2.69 -1.38 -8.55
CA SER A 132 4.02 -1.76 -9.01
C SER A 132 4.05 -3.25 -9.35
N THR A 133 4.33 -3.56 -10.60
CA THR A 133 4.41 -4.94 -11.04
C THR A 133 5.86 -5.41 -11.15
N TRP A 134 6.21 -6.35 -10.31
CA TRP A 134 7.53 -6.95 -10.33
C TRP A 134 7.58 -8.06 -11.36
N LYS A 135 8.77 -8.37 -11.86
CA LYS A 135 8.96 -9.45 -12.82
C LYS A 135 8.44 -10.77 -12.25
N PRO A 136 7.84 -11.60 -13.12
CA PRO A 136 7.30 -12.90 -12.73
C PRO A 136 8.33 -13.80 -12.07
N HIS A 137 8.05 -14.17 -10.83
CA HIS A 137 8.87 -15.13 -10.09
C HIS A 137 10.27 -14.57 -9.78
N GLN A 138 10.42 -13.26 -9.89
CA GLN A 138 11.72 -12.64 -9.66
C GLN A 138 11.83 -12.07 -8.25
N LEU A 139 10.69 -11.78 -7.64
CA LEU A 139 10.69 -11.13 -6.32
C LEU A 139 11.22 -12.06 -5.25
N GLU A 140 10.70 -13.28 -5.20
CA GLU A 140 11.10 -14.27 -4.22
C GLU A 140 12.59 -14.59 -4.35
N GLN A 141 13.09 -14.56 -5.57
CA GLN A 141 14.49 -14.84 -5.83
C GLN A 141 15.36 -13.71 -5.29
N GLU A 142 14.91 -12.47 -5.46
CA GLU A 142 15.62 -11.32 -4.91
C GLU A 142 15.53 -11.31 -3.39
N ILE A 143 14.36 -11.70 -2.87
CA ILE A 143 14.17 -11.85 -1.43
C ILE A 143 15.13 -12.90 -0.87
N ALA A 144 15.35 -13.97 -1.63
CA ALA A 144 16.27 -15.03 -1.23
C ALA A 144 17.70 -14.52 -1.12
N GLN A 145 18.03 -13.49 -1.90
CA GLN A 145 19.34 -12.87 -1.82
C GLN A 145 19.35 -11.75 -0.77
N ASN A 146 18.23 -11.61 -0.07
CA ASN A 146 18.06 -10.63 1.00
C ASN A 146 18.04 -9.20 0.47
N TYR A 147 17.53 -9.01 -0.74
CA TYR A 147 17.25 -7.67 -1.24
C TYR A 147 16.03 -7.10 -0.52
N TRP A 148 15.14 -8.01 -0.15
CA TRP A 148 13.91 -7.64 0.53
C TRP A 148 13.72 -8.55 1.75
N LEU A 149 13.15 -8.00 2.81
CA LEU A 149 12.83 -8.78 3.98
C LEU A 149 11.34 -9.05 4.04
N LEU A 150 10.98 -10.32 3.98
CA LEU A 150 9.58 -10.72 3.87
C LEU A 150 9.01 -11.12 5.23
N SER A 151 7.82 -10.63 5.51
CA SER A 151 7.07 -11.02 6.70
C SER A 151 5.58 -10.92 6.37
N GLU A 152 4.72 -11.53 7.18
CA GLU A 152 3.29 -11.48 6.88
C GLU A 152 2.65 -10.23 7.46
N ALA A 153 1.58 -9.79 6.85
CA ALA A 153 0.91 -8.56 7.25
C ALA A 153 -0.50 -8.87 7.78
N ASN A 154 -0.79 -10.15 7.91
CA ASN A 154 -2.11 -10.61 8.33
C ASN A 154 -2.35 -10.31 9.81
N ASN A 155 -2.64 -9.05 10.11
CA ASN A 155 -2.90 -8.61 11.48
C ASN A 155 -3.27 -7.13 11.45
N GLN A 156 -3.52 -6.54 12.61
CA GLN A 156 -3.86 -5.13 12.70
C GLN A 156 -2.68 -4.26 12.26
N THR A 157 -1.50 -4.85 12.27
CA THR A 157 -0.27 -4.20 11.82
C THR A 157 -0.44 -3.61 10.41
N LEU A 158 -1.33 -4.20 9.63
CA LEU A 158 -1.60 -3.73 8.27
C LEU A 158 -2.03 -2.25 8.27
N PHE A 159 -2.89 -1.88 9.20
CA PHE A 159 -3.41 -0.51 9.22
C PHE A 159 -3.39 0.12 10.62
N GLU A 160 -3.85 -0.63 11.62
CA GLU A 160 -4.17 -0.08 12.94
C GLU A 160 -2.96 0.00 13.88
N THR A 161 -1.77 -0.09 13.33
CA THR A 161 -0.55 0.13 14.09
C THR A 161 -0.60 1.51 14.76
N SER A 162 0.26 1.72 15.76
CA SER A 162 0.24 2.93 16.58
C SER A 162 0.17 4.21 15.72
N TYR A 163 -0.97 4.87 15.79
CA TYR A 163 -1.21 6.09 15.01
C TYR A 163 -0.51 7.28 15.64
N LEU A 164 -0.12 7.15 16.90
CA LEU A 164 0.57 8.23 17.58
C LEU A 164 2.02 8.31 17.14
N ASP A 165 2.52 7.21 16.58
CA ASP A 165 3.88 7.13 16.08
C ASP A 165 4.12 5.77 15.43
N ARG A 166 4.51 5.78 14.17
CA ARG A 166 4.75 4.53 13.45
C ARG A 166 6.23 4.20 13.42
N TRP A 167 7.07 5.23 13.29
CA TRP A 167 8.52 5.07 13.13
C TRP A 167 8.79 4.16 11.92
N VAL A 168 9.09 2.89 12.19
CA VAL A 168 9.24 1.89 11.15
C VAL A 168 8.64 0.58 11.65
N GLU A 169 7.31 0.54 11.65
CA GLU A 169 6.57 -0.61 12.18
C GLU A 169 6.91 -1.90 11.44
N ALA A 170 7.27 -1.77 10.17
CA ALA A 170 7.66 -2.93 9.37
C ALA A 170 8.90 -3.61 9.96
N ASN A 171 9.84 -2.79 10.42
CA ASN A 171 11.08 -3.31 11.00
C ASN A 171 10.84 -3.72 12.45
N GLU A 172 9.87 -3.08 13.09
CA GLU A 172 9.52 -3.38 14.47
C GLU A 172 8.84 -4.74 14.56
N MET A 173 8.00 -5.04 13.57
CA MET A 173 7.34 -6.34 13.49
C MET A 173 8.38 -7.44 13.34
N LEU A 174 9.50 -7.09 12.71
CA LEU A 174 10.59 -8.02 12.48
C LEU A 174 11.41 -8.17 13.75
N GLY A 175 11.56 -7.06 14.46
CA GLY A 175 12.31 -7.06 15.70
C GLY A 175 13.67 -6.43 15.52
N ILE A 176 13.88 -5.83 14.36
CA ILE A 176 15.15 -5.19 14.01
C ILE A 176 16.30 -6.18 14.17
N SER A 177 16.28 -7.24 13.38
CA SER A 177 17.32 -8.26 13.42
C SER A 177 17.34 -9.03 12.12
N GLY A 178 18.51 -9.08 11.49
CA GLY A 178 18.66 -9.81 10.26
C GLY A 178 20.03 -9.62 9.66
N ILE A 179 20.29 -10.29 8.55
CA ILE A 179 21.55 -10.14 7.84
C ILE A 179 21.38 -9.12 6.71
N LEU A 180 22.50 -8.55 6.26
CA LEU A 180 22.50 -7.46 5.28
C LEU A 180 21.84 -6.20 5.88
N ALA A 181 22.66 -5.40 6.54
CA ALA A 181 22.20 -4.16 7.14
C ALA A 181 22.41 -3.00 6.17
N PRO A 182 21.69 -1.87 6.36
CA PRO A 182 21.84 -0.68 5.51
C PRO A 182 23.24 -0.08 5.59
N ALA A 183 24.12 -0.54 4.71
CA ALA A 183 25.47 -0.01 4.62
C ALA A 183 25.81 0.30 3.17
N GLY A 184 26.12 -0.75 2.40
CA GLY A 184 26.31 -0.59 0.98
C GLY A 184 27.67 -0.03 0.61
N ARG A 185 27.83 1.28 0.75
CA ARG A 185 29.03 1.95 0.28
C ARG A 185 29.18 3.33 0.91
N ALA A 186 30.44 3.76 1.04
CA ALA A 186 30.79 5.10 1.52
C ALA A 186 29.99 5.53 2.75
N LEU A 187 30.33 4.96 3.89
CA LEU A 187 29.69 5.34 5.15
C LEU A 187 30.60 6.25 5.96
N GLU A 188 30.25 7.52 6.03
CA GLU A 188 30.99 8.47 6.84
C GLU A 188 30.06 9.09 7.88
N MET A 1 9.18 -21.60 -5.35
CA MET A 1 8.05 -20.78 -5.87
C MET A 1 7.37 -20.03 -4.74
N PHE A 2 7.72 -18.76 -4.59
CA PHE A 2 7.04 -17.91 -3.61
C PHE A 2 5.67 -17.49 -4.13
N GLY A 3 4.65 -18.25 -3.76
CA GLY A 3 3.30 -17.94 -4.16
C GLY A 3 2.47 -17.44 -3.01
N ASN A 4 1.33 -16.81 -3.31
CA ASN A 4 0.43 -16.28 -2.29
C ASN A 4 1.14 -15.28 -1.39
N LEU A 5 1.98 -14.44 -2.00
CA LEU A 5 2.73 -13.42 -1.24
C LEU A 5 1.82 -12.29 -0.77
N GLN A 6 0.53 -12.41 -1.07
CA GLN A 6 -0.45 -11.44 -0.63
C GLN A 6 -0.58 -11.48 0.90
N GLY A 7 -0.54 -10.31 1.52
CA GLY A 7 -0.58 -10.26 2.97
C GLY A 7 0.82 -10.25 3.56
N LYS A 8 1.81 -10.40 2.70
CA LYS A 8 3.20 -10.34 3.11
C LYS A 8 3.83 -9.07 2.58
N PHE A 9 5.02 -8.74 3.05
CA PHE A 9 5.71 -7.56 2.58
C PHE A 9 7.20 -7.82 2.43
N ILE A 10 7.82 -7.08 1.54
CA ILE A 10 9.24 -7.22 1.28
C ILE A 10 9.97 -5.92 1.63
N ILE A 11 11.01 -6.05 2.43
CA ILE A 11 11.78 -4.90 2.89
C ILE A 11 13.07 -4.75 2.11
N ALA A 12 13.36 -3.53 1.65
CA ALA A 12 14.61 -3.28 0.93
C ALA A 12 15.23 -1.98 1.41
N THR A 13 16.47 -1.74 1.04
CA THR A 13 17.17 -0.52 1.42
C THR A 13 17.10 0.51 0.29
N PRO A 14 16.31 1.58 0.49
CA PRO A 14 16.16 2.66 -0.48
C PRO A 14 17.17 3.78 -0.26
N GLU A 15 17.25 4.70 -1.21
CA GLU A 15 18.16 5.83 -1.10
C GLU A 15 17.40 7.05 -0.58
N MET A 16 17.97 7.66 0.46
CA MET A 16 17.41 8.87 1.09
C MET A 16 16.14 8.56 1.89
N ASP A 17 16.14 8.94 3.15
CA ASP A 17 14.99 8.75 4.01
C ASP A 17 14.11 10.00 4.00
N ASP A 18 12.82 9.80 4.20
CA ASP A 18 11.87 10.90 4.25
C ASP A 18 10.64 10.45 5.01
N GLU A 19 9.88 11.40 5.56
CA GLU A 19 8.72 11.08 6.40
C GLU A 19 9.18 10.28 7.61
N TYR A 20 8.32 9.42 8.12
CA TYR A 20 8.68 8.49 9.16
C TYR A 20 8.68 7.09 8.58
N PHE A 21 7.68 6.82 7.73
CA PHE A 21 7.58 5.55 7.01
C PHE A 21 6.40 5.55 6.05
N ASP A 22 5.31 6.20 6.44
CA ASP A 22 4.07 6.17 5.67
C ASP A 22 4.22 7.03 4.43
N ARG A 23 4.76 6.43 3.39
CA ARG A 23 5.06 7.13 2.17
C ARG A 23 5.72 6.19 1.16
N THR A 24 6.46 5.22 1.67
CA THR A 24 7.19 4.29 0.82
C THR A 24 7.15 2.87 1.38
N VAL A 25 6.71 1.92 0.53
CA VAL A 25 6.70 0.49 0.85
C VAL A 25 5.66 0.15 1.92
N ILE A 26 4.83 -0.86 1.66
CA ILE A 26 3.86 -1.32 2.65
C ILE A 26 3.69 -2.84 2.62
N TYR A 27 3.21 -3.40 1.51
CA TYR A 27 3.03 -4.86 1.41
C TYR A 27 2.52 -5.26 0.01
N ILE A 28 2.38 -6.56 -0.20
CA ILE A 28 1.85 -7.10 -1.45
C ILE A 28 0.32 -7.17 -1.39
N CYS A 29 -0.34 -6.53 -2.35
CA CYS A 29 -1.78 -6.32 -2.27
C CYS A 29 -2.56 -7.37 -3.06
N GLU A 30 -2.08 -7.74 -4.23
CA GLU A 30 -2.80 -8.67 -5.10
C GLU A 30 -1.85 -9.80 -5.52
N HIS A 31 -2.39 -10.99 -5.72
CA HIS A 31 -1.57 -12.13 -6.06
C HIS A 31 -2.16 -12.89 -7.25
N ASN A 32 -1.41 -12.91 -8.33
CA ASN A 32 -1.74 -13.77 -9.44
C ASN A 32 -0.85 -15.00 -9.38
N ASP A 33 0.11 -14.92 -8.45
CA ASP A 33 1.06 -16.01 -8.17
C ASP A 33 2.08 -16.16 -9.30
N ASN A 34 1.59 -16.16 -10.53
CA ASN A 34 2.45 -16.02 -11.69
C ASN A 34 2.70 -14.53 -11.95
N GLY A 35 2.15 -13.72 -11.04
CA GLY A 35 2.33 -12.28 -11.09
C GLY A 35 2.14 -11.68 -9.71
N THR A 36 3.13 -10.91 -9.26
CA THR A 36 3.07 -10.30 -7.95
C THR A 36 2.68 -8.83 -8.04
N ILE A 37 1.56 -8.46 -7.42
CA ILE A 37 1.09 -7.07 -7.46
C ILE A 37 1.26 -6.40 -6.10
N GLY A 38 2.17 -5.44 -6.04
CA GLY A 38 2.40 -4.75 -4.79
C GLY A 38 2.78 -3.30 -5.01
N VAL A 39 2.67 -2.51 -3.96
CA VAL A 39 3.02 -1.10 -4.03
C VAL A 39 4.23 -0.80 -3.14
N ILE A 40 5.41 -1.12 -3.64
CA ILE A 40 6.65 -0.94 -2.89
C ILE A 40 7.73 -0.29 -3.76
N ILE A 41 7.31 0.33 -4.85
CA ILE A 41 8.23 0.94 -5.80
C ILE A 41 8.74 2.30 -5.28
N ASN A 42 7.95 2.88 -4.38
CA ASN A 42 8.27 4.18 -3.76
C ASN A 42 8.14 5.31 -4.77
N THR A 43 6.95 5.91 -4.79
CA THR A 43 6.68 7.06 -5.66
C THR A 43 5.44 7.81 -5.18
N PRO A 44 5.57 9.11 -4.89
CA PRO A 44 4.44 9.99 -4.64
C PRO A 44 3.98 10.66 -5.94
N THR A 45 2.72 11.06 -6.01
CA THR A 45 2.25 11.73 -7.21
C THR A 45 2.21 13.24 -6.96
N ASP A 46 1.98 13.99 -8.02
CA ASP A 46 1.88 15.44 -7.92
C ASP A 46 0.41 15.82 -7.73
N LEU A 47 -0.39 14.84 -7.36
CA LEU A 47 -1.83 15.01 -7.31
C LEU A 47 -2.37 14.65 -5.92
N SER A 48 -3.54 15.16 -5.62
CA SER A 48 -4.23 14.86 -4.36
C SER A 48 -5.39 13.91 -4.65
N VAL A 49 -5.81 13.14 -3.66
CA VAL A 49 -6.94 12.23 -3.84
C VAL A 49 -8.21 13.04 -4.03
N LEU A 50 -8.30 14.17 -3.33
CA LEU A 50 -9.44 15.06 -3.46
C LEU A 50 -9.35 15.80 -4.78
N GLU A 51 -8.12 15.97 -5.27
CA GLU A 51 -7.88 16.57 -6.56
C GLU A 51 -8.37 15.68 -7.69
N LEU A 52 -8.03 14.40 -7.64
CA LEU A 52 -8.41 13.46 -8.70
C LEU A 52 -9.92 13.21 -8.66
N LEU A 53 -10.49 13.19 -7.46
CA LEU A 53 -11.93 13.01 -7.31
C LEU A 53 -12.68 14.13 -8.01
N THR A 54 -12.33 15.38 -7.69
CA THR A 54 -13.01 16.53 -8.26
C THR A 54 -12.68 16.68 -9.75
N ARG A 55 -11.50 16.21 -10.12
CA ARG A 55 -10.99 16.32 -11.49
C ARG A 55 -11.90 15.64 -12.51
N MET A 56 -12.55 14.53 -12.14
CA MET A 56 -13.30 13.75 -13.11
C MET A 56 -14.55 13.08 -12.53
N ASP A 57 -14.56 12.84 -11.24
CA ASP A 57 -15.59 12.00 -10.63
C ASP A 57 -16.12 12.65 -9.36
N PHE A 58 -16.60 11.83 -8.43
CA PHE A 58 -17.01 12.29 -7.09
C PHE A 58 -18.37 12.99 -7.11
N GLN A 59 -18.67 13.67 -8.22
CA GLN A 59 -19.94 14.36 -8.42
C GLN A 59 -20.07 15.54 -7.45
N MET A 60 -20.50 15.24 -6.23
CA MET A 60 -20.58 16.23 -5.17
C MET A 60 -21.14 15.59 -3.90
N ALA A 61 -20.26 14.97 -3.13
CA ALA A 61 -20.63 14.46 -1.81
C ALA A 61 -20.23 15.49 -0.76
N LYS A 62 -19.30 16.35 -1.16
CA LYS A 62 -18.84 17.46 -0.35
C LYS A 62 -18.56 18.64 -1.26
N PRO A 63 -18.64 19.87 -0.73
CA PRO A 63 -18.27 21.07 -1.49
C PRO A 63 -16.79 21.06 -1.86
N ARG A 64 -16.44 21.75 -2.95
CA ARG A 64 -15.06 21.76 -3.44
C ARG A 64 -14.21 22.71 -2.60
N ILE A 65 -13.89 22.27 -1.39
CA ILE A 65 -13.04 23.02 -0.49
C ILE A 65 -12.12 22.07 0.27
N TYR A 66 -10.82 22.20 0.03
CA TYR A 66 -9.86 21.27 0.59
C TYR A 66 -8.59 21.98 1.04
N THR A 67 -8.54 22.31 2.32
CA THR A 67 -7.37 22.95 2.89
C THR A 67 -6.31 21.91 3.23
N GLN A 68 -6.67 20.98 4.13
CA GLN A 68 -5.80 19.88 4.46
C GLN A 68 -6.25 18.64 3.67
N ASP A 69 -5.75 18.53 2.45
CA ASP A 69 -6.16 17.48 1.55
C ASP A 69 -5.25 16.26 1.69
N GLN A 70 -5.71 15.13 1.17
CA GLN A 70 -4.98 13.87 1.27
C GLN A 70 -4.20 13.62 -0.02
N MET A 71 -2.90 13.46 0.10
CA MET A 71 -2.03 13.25 -1.06
C MET A 71 -2.10 11.80 -1.51
N VAL A 72 -2.08 11.57 -2.82
CA VAL A 72 -2.19 10.22 -3.36
C VAL A 72 -0.84 9.72 -3.86
N LEU A 73 -0.55 8.45 -3.59
CA LEU A 73 0.72 7.86 -3.94
C LEU A 73 0.68 7.19 -5.31
N ASN A 74 1.85 6.93 -5.87
CA ASN A 74 1.96 6.27 -7.16
C ASN A 74 2.38 4.84 -6.95
N GLY A 75 1.49 3.90 -7.27
CA GLY A 75 1.73 2.50 -6.95
C GLY A 75 2.70 1.83 -7.88
N GLY A 76 2.82 2.35 -9.09
CA GLY A 76 3.75 1.78 -10.04
C GLY A 76 3.34 2.05 -11.49
N PRO A 77 4.17 1.63 -12.45
CA PRO A 77 3.92 1.88 -13.88
C PRO A 77 2.97 0.87 -14.51
N VAL A 78 2.43 -0.03 -13.71
CA VAL A 78 1.49 -1.02 -14.21
C VAL A 78 0.08 -0.67 -13.76
N ASN A 79 -0.82 -0.43 -14.73
CA ASN A 79 -2.19 0.00 -14.43
C ASN A 79 -2.19 1.37 -13.77
N GLN A 80 -1.23 2.19 -14.16
CA GLN A 80 -1.02 3.51 -13.57
C GLN A 80 -2.19 4.45 -13.86
N ASP A 81 -3.00 4.06 -14.82
CA ASP A 81 -4.18 4.83 -15.21
C ASP A 81 -5.35 4.53 -14.29
N ARG A 82 -5.17 3.54 -13.40
CA ARG A 82 -6.25 3.08 -12.55
C ARG A 82 -6.03 3.47 -11.10
N GLY A 83 -7.12 3.85 -10.44
CA GLY A 83 -7.07 4.13 -9.02
C GLY A 83 -7.21 2.87 -8.19
N PHE A 84 -6.30 2.69 -7.25
CA PHE A 84 -6.28 1.50 -6.41
C PHE A 84 -6.59 1.89 -4.95
N ILE A 85 -7.61 1.27 -4.36
CA ILE A 85 -8.00 1.64 -3.00
C ILE A 85 -8.15 0.38 -2.13
N VAL A 86 -7.36 0.31 -1.08
CA VAL A 86 -7.45 -0.79 -0.13
C VAL A 86 -7.78 -0.23 1.25
N HIS A 87 -8.65 -0.90 1.99
CA HIS A 87 -9.04 -0.43 3.31
C HIS A 87 -9.36 -1.58 4.25
N SER A 88 -9.38 -1.29 5.54
CA SER A 88 -9.83 -2.25 6.54
C SER A 88 -11.34 -2.37 6.48
N LYS A 89 -11.89 -3.43 7.01
CA LYS A 89 -13.32 -3.65 6.94
C LYS A 89 -14.04 -2.84 8.01
N THR A 90 -14.94 -1.98 7.57
CA THR A 90 -15.74 -1.20 8.48
C THR A 90 -17.14 -1.02 7.90
N ASP A 91 -17.20 -0.92 6.59
CA ASP A 91 -18.47 -0.86 5.86
C ASP A 91 -18.76 -2.22 5.24
N HIS A 92 -19.89 -2.35 4.56
CA HIS A 92 -20.22 -3.59 3.88
C HIS A 92 -20.39 -3.35 2.39
N GLU A 93 -19.26 -3.27 1.70
CA GLU A 93 -19.23 -3.18 0.24
C GLU A 93 -19.78 -4.44 -0.40
N PHE A 94 -20.02 -4.38 -1.69
CA PHE A 94 -20.67 -5.49 -2.39
C PHE A 94 -20.32 -5.57 -3.87
N THR A 95 -20.05 -4.43 -4.50
CA THR A 95 -19.87 -4.36 -5.95
C THR A 95 -18.93 -5.48 -6.47
N HIS A 96 -17.70 -5.49 -5.98
CA HIS A 96 -16.74 -6.52 -6.34
C HIS A 96 -15.51 -6.41 -5.45
N SER A 97 -15.69 -6.78 -4.20
CA SER A 97 -14.64 -6.67 -3.21
C SER A 97 -13.65 -7.82 -3.33
N TYR A 98 -12.36 -7.51 -3.34
CA TYR A 98 -11.34 -8.53 -3.40
C TYR A 98 -10.70 -8.72 -2.02
N LYS A 99 -10.68 -9.96 -1.56
CA LYS A 99 -10.13 -10.27 -0.24
C LYS A 99 -8.60 -10.17 -0.28
N VAL A 100 -8.04 -9.26 0.50
CA VAL A 100 -6.59 -9.20 0.66
C VAL A 100 -6.15 -10.26 1.65
N THR A 101 -6.73 -10.23 2.83
CA THR A 101 -6.56 -11.30 3.79
C THR A 101 -7.92 -11.73 4.33
N ASP A 102 -8.72 -10.75 4.74
CA ASP A 102 -10.11 -10.96 5.13
C ASP A 102 -10.73 -9.63 5.51
N ASP A 103 -10.24 -9.06 6.60
CA ASP A 103 -10.66 -7.71 7.01
C ASP A 103 -10.19 -6.70 5.97
N ILE A 104 -8.94 -6.84 5.57
CA ILE A 104 -8.38 -5.94 4.56
C ILE A 104 -8.96 -6.29 3.19
N THR A 105 -9.57 -5.32 2.55
CA THR A 105 -10.28 -5.54 1.30
C THR A 105 -9.91 -4.52 0.24
N LEU A 106 -9.82 -4.97 -1.00
CA LEU A 106 -9.55 -4.10 -2.13
C LEU A 106 -10.85 -3.72 -2.82
N THR A 107 -10.99 -2.44 -3.18
CA THR A 107 -12.21 -1.97 -3.82
C THR A 107 -11.87 -1.06 -5.00
N THR A 108 -12.36 -1.41 -6.18
CA THR A 108 -12.13 -0.60 -7.37
C THR A 108 -13.40 -0.42 -8.19
N SER A 109 -14.51 -1.00 -7.72
CA SER A 109 -15.75 -0.98 -8.48
C SER A 109 -16.65 0.19 -8.09
N GLY A 110 -16.07 1.19 -7.45
CA GLY A 110 -16.81 2.41 -7.14
C GLY A 110 -17.44 2.41 -5.77
N ASP A 111 -17.50 1.24 -5.13
CA ASP A 111 -18.09 1.11 -3.79
C ASP A 111 -17.40 2.06 -2.80
N VAL A 112 -16.13 2.35 -3.07
CA VAL A 112 -15.32 3.22 -2.22
C VAL A 112 -16.02 4.57 -1.96
N LEU A 113 -16.76 5.05 -2.95
CA LEU A 113 -17.44 6.33 -2.85
C LEU A 113 -18.63 6.27 -1.90
N ASP A 114 -19.24 5.09 -1.82
CA ASP A 114 -20.44 4.91 -1.00
C ASP A 114 -20.08 4.62 0.45
N SER A 115 -18.98 3.89 0.63
CA SER A 115 -18.49 3.55 1.97
C SER A 115 -18.20 4.80 2.78
N PHE A 116 -17.74 5.85 2.11
CA PHE A 116 -17.35 7.09 2.78
C PHE A 116 -18.54 7.99 3.06
N GLY A 117 -19.74 7.47 2.90
CA GLY A 117 -20.92 8.28 3.14
C GLY A 117 -22.00 7.54 3.93
N THR A 118 -21.58 6.54 4.70
CA THR A 118 -22.54 5.75 5.48
C THR A 118 -22.19 5.76 6.96
N GLN A 119 -21.30 6.69 7.35
CA GLN A 119 -20.76 6.77 8.72
C GLN A 119 -19.81 5.60 9.01
N THR A 120 -20.13 4.42 8.49
CA THR A 120 -19.32 3.23 8.67
C THR A 120 -18.12 3.22 7.73
N ALA A 121 -17.64 4.41 7.37
CA ALA A 121 -16.44 4.55 6.56
C ALA A 121 -15.25 3.91 7.26
N PRO A 122 -14.46 3.12 6.51
CA PRO A 122 -13.28 2.42 7.06
C PRO A 122 -12.32 3.36 7.78
N GLU A 123 -11.77 2.89 8.89
CA GLU A 123 -10.86 3.67 9.72
C GLU A 123 -9.67 4.15 8.92
N LYS A 124 -9.00 3.21 8.26
CA LYS A 124 -7.79 3.50 7.51
C LYS A 124 -7.91 2.95 6.10
N PHE A 125 -7.36 3.68 5.14
CA PHE A 125 -7.43 3.29 3.74
C PHE A 125 -6.21 3.82 3.01
N ILE A 126 -5.72 3.06 2.04
CA ILE A 126 -4.62 3.49 1.21
C ILE A 126 -5.08 3.67 -0.22
N VAL A 127 -4.70 4.78 -0.82
CA VAL A 127 -5.06 5.06 -2.20
C VAL A 127 -3.80 5.31 -3.03
N CYS A 128 -3.68 4.61 -4.14
CA CYS A 128 -2.52 4.76 -5.01
C CYS A 128 -2.94 4.66 -6.46
N LEU A 129 -2.20 5.34 -7.32
CA LEU A 129 -2.43 5.27 -8.75
C LEU A 129 -1.48 4.27 -9.38
N GLY A 130 -2.04 3.18 -9.89
CA GLY A 130 -1.24 2.13 -10.48
C GLY A 130 -0.63 1.20 -9.45
N CYS A 131 0.06 0.18 -9.92
CA CYS A 131 0.74 -0.78 -9.04
C CYS A 131 2.01 -1.28 -9.72
N SER A 132 2.79 -2.05 -8.98
CA SER A 132 4.01 -2.62 -9.52
C SER A 132 3.89 -4.14 -9.59
N THR A 133 4.03 -4.69 -10.78
CA THR A 133 3.98 -6.12 -10.96
C THR A 133 5.35 -6.68 -11.32
N TRP A 134 5.86 -7.57 -10.47
CA TRP A 134 7.15 -8.19 -10.70
C TRP A 134 7.03 -9.33 -11.70
N LYS A 135 8.15 -9.70 -12.29
CA LYS A 135 8.21 -10.83 -13.20
C LYS A 135 8.16 -12.13 -12.41
N PRO A 136 7.37 -13.11 -12.90
CA PRO A 136 7.27 -14.42 -12.26
C PRO A 136 8.65 -15.06 -12.07
N HIS A 137 8.89 -15.57 -10.86
CA HIS A 137 10.13 -16.25 -10.50
C HIS A 137 11.27 -15.27 -10.23
N GLN A 138 11.27 -14.14 -10.93
CA GLN A 138 12.34 -13.14 -10.80
C GLN A 138 12.43 -12.62 -9.37
N LEU A 139 11.29 -12.25 -8.79
CA LEU A 139 11.25 -11.71 -7.43
C LEU A 139 11.85 -12.70 -6.42
N GLU A 140 11.57 -13.98 -6.65
CA GLU A 140 12.09 -15.02 -5.77
C GLU A 140 13.62 -15.03 -5.78
N GLN A 141 14.18 -14.90 -6.97
CA GLN A 141 15.62 -14.83 -7.14
C GLN A 141 16.19 -13.61 -6.43
N GLU A 142 15.52 -12.47 -6.58
CA GLU A 142 15.97 -11.23 -5.96
C GLU A 142 15.96 -11.35 -4.44
N ILE A 143 14.90 -11.94 -3.91
CA ILE A 143 14.80 -12.19 -2.47
C ILE A 143 15.91 -13.13 -2.02
N ALA A 144 16.20 -14.14 -2.84
CA ALA A 144 17.25 -15.12 -2.53
C ALA A 144 18.63 -14.47 -2.51
N GLN A 145 18.80 -13.40 -3.29
CA GLN A 145 20.06 -12.67 -3.32
C GLN A 145 20.08 -11.57 -2.25
N ASN A 146 19.07 -11.59 -1.38
CA ASN A 146 18.97 -10.64 -0.27
C ASN A 146 18.74 -9.21 -0.72
N TYR A 147 18.07 -9.04 -1.85
CA TYR A 147 17.65 -7.71 -2.28
C TYR A 147 16.37 -7.32 -1.55
N TRP A 148 15.58 -8.32 -1.20
CA TRP A 148 14.31 -8.09 -0.54
C TRP A 148 14.18 -8.99 0.69
N LEU A 149 13.79 -8.39 1.80
CA LEU A 149 13.53 -9.15 3.02
C LEU A 149 12.08 -9.56 3.07
N LEU A 150 11.85 -10.85 2.96
CA LEU A 150 10.49 -11.38 2.94
C LEU A 150 9.99 -11.61 4.36
N SER A 151 8.78 -11.15 4.62
CA SER A 151 8.14 -11.31 5.91
C SER A 151 6.63 -11.12 5.78
N GLU A 152 5.86 -11.80 6.62
CA GLU A 152 4.41 -11.68 6.57
C GLU A 152 3.92 -10.66 7.58
N ALA A 153 2.66 -10.26 7.42
CA ALA A 153 2.04 -9.35 8.36
C ALA A 153 0.80 -9.99 8.97
N ASN A 154 -0.34 -9.82 8.30
CA ASN A 154 -1.63 -10.35 8.76
C ASN A 154 -1.91 -9.90 10.20
N ASN A 155 -1.39 -8.74 10.57
CA ASN A 155 -1.47 -8.26 11.93
C ASN A 155 -1.83 -6.78 11.93
N GLN A 156 -2.01 -6.21 13.11
CA GLN A 156 -2.37 -4.79 13.24
C GLN A 156 -1.31 -3.91 12.58
N THR A 157 -0.06 -4.33 12.68
CA THR A 157 1.06 -3.60 12.11
C THR A 157 0.84 -3.29 10.62
N LEU A 158 0.08 -4.15 9.95
CA LEU A 158 -0.16 -4.02 8.51
C LEU A 158 -0.90 -2.71 8.20
N PHE A 159 -2.07 -2.54 8.80
CA PHE A 159 -2.96 -1.45 8.40
C PHE A 159 -3.38 -0.56 9.57
N GLU A 160 -2.81 -0.77 10.74
CA GLU A 160 -3.14 0.06 11.89
C GLU A 160 -2.02 1.02 12.22
N THR A 161 -0.82 0.74 11.72
CA THR A 161 0.37 1.50 12.09
C THR A 161 0.28 2.96 11.65
N SER A 162 -0.52 3.24 10.63
CA SER A 162 -0.67 4.59 10.13
C SER A 162 -1.48 5.46 11.10
N TYR A 163 -0.79 6.03 12.08
CA TYR A 163 -1.40 6.94 13.04
C TYR A 163 -0.54 8.18 13.23
N LEU A 164 -0.71 8.83 14.38
CA LEU A 164 -0.02 10.08 14.69
C LEU A 164 1.51 9.89 14.77
N ASP A 165 1.94 8.68 15.11
CA ASP A 165 3.36 8.35 15.14
C ASP A 165 3.56 6.93 14.61
N ARG A 166 4.71 6.70 13.98
CA ARG A 166 4.97 5.43 13.31
C ARG A 166 6.48 5.16 13.25
N TRP A 167 7.10 5.49 12.11
CA TRP A 167 8.56 5.60 11.99
C TRP A 167 9.27 4.24 11.84
N VAL A 168 9.03 3.31 12.74
CA VAL A 168 9.83 2.07 12.76
C VAL A 168 8.99 0.80 12.80
N GLU A 169 7.79 0.82 12.24
CA GLU A 169 6.93 -0.36 12.25
C GLU A 169 7.56 -1.53 11.48
N ALA A 170 7.97 -1.29 10.23
CA ALA A 170 8.53 -2.34 9.40
C ALA A 170 9.91 -2.74 9.91
N ASN A 171 10.61 -1.78 10.48
CA ASN A 171 11.94 -2.03 11.01
C ASN A 171 11.86 -2.96 12.22
N GLU A 172 10.87 -2.71 13.09
CA GLU A 172 10.69 -3.51 14.28
C GLU A 172 10.08 -4.88 13.94
N MET A 173 9.43 -4.97 12.79
CA MET A 173 8.96 -6.26 12.28
C MET A 173 10.14 -7.18 12.02
N LEU A 174 11.24 -6.58 11.59
CA LEU A 174 12.49 -7.30 11.40
C LEU A 174 13.21 -7.40 12.73
N GLY A 175 13.17 -6.31 13.48
CA GLY A 175 13.78 -6.27 14.79
C GLY A 175 15.25 -5.92 14.71
N ILE A 176 15.64 -5.26 13.62
CA ILE A 176 17.04 -4.92 13.38
C ILE A 176 17.92 -6.17 13.54
N SER A 177 17.51 -7.24 12.87
CA SER A 177 18.20 -8.52 12.97
C SER A 177 19.32 -8.58 11.94
N GLY A 178 19.86 -9.79 11.74
CA GLY A 178 20.95 -9.99 10.81
C GLY A 178 20.53 -9.82 9.37
N ILE A 179 20.64 -8.60 8.87
CA ILE A 179 20.31 -8.30 7.49
C ILE A 179 21.57 -8.31 6.62
N LEU A 180 21.55 -9.10 5.56
CA LEU A 180 22.67 -9.16 4.64
C LEU A 180 22.59 -8.03 3.64
N ALA A 181 22.98 -6.84 4.11
CA ALA A 181 23.02 -5.65 3.29
C ALA A 181 23.82 -4.57 4.01
N PRO A 182 24.99 -4.18 3.47
CA PRO A 182 25.84 -3.16 4.07
C PRO A 182 25.22 -1.76 3.96
N ALA A 183 24.34 -1.45 4.89
CA ALA A 183 23.71 -0.13 4.95
C ALA A 183 24.43 0.76 5.96
N GLY A 184 24.33 0.38 7.22
CA GLY A 184 24.98 1.14 8.28
C GLY A 184 24.49 0.76 9.64
N ARG A 185 25.18 1.22 10.68
CA ARG A 185 24.82 0.92 12.06
C ARG A 185 24.92 2.17 12.92
N ALA A 186 24.62 3.32 12.33
CA ALA A 186 24.74 4.59 13.02
C ALA A 186 23.38 5.13 13.45
N LEU A 187 22.34 4.32 13.30
CA LEU A 187 20.99 4.77 13.61
C LEU A 187 20.09 3.61 14.03
N GLU A 188 19.55 3.71 15.23
CA GLU A 188 18.55 2.77 15.72
C GLU A 188 17.44 3.55 16.40
N MET A 1 7.47 -18.73 4.89
CA MET A 1 7.58 -19.28 3.52
C MET A 1 6.75 -18.44 2.56
N PHE A 2 7.22 -18.30 1.33
CA PHE A 2 6.51 -17.48 0.35
C PHE A 2 5.99 -18.33 -0.81
N GLY A 3 4.68 -18.32 -0.98
CA GLY A 3 4.06 -18.96 -2.11
C GLY A 3 3.33 -17.97 -2.98
N ASN A 4 2.11 -17.63 -2.59
CA ASN A 4 1.35 -16.60 -3.28
C ASN A 4 1.35 -15.33 -2.44
N LEU A 5 1.73 -15.47 -1.18
CA LEU A 5 1.80 -14.35 -0.24
C LEU A 5 0.42 -13.78 0.03
N GLN A 6 0.03 -12.77 -0.77
CA GLN A 6 -1.21 -12.00 -0.58
C GLN A 6 -1.60 -11.86 0.87
N GLY A 7 -1.05 -10.85 1.49
CA GLY A 7 -1.24 -10.63 2.92
C GLY A 7 0.06 -10.56 3.68
N LYS A 8 1.17 -10.72 2.98
CA LYS A 8 2.49 -10.58 3.57
C LYS A 8 3.10 -9.26 3.15
N PHE A 9 4.20 -8.88 3.78
CA PHE A 9 4.88 -7.64 3.45
C PHE A 9 6.39 -7.82 3.54
N ILE A 10 7.12 -6.85 3.02
CA ILE A 10 8.58 -6.94 2.95
C ILE A 10 9.25 -5.72 3.55
N ILE A 11 10.18 -5.98 4.46
CA ILE A 11 10.94 -4.92 5.12
C ILE A 11 12.29 -4.75 4.43
N ALA A 12 12.60 -3.53 4.03
CA ALA A 12 13.91 -3.22 3.44
C ALA A 12 14.12 -1.72 3.35
N THR A 13 13.40 -1.08 2.44
CA THR A 13 13.52 0.36 2.22
C THR A 13 14.89 0.71 1.62
N PRO A 14 14.97 0.83 0.28
CA PRO A 14 16.22 1.17 -0.41
C PRO A 14 16.85 2.46 0.12
N GLU A 15 16.04 3.51 0.25
CA GLU A 15 16.50 4.76 0.82
C GLU A 15 15.33 5.70 1.04
N MET A 16 14.90 6.38 -0.02
CA MET A 16 13.80 7.33 0.04
C MET A 16 13.49 7.84 -1.35
N ASP A 17 12.67 8.87 -1.44
CA ASP A 17 12.37 9.51 -2.71
C ASP A 17 12.67 11.00 -2.64
N ASP A 18 11.80 11.72 -1.95
CA ASP A 18 12.04 13.12 -1.62
C ASP A 18 12.03 13.25 -0.11
N GLU A 19 10.92 12.85 0.50
CA GLU A 19 10.85 12.71 1.94
C GLU A 19 11.39 11.37 2.38
N TYR A 20 11.40 11.13 3.68
CA TYR A 20 12.05 9.95 4.24
C TYR A 20 11.06 8.82 4.46
N PHE A 21 10.12 9.03 5.38
CA PHE A 21 9.24 7.97 5.83
C PHE A 21 7.79 8.41 5.75
N ASP A 22 7.27 8.45 4.54
CA ASP A 22 5.85 8.68 4.33
C ASP A 22 5.24 7.41 3.77
N ARG A 23 4.62 6.63 4.66
CA ARG A 23 4.13 5.30 4.31
C ARG A 23 5.28 4.39 3.91
N THR A 24 6.10 4.04 4.89
CA THR A 24 7.28 3.23 4.67
C THR A 24 6.91 1.82 4.20
N VAL A 25 6.93 1.62 2.88
CA VAL A 25 6.63 0.33 2.28
C VAL A 25 5.20 -0.11 2.62
N ILE A 26 4.85 -1.35 2.31
CA ILE A 26 3.52 -1.87 2.59
C ILE A 26 3.49 -3.39 2.24
N TYR A 27 2.37 -3.93 1.78
CA TYR A 27 2.22 -5.37 1.67
C TYR A 27 1.92 -5.79 0.23
N ILE A 28 1.84 -7.10 0.02
CA ILE A 28 1.54 -7.68 -1.29
C ILE A 28 0.03 -7.89 -1.43
N CYS A 29 -0.54 -7.38 -2.52
CA CYS A 29 -1.97 -7.45 -2.73
C CYS A 29 -2.36 -8.64 -3.61
N GLU A 30 -1.63 -8.85 -4.70
CA GLU A 30 -1.95 -9.89 -5.66
C GLU A 30 -0.70 -10.65 -6.08
N HIS A 31 -0.86 -11.87 -6.55
CA HIS A 31 0.26 -12.69 -6.98
C HIS A 31 -0.13 -13.48 -8.22
N ASN A 32 0.46 -13.12 -9.35
CA ASN A 32 0.16 -13.76 -10.62
C ASN A 32 1.40 -14.51 -11.10
N ASP A 33 1.30 -15.17 -12.24
CA ASP A 33 2.42 -15.91 -12.79
C ASP A 33 3.45 -14.97 -13.39
N ASN A 34 2.97 -13.89 -13.98
CA ASN A 34 3.85 -12.90 -14.61
C ASN A 34 4.59 -12.09 -13.58
N GLY A 35 4.04 -12.01 -12.36
CA GLY A 35 4.71 -11.26 -11.32
C GLY A 35 3.86 -11.09 -10.09
N THR A 36 4.43 -10.44 -9.09
CA THR A 36 3.75 -10.21 -7.83
C THR A 36 3.28 -8.76 -7.76
N ILE A 37 2.02 -8.56 -7.42
CA ILE A 37 1.42 -7.23 -7.42
C ILE A 37 1.35 -6.66 -6.02
N GLY A 38 2.09 -5.60 -5.79
CA GLY A 38 2.04 -4.90 -4.53
C GLY A 38 2.08 -3.40 -4.75
N VAL A 39 2.01 -2.62 -3.68
CA VAL A 39 2.09 -1.17 -3.80
C VAL A 39 3.21 -0.63 -2.91
N ILE A 40 4.27 -1.42 -2.80
CA ILE A 40 5.38 -1.12 -1.89
C ILE A 40 6.39 -0.15 -2.50
N ILE A 41 5.96 0.61 -3.51
CA ILE A 41 6.85 1.54 -4.20
C ILE A 41 7.28 2.69 -3.29
N ASN A 42 6.45 2.98 -2.27
CA ASN A 42 6.78 3.96 -1.23
C ASN A 42 6.85 5.38 -1.80
N THR A 43 5.68 6.01 -1.98
CA THR A 43 5.63 7.38 -2.48
C THR A 43 4.19 7.91 -2.55
N PRO A 44 3.94 9.06 -1.92
CA PRO A 44 2.69 9.80 -2.10
C PRO A 44 2.75 10.68 -3.34
N THR A 45 1.67 11.40 -3.63
CA THR A 45 1.66 12.31 -4.76
C THR A 45 1.41 13.74 -4.28
N ASP A 46 1.28 14.67 -5.21
CA ASP A 46 1.03 16.06 -4.87
C ASP A 46 -0.46 16.38 -4.86
N LEU A 47 -1.28 15.35 -4.97
CA LEU A 47 -2.72 15.53 -5.09
C LEU A 47 -3.47 14.75 -4.02
N SER A 48 -4.74 15.10 -3.80
CA SER A 48 -5.56 14.40 -2.83
C SER A 48 -6.59 13.52 -3.52
N VAL A 49 -7.16 12.58 -2.78
CA VAL A 49 -8.15 11.66 -3.34
C VAL A 49 -9.42 12.42 -3.74
N LEU A 50 -9.77 13.43 -2.95
CA LEU A 50 -10.96 14.23 -3.23
C LEU A 50 -10.73 15.12 -4.45
N GLU A 51 -9.47 15.47 -4.70
CA GLU A 51 -9.11 16.26 -5.86
C GLU A 51 -9.33 15.49 -7.16
N LEU A 52 -9.09 14.19 -7.11
CA LEU A 52 -9.39 13.31 -8.24
C LEU A 52 -10.87 13.38 -8.58
N LEU A 53 -11.69 13.33 -7.52
CA LEU A 53 -13.14 13.41 -7.66
C LEU A 53 -13.53 14.79 -8.17
N THR A 54 -12.77 15.79 -7.75
CA THR A 54 -13.00 17.15 -8.15
C THR A 54 -12.84 17.32 -9.67
N ARG A 55 -11.91 16.57 -10.25
CA ARG A 55 -11.70 16.63 -11.69
C ARG A 55 -12.81 15.87 -12.41
N MET A 56 -12.91 14.57 -12.12
CA MET A 56 -13.90 13.69 -12.76
C MET A 56 -13.60 12.23 -12.45
N ASP A 57 -12.33 11.95 -12.15
CA ASP A 57 -11.85 10.59 -11.94
C ASP A 57 -12.57 9.94 -10.75
N PHE A 58 -13.16 8.77 -10.99
CA PHE A 58 -13.85 8.00 -9.97
C PHE A 58 -15.07 8.75 -9.45
N GLN A 59 -15.83 9.32 -10.40
CA GLN A 59 -17.01 10.13 -10.12
C GLN A 59 -16.62 11.57 -9.76
N MET A 60 -17.53 12.50 -9.99
CA MET A 60 -17.19 13.91 -9.97
C MET A 60 -17.82 14.65 -8.80
N ALA A 61 -17.07 15.62 -8.29
CA ALA A 61 -17.55 16.62 -7.32
C ALA A 61 -17.65 16.08 -5.89
N LYS A 62 -16.73 16.56 -5.06
CA LYS A 62 -16.77 16.28 -3.63
C LYS A 62 -16.02 17.41 -2.91
N PRO A 63 -16.74 18.51 -2.61
CA PRO A 63 -16.14 19.71 -2.02
C PRO A 63 -15.53 19.48 -0.64
N ARG A 64 -14.36 20.08 -0.41
CA ARG A 64 -13.70 19.96 0.87
C ARG A 64 -13.10 21.30 1.27
N ILE A 65 -12.59 21.35 2.50
CA ILE A 65 -11.90 22.54 3.00
C ILE A 65 -10.45 22.21 3.32
N TYR A 66 -9.74 23.20 3.88
CA TYR A 66 -8.33 23.08 4.25
C TYR A 66 -7.45 22.99 3.00
N THR A 67 -6.14 23.12 3.21
CA THR A 67 -5.20 23.02 2.11
C THR A 67 -5.15 21.60 1.56
N GLN A 68 -5.10 20.63 2.46
CA GLN A 68 -5.10 19.22 2.07
C GLN A 68 -6.00 18.42 3.00
N ASP A 69 -6.38 17.22 2.56
CA ASP A 69 -7.20 16.34 3.37
C ASP A 69 -6.60 14.93 3.37
N GLN A 70 -7.12 14.06 2.53
CA GLN A 70 -6.53 12.74 2.34
C GLN A 70 -5.77 12.71 1.04
N MET A 71 -4.45 12.60 1.13
CA MET A 71 -3.60 12.63 -0.05
C MET A 71 -3.55 11.25 -0.70
N VAL A 72 -3.48 11.22 -2.03
CA VAL A 72 -3.42 9.97 -2.76
C VAL A 72 -1.97 9.60 -3.03
N LEU A 73 -1.65 8.33 -2.86
CA LEU A 73 -0.30 7.84 -3.13
C LEU A 73 -0.26 7.13 -4.47
N ASN A 74 0.93 6.64 -4.81
CA ASN A 74 1.10 5.86 -6.03
C ASN A 74 1.51 4.45 -5.65
N GLY A 75 0.91 3.47 -6.32
CA GLY A 75 1.24 2.09 -6.05
C GLY A 75 2.26 1.56 -7.03
N GLY A 76 2.33 2.18 -8.19
CA GLY A 76 3.29 1.79 -9.20
C GLY A 76 2.90 2.30 -10.57
N PRO A 77 3.77 2.11 -11.57
CA PRO A 77 3.52 2.59 -12.94
C PRO A 77 2.56 1.70 -13.71
N VAL A 78 2.27 0.51 -13.17
CA VAL A 78 1.42 -0.45 -13.85
C VAL A 78 -0.04 -0.21 -13.51
N ASN A 79 -0.87 -0.04 -14.54
CA ASN A 79 -2.31 0.17 -14.39
C ASN A 79 -2.61 1.41 -13.56
N GLN A 80 -1.85 2.48 -13.79
CA GLN A 80 -2.04 3.72 -13.08
C GLN A 80 -3.34 4.40 -13.52
N ASP A 81 -3.91 3.88 -14.59
CA ASP A 81 -5.22 4.31 -15.05
C ASP A 81 -6.28 3.96 -14.01
N ARG A 82 -5.96 2.98 -13.18
CA ARG A 82 -6.90 2.48 -12.19
C ARG A 82 -6.56 2.99 -10.81
N GLY A 83 -7.58 3.20 -10.00
CA GLY A 83 -7.37 3.66 -8.65
C GLY A 83 -7.68 2.60 -7.63
N PHE A 84 -6.71 2.28 -6.79
CA PHE A 84 -6.87 1.23 -5.79
C PHE A 84 -7.06 1.84 -4.42
N ILE A 85 -8.15 1.48 -3.76
CA ILE A 85 -8.42 1.95 -2.41
C ILE A 85 -8.52 0.77 -1.47
N VAL A 86 -7.54 0.64 -0.61
CA VAL A 86 -7.49 -0.46 0.35
C VAL A 86 -8.07 -0.01 1.68
N HIS A 87 -9.07 -0.72 2.18
CA HIS A 87 -9.70 -0.38 3.43
C HIS A 87 -9.97 -1.62 4.28
N SER A 88 -10.34 -1.42 5.54
CA SER A 88 -10.71 -2.54 6.40
C SER A 88 -11.98 -3.19 5.87
N LYS A 89 -12.33 -4.37 6.40
CA LYS A 89 -13.55 -5.05 6.00
C LYS A 89 -14.75 -4.11 6.09
N THR A 90 -15.29 -3.78 4.94
CA THR A 90 -16.39 -2.85 4.84
C THR A 90 -17.12 -3.09 3.52
N ASP A 91 -18.40 -3.38 3.58
CA ASP A 91 -19.16 -3.70 2.39
C ASP A 91 -20.14 -2.57 2.05
N HIS A 92 -21.26 -2.96 1.42
CA HIS A 92 -22.23 -2.04 0.81
C HIS A 92 -21.70 -1.55 -0.53
N GLU A 93 -20.67 -2.23 -1.00
CA GLU A 93 -20.14 -1.99 -2.32
C GLU A 93 -20.73 -3.04 -3.25
N PHE A 94 -20.79 -2.74 -4.52
CA PHE A 94 -21.53 -3.59 -5.45
C PHE A 94 -20.90 -3.59 -6.85
N THR A 95 -20.21 -2.53 -7.21
CA THR A 95 -19.60 -2.42 -8.53
C THR A 95 -18.47 -3.43 -8.69
N HIS A 96 -17.50 -3.40 -7.77
CA HIS A 96 -16.39 -4.34 -7.83
C HIS A 96 -15.55 -4.28 -6.54
N SER A 97 -15.64 -5.35 -5.75
CA SER A 97 -14.86 -5.44 -4.52
C SER A 97 -13.92 -6.65 -4.59
N TYR A 98 -12.68 -6.46 -4.14
CA TYR A 98 -11.70 -7.52 -4.13
C TYR A 98 -11.17 -7.72 -2.71
N LYS A 99 -11.03 -8.97 -2.30
CA LYS A 99 -10.50 -9.24 -0.96
C LYS A 99 -9.13 -9.90 -1.05
N VAL A 100 -8.13 -9.24 -0.50
CA VAL A 100 -6.78 -9.79 -0.43
C VAL A 100 -6.74 -10.87 0.63
N THR A 101 -7.17 -10.49 1.83
CA THR A 101 -7.34 -11.44 2.92
C THR A 101 -8.69 -11.13 3.58
N ASP A 102 -9.21 -12.03 4.40
CA ASP A 102 -10.54 -11.84 4.94
C ASP A 102 -10.53 -10.87 6.12
N ASP A 103 -10.25 -9.61 5.79
CA ASP A 103 -10.19 -8.50 6.76
C ASP A 103 -9.82 -7.23 6.03
N ILE A 104 -9.03 -7.38 4.98
CA ILE A 104 -8.61 -6.26 4.17
C ILE A 104 -9.36 -6.27 2.83
N THR A 105 -10.04 -5.17 2.53
CA THR A 105 -10.85 -5.08 1.32
C THR A 105 -10.27 -4.06 0.35
N LEU A 106 -10.08 -4.47 -0.88
CA LEU A 106 -9.56 -3.60 -1.92
C LEU A 106 -10.65 -3.25 -2.94
N THR A 107 -11.05 -1.99 -2.98
CA THR A 107 -12.00 -1.53 -3.97
C THR A 107 -11.26 -0.83 -5.11
N THR A 108 -11.49 -1.31 -6.33
CA THR A 108 -10.74 -0.84 -7.48
C THR A 108 -11.62 0.01 -8.40
N SER A 109 -12.65 0.62 -7.83
CA SER A 109 -13.59 1.42 -8.60
C SER A 109 -14.08 2.60 -7.79
N GLY A 110 -14.82 3.50 -8.43
CA GLY A 110 -15.39 4.65 -7.75
C GLY A 110 -16.49 4.27 -6.77
N ASP A 111 -16.66 2.98 -6.57
CA ASP A 111 -17.62 2.46 -5.60
C ASP A 111 -17.21 2.85 -4.19
N VAL A 112 -15.94 3.24 -4.05
CA VAL A 112 -15.42 3.74 -2.79
C VAL A 112 -16.22 4.97 -2.32
N LEU A 113 -16.75 5.72 -3.30
CA LEU A 113 -17.59 6.88 -3.01
C LEU A 113 -18.83 6.47 -2.22
N ASP A 114 -19.29 5.25 -2.49
CA ASP A 114 -20.46 4.71 -1.82
C ASP A 114 -20.07 4.21 -0.42
N SER A 115 -18.87 3.64 -0.34
CA SER A 115 -18.36 3.06 0.90
C SER A 115 -18.42 4.05 2.06
N PHE A 116 -18.00 5.29 1.83
CA PHE A 116 -18.07 6.31 2.88
C PHE A 116 -19.31 7.18 2.69
N GLY A 117 -19.94 7.51 3.81
CA GLY A 117 -21.16 8.29 3.78
C GLY A 117 -22.39 7.44 4.04
N THR A 118 -22.17 6.16 4.32
CA THR A 118 -23.25 5.24 4.59
C THR A 118 -23.15 4.73 6.03
N GLN A 119 -24.03 3.81 6.40
CA GLN A 119 -24.06 3.23 7.73
C GLN A 119 -22.72 2.55 8.03
N THR A 120 -22.12 1.98 7.00
CA THR A 120 -20.86 1.28 7.13
C THR A 120 -19.74 2.04 6.41
N ALA A 121 -19.45 3.24 6.88
CA ALA A 121 -18.30 3.97 6.38
C ALA A 121 -17.02 3.44 7.01
N PRO A 122 -16.03 3.05 6.18
CA PRO A 122 -14.77 2.49 6.66
C PRO A 122 -13.90 3.52 7.36
N GLU A 123 -13.38 3.14 8.53
CA GLU A 123 -12.49 4.02 9.29
C GLU A 123 -11.23 4.34 8.52
N LYS A 124 -10.50 3.30 8.15
CA LYS A 124 -9.17 3.45 7.63
C LYS A 124 -9.10 2.92 6.21
N PHE A 125 -8.60 3.75 5.32
CA PHE A 125 -8.46 3.40 3.92
C PHE A 125 -7.29 4.14 3.31
N ILE A 126 -6.52 3.45 2.49
CA ILE A 126 -5.40 4.05 1.79
C ILE A 126 -5.65 4.01 0.30
N VAL A 127 -5.40 5.12 -0.37
CA VAL A 127 -5.64 5.23 -1.79
C VAL A 127 -4.34 5.41 -2.56
N CYS A 128 -4.15 4.57 -3.55
CA CYS A 128 -2.94 4.62 -4.38
C CYS A 128 -3.30 4.34 -5.83
N LEU A 129 -2.70 5.09 -6.75
CA LEU A 129 -2.95 4.88 -8.16
C LEU A 129 -1.97 3.87 -8.74
N GLY A 130 -2.48 3.01 -9.60
CA GLY A 130 -1.67 1.94 -10.16
C GLY A 130 -1.12 0.98 -9.11
N CYS A 131 -0.29 0.05 -9.56
CA CYS A 131 0.39 -0.89 -8.68
C CYS A 131 1.74 -1.27 -9.28
N SER A 132 2.53 -2.01 -8.53
CA SER A 132 3.84 -2.41 -8.99
C SER A 132 3.89 -3.93 -9.17
N THR A 133 4.21 -4.35 -10.38
CA THR A 133 4.33 -5.78 -10.68
C THR A 133 5.79 -6.22 -10.65
N TRP A 134 6.11 -7.12 -9.73
CA TRP A 134 7.45 -7.66 -9.63
C TRP A 134 7.75 -8.54 -10.83
N LYS A 135 9.02 -8.58 -11.22
CA LYS A 135 9.44 -9.40 -12.35
C LYS A 135 9.34 -10.88 -11.99
N PRO A 136 8.99 -11.72 -12.97
CA PRO A 136 8.71 -13.15 -12.74
C PRO A 136 9.86 -13.89 -12.05
N HIS A 137 9.52 -14.55 -10.93
CA HIS A 137 10.44 -15.44 -10.20
C HIS A 137 11.56 -14.66 -9.49
N GLN A 138 11.66 -13.35 -9.74
CA GLN A 138 12.74 -12.54 -9.19
C GLN A 138 12.63 -12.41 -7.67
N LEU A 139 11.41 -12.16 -7.20
CA LEU A 139 11.17 -11.92 -5.78
C LEU A 139 11.65 -13.09 -4.92
N GLU A 140 11.58 -14.30 -5.47
CA GLU A 140 11.99 -15.51 -4.76
C GLU A 140 13.45 -15.43 -4.33
N GLN A 141 14.28 -14.91 -5.22
CA GLN A 141 15.71 -14.80 -4.94
C GLN A 141 15.99 -13.65 -3.98
N GLU A 142 15.45 -12.49 -4.27
CA GLU A 142 15.67 -11.30 -3.46
C GLU A 142 15.30 -11.53 -1.99
N ILE A 143 14.20 -12.23 -1.74
CA ILE A 143 13.80 -12.53 -0.38
C ILE A 143 14.79 -13.50 0.28
N ALA A 144 15.12 -14.58 -0.42
CA ALA A 144 15.99 -15.61 0.13
C ALA A 144 17.41 -15.09 0.35
N GLN A 145 17.86 -14.23 -0.56
CA GLN A 145 19.20 -13.68 -0.51
C GLN A 145 19.26 -12.41 0.36
N ASN A 146 18.23 -12.21 1.19
CA ASN A 146 18.21 -11.17 2.23
C ASN A 146 18.19 -9.75 1.67
N TYR A 147 17.70 -9.59 0.44
CA TYR A 147 17.51 -8.25 -0.10
C TYR A 147 16.18 -7.69 0.38
N TRP A 148 15.26 -8.59 0.70
CA TRP A 148 13.97 -8.22 1.25
C TRP A 148 13.65 -9.10 2.44
N LEU A 149 13.21 -8.48 3.52
CA LEU A 149 12.84 -9.21 4.73
C LEU A 149 11.36 -9.56 4.67
N LEU A 150 11.08 -10.86 4.61
CA LEU A 150 9.71 -11.32 4.45
C LEU A 150 9.06 -11.63 5.80
N SER A 151 7.82 -11.17 5.97
CA SER A 151 7.05 -11.45 7.17
C SER A 151 5.56 -11.34 6.85
N GLU A 152 4.73 -12.02 7.63
CA GLU A 152 3.29 -11.89 7.49
C GLU A 152 2.86 -10.51 7.95
N ALA A 153 1.76 -10.01 7.42
CA ALA A 153 1.32 -8.64 7.70
C ALA A 153 -0.06 -8.61 8.35
N ASN A 154 -0.69 -9.76 8.49
CA ASN A 154 -2.02 -9.84 9.07
C ASN A 154 -2.00 -9.56 10.57
N ASN A 155 -1.97 -8.29 10.91
CA ASN A 155 -1.95 -7.84 12.29
C ASN A 155 -2.45 -6.40 12.33
N GLN A 156 -2.78 -5.91 13.51
CA GLN A 156 -3.26 -4.54 13.69
C GLN A 156 -2.31 -3.53 13.07
N THR A 157 -1.02 -3.85 13.05
CA THR A 157 0.00 -2.99 12.50
C THR A 157 -0.30 -2.59 11.04
N LEU A 158 -0.97 -3.49 10.31
CA LEU A 158 -1.24 -3.28 8.89
C LEU A 158 -2.16 -2.07 8.68
N PHE A 159 -3.30 -2.05 9.36
CA PHE A 159 -4.28 -0.99 9.13
C PHE A 159 -4.50 -0.11 10.35
N GLU A 160 -4.66 -0.71 11.52
CA GLU A 160 -4.87 0.07 12.73
C GLU A 160 -3.63 0.90 13.03
N THR A 161 -2.47 0.23 12.97
CA THR A 161 -1.18 0.85 13.22
C THR A 161 -0.96 1.16 14.70
N SER A 162 -2.07 1.37 15.42
CA SER A 162 -2.05 1.81 16.81
C SER A 162 -1.44 3.20 16.91
N TYR A 163 -2.31 4.20 17.03
CA TYR A 163 -1.91 5.59 16.93
C TYR A 163 -1.03 6.00 18.11
N LEU A 164 0.28 5.86 17.91
CA LEU A 164 1.27 6.24 18.92
C LEU A 164 2.64 6.43 18.27
N ASP A 165 2.90 5.65 17.24
CA ASP A 165 4.10 5.84 16.42
C ASP A 165 3.68 6.37 15.05
N ARG A 166 4.58 6.40 14.10
CA ARG A 166 4.28 6.89 12.77
C ARG A 166 4.51 5.81 11.74
N TRP A 167 5.77 5.61 11.38
CA TRP A 167 6.14 4.63 10.36
C TRP A 167 7.50 4.02 10.70
N VAL A 168 7.84 3.99 11.98
CA VAL A 168 9.18 3.57 12.40
C VAL A 168 9.22 2.15 12.96
N GLU A 169 8.18 1.78 13.70
CA GLU A 169 8.18 0.52 14.44
C GLU A 169 8.09 -0.72 13.53
N ALA A 170 7.93 -0.50 12.23
CA ALA A 170 7.80 -1.59 11.26
C ALA A 170 8.99 -2.55 11.35
N ASN A 171 10.19 -2.02 11.16
CA ASN A 171 11.40 -2.84 11.16
C ASN A 171 11.77 -3.26 12.58
N GLU A 172 11.33 -2.48 13.57
CA GLU A 172 11.62 -2.75 14.96
C GLU A 172 10.93 -4.04 15.43
N MET A 173 9.88 -4.43 14.71
CA MET A 173 9.13 -5.64 15.04
C MET A 173 10.04 -6.87 15.09
N LEU A 174 11.06 -6.87 14.25
CA LEU A 174 11.98 -8.00 14.21
C LEU A 174 13.32 -7.62 14.82
N GLY A 175 13.88 -6.52 14.35
CA GLY A 175 15.20 -6.11 14.78
C GLY A 175 15.85 -5.21 13.76
N ILE A 176 16.10 -3.97 14.16
CA ILE A 176 16.70 -2.97 13.28
C ILE A 176 17.94 -3.53 12.59
N SER A 177 18.90 -3.98 13.39
CA SER A 177 20.13 -4.62 12.90
C SER A 177 21.08 -3.60 12.25
N GLY A 178 20.54 -2.74 11.39
CA GLY A 178 21.33 -1.72 10.74
C GLY A 178 20.93 -1.54 9.30
N ILE A 179 21.23 -2.54 8.48
CA ILE A 179 20.89 -2.52 7.07
C ILE A 179 21.12 -3.90 6.46
N LEU A 180 20.32 -4.27 5.47
CA LEU A 180 20.50 -5.55 4.80
C LEU A 180 21.61 -5.44 3.76
N ALA A 181 22.84 -5.61 4.21
CA ALA A 181 24.00 -5.50 3.35
C ALA A 181 25.19 -6.21 3.98
N PRO A 182 26.18 -6.63 3.16
CA PRO A 182 27.39 -7.29 3.65
C PRO A 182 28.30 -6.36 4.45
N ALA A 183 27.96 -5.06 4.46
CA ALA A 183 28.69 -4.06 5.22
C ALA A 183 30.13 -3.92 4.72
N GLY A 184 30.98 -3.28 5.51
CA GLY A 184 32.35 -3.07 5.11
C GLY A 184 32.48 -1.98 4.08
N ARG A 185 31.89 -0.83 4.39
CA ARG A 185 31.85 0.31 3.46
C ARG A 185 31.06 -0.07 2.22
N ALA A 186 29.76 -0.29 2.40
CA ALA A 186 28.90 -0.73 1.31
C ALA A 186 28.11 0.43 0.74
N LEU A 187 28.79 1.33 0.07
CA LEU A 187 28.14 2.44 -0.60
C LEU A 187 28.32 2.31 -2.10
N GLU A 188 27.34 2.75 -2.86
CA GLU A 188 27.40 2.71 -4.30
C GLU A 188 26.68 3.91 -4.89
N MET A 1 12.31 -20.33 -1.36
CA MET A 1 11.17 -20.41 -2.30
C MET A 1 9.85 -20.42 -1.55
N PHE A 2 8.95 -19.53 -1.95
CA PHE A 2 7.64 -19.44 -1.32
C PHE A 2 6.54 -19.70 -2.35
N GLY A 3 5.60 -20.56 -1.99
CA GLY A 3 4.50 -20.88 -2.88
C GLY A 3 3.65 -19.67 -3.19
N ASN A 4 3.09 -19.07 -2.14
CA ASN A 4 2.34 -17.83 -2.29
C ASN A 4 2.46 -17.00 -1.02
N LEU A 5 2.30 -15.69 -1.16
CA LEU A 5 2.46 -14.78 -0.05
C LEU A 5 1.16 -14.03 0.23
N GLN A 6 1.07 -12.80 -0.28
CA GLN A 6 -0.11 -11.94 -0.10
C GLN A 6 -0.37 -11.61 1.36
N GLY A 7 -0.38 -10.32 1.63
CA GLY A 7 -0.56 -9.85 3.00
C GLY A 7 0.71 -9.95 3.80
N LYS A 8 1.79 -10.32 3.14
CA LYS A 8 3.10 -10.39 3.75
C LYS A 8 3.82 -9.07 3.53
N PHE A 9 4.80 -8.75 4.35
CA PHE A 9 5.55 -7.52 4.17
C PHE A 9 7.04 -7.77 4.30
N ILE A 10 7.83 -6.82 3.83
CA ILE A 10 9.27 -6.92 3.88
C ILE A 10 9.87 -5.69 4.52
N ILE A 11 10.72 -5.91 5.52
CA ILE A 11 11.36 -4.82 6.24
C ILE A 11 12.65 -4.41 5.55
N ALA A 12 12.81 -3.11 5.37
CA ALA A 12 14.02 -2.54 4.78
C ALA A 12 14.20 -1.12 5.27
N THR A 13 15.36 -0.54 5.01
CA THR A 13 15.62 0.83 5.41
C THR A 13 15.98 1.67 4.19
N PRO A 14 15.01 2.43 3.67
CA PRO A 14 15.24 3.35 2.56
C PRO A 14 15.83 4.67 3.04
N GLU A 15 16.17 5.54 2.11
CA GLU A 15 16.68 6.86 2.44
C GLU A 15 15.58 7.71 3.05
N MET A 16 15.73 8.01 4.34
CA MET A 16 14.70 8.72 5.09
C MET A 16 14.74 10.21 4.81
N ASP A 17 13.62 10.88 5.10
CA ASP A 17 13.54 12.34 4.98
C ASP A 17 12.37 12.84 5.82
N ASP A 18 11.17 12.33 5.52
CA ASP A 18 9.97 12.56 6.33
C ASP A 18 9.53 14.02 6.28
N GLU A 19 8.35 14.28 5.73
CA GLU A 19 7.87 15.64 5.60
C GLU A 19 6.50 15.85 6.25
N TYR A 20 5.56 14.95 6.01
CA TYR A 20 4.21 15.12 6.52
C TYR A 20 3.57 13.78 6.89
N PHE A 21 2.90 13.17 5.92
CA PHE A 21 2.17 11.93 6.14
C PHE A 21 2.77 10.81 5.32
N ASP A 22 4.10 10.83 5.24
CA ASP A 22 4.88 9.88 4.49
C ASP A 22 4.48 8.44 4.79
N ARG A 23 4.14 7.68 3.76
CA ARG A 23 3.71 6.32 3.94
C ARG A 23 4.76 5.36 3.41
N THR A 24 5.25 4.51 4.27
CA THR A 24 6.31 3.58 3.95
C THR A 24 5.76 2.31 3.30
N VAL A 25 6.61 1.30 3.19
CA VAL A 25 6.21 -0.03 2.71
C VAL A 25 5.08 -0.58 3.58
N ILE A 26 4.06 -1.15 2.93
CA ILE A 26 2.91 -1.67 3.66
C ILE A 26 2.82 -3.20 3.54
N TYR A 27 2.78 -3.74 2.33
CA TYR A 27 2.67 -5.19 2.15
C TYR A 27 2.76 -5.60 0.68
N ILE A 28 2.83 -6.90 0.45
CA ILE A 28 2.83 -7.47 -0.89
C ILE A 28 1.40 -7.78 -1.32
N CYS A 29 1.00 -7.27 -2.48
CA CYS A 29 -0.37 -7.40 -2.93
C CYS A 29 -0.62 -8.75 -3.58
N GLU A 30 0.24 -9.12 -4.53
CA GLU A 30 0.06 -10.37 -5.26
C GLU A 30 1.38 -11.12 -5.41
N HIS A 31 1.31 -12.45 -5.40
CA HIS A 31 2.47 -13.28 -5.63
C HIS A 31 2.11 -14.44 -6.55
N ASN A 32 2.69 -14.44 -7.73
CA ASN A 32 2.54 -15.54 -8.64
C ASN A 32 3.92 -16.15 -8.86
N ASP A 33 3.98 -17.28 -9.54
CA ASP A 33 5.26 -17.83 -9.94
C ASP A 33 5.75 -17.15 -11.20
N ASN A 34 4.81 -16.54 -11.90
CA ASN A 34 5.11 -15.86 -13.17
C ASN A 34 5.39 -14.38 -12.92
N GLY A 35 5.02 -13.87 -11.74
CA GLY A 35 5.21 -12.46 -11.45
C GLY A 35 4.93 -12.13 -10.00
N THR A 36 5.19 -10.90 -9.59
CA THR A 36 4.96 -10.48 -8.22
C THR A 36 4.60 -8.99 -8.17
N ILE A 37 3.55 -8.66 -7.41
CA ILE A 37 3.06 -7.30 -7.33
C ILE A 37 3.06 -6.83 -5.88
N GLY A 38 3.75 -5.73 -5.61
CA GLY A 38 3.79 -5.19 -4.27
C GLY A 38 3.77 -3.68 -4.26
N VAL A 39 3.64 -3.09 -3.08
CA VAL A 39 3.66 -1.65 -2.93
C VAL A 39 4.61 -1.23 -1.82
N ILE A 40 5.82 -0.85 -2.22
CA ILE A 40 6.88 -0.50 -1.28
C ILE A 40 7.52 0.82 -1.67
N ILE A 41 6.75 1.64 -2.39
CA ILE A 41 7.23 2.88 -2.98
C ILE A 41 7.85 3.82 -1.93
N ASN A 42 7.23 3.88 -0.75
CA ASN A 42 7.76 4.65 0.38
C ASN A 42 7.82 6.16 0.06
N THR A 43 6.96 6.62 -0.86
CA THR A 43 6.94 8.03 -1.21
C THR A 43 5.66 8.34 -2.03
N PRO A 44 5.11 9.56 -1.91
CA PRO A 44 3.93 9.98 -2.64
C PRO A 44 4.24 10.43 -4.06
N THR A 45 3.23 10.96 -4.75
CA THR A 45 3.42 11.50 -6.09
C THR A 45 3.49 13.02 -6.04
N ASP A 46 3.26 13.64 -7.18
CA ASP A 46 3.25 15.10 -7.28
C ASP A 46 1.81 15.61 -7.34
N LEU A 47 0.87 14.69 -7.45
CA LEU A 47 -0.53 15.04 -7.63
C LEU A 47 -1.31 14.77 -6.34
N SER A 48 -2.56 15.20 -6.28
CA SER A 48 -3.37 14.97 -5.09
C SER A 48 -4.61 14.15 -5.43
N VAL A 49 -5.25 13.56 -4.42
CA VAL A 49 -6.43 12.74 -4.67
C VAL A 49 -7.60 13.63 -5.09
N LEU A 50 -7.67 14.83 -4.52
CA LEU A 50 -8.68 15.80 -4.89
C LEU A 50 -8.57 16.15 -6.37
N GLU A 51 -7.34 16.22 -6.84
CA GLU A 51 -7.03 16.52 -8.23
C GLU A 51 -7.66 15.48 -9.14
N LEU A 52 -7.36 14.22 -8.86
CA LEU A 52 -7.90 13.10 -9.64
C LEU A 52 -9.42 13.06 -9.57
N LEU A 53 -9.97 13.19 -8.36
CA LEU A 53 -11.41 13.11 -8.16
C LEU A 53 -12.15 14.16 -8.99
N THR A 54 -11.64 15.38 -9.01
CA THR A 54 -12.27 16.46 -9.76
C THR A 54 -12.00 16.31 -11.26
N ARG A 55 -10.80 15.84 -11.61
CA ARG A 55 -10.40 15.67 -12.99
C ARG A 55 -11.36 14.72 -13.71
N MET A 56 -11.59 13.56 -13.11
CA MET A 56 -12.44 12.54 -13.74
C MET A 56 -13.91 12.77 -13.39
N ASP A 57 -14.17 13.74 -12.52
CA ASP A 57 -15.51 13.99 -12.00
C ASP A 57 -16.06 12.77 -11.25
N PHE A 58 -15.91 12.80 -9.94
CA PHE A 58 -16.37 11.72 -9.07
C PHE A 58 -17.78 12.01 -8.56
N GLN A 59 -18.48 12.87 -9.30
CA GLN A 59 -19.70 13.55 -8.85
C GLN A 59 -19.35 14.50 -7.70
N MET A 60 -19.23 15.77 -8.04
CA MET A 60 -18.74 16.77 -7.10
C MET A 60 -19.78 17.09 -6.04
N ALA A 61 -19.63 16.47 -4.88
CA ALA A 61 -20.51 16.70 -3.75
C ALA A 61 -19.69 16.78 -2.48
N LYS A 62 -20.26 17.39 -1.44
CA LYS A 62 -19.61 17.52 -0.14
C LYS A 62 -18.29 18.28 -0.23
N PRO A 63 -18.31 19.59 0.03
CA PRO A 63 -17.12 20.44 0.01
C PRO A 63 -16.22 20.21 1.22
N ARG A 64 -16.65 19.31 2.11
CA ARG A 64 -15.92 18.97 3.34
C ARG A 64 -15.94 20.15 4.33
N ILE A 65 -15.60 19.85 5.57
CA ILE A 65 -15.44 20.88 6.58
C ILE A 65 -13.96 21.09 6.84
N TYR A 66 -13.48 22.31 6.56
CA TYR A 66 -12.06 22.65 6.60
C TYR A 66 -11.34 22.04 5.39
N THR A 67 -10.37 22.77 4.86
CA THR A 67 -9.67 22.33 3.67
C THR A 67 -9.01 20.96 3.87
N GLN A 68 -9.55 19.96 3.19
CA GLN A 68 -9.04 18.61 3.30
C GLN A 68 -8.11 18.31 2.14
N ASP A 69 -6.91 18.85 2.20
CA ASP A 69 -5.89 18.62 1.17
C ASP A 69 -5.24 17.28 1.39
N GLN A 70 -5.54 16.33 0.54
CA GLN A 70 -4.94 15.01 0.62
C GLN A 70 -4.18 14.70 -0.67
N MET A 71 -2.89 14.46 -0.53
CA MET A 71 -2.02 14.17 -1.66
C MET A 71 -2.03 12.67 -1.94
N VAL A 72 -1.96 12.29 -3.22
CA VAL A 72 -2.06 10.88 -3.57
C VAL A 72 -0.68 10.22 -3.57
N LEU A 73 -0.62 9.03 -3.01
CA LEU A 73 0.64 8.31 -2.91
C LEU A 73 0.97 7.63 -4.23
N ASN A 74 2.18 7.15 -4.36
CA ASN A 74 2.61 6.48 -5.57
C ASN A 74 2.49 4.98 -5.40
N GLY A 75 2.35 4.25 -6.48
CA GLY A 75 2.29 2.81 -6.40
C GLY A 75 3.54 2.17 -6.97
N GLY A 76 4.18 2.89 -7.87
CA GLY A 76 5.39 2.39 -8.49
C GLY A 76 5.53 2.91 -9.91
N PRO A 77 6.66 2.63 -10.56
CA PRO A 77 6.91 3.06 -11.94
C PRO A 77 6.15 2.21 -12.96
N VAL A 78 5.55 1.13 -12.49
CA VAL A 78 4.83 0.22 -13.36
C VAL A 78 3.34 0.42 -13.21
N ASN A 79 2.60 0.38 -14.32
CA ASN A 79 1.14 0.47 -14.31
C ASN A 79 0.67 1.73 -13.59
N GLN A 80 1.44 2.80 -13.74
CA GLN A 80 1.19 4.04 -13.02
C GLN A 80 -0.11 4.71 -13.49
N ASP A 81 -0.62 4.23 -14.59
CA ASP A 81 -1.89 4.71 -15.14
C ASP A 81 -3.08 4.15 -14.37
N ARG A 82 -2.84 3.20 -13.48
CA ARG A 82 -3.93 2.54 -12.75
C ARG A 82 -4.05 3.09 -11.34
N GLY A 83 -5.28 3.38 -10.95
CA GLY A 83 -5.56 3.82 -9.61
C GLY A 83 -5.65 2.67 -8.63
N PHE A 84 -4.83 2.74 -7.60
CA PHE A 84 -4.79 1.69 -6.59
C PHE A 84 -5.41 2.19 -5.30
N ILE A 85 -6.43 1.50 -4.81
CA ILE A 85 -7.12 1.90 -3.58
C ILE A 85 -7.44 0.70 -2.71
N VAL A 86 -6.80 0.61 -1.56
CA VAL A 86 -7.04 -0.50 -0.64
C VAL A 86 -7.65 0.02 0.66
N HIS A 87 -8.72 -0.62 1.11
CA HIS A 87 -9.38 -0.21 2.34
C HIS A 87 -9.49 -1.38 3.31
N SER A 88 -9.53 -1.06 4.60
CA SER A 88 -9.76 -2.07 5.62
C SER A 88 -11.24 -2.34 5.72
N LYS A 89 -11.61 -3.58 6.06
CA LYS A 89 -13.01 -3.94 6.11
C LYS A 89 -13.74 -3.21 7.23
N THR A 90 -14.66 -2.37 6.83
CA THR A 90 -15.57 -1.68 7.74
C THR A 90 -16.94 -1.70 7.10
N ASP A 91 -17.02 -2.49 6.04
CA ASP A 91 -18.12 -2.50 5.12
C ASP A 91 -18.45 -3.92 4.71
N HIS A 92 -19.63 -4.11 4.12
CA HIS A 92 -20.03 -5.42 3.62
C HIS A 92 -20.67 -5.28 2.26
N GLU A 93 -20.45 -4.12 1.65
CA GLU A 93 -21.03 -3.83 0.34
C GLU A 93 -19.93 -3.44 -0.63
N PHE A 94 -20.24 -3.53 -1.91
CA PHE A 94 -19.28 -3.29 -2.98
C PHE A 94 -19.88 -3.70 -4.32
N THR A 95 -19.40 -3.10 -5.39
CA THR A 95 -19.82 -3.48 -6.73
C THR A 95 -18.73 -4.29 -7.41
N HIS A 96 -17.48 -3.83 -7.30
CA HIS A 96 -16.36 -4.52 -7.91
C HIS A 96 -15.08 -4.26 -7.12
N SER A 97 -14.62 -5.28 -6.42
CA SER A 97 -13.40 -5.17 -5.64
C SER A 97 -12.56 -6.44 -5.75
N TYR A 98 -11.25 -6.27 -5.62
CA TYR A 98 -10.32 -7.38 -5.60
C TYR A 98 -9.89 -7.62 -4.15
N LYS A 99 -10.30 -8.74 -3.59
CA LYS A 99 -10.04 -9.02 -2.19
C LYS A 99 -8.72 -9.75 -2.00
N VAL A 100 -7.85 -9.17 -1.19
CA VAL A 100 -6.60 -9.82 -0.81
C VAL A 100 -6.89 -10.83 0.29
N THR A 101 -7.53 -10.35 1.35
CA THR A 101 -8.06 -11.22 2.38
C THR A 101 -9.58 -11.06 2.39
N ASP A 102 -10.23 -11.53 3.44
CA ASP A 102 -11.67 -11.33 3.58
C ASP A 102 -11.93 -10.03 4.34
N ASP A 103 -10.88 -9.21 4.41
CA ASP A 103 -10.91 -7.93 5.10
C ASP A 103 -10.32 -6.86 4.19
N ILE A 104 -9.06 -7.06 3.82
CA ILE A 104 -8.36 -6.12 2.97
C ILE A 104 -8.90 -6.22 1.54
N THR A 105 -9.38 -5.10 1.02
CA THR A 105 -9.98 -5.08 -0.30
C THR A 105 -9.44 -3.95 -1.17
N LEU A 106 -9.11 -4.30 -2.40
CA LEU A 106 -8.63 -3.34 -3.39
C LEU A 106 -9.76 -2.96 -4.34
N THR A 107 -10.08 -1.68 -4.43
CA THR A 107 -11.12 -1.22 -5.33
C THR A 107 -10.50 -0.59 -6.58
N THR A 108 -10.87 -1.11 -7.74
CA THR A 108 -10.27 -0.67 -9.00
C THR A 108 -11.31 -0.02 -9.93
N SER A 109 -12.41 0.43 -9.35
CA SER A 109 -13.49 1.03 -10.13
C SER A 109 -14.06 2.25 -9.41
N GLY A 110 -15.02 2.93 -10.05
CA GLY A 110 -15.61 4.12 -9.48
C GLY A 110 -16.45 3.81 -8.25
N ASP A 111 -16.61 2.54 -7.97
CA ASP A 111 -17.30 2.06 -6.79
C ASP A 111 -16.65 2.61 -5.52
N VAL A 112 -15.36 2.85 -5.62
CA VAL A 112 -14.59 3.41 -4.51
C VAL A 112 -15.19 4.71 -3.99
N LEU A 113 -15.78 5.51 -4.88
CA LEU A 113 -16.41 6.76 -4.50
C LEU A 113 -17.58 6.50 -3.56
N ASP A 114 -18.28 5.42 -3.82
CA ASP A 114 -19.42 5.02 -2.99
C ASP A 114 -18.92 4.49 -1.65
N SER A 115 -17.78 3.81 -1.69
CA SER A 115 -17.19 3.17 -0.53
C SER A 115 -16.92 4.17 0.60
N PHE A 116 -16.27 5.28 0.30
CA PHE A 116 -15.98 6.28 1.33
C PHE A 116 -16.98 7.43 1.28
N GLY A 117 -17.96 7.31 0.39
CA GLY A 117 -18.99 8.32 0.29
C GLY A 117 -20.23 7.95 1.07
N THR A 118 -20.11 6.92 1.89
CA THR A 118 -21.23 6.43 2.68
C THR A 118 -20.92 6.57 4.16
N GLN A 119 -21.93 6.47 5.00
CA GLN A 119 -21.77 6.59 6.45
C GLN A 119 -20.95 5.42 7.00
N THR A 120 -20.96 4.31 6.26
CA THR A 120 -20.21 3.13 6.67
C THR A 120 -18.82 3.12 6.03
N ALA A 121 -18.32 4.30 5.68
CA ALA A 121 -17.00 4.45 5.10
C ALA A 121 -15.95 3.75 5.95
N PRO A 122 -15.02 3.02 5.30
CA PRO A 122 -13.97 2.26 5.99
C PRO A 122 -13.09 3.16 6.85
N GLU A 123 -12.63 2.61 7.98
CA GLU A 123 -11.80 3.36 8.94
C GLU A 123 -10.59 3.97 8.25
N LYS A 124 -9.89 3.17 7.46
CA LYS A 124 -8.68 3.61 6.81
C LYS A 124 -8.59 3.04 5.40
N PHE A 125 -8.06 3.83 4.48
CA PHE A 125 -7.85 3.40 3.11
C PHE A 125 -6.69 4.16 2.50
N ILE A 126 -5.97 3.52 1.59
CA ILE A 126 -4.83 4.14 0.95
C ILE A 126 -5.05 4.25 -0.55
N VAL A 127 -4.61 5.36 -1.14
CA VAL A 127 -4.75 5.58 -2.56
C VAL A 127 -3.39 5.84 -3.19
N CYS A 128 -3.04 5.02 -4.18
CA CYS A 128 -1.77 5.12 -4.86
C CYS A 128 -1.98 5.05 -6.37
N LEU A 129 -1.02 5.57 -7.12
CA LEU A 129 -1.08 5.48 -8.57
C LEU A 129 0.04 4.59 -9.09
N GLY A 130 -0.36 3.45 -9.66
CA GLY A 130 0.62 2.52 -10.19
C GLY A 130 0.86 1.35 -9.27
N CYS A 131 1.77 0.47 -9.67
CA CYS A 131 2.14 -0.67 -8.86
C CYS A 131 3.63 -0.97 -9.03
N SER A 132 4.16 -1.83 -8.18
CA SER A 132 5.54 -2.27 -8.31
C SER A 132 5.57 -3.75 -8.64
N THR A 133 6.08 -4.09 -9.81
CA THR A 133 6.10 -5.48 -10.25
C THR A 133 7.52 -5.98 -10.45
N TRP A 134 7.74 -7.24 -10.12
CA TRP A 134 9.01 -7.89 -10.34
C TRP A 134 8.89 -8.93 -11.43
N LYS A 135 10.01 -9.55 -11.75
CA LYS A 135 10.05 -10.65 -12.70
C LYS A 135 9.73 -11.96 -11.97
N PRO A 136 9.47 -13.06 -12.71
CA PRO A 136 9.14 -14.36 -12.11
C PRO A 136 10.04 -14.74 -10.95
N HIS A 137 9.50 -14.64 -9.73
CA HIS A 137 10.19 -15.01 -8.49
C HIS A 137 11.40 -14.11 -8.20
N GLN A 138 11.60 -13.05 -8.96
CA GLN A 138 12.78 -12.21 -8.80
C GLN A 138 12.90 -11.67 -7.38
N LEU A 139 11.81 -11.12 -6.87
CA LEU A 139 11.79 -10.55 -5.52
C LEU A 139 12.20 -11.60 -4.49
N GLU A 140 11.83 -12.84 -4.73
CA GLU A 140 12.11 -13.94 -3.82
C GLU A 140 13.62 -14.12 -3.68
N GLN A 141 14.32 -14.12 -4.79
CA GLN A 141 15.77 -14.24 -4.79
C GLN A 141 16.42 -12.95 -4.29
N GLU A 142 15.78 -11.82 -4.53
CA GLU A 142 16.26 -10.54 -3.97
C GLU A 142 16.24 -10.60 -2.45
N ILE A 143 15.18 -11.18 -1.89
CA ILE A 143 15.06 -11.36 -0.44
C ILE A 143 16.12 -12.33 0.05
N ALA A 144 16.52 -13.28 -0.80
CA ALA A 144 17.53 -14.26 -0.45
C ALA A 144 18.92 -13.62 -0.32
N GLN A 145 19.04 -12.38 -0.79
CA GLN A 145 20.28 -11.63 -0.68
C GLN A 145 20.33 -10.86 0.62
N ASN A 146 19.27 -11.03 1.43
CA ASN A 146 19.16 -10.41 2.76
C ASN A 146 19.01 -8.90 2.69
N TYR A 147 18.64 -8.38 1.52
CA TYR A 147 18.33 -6.96 1.38
C TYR A 147 16.92 -6.67 1.87
N TRP A 148 16.12 -7.73 1.95
CA TRP A 148 14.75 -7.62 2.40
C TRP A 148 14.50 -8.59 3.54
N LEU A 149 13.77 -8.15 4.55
CA LEU A 149 13.39 -9.01 5.65
C LEU A 149 11.92 -9.38 5.57
N LEU A 150 11.66 -10.61 5.21
CA LEU A 150 10.30 -11.06 4.96
C LEU A 150 9.61 -11.48 6.26
N SER A 151 8.38 -11.02 6.42
CA SER A 151 7.55 -11.38 7.56
C SER A 151 6.08 -11.35 7.15
N GLU A 152 5.18 -11.69 8.06
CA GLU A 152 3.77 -11.75 7.74
C GLU A 152 2.95 -10.85 8.66
N ALA A 153 1.81 -10.42 8.16
CA ALA A 153 0.90 -9.60 8.94
C ALA A 153 -0.32 -10.40 9.36
N ASN A 154 -0.82 -10.11 10.55
CA ASN A 154 -2.00 -10.80 11.07
C ASN A 154 -3.27 -10.09 10.64
N ASN A 155 -3.17 -9.39 9.50
CA ASN A 155 -4.24 -8.54 8.98
C ASN A 155 -4.42 -7.29 9.84
N GLN A 156 -4.44 -7.48 11.15
CA GLN A 156 -4.50 -6.37 12.10
C GLN A 156 -3.30 -5.45 11.88
N THR A 157 -2.15 -6.07 11.70
CA THR A 157 -0.89 -5.35 11.47
C THR A 157 -0.96 -4.50 10.20
N LEU A 158 -1.77 -4.96 9.25
CA LEU A 158 -1.83 -4.35 7.93
C LEU A 158 -2.58 -3.01 7.98
N PHE A 159 -3.82 -3.02 8.45
CA PHE A 159 -4.63 -1.80 8.41
C PHE A 159 -5.20 -1.39 9.77
N GLU A 160 -5.33 -2.31 10.71
CA GLU A 160 -5.88 -1.95 12.02
C GLU A 160 -4.83 -1.21 12.84
N THR A 161 -3.63 -1.80 12.93
CA THR A 161 -2.47 -1.15 13.54
C THR A 161 -2.71 -0.78 15.01
N SER A 162 -1.92 0.17 15.53
CA SER A 162 -1.98 0.54 16.93
C SER A 162 -2.76 1.84 17.12
N TYR A 163 -2.99 2.55 16.01
CA TYR A 163 -3.64 3.86 16.02
C TYR A 163 -2.70 4.93 16.57
N LEU A 164 -2.86 6.15 16.03
CA LEU A 164 -1.92 7.26 16.23
C LEU A 164 -0.69 7.02 15.38
N ASP A 165 -0.20 5.78 15.46
CA ASP A 165 0.85 5.25 14.58
C ASP A 165 2.13 6.08 14.69
N ARG A 166 3.05 5.61 15.51
CA ARG A 166 4.27 6.34 15.80
C ARG A 166 5.36 6.01 14.79
N TRP A 167 5.45 4.74 14.43
CA TRP A 167 6.48 4.28 13.51
C TRP A 167 6.04 2.96 12.88
N VAL A 168 6.94 2.31 12.15
CA VAL A 168 6.61 1.03 11.55
C VAL A 168 6.97 -0.11 12.49
N GLU A 169 5.95 -0.62 13.18
CA GLU A 169 6.15 -1.71 14.13
C GLU A 169 6.34 -3.03 13.39
N ALA A 170 6.18 -3.00 12.06
CA ALA A 170 6.43 -4.16 11.23
C ALA A 170 7.85 -4.67 11.44
N ASN A 171 8.77 -3.74 11.65
CA ASN A 171 10.17 -4.09 11.90
C ASN A 171 10.30 -4.79 13.25
N GLU A 172 9.55 -4.31 14.23
CA GLU A 172 9.60 -4.87 15.57
C GLU A 172 8.79 -6.15 15.66
N MET A 173 7.86 -6.32 14.72
CA MET A 173 7.11 -7.57 14.60
C MET A 173 8.07 -8.70 14.25
N LEU A 174 9.11 -8.35 13.49
CA LEU A 174 10.19 -9.28 13.20
C LEU A 174 11.15 -9.32 14.36
N GLY A 175 11.49 -8.14 14.87
CA GLY A 175 12.33 -8.05 16.04
C GLY A 175 13.42 -7.01 15.92
N ILE A 176 13.37 -6.23 14.84
CA ILE A 176 14.35 -5.17 14.59
C ILE A 176 15.75 -5.75 14.39
N SER A 177 16.12 -5.99 13.14
CA SER A 177 17.42 -6.52 12.82
C SER A 177 18.20 -5.50 12.01
N GLY A 178 19.50 -5.71 11.88
CA GLY A 178 20.32 -4.77 11.14
C GLY A 178 20.30 -5.05 9.65
N ILE A 179 20.53 -4.01 8.85
CA ILE A 179 20.52 -4.14 7.40
C ILE A 179 21.78 -4.86 6.91
N LEU A 180 21.59 -5.89 6.09
CA LEU A 180 22.70 -6.65 5.56
C LEU A 180 23.10 -6.10 4.20
N ALA A 181 24.41 -5.94 3.99
CA ALA A 181 24.96 -5.34 2.77
C ALA A 181 24.33 -3.98 2.48
N PRO A 182 24.61 -2.98 3.33
CA PRO A 182 23.96 -1.67 3.24
C PRO A 182 24.55 -0.77 2.16
N ALA A 183 25.61 -1.22 1.52
CA ALA A 183 26.27 -0.43 0.50
C ALA A 183 26.71 -1.30 -0.66
N GLY A 184 26.72 -0.72 -1.87
CA GLY A 184 27.16 -1.45 -3.03
C GLY A 184 26.57 -0.88 -4.32
N ARG A 185 25.34 -1.26 -4.61
CA ARG A 185 24.70 -0.86 -5.86
C ARG A 185 23.21 -0.69 -5.63
N ALA A 186 22.65 0.43 -6.07
CA ALA A 186 21.25 0.75 -5.81
C ALA A 186 20.33 0.14 -6.86
N LEU A 187 20.59 -1.12 -7.21
CA LEU A 187 19.83 -1.82 -8.25
C LEU A 187 19.83 -1.02 -9.54
N GLU A 188 20.96 -0.38 -9.81
CA GLU A 188 21.11 0.48 -10.97
C GLU A 188 21.40 -0.36 -12.21
N MET A 1 9.69 -19.51 -3.10
CA MET A 1 8.22 -19.48 -3.29
C MET A 1 7.56 -18.76 -2.12
N PHE A 2 8.05 -19.04 -0.92
CA PHE A 2 7.69 -18.27 0.28
C PHE A 2 6.22 -18.38 0.66
N GLY A 3 5.56 -19.44 0.19
CA GLY A 3 4.17 -19.68 0.55
C GLY A 3 3.22 -18.61 0.02
N ASN A 4 3.53 -18.10 -1.16
CA ASN A 4 2.71 -17.07 -1.82
C ASN A 4 2.83 -15.74 -1.09
N LEU A 5 3.27 -14.71 -1.80
CA LEU A 5 3.61 -13.43 -1.21
C LEU A 5 2.38 -12.62 -0.81
N GLN A 6 1.20 -13.08 -1.21
CA GLN A 6 -0.04 -12.40 -0.85
C GLN A 6 -0.27 -12.49 0.65
N GLY A 7 -0.60 -11.35 1.27
CA GLY A 7 -0.79 -11.32 2.71
C GLY A 7 0.53 -11.25 3.47
N LYS A 8 1.62 -10.99 2.76
CA LYS A 8 2.92 -10.82 3.39
C LYS A 8 3.45 -9.42 3.18
N PHE A 9 4.54 -9.09 3.84
CA PHE A 9 5.15 -7.78 3.70
C PHE A 9 6.66 -7.90 3.76
N ILE A 10 7.36 -6.98 3.13
CA ILE A 10 8.82 -7.01 3.09
C ILE A 10 9.40 -5.88 3.93
N ILE A 11 10.59 -6.11 4.46
CA ILE A 11 11.27 -5.12 5.29
C ILE A 11 12.32 -4.40 4.46
N ALA A 12 12.14 -3.10 4.26
CA ALA A 12 13.08 -2.32 3.46
C ALA A 12 13.15 -0.88 3.92
N THR A 13 14.33 -0.30 3.77
CA THR A 13 14.58 1.11 4.14
C THR A 13 14.28 1.37 5.62
N PRO A 14 15.23 1.04 6.50
CA PRO A 14 15.10 1.34 7.92
C PRO A 14 15.56 2.76 8.26
N GLU A 15 16.25 3.37 7.30
CA GLU A 15 16.78 4.71 7.47
C GLU A 15 16.40 5.59 6.29
N MET A 16 15.70 6.69 6.58
CA MET A 16 15.34 7.67 5.56
C MET A 16 15.51 9.07 6.13
N ASP A 17 16.48 9.80 5.60
CA ASP A 17 16.89 11.07 6.18
C ASP A 17 16.05 12.24 5.67
N ASP A 18 15.66 12.21 4.40
CA ASP A 18 14.88 13.30 3.82
C ASP A 18 13.47 13.28 4.40
N GLU A 19 12.66 12.32 3.96
CA GLU A 19 11.37 12.07 4.60
C GLU A 19 11.57 11.15 5.80
N TYR A 20 11.71 11.75 6.97
CA TYR A 20 12.07 10.99 8.17
C TYR A 20 10.97 10.01 8.56
N PHE A 21 9.74 10.38 8.30
CA PHE A 21 8.60 9.53 8.62
C PHE A 21 7.75 9.30 7.38
N ASP A 22 8.35 8.65 6.40
CA ASP A 22 7.61 8.26 5.20
C ASP A 22 7.01 6.88 5.39
N ARG A 23 6.12 6.48 4.49
CA ARG A 23 5.54 5.16 4.53
C ARG A 23 6.52 4.18 3.90
N THR A 24 7.53 3.81 4.68
CA THR A 24 8.62 2.97 4.21
C THR A 24 8.20 1.51 4.03
N VAL A 25 7.53 1.23 2.91
CA VAL A 25 7.14 -0.13 2.54
C VAL A 25 6.01 -0.67 3.41
N ILE A 26 5.01 -1.25 2.78
CA ILE A 26 3.94 -1.90 3.53
C ILE A 26 3.80 -3.38 3.13
N TYR A 27 2.81 -3.77 2.34
CA TYR A 27 2.57 -5.19 2.10
C TYR A 27 2.44 -5.52 0.61
N ILE A 28 2.36 -6.82 0.32
CA ILE A 28 2.16 -7.31 -1.04
C ILE A 28 0.69 -7.68 -1.24
N CYS A 29 0.10 -7.15 -2.32
CA CYS A 29 -1.33 -7.31 -2.56
C CYS A 29 -1.64 -8.68 -3.16
N GLU A 30 -1.04 -8.99 -4.30
CA GLU A 30 -1.28 -10.26 -4.95
C GLU A 30 -0.05 -10.77 -5.67
N HIS A 31 0.00 -12.08 -5.88
CA HIS A 31 1.10 -12.69 -6.62
C HIS A 31 0.57 -13.65 -7.67
N ASN A 32 0.76 -13.29 -8.91
CA ASN A 32 0.58 -14.22 -10.00
C ASN A 32 1.95 -14.79 -10.32
N ASP A 33 1.99 -15.90 -11.05
CA ASP A 33 3.27 -16.53 -11.37
C ASP A 33 4.14 -15.60 -12.20
N ASN A 34 3.49 -14.76 -13.00
CA ASN A 34 4.20 -13.80 -13.83
C ASN A 34 4.28 -12.42 -13.18
N GLY A 35 3.24 -12.04 -12.43
CA GLY A 35 3.19 -10.68 -11.92
C GLY A 35 2.98 -10.62 -10.42
N THR A 36 3.89 -9.96 -9.72
CA THR A 36 3.75 -9.76 -8.29
C THR A 36 3.43 -8.30 -7.98
N ILE A 37 2.26 -8.06 -7.42
CA ILE A 37 1.79 -6.70 -7.19
C ILE A 37 1.91 -6.32 -5.72
N GLY A 38 2.68 -5.29 -5.44
CA GLY A 38 2.82 -4.81 -4.09
C GLY A 38 3.08 -3.32 -4.03
N VAL A 39 2.88 -2.73 -2.86
CA VAL A 39 3.13 -1.31 -2.68
C VAL A 39 4.28 -1.09 -1.69
N ILE A 40 5.49 -1.08 -2.22
CA ILE A 40 6.69 -0.98 -1.40
C ILE A 40 7.62 0.09 -1.96
N ILE A 41 7.02 1.05 -2.65
CA ILE A 41 7.75 2.07 -3.39
C ILE A 41 8.58 2.98 -2.48
N ASN A 42 8.04 3.30 -1.29
CA ASN A 42 8.73 4.17 -0.32
C ASN A 42 8.91 5.58 -0.89
N THR A 43 7.78 6.26 -1.14
CA THR A 43 7.79 7.65 -1.60
C THR A 43 6.37 8.12 -1.96
N PRO A 44 5.95 9.27 -1.43
CA PRO A 44 4.70 9.91 -1.80
C PRO A 44 4.87 10.92 -2.93
N THR A 45 3.80 11.19 -3.66
CA THR A 45 3.86 12.15 -4.76
C THR A 45 3.58 13.55 -4.23
N ASP A 46 3.56 14.53 -5.11
CA ASP A 46 3.25 15.90 -4.72
C ASP A 46 1.76 16.18 -4.97
N LEU A 47 1.10 15.18 -5.52
CA LEU A 47 -0.31 15.25 -5.88
C LEU A 47 -1.17 14.77 -4.71
N SER A 48 -2.44 15.19 -4.68
CA SER A 48 -3.34 14.78 -3.62
C SER A 48 -4.45 13.90 -4.15
N VAL A 49 -4.99 13.03 -3.31
CA VAL A 49 -6.09 12.17 -3.70
C VAL A 49 -7.32 13.02 -4.03
N LEU A 50 -7.51 14.09 -3.25
CA LEU A 50 -8.62 15.01 -3.46
C LEU A 50 -8.48 15.70 -4.82
N GLU A 51 -7.24 15.95 -5.21
CA GLU A 51 -6.93 16.55 -6.50
C GLU A 51 -7.39 15.65 -7.63
N LEU A 52 -7.10 14.36 -7.49
CA LEU A 52 -7.50 13.35 -8.48
C LEU A 52 -9.01 13.19 -8.54
N LEU A 53 -9.64 13.09 -7.37
CA LEU A 53 -11.08 12.89 -7.29
C LEU A 53 -11.83 13.99 -8.03
N THR A 54 -11.46 15.23 -7.77
CA THR A 54 -12.10 16.38 -8.38
C THR A 54 -11.72 16.52 -9.86
N ARG A 55 -10.49 16.11 -10.19
CA ARG A 55 -10.01 16.18 -11.57
C ARG A 55 -10.75 15.19 -12.46
N MET A 56 -10.79 13.94 -12.05
CA MET A 56 -11.41 12.90 -12.85
C MET A 56 -12.92 12.85 -12.60
N ASP A 57 -13.34 12.05 -11.63
CA ASP A 57 -14.75 11.89 -11.32
C ASP A 57 -14.91 11.24 -9.96
N PHE A 58 -15.90 11.69 -9.22
CA PHE A 58 -16.20 11.14 -7.90
C PHE A 58 -17.70 10.97 -7.73
N GLN A 59 -18.39 10.89 -8.87
CA GLN A 59 -19.85 10.93 -8.92
C GLN A 59 -20.36 12.30 -8.51
N MET A 60 -20.95 13.01 -9.46
CA MET A 60 -21.42 14.37 -9.22
C MET A 60 -22.60 14.36 -8.25
N ALA A 61 -22.91 15.55 -7.70
CA ALA A 61 -23.94 15.72 -6.66
C ALA A 61 -23.44 15.26 -5.30
N LYS A 62 -22.16 14.89 -5.23
CA LYS A 62 -21.54 14.53 -3.97
C LYS A 62 -20.80 15.73 -3.40
N PRO A 63 -21.08 16.08 -2.14
CA PRO A 63 -20.46 17.24 -1.49
C PRO A 63 -18.95 17.08 -1.30
N ARG A 64 -18.21 18.09 -1.71
CA ARG A 64 -16.75 18.08 -1.56
C ARG A 64 -16.24 19.47 -1.22
N ILE A 65 -15.08 19.53 -0.56
CA ILE A 65 -14.50 20.78 -0.14
C ILE A 65 -13.13 21.00 -0.78
N TYR A 66 -12.52 22.14 -0.47
CA TYR A 66 -11.20 22.45 -0.98
C TYR A 66 -10.32 22.96 0.16
N THR A 67 -9.75 22.02 0.91
CA THR A 67 -8.89 22.32 2.03
C THR A 67 -8.45 21.02 2.70
N GLN A 68 -7.38 21.09 3.50
CA GLN A 68 -6.82 19.93 4.19
C GLN A 68 -6.46 18.84 3.18
N ASP A 69 -5.39 19.08 2.44
CA ASP A 69 -4.99 18.19 1.35
C ASP A 69 -4.46 16.86 1.87
N GLN A 70 -5.01 15.78 1.33
CA GLN A 70 -4.51 14.45 1.58
C GLN A 70 -3.71 13.99 0.37
N MET A 71 -2.42 13.82 0.56
CA MET A 71 -1.51 13.57 -0.55
C MET A 71 -1.51 12.09 -0.93
N VAL A 72 -1.36 11.83 -2.23
CA VAL A 72 -1.37 10.47 -2.74
C VAL A 72 0.05 9.96 -2.96
N LEU A 73 0.29 8.69 -2.69
CA LEU A 73 1.59 8.09 -2.92
C LEU A 73 1.68 7.51 -4.32
N ASN A 74 2.88 7.24 -4.77
CA ASN A 74 3.09 6.70 -6.10
C ASN A 74 3.30 5.20 -5.99
N GLY A 75 2.27 4.43 -6.33
CA GLY A 75 2.29 3.00 -6.11
C GLY A 75 3.44 2.31 -6.80
N GLY A 76 3.88 2.89 -7.90
CA GLY A 76 5.00 2.36 -8.63
C GLY A 76 5.07 2.92 -10.03
N PRO A 77 6.15 2.64 -10.77
CA PRO A 77 6.29 3.10 -12.15
C PRO A 77 5.36 2.34 -13.10
N VAL A 78 4.79 1.25 -12.61
CA VAL A 78 3.93 0.40 -13.41
C VAL A 78 2.47 0.62 -13.05
N ASN A 79 1.60 0.52 -14.06
CA ASN A 79 0.15 0.60 -13.84
C ASN A 79 -0.27 1.96 -13.30
N GLN A 80 0.54 2.98 -13.58
CA GLN A 80 0.31 4.32 -13.08
C GLN A 80 -0.91 4.94 -13.72
N ASP A 81 -1.40 4.27 -14.75
CA ASP A 81 -2.61 4.68 -15.45
C ASP A 81 -3.85 4.32 -14.62
N ARG A 82 -3.66 3.47 -13.62
CA ARG A 82 -4.78 2.95 -12.86
C ARG A 82 -4.76 3.45 -11.43
N GLY A 83 -5.94 3.87 -10.96
CA GLY A 83 -6.06 4.37 -9.61
C GLY A 83 -6.13 3.25 -8.60
N PHE A 84 -5.17 3.22 -7.70
CA PHE A 84 -5.07 2.16 -6.71
C PHE A 84 -5.51 2.70 -5.34
N ILE A 85 -6.53 2.06 -4.76
CA ILE A 85 -7.02 2.45 -3.44
C ILE A 85 -7.41 1.20 -2.65
N VAL A 86 -6.73 0.96 -1.54
CA VAL A 86 -7.06 -0.17 -0.69
C VAL A 86 -7.63 0.32 0.62
N HIS A 87 -8.86 -0.07 0.91
CA HIS A 87 -9.54 0.37 2.12
C HIS A 87 -10.12 -0.81 2.88
N SER A 88 -10.38 -0.61 4.17
CA SER A 88 -11.04 -1.62 4.97
C SER A 88 -12.56 -1.54 4.77
N LYS A 89 -13.27 -2.55 5.23
CA LYS A 89 -14.72 -2.55 5.21
C LYS A 89 -15.25 -2.65 6.64
N THR A 90 -16.05 -1.68 7.05
CA THR A 90 -16.50 -1.61 8.43
C THR A 90 -17.86 -2.28 8.61
N ASP A 91 -18.61 -2.42 7.53
CA ASP A 91 -19.91 -3.07 7.58
C ASP A 91 -19.88 -4.36 6.80
N HIS A 92 -18.74 -4.59 6.16
CA HIS A 92 -18.51 -5.76 5.29
C HIS A 92 -19.40 -5.67 4.06
N GLU A 93 -19.60 -4.45 3.61
CA GLU A 93 -20.33 -4.17 2.38
C GLU A 93 -19.37 -4.20 1.19
N PHE A 94 -19.91 -4.25 -0.01
CA PHE A 94 -19.08 -4.21 -1.20
C PHE A 94 -19.88 -3.78 -2.42
N THR A 95 -19.51 -2.64 -2.99
CA THR A 95 -20.14 -2.15 -4.19
C THR A 95 -19.43 -2.70 -5.42
N HIS A 96 -18.15 -2.38 -5.53
CA HIS A 96 -17.32 -2.84 -6.64
C HIS A 96 -15.90 -3.09 -6.15
N SER A 97 -15.80 -3.56 -4.91
CA SER A 97 -14.52 -3.75 -4.26
C SER A 97 -13.92 -5.13 -4.57
N TYR A 98 -12.60 -5.18 -4.61
CA TYR A 98 -11.85 -6.38 -4.92
C TYR A 98 -11.29 -6.98 -3.63
N LYS A 99 -11.41 -8.28 -3.48
CA LYS A 99 -11.05 -8.95 -2.23
C LYS A 99 -9.57 -9.33 -2.17
N VAL A 100 -8.85 -8.73 -1.22
CA VAL A 100 -7.50 -9.16 -0.89
C VAL A 100 -7.56 -10.13 0.29
N THR A 101 -8.19 -9.67 1.37
CA THR A 101 -8.43 -10.51 2.53
C THR A 101 -9.85 -10.23 3.04
N ASP A 102 -10.11 -10.54 4.30
CA ASP A 102 -11.46 -10.42 4.86
C ASP A 102 -11.99 -8.98 4.79
N ASP A 103 -11.34 -8.07 5.51
CA ASP A 103 -11.82 -6.68 5.58
C ASP A 103 -11.15 -5.81 4.54
N ILE A 104 -9.97 -6.22 4.09
CA ILE A 104 -9.16 -5.38 3.22
C ILE A 104 -9.54 -5.57 1.77
N THR A 105 -9.93 -4.48 1.11
CA THR A 105 -10.41 -4.53 -0.25
C THR A 105 -9.79 -3.44 -1.11
N LEU A 106 -9.42 -3.82 -2.33
CA LEU A 106 -8.91 -2.89 -3.33
C LEU A 106 -10.06 -2.35 -4.17
N THR A 107 -10.08 -1.08 -4.46
CA THR A 107 -11.16 -0.51 -5.26
C THR A 107 -10.62 0.50 -6.27
N THR A 108 -11.18 0.47 -7.47
CA THR A 108 -10.75 1.36 -8.54
C THR A 108 -11.83 2.38 -8.87
N SER A 109 -13.09 2.01 -8.67
CA SER A 109 -14.22 2.89 -9.02
C SER A 109 -15.45 2.55 -8.18
N GLY A 110 -16.39 3.50 -8.11
CA GLY A 110 -17.64 3.29 -7.42
C GLY A 110 -17.53 3.21 -5.91
N ASP A 111 -17.16 2.02 -5.43
CA ASP A 111 -17.12 1.70 -4.00
C ASP A 111 -16.31 2.73 -3.21
N VAL A 112 -15.13 3.04 -3.71
CA VAL A 112 -14.22 3.94 -3.02
C VAL A 112 -14.81 5.36 -2.90
N LEU A 113 -15.49 5.83 -3.94
CA LEU A 113 -16.08 7.16 -3.93
C LEU A 113 -17.25 7.19 -2.96
N ASP A 114 -17.94 6.06 -2.85
CA ASP A 114 -19.09 5.94 -1.98
C ASP A 114 -18.65 5.81 -0.53
N SER A 115 -17.46 5.25 -0.33
CA SER A 115 -16.92 5.01 1.00
C SER A 115 -16.83 6.29 1.83
N PHE A 116 -16.03 7.25 1.39
CA PHE A 116 -15.76 8.44 2.18
C PHE A 116 -16.81 9.53 1.99
N GLY A 117 -18.02 9.13 1.65
CA GLY A 117 -19.10 10.09 1.47
C GLY A 117 -20.15 9.99 2.56
N THR A 118 -19.78 9.38 3.68
CA THR A 118 -20.71 9.14 4.76
C THR A 118 -19.94 8.83 6.05
N GLN A 119 -20.65 8.74 7.18
CA GLN A 119 -20.01 8.45 8.47
C GLN A 119 -19.52 7.01 8.53
N THR A 120 -20.06 6.15 7.68
CA THR A 120 -19.64 4.76 7.65
C THR A 120 -18.40 4.58 6.78
N ALA A 121 -17.71 5.70 6.53
CA ALA A 121 -16.44 5.68 5.82
C ALA A 121 -15.41 4.89 6.62
N PRO A 122 -14.73 3.94 5.96
CA PRO A 122 -13.68 3.13 6.61
C PRO A 122 -12.52 3.97 7.08
N GLU A 123 -12.00 3.66 8.26
CA GLU A 123 -10.86 4.37 8.82
C GLU A 123 -9.64 4.25 7.93
N LYS A 124 -9.34 3.02 7.52
CA LYS A 124 -8.07 2.72 6.88
C LYS A 124 -8.23 2.62 5.37
N PHE A 125 -7.54 3.49 4.66
CA PHE A 125 -7.51 3.46 3.21
C PHE A 125 -6.23 4.09 2.69
N ILE A 126 -5.54 3.37 1.83
CA ILE A 126 -4.33 3.87 1.20
C ILE A 126 -4.58 4.15 -0.27
N VAL A 127 -4.15 5.30 -0.72
CA VAL A 127 -4.33 5.67 -2.12
C VAL A 127 -2.97 5.83 -2.80
N CYS A 128 -2.81 5.18 -3.93
CA CYS A 128 -1.58 5.24 -4.69
C CYS A 128 -1.89 5.23 -6.18
N LEU A 129 -1.02 5.83 -6.97
CA LEU A 129 -1.15 5.78 -8.42
C LEU A 129 -0.17 4.77 -8.99
N GLY A 130 -0.70 3.73 -9.62
CA GLY A 130 0.15 2.67 -10.10
C GLY A 130 0.47 1.66 -9.03
N CYS A 131 1.31 0.70 -9.36
CA CYS A 131 1.72 -0.32 -8.41
C CYS A 131 3.13 -0.75 -8.74
N SER A 132 3.77 -1.40 -7.80
CA SER A 132 5.09 -1.95 -8.05
C SER A 132 4.94 -3.43 -8.38
N THR A 133 5.29 -3.78 -9.60
CA THR A 133 5.18 -5.16 -10.04
C THR A 133 6.56 -5.74 -10.29
N TRP A 134 6.87 -6.80 -9.56
CA TRP A 134 8.15 -7.46 -9.76
C TRP A 134 8.01 -8.48 -10.87
N LYS A 135 8.97 -8.47 -11.78
CA LYS A 135 8.94 -9.32 -12.96
C LYS A 135 9.02 -10.79 -12.58
N PRO A 136 8.46 -11.67 -13.44
CA PRO A 136 8.28 -13.10 -13.21
C PRO A 136 9.30 -13.74 -12.27
N HIS A 137 8.90 -13.89 -11.00
CA HIS A 137 9.64 -14.71 -10.02
C HIS A 137 10.96 -14.06 -9.60
N GLN A 138 11.31 -12.91 -10.17
CA GLN A 138 12.60 -12.28 -9.91
C GLN A 138 12.76 -11.88 -8.44
N LEU A 139 11.64 -11.56 -7.78
CA LEU A 139 11.67 -11.10 -6.40
C LEU A 139 12.29 -12.16 -5.48
N GLU A 140 12.14 -13.43 -5.85
CA GLU A 140 12.70 -14.51 -5.06
C GLU A 140 14.22 -14.42 -5.07
N GLN A 141 14.76 -14.06 -6.22
CA GLN A 141 16.21 -13.89 -6.37
C GLN A 141 16.68 -12.65 -5.61
N GLU A 142 15.87 -11.62 -5.62
CA GLU A 142 16.17 -10.39 -4.89
C GLU A 142 16.24 -10.66 -3.39
N ILE A 143 15.27 -11.43 -2.91
CA ILE A 143 15.23 -11.83 -1.49
C ILE A 143 16.37 -12.78 -1.17
N ALA A 144 16.78 -13.58 -2.16
CA ALA A 144 17.88 -14.52 -2.00
C ALA A 144 19.20 -13.78 -1.78
N GLN A 145 19.27 -12.53 -2.26
CA GLN A 145 20.45 -11.70 -2.05
C GLN A 145 20.40 -11.02 -0.69
N ASN A 146 19.32 -11.29 0.04
CA ASN A 146 19.12 -10.77 1.40
C ASN A 146 19.03 -9.25 1.45
N TYR A 147 18.81 -8.63 0.30
CA TYR A 147 18.59 -7.19 0.24
C TYR A 147 17.10 -6.89 0.43
N TRP A 148 16.35 -7.95 0.64
CA TRP A 148 14.91 -7.86 0.91
C TRP A 148 14.54 -8.87 2.00
N LEU A 149 13.98 -8.37 3.09
CA LEU A 149 13.53 -9.24 4.17
C LEU A 149 12.03 -9.45 4.04
N LEU A 150 11.59 -10.64 4.41
CA LEU A 150 10.18 -10.99 4.25
C LEU A 150 9.57 -11.45 5.56
N SER A 151 8.39 -10.94 5.86
CA SER A 151 7.63 -11.35 7.03
C SER A 151 6.16 -11.50 6.66
N GLU A 152 5.48 -12.43 7.33
CA GLU A 152 4.08 -12.69 7.04
C GLU A 152 3.19 -11.76 7.86
N ALA A 153 2.00 -11.48 7.36
CA ALA A 153 1.05 -10.64 8.06
C ALA A 153 -0.17 -11.45 8.45
N ASN A 154 -0.53 -11.39 9.71
CA ASN A 154 -1.68 -12.13 10.23
C ASN A 154 -2.96 -11.67 9.54
N ASN A 155 -3.30 -10.40 9.75
CA ASN A 155 -4.43 -9.75 9.09
C ASN A 155 -4.52 -8.29 9.50
N GLN A 156 -4.61 -8.04 10.81
CA GLN A 156 -4.66 -6.68 11.34
C GLN A 156 -3.38 -5.92 11.02
N THR A 157 -2.29 -6.67 10.86
CA THR A 157 -0.98 -6.10 10.58
C THR A 157 -1.00 -5.16 9.38
N LEU A 158 -1.91 -5.41 8.45
CA LEU A 158 -1.98 -4.63 7.22
C LEU A 158 -2.36 -3.16 7.48
N PHE A 159 -3.47 -2.94 8.17
CA PHE A 159 -3.99 -1.58 8.34
C PHE A 159 -4.31 -1.24 9.80
N GLU A 160 -4.37 -2.25 10.65
CA GLU A 160 -4.74 -2.04 12.05
C GLU A 160 -3.48 -1.93 12.92
N THR A 161 -2.33 -2.02 12.28
CA THR A 161 -1.06 -1.82 12.94
C THR A 161 -0.91 -0.38 13.42
N SER A 162 -0.17 -0.18 14.50
CA SER A 162 0.11 1.14 15.07
C SER A 162 -1.16 1.79 15.65
N TYR A 163 -2.26 1.05 15.66
CA TYR A 163 -3.52 1.57 16.17
C TYR A 163 -3.52 1.49 17.69
N LEU A 164 -2.59 0.73 18.25
CA LEU A 164 -2.50 0.56 19.69
C LEU A 164 -1.06 0.67 20.19
N ASP A 165 -0.12 0.81 19.27
CA ASP A 165 1.29 0.83 19.64
C ASP A 165 2.10 1.61 18.61
N ARG A 166 3.40 1.33 18.51
CA ARG A 166 4.29 2.06 17.63
C ARG A 166 3.97 1.80 16.16
N TRP A 167 4.34 2.73 15.30
CA TRP A 167 4.05 2.61 13.87
C TRP A 167 5.00 1.62 13.21
N VAL A 168 6.09 1.33 13.88
CA VAL A 168 7.15 0.52 13.30
C VAL A 168 6.98 -0.98 13.61
N GLU A 169 5.76 -1.39 13.95
CA GLU A 169 5.50 -2.80 14.29
C GLU A 169 5.98 -3.74 13.20
N ALA A 170 5.71 -3.39 11.94
CA ALA A 170 6.12 -4.21 10.80
C ALA A 170 7.61 -4.54 10.85
N ASN A 171 8.42 -3.52 11.13
CA ASN A 171 9.87 -3.68 11.18
C ASN A 171 10.29 -4.27 12.52
N GLU A 172 9.61 -3.86 13.59
CA GLU A 172 9.95 -4.28 14.95
C GLU A 172 9.78 -5.78 15.14
N MET A 173 8.85 -6.37 14.39
CA MET A 173 8.61 -7.80 14.46
C MET A 173 9.86 -8.59 14.07
N LEU A 174 10.67 -7.99 13.21
CA LEU A 174 11.88 -8.63 12.74
C LEU A 174 13.10 -8.08 13.48
N GLY A 175 13.21 -6.76 13.50
CA GLY A 175 14.35 -6.14 14.16
C GLY A 175 14.71 -4.81 13.55
N ILE A 176 14.60 -3.76 14.34
CA ILE A 176 15.03 -2.42 13.94
C ILE A 176 16.53 -2.43 13.71
N SER A 177 17.24 -3.05 14.63
CA SER A 177 18.68 -3.16 14.55
C SER A 177 19.06 -4.47 13.85
N GLY A 178 19.46 -4.36 12.60
CA GLY A 178 19.83 -5.53 11.84
C GLY A 178 19.71 -5.27 10.35
N ILE A 179 19.22 -6.27 9.61
CA ILE A 179 18.96 -6.16 8.18
C ILE A 179 20.28 -6.08 7.39
N LEU A 180 20.48 -7.04 6.51
CA LEU A 180 21.68 -7.08 5.69
C LEU A 180 21.51 -6.18 4.47
N ALA A 181 21.40 -4.89 4.71
CA ALA A 181 21.24 -3.91 3.66
C ALA A 181 22.16 -2.72 3.88
N PRO A 182 23.14 -2.54 2.99
CA PRO A 182 24.08 -1.41 3.05
C PRO A 182 23.36 -0.07 2.91
N ALA A 183 23.95 0.98 3.48
CA ALA A 183 23.35 2.31 3.45
C ALA A 183 23.54 2.96 2.09
N GLY A 184 22.91 2.39 1.08
CA GLY A 184 23.04 2.89 -0.27
C GLY A 184 22.96 1.76 -1.28
N ARG A 185 21.90 0.95 -1.17
CA ARG A 185 21.74 -0.21 -2.03
C ARG A 185 21.30 0.22 -3.45
N ALA A 186 22.28 0.35 -4.34
CA ALA A 186 22.01 0.69 -5.72
C ALA A 186 21.74 -0.58 -6.52
N LEU A 187 20.55 -1.12 -6.34
CA LEU A 187 20.16 -2.34 -7.03
C LEU A 187 19.77 -2.03 -8.47
N GLU A 188 20.78 -1.99 -9.34
CA GLU A 188 20.55 -1.80 -10.75
C GLU A 188 21.25 -2.89 -11.55
N MET A 1 9.54 -19.14 -5.93
CA MET A 1 9.21 -17.79 -5.40
C MET A 1 8.79 -17.89 -3.94
N PHE A 2 9.38 -18.86 -3.23
CA PHE A 2 8.99 -19.22 -1.86
C PHE A 2 7.58 -19.82 -1.82
N GLY A 3 6.61 -19.06 -2.29
CA GLY A 3 5.23 -19.49 -2.32
C GLY A 3 4.29 -18.33 -2.56
N ASN A 4 3.07 -18.43 -2.08
CA ASN A 4 2.13 -17.33 -2.20
C ASN A 4 2.46 -16.24 -1.19
N LEU A 5 2.98 -15.14 -1.69
CA LEU A 5 3.40 -14.03 -0.82
C LEU A 5 2.23 -13.11 -0.50
N GLN A 6 1.03 -13.54 -0.88
CA GLN A 6 -0.18 -12.79 -0.57
C GLN A 6 -0.49 -12.88 0.91
N GLY A 7 -0.52 -11.73 1.56
CA GLY A 7 -0.75 -11.69 2.99
C GLY A 7 0.53 -11.46 3.77
N LYS A 8 1.61 -11.19 3.05
CA LYS A 8 2.89 -10.89 3.67
C LYS A 8 3.30 -9.46 3.34
N PHE A 9 4.40 -9.01 3.91
CA PHE A 9 4.98 -7.73 3.54
C PHE A 9 6.50 -7.79 3.65
N ILE A 10 7.18 -7.17 2.70
CA ILE A 10 8.63 -7.13 2.72
C ILE A 10 9.11 -5.86 3.39
N ILE A 11 10.04 -6.01 4.31
CA ILE A 11 10.52 -4.90 5.11
C ILE A 11 11.71 -4.23 4.43
N ALA A 12 11.52 -2.98 4.04
CA ALA A 12 12.60 -2.17 3.50
C ALA A 12 13.30 -1.42 4.61
N THR A 13 14.60 -1.58 4.72
CA THR A 13 15.36 -0.90 5.76
C THR A 13 16.42 0.02 5.14
N PRO A 14 16.05 1.29 4.90
CA PRO A 14 16.94 2.28 4.32
C PRO A 14 17.67 3.11 5.38
N GLU A 15 18.54 4.00 4.92
CA GLU A 15 19.27 4.89 5.82
C GLU A 15 18.98 6.34 5.49
N MET A 16 17.98 6.55 4.63
CA MET A 16 17.64 7.89 4.18
C MET A 16 16.69 8.57 5.16
N ASP A 17 15.42 8.19 5.12
CA ASP A 17 14.40 8.82 5.95
C ASP A 17 13.11 7.99 5.96
N ASP A 18 12.60 7.69 7.14
CA ASP A 18 11.34 6.97 7.27
C ASP A 18 10.30 7.86 7.93
N GLU A 19 9.03 7.59 7.63
CA GLU A 19 7.96 8.47 8.06
C GLU A 19 7.39 8.07 9.41
N TYR A 20 6.63 8.98 10.01
CA TYR A 20 6.04 8.76 11.31
C TYR A 20 4.53 8.91 11.23
N PHE A 21 4.09 9.87 10.44
CA PHE A 21 2.67 10.17 10.31
C PHE A 21 2.12 9.60 9.01
N ASP A 22 2.91 9.67 7.96
CA ASP A 22 2.49 9.20 6.64
C ASP A 22 2.45 7.68 6.62
N ARG A 23 1.87 7.12 5.58
CA ARG A 23 1.64 5.69 5.52
C ARG A 23 2.86 4.97 4.95
N THR A 24 3.83 4.70 5.82
CA THR A 24 5.03 3.99 5.43
C THR A 24 4.86 2.49 5.66
N VAL A 25 5.23 1.69 4.64
CA VAL A 25 5.17 0.23 4.69
C VAL A 25 3.73 -0.27 4.67
N ILE A 26 3.39 -1.02 3.62
CA ILE A 26 2.04 -1.55 3.48
C ILE A 26 2.06 -3.08 3.53
N TYR A 27 2.09 -3.73 2.36
CA TYR A 27 2.14 -5.19 2.28
C TYR A 27 2.13 -5.65 0.82
N ILE A 28 2.11 -6.96 0.60
CA ILE A 28 2.02 -7.54 -0.73
C ILE A 28 0.57 -7.87 -1.05
N CYS A 29 0.08 -7.34 -2.17
CA CYS A 29 -1.33 -7.47 -2.51
C CYS A 29 -1.60 -8.70 -3.37
N GLU A 30 -0.77 -8.92 -4.40
CA GLU A 30 -1.00 -10.02 -5.32
C GLU A 30 0.27 -10.83 -5.57
N HIS A 31 0.07 -12.10 -5.85
CA HIS A 31 1.12 -12.94 -6.38
C HIS A 31 0.57 -13.72 -7.56
N ASN A 32 0.96 -13.31 -8.75
CA ASN A 32 0.42 -13.89 -9.96
C ASN A 32 1.47 -14.74 -10.66
N ASP A 33 1.03 -15.47 -11.66
CA ASP A 33 1.90 -16.35 -12.43
C ASP A 33 3.01 -15.59 -13.14
N ASN A 34 2.76 -14.32 -13.43
CA ASN A 34 3.73 -13.52 -14.19
C ASN A 34 4.37 -12.42 -13.34
N GLY A 35 4.21 -12.49 -12.02
CA GLY A 35 4.87 -11.53 -11.17
C GLY A 35 4.20 -11.35 -9.83
N THR A 36 4.86 -10.64 -8.93
CA THR A 36 4.33 -10.38 -7.60
C THR A 36 4.06 -8.88 -7.43
N ILE A 37 2.86 -8.55 -6.97
CA ILE A 37 2.42 -7.17 -6.88
C ILE A 37 2.34 -6.72 -5.41
N GLY A 38 3.11 -5.71 -5.07
CA GLY A 38 3.09 -5.19 -3.71
C GLY A 38 3.35 -3.70 -3.68
N VAL A 39 3.04 -3.08 -2.54
CA VAL A 39 3.25 -1.65 -2.37
C VAL A 39 4.08 -1.37 -1.12
N ILE A 40 5.36 -1.08 -1.31
CA ILE A 40 6.27 -0.79 -0.20
C ILE A 40 7.24 0.33 -0.56
N ILE A 41 6.98 1.02 -1.66
CA ILE A 41 7.88 2.07 -2.14
C ILE A 41 7.78 3.33 -1.27
N ASN A 42 6.58 3.60 -0.77
CA ASN A 42 6.32 4.74 0.12
C ASN A 42 6.68 6.07 -0.55
N THR A 43 5.74 6.64 -1.30
CA THR A 43 5.98 7.93 -1.93
C THR A 43 4.66 8.58 -2.38
N PRO A 44 4.40 9.80 -1.90
CA PRO A 44 3.23 10.58 -2.30
C PRO A 44 3.47 11.32 -3.60
N THR A 45 2.44 11.97 -4.12
CA THR A 45 2.56 12.73 -5.36
C THR A 45 2.26 14.20 -5.11
N ASP A 46 2.17 14.97 -6.17
CA ASP A 46 1.85 16.40 -6.10
C ASP A 46 0.36 16.62 -6.32
N LEU A 47 -0.39 15.54 -6.41
CA LEU A 47 -1.81 15.62 -6.69
C LEU A 47 -2.61 15.17 -5.47
N SER A 48 -3.85 15.65 -5.39
CA SER A 48 -4.74 15.25 -4.32
C SER A 48 -5.78 14.27 -4.84
N VAL A 49 -6.35 13.47 -3.94
CA VAL A 49 -7.36 12.49 -4.36
C VAL A 49 -8.63 13.21 -4.81
N LEU A 50 -8.93 14.33 -4.16
CA LEU A 50 -10.09 15.14 -4.51
C LEU A 50 -9.84 15.89 -5.82
N GLU A 51 -8.56 16.14 -6.11
CA GLU A 51 -8.17 16.81 -7.33
C GLU A 51 -8.55 15.98 -8.56
N LEU A 52 -8.14 14.72 -8.57
CA LEU A 52 -8.38 13.86 -9.73
C LEU A 52 -9.87 13.60 -9.94
N LEU A 53 -10.62 13.52 -8.84
CA LEU A 53 -12.06 13.31 -8.91
C LEU A 53 -12.76 14.48 -9.59
N THR A 54 -12.46 15.68 -9.13
CA THR A 54 -13.08 16.88 -9.67
C THR A 54 -12.53 17.19 -11.07
N ARG A 55 -11.29 16.80 -11.31
CA ARG A 55 -10.62 17.10 -12.56
C ARG A 55 -11.16 16.28 -13.73
N MET A 56 -11.46 15.00 -13.51
CA MET A 56 -11.87 14.15 -14.63
C MET A 56 -12.83 13.02 -14.24
N ASP A 57 -12.44 12.17 -13.31
CA ASP A 57 -13.17 10.92 -13.08
C ASP A 57 -14.15 11.04 -11.93
N PHE A 58 -15.38 10.60 -12.19
CA PHE A 58 -16.49 10.65 -11.22
C PHE A 58 -16.89 12.10 -10.94
N GLN A 59 -17.79 12.62 -11.75
CA GLN A 59 -18.28 13.97 -11.59
C GLN A 59 -19.45 13.99 -10.62
N MET A 60 -19.15 13.90 -9.33
CA MET A 60 -20.16 13.97 -8.28
C MET A 60 -19.48 13.99 -6.91
N ALA A 61 -20.08 14.73 -5.98
CA ALA A 61 -19.63 14.79 -4.58
C ALA A 61 -18.31 15.57 -4.43
N LYS A 62 -18.21 16.31 -3.33
CA LYS A 62 -17.03 17.10 -2.98
C LYS A 62 -16.81 18.27 -3.94
N PRO A 63 -16.43 19.44 -3.39
CA PRO A 63 -16.12 20.63 -4.16
C PRO A 63 -14.62 20.75 -4.48
N ARG A 64 -14.23 21.91 -4.98
CA ARG A 64 -12.83 22.18 -5.28
C ARG A 64 -12.02 22.38 -4.01
N ILE A 65 -11.50 21.30 -3.47
CA ILE A 65 -10.65 21.35 -2.29
C ILE A 65 -9.18 21.24 -2.73
N TYR A 66 -8.45 22.33 -2.59
CA TYR A 66 -7.08 22.41 -3.07
C TYR A 66 -6.13 22.85 -1.95
N THR A 67 -6.66 22.93 -0.75
CA THR A 67 -5.92 23.48 0.37
C THR A 67 -4.86 22.49 0.89
N GLN A 68 -5.30 21.51 1.67
CA GLN A 68 -4.40 20.53 2.27
C GLN A 68 -5.22 19.49 3.03
N ASP A 69 -5.63 18.46 2.33
CA ASP A 69 -6.54 17.47 2.92
C ASP A 69 -6.06 16.05 2.67
N GLN A 70 -6.35 15.51 1.50
CA GLN A 70 -5.98 14.15 1.17
C GLN A 70 -5.23 14.08 -0.15
N MET A 71 -3.96 13.74 -0.08
CA MET A 71 -3.13 13.62 -1.27
C MET A 71 -3.15 12.20 -1.79
N VAL A 72 -2.78 12.03 -3.04
CA VAL A 72 -2.71 10.70 -3.63
C VAL A 72 -1.25 10.25 -3.74
N LEU A 73 -1.00 8.98 -3.48
CA LEU A 73 0.35 8.44 -3.48
C LEU A 73 0.58 7.54 -4.69
N ASN A 74 1.82 7.15 -4.90
CA ASN A 74 2.18 6.22 -5.96
C ASN A 74 2.60 4.89 -5.37
N GLY A 75 2.06 3.81 -5.90
CA GLY A 75 2.37 2.48 -5.39
C GLY A 75 3.55 1.86 -6.10
N GLY A 76 3.89 2.40 -7.26
CA GLY A 76 5.02 1.89 -8.01
C GLY A 76 4.97 2.31 -9.46
N PRO A 77 5.95 1.89 -10.28
CA PRO A 77 6.04 2.27 -11.67
C PRO A 77 5.24 1.34 -12.60
N VAL A 78 4.52 0.41 -12.00
CA VAL A 78 3.71 -0.53 -12.76
C VAL A 78 2.24 -0.39 -12.38
N ASN A 79 1.33 -0.76 -13.28
CA ASN A 79 -0.11 -0.65 -13.02
C ASN A 79 -0.53 0.79 -12.86
N GLN A 80 0.14 1.67 -13.59
CA GLN A 80 -0.06 3.12 -13.46
C GLN A 80 -1.47 3.55 -13.89
N ASP A 81 -2.17 2.65 -14.57
CA ASP A 81 -3.55 2.93 -15.01
C ASP A 81 -4.54 2.46 -13.95
N ARG A 82 -4.04 1.80 -12.91
CA ARG A 82 -4.90 1.22 -11.90
C ARG A 82 -4.79 2.00 -10.59
N GLY A 83 -5.91 2.53 -10.14
CA GLY A 83 -5.96 3.24 -8.88
C GLY A 83 -6.31 2.32 -7.74
N PHE A 84 -5.33 2.03 -6.90
CA PHE A 84 -5.53 1.10 -5.81
C PHE A 84 -5.84 1.83 -4.52
N ILE A 85 -6.96 1.48 -3.89
CA ILE A 85 -7.31 2.05 -2.60
C ILE A 85 -7.35 0.95 -1.55
N VAL A 86 -6.39 0.99 -0.64
CA VAL A 86 -6.29 0.02 0.43
C VAL A 86 -6.98 0.57 1.67
N HIS A 87 -8.00 -0.13 2.16
CA HIS A 87 -8.75 0.35 3.31
C HIS A 87 -9.06 -0.77 4.29
N SER A 88 -9.27 -0.40 5.54
CA SER A 88 -9.72 -1.35 6.55
C SER A 88 -11.19 -1.67 6.31
N LYS A 89 -11.69 -2.73 6.91
CA LYS A 89 -13.05 -3.13 6.68
C LYS A 89 -14.03 -2.46 7.62
N THR A 90 -14.93 -1.70 7.03
CA THR A 90 -16.07 -1.13 7.71
C THR A 90 -17.25 -1.24 6.74
N ASP A 91 -17.04 -2.12 5.77
CA ASP A 91 -17.88 -2.21 4.60
C ASP A 91 -18.27 -3.66 4.31
N HIS A 92 -19.32 -3.83 3.53
CA HIS A 92 -19.69 -5.14 3.03
C HIS A 92 -20.24 -5.02 1.61
N GLU A 93 -19.75 -4.01 0.91
CA GLU A 93 -20.17 -3.75 -0.47
C GLU A 93 -19.33 -4.60 -1.42
N PHE A 94 -19.72 -4.62 -2.68
CA PHE A 94 -18.98 -5.39 -3.68
C PHE A 94 -19.37 -4.93 -5.08
N THR A 95 -18.78 -3.82 -5.51
CA THR A 95 -18.90 -3.40 -6.90
C THR A 95 -17.72 -3.98 -7.68
N HIS A 96 -16.56 -3.90 -7.04
CA HIS A 96 -15.33 -4.48 -7.58
C HIS A 96 -14.26 -4.45 -6.49
N SER A 97 -14.37 -5.38 -5.57
CA SER A 97 -13.52 -5.39 -4.39
C SER A 97 -12.60 -6.61 -4.38
N TYR A 98 -11.34 -6.36 -4.08
CA TYR A 98 -10.34 -7.41 -4.02
C TYR A 98 -10.08 -7.77 -2.56
N LYS A 99 -10.64 -8.88 -2.12
CA LYS A 99 -10.52 -9.29 -0.72
C LYS A 99 -9.19 -10.00 -0.49
N VAL A 100 -8.27 -9.32 0.17
CA VAL A 100 -6.97 -9.89 0.44
C VAL A 100 -6.97 -10.62 1.78
N THR A 101 -7.21 -9.88 2.86
CA THR A 101 -7.35 -10.48 4.16
C THR A 101 -8.74 -10.19 4.72
N ASP A 102 -9.04 -10.75 5.88
CA ASP A 102 -10.39 -10.63 6.46
C ASP A 102 -10.80 -9.17 6.64
N ASP A 103 -9.84 -8.30 6.93
CA ASP A 103 -10.14 -6.90 7.13
C ASP A 103 -9.69 -6.05 5.95
N ILE A 104 -8.45 -6.25 5.51
CA ILE A 104 -7.87 -5.33 4.54
C ILE A 104 -8.43 -5.61 3.16
N THR A 105 -9.04 -4.59 2.57
CA THR A 105 -9.70 -4.74 1.29
C THR A 105 -9.11 -3.79 0.26
N LEU A 106 -8.82 -4.32 -0.91
CA LEU A 106 -8.27 -3.54 -1.99
C LEU A 106 -9.36 -3.22 -3.01
N THR A 107 -9.74 -1.97 -3.11
CA THR A 107 -10.72 -1.58 -4.10
C THR A 107 -10.03 -0.80 -5.22
N THR A 108 -10.21 -1.28 -6.44
CA THR A 108 -9.55 -0.71 -7.60
C THR A 108 -10.56 -0.12 -8.59
N SER A 109 -11.69 0.31 -8.07
CA SER A 109 -12.76 0.83 -8.93
C SER A 109 -13.54 1.94 -8.22
N GLY A 110 -14.61 2.41 -8.85
CA GLY A 110 -15.38 3.52 -8.31
C GLY A 110 -16.15 3.15 -7.06
N ASP A 111 -16.03 1.89 -6.64
CA ASP A 111 -16.62 1.42 -5.39
C ASP A 111 -16.15 2.27 -4.23
N VAL A 112 -14.89 2.68 -4.29
CA VAL A 112 -14.28 3.51 -3.25
C VAL A 112 -15.07 4.79 -3.01
N LEU A 113 -15.66 5.36 -4.07
CA LEU A 113 -16.46 6.58 -3.95
C LEU A 113 -17.66 6.32 -3.05
N ASP A 114 -18.18 5.11 -3.13
CA ASP A 114 -19.34 4.71 -2.36
C ASP A 114 -18.90 4.28 -0.96
N SER A 115 -17.65 3.82 -0.86
CA SER A 115 -17.08 3.39 0.41
C SER A 115 -17.03 4.53 1.43
N PHE A 116 -16.36 5.63 1.06
CA PHE A 116 -16.25 6.76 1.97
C PHE A 116 -17.38 7.75 1.75
N GLY A 117 -18.29 7.39 0.85
CA GLY A 117 -19.43 8.24 0.57
C GLY A 117 -20.67 7.78 1.32
N THR A 118 -20.46 7.16 2.47
CA THR A 118 -21.56 6.66 3.28
C THR A 118 -21.27 6.91 4.76
N GLN A 119 -22.25 6.61 5.60
CA GLN A 119 -22.12 6.78 7.04
C GLN A 119 -21.06 5.83 7.57
N THR A 120 -21.04 4.63 7.03
CA THR A 120 -20.14 3.58 7.49
C THR A 120 -18.81 3.62 6.75
N ALA A 121 -18.38 4.82 6.35
CA ALA A 121 -17.11 5.01 5.68
C ALA A 121 -15.95 4.52 6.55
N PRO A 122 -15.06 3.70 5.98
CA PRO A 122 -13.88 3.18 6.69
C PRO A 122 -12.96 4.30 7.17
N GLU A 123 -12.43 4.14 8.37
CA GLU A 123 -11.52 5.13 8.95
C GLU A 123 -10.22 5.22 8.17
N LYS A 124 -9.57 4.07 7.97
CA LYS A 124 -8.25 4.06 7.38
C LYS A 124 -8.33 3.58 5.93
N PHE A 125 -8.02 4.50 5.02
CA PHE A 125 -8.01 4.19 3.60
C PHE A 125 -6.94 5.02 2.91
N ILE A 126 -6.16 4.38 2.07
CA ILE A 126 -5.10 5.06 1.33
C ILE A 126 -5.27 4.84 -0.16
N VAL A 127 -4.97 5.87 -0.93
CA VAL A 127 -5.08 5.79 -2.38
C VAL A 127 -3.70 5.88 -3.03
N CYS A 128 -3.34 4.83 -3.75
CA CYS A 128 -2.05 4.77 -4.42
C CYS A 128 -2.23 4.34 -5.88
N LEU A 129 -1.62 5.10 -6.78
CA LEU A 129 -1.67 4.79 -8.19
C LEU A 129 -0.54 3.84 -8.56
N GLY A 130 -0.88 2.72 -9.18
CA GLY A 130 0.12 1.75 -9.56
C GLY A 130 0.63 0.94 -8.40
N CYS A 131 1.53 0.01 -8.68
CA CYS A 131 2.14 -0.81 -7.66
C CYS A 131 3.54 -1.23 -8.10
N SER A 132 4.26 -1.88 -7.21
CA SER A 132 5.59 -2.37 -7.53
C SER A 132 5.54 -3.87 -7.80
N THR A 133 5.87 -4.26 -9.02
CA THR A 133 5.80 -5.66 -9.40
C THR A 133 7.20 -6.23 -9.63
N TRP A 134 7.54 -7.26 -8.87
CA TRP A 134 8.81 -7.92 -9.05
C TRP A 134 8.73 -8.91 -10.20
N LYS A 135 9.78 -8.92 -11.01
CA LYS A 135 9.84 -9.76 -12.19
C LYS A 135 10.02 -11.22 -11.75
N PRO A 136 9.34 -12.15 -12.44
CA PRO A 136 9.37 -13.59 -12.15
C PRO A 136 10.73 -14.11 -11.69
N HIS A 137 10.70 -14.86 -10.58
CA HIS A 137 11.86 -15.56 -10.02
C HIS A 137 12.82 -14.61 -9.28
N GLN A 138 12.95 -13.38 -9.76
CA GLN A 138 13.94 -12.45 -9.23
C GLN A 138 13.72 -12.18 -7.74
N LEU A 139 12.46 -11.95 -7.36
CA LEU A 139 12.13 -11.61 -5.97
C LEU A 139 12.63 -12.66 -4.99
N GLU A 140 12.61 -13.93 -5.40
CA GLU A 140 13.08 -15.02 -4.55
C GLU A 140 14.57 -14.86 -4.29
N GLN A 141 15.31 -14.44 -5.30
CA GLN A 141 16.74 -14.23 -5.18
C GLN A 141 17.02 -13.00 -4.33
N GLU A 142 16.23 -11.96 -4.51
CA GLU A 142 16.37 -10.72 -3.75
C GLU A 142 16.25 -11.00 -2.25
N ILE A 143 15.19 -11.70 -1.87
CA ILE A 143 14.97 -12.04 -0.46
C ILE A 143 16.02 -13.05 0.01
N ALA A 144 16.45 -13.93 -0.89
CA ALA A 144 17.46 -14.94 -0.56
C ALA A 144 18.77 -14.29 -0.14
N GLN A 145 19.13 -13.21 -0.82
CA GLN A 145 20.36 -12.48 -0.51
C GLN A 145 20.11 -11.45 0.58
N ASN A 146 18.96 -11.55 1.23
CA ASN A 146 18.59 -10.69 2.35
C ASN A 146 18.50 -9.23 1.95
N TYR A 147 18.08 -8.97 0.72
CA TYR A 147 17.81 -7.60 0.29
C TYR A 147 16.52 -7.11 0.94
N TRP A 148 15.63 -8.06 1.25
CA TRP A 148 14.33 -7.75 1.83
C TRP A 148 14.03 -8.67 3.00
N LEU A 149 13.46 -8.11 4.05
CA LEU A 149 13.02 -8.88 5.19
C LEU A 149 11.59 -9.35 4.93
N LEU A 150 11.25 -10.58 5.32
CA LEU A 150 9.93 -11.13 5.01
C LEU A 150 9.19 -11.56 6.28
N SER A 151 7.92 -11.19 6.36
CA SER A 151 7.05 -11.60 7.45
C SER A 151 5.58 -11.43 7.05
N GLU A 152 4.67 -12.06 7.78
CA GLU A 152 3.25 -11.97 7.49
C GLU A 152 2.70 -10.58 7.82
N ALA A 153 1.61 -10.22 7.16
CA ALA A 153 1.02 -8.90 7.30
C ALA A 153 -0.26 -8.95 8.12
N ASN A 154 -1.14 -7.97 7.90
CA ASN A 154 -2.41 -7.86 8.63
C ASN A 154 -2.13 -7.56 10.11
N ASN A 155 -0.95 -7.00 10.35
CA ASN A 155 -0.55 -6.59 11.69
C ASN A 155 -1.01 -5.15 11.93
N GLN A 156 -0.99 -4.72 13.18
CA GLN A 156 -1.42 -3.37 13.56
C GLN A 156 -0.58 -2.33 12.84
N THR A 157 0.66 -2.69 12.54
CA THR A 157 1.59 -1.81 11.87
C THR A 157 1.02 -1.21 10.58
N LEU A 158 0.14 -1.97 9.92
CA LEU A 158 -0.40 -1.56 8.63
C LEU A 158 -1.30 -0.32 8.76
N PHE A 159 -2.34 -0.40 9.59
CA PHE A 159 -3.30 0.69 9.70
C PHE A 159 -3.52 1.16 11.14
N GLU A 160 -3.16 0.33 12.12
CA GLU A 160 -3.39 0.69 13.52
C GLU A 160 -2.27 1.59 14.06
N THR A 161 -1.21 1.74 13.29
CA THR A 161 -0.16 2.68 13.64
C THR A 161 -0.69 4.12 13.61
N SER A 162 -1.71 4.33 12.79
CA SER A 162 -2.40 5.60 12.72
C SER A 162 -3.67 5.53 13.58
N TYR A 163 -3.67 4.61 14.54
CA TYR A 163 -4.83 4.36 15.37
C TYR A 163 -4.50 4.54 16.85
N LEU A 164 -3.54 3.79 17.36
CA LEU A 164 -3.19 3.89 18.78
C LEU A 164 -1.76 4.39 18.99
N ASP A 165 -0.76 3.65 18.53
CA ASP A 165 0.63 3.94 18.86
C ASP A 165 1.55 3.06 18.02
N ARG A 166 2.85 3.16 18.28
CA ARG A 166 3.87 2.33 17.66
C ARG A 166 4.11 2.64 16.18
N TRP A 167 5.30 2.29 15.74
CA TRP A 167 5.71 2.37 14.34
C TRP A 167 7.05 1.66 14.19
N VAL A 168 7.40 1.32 12.94
CA VAL A 168 8.64 0.60 12.66
C VAL A 168 8.67 -0.77 13.39
N GLU A 169 7.49 -1.35 13.59
CA GLU A 169 7.37 -2.66 14.27
C GLU A 169 7.91 -3.78 13.39
N ALA A 170 8.23 -3.42 12.14
CA ALA A 170 8.66 -4.37 11.13
C ALA A 170 9.84 -5.22 11.60
N ASN A 171 10.77 -4.60 12.32
CA ASN A 171 11.97 -5.30 12.77
C ASN A 171 11.69 -6.11 14.03
N GLU A 172 10.80 -5.62 14.88
CA GLU A 172 10.46 -6.33 16.11
C GLU A 172 9.59 -7.54 15.82
N MET A 173 8.82 -7.47 14.73
CA MET A 173 8.02 -8.60 14.29
C MET A 173 8.91 -9.81 14.01
N LEU A 174 10.12 -9.53 13.53
CA LEU A 174 11.10 -10.58 13.29
C LEU A 174 11.79 -10.94 14.59
N GLY A 175 12.25 -9.91 15.29
CA GLY A 175 12.94 -10.10 16.54
C GLY A 175 14.17 -9.23 16.67
N ILE A 176 14.13 -8.07 16.01
CA ILE A 176 15.22 -7.08 16.04
C ILE A 176 16.45 -7.55 15.26
N SER A 177 16.87 -8.79 15.48
CA SER A 177 18.02 -9.34 14.79
C SER A 177 17.68 -9.67 13.34
N GLY A 178 17.87 -8.70 12.46
CA GLY A 178 17.66 -8.93 11.04
C GLY A 178 18.97 -9.13 10.32
N ILE A 179 18.99 -10.03 9.35
CA ILE A 179 20.21 -10.33 8.62
C ILE A 179 20.42 -9.29 7.53
N LEU A 180 21.46 -8.47 7.74
CA LEU A 180 21.82 -7.40 6.81
C LEU A 180 20.72 -6.34 6.72
N ALA A 181 20.97 -5.33 5.89
CA ALA A 181 20.00 -4.27 5.63
C ALA A 181 20.49 -3.38 4.48
N PRO A 182 20.19 -3.77 3.24
CA PRO A 182 20.57 -3.01 2.05
C PRO A 182 19.45 -2.09 1.58
N ALA A 183 19.83 -1.02 0.90
CA ALA A 183 18.86 -0.08 0.35
C ALA A 183 19.19 0.25 -1.11
N GLY A 184 20.14 1.17 -1.30
CA GLY A 184 20.50 1.59 -2.63
C GLY A 184 19.53 2.62 -3.18
N ARG A 185 19.71 2.97 -4.45
CA ARG A 185 18.83 3.93 -5.11
C ARG A 185 18.33 3.38 -6.45
N ALA A 186 17.19 3.90 -6.89
CA ALA A 186 16.61 3.52 -8.16
C ALA A 186 16.35 4.76 -9.02
N LEU A 187 17.35 5.14 -9.78
CA LEU A 187 17.27 6.33 -10.61
C LEU A 187 16.30 6.12 -11.78
N GLU A 188 15.62 7.19 -12.16
CA GLU A 188 14.65 7.14 -13.24
C GLU A 188 15.14 7.98 -14.42
N MET A 1 12.40 -19.18 -6.19
CA MET A 1 12.45 -19.31 -4.71
C MET A 1 11.19 -18.71 -4.08
N PHE A 2 10.93 -17.44 -4.37
CA PHE A 2 9.79 -16.75 -3.77
C PHE A 2 8.51 -17.01 -4.55
N GLY A 3 7.43 -17.27 -3.82
CA GLY A 3 6.16 -17.56 -4.44
C GLY A 3 5.12 -16.50 -4.15
N ASN A 4 3.96 -16.93 -3.66
CA ASN A 4 2.87 -16.01 -3.38
C ASN A 4 3.10 -15.27 -2.08
N LEU A 5 3.51 -14.02 -2.17
CA LEU A 5 3.64 -13.17 -1.00
C LEU A 5 2.26 -12.77 -0.50
N GLN A 6 1.68 -11.74 -1.12
CA GLN A 6 0.29 -11.34 -0.89
C GLN A 6 -0.03 -11.03 0.58
N GLY A 7 -0.20 -9.75 0.89
CA GLY A 7 -0.56 -9.35 2.24
C GLY A 7 0.62 -9.31 3.17
N LYS A 8 1.78 -9.67 2.66
CA LYS A 8 3.00 -9.62 3.43
C LYS A 8 3.70 -8.30 3.14
N PHE A 9 4.59 -7.88 4.01
CA PHE A 9 5.29 -6.62 3.80
C PHE A 9 6.80 -6.84 3.80
N ILE A 10 7.51 -5.96 3.13
CA ILE A 10 8.95 -6.07 3.04
C ILE A 10 9.62 -4.90 3.74
N ILE A 11 10.75 -5.18 4.36
CA ILE A 11 11.48 -4.19 5.13
C ILE A 11 12.78 -3.82 4.41
N ALA A 12 13.38 -2.68 4.76
CA ALA A 12 14.61 -2.20 4.15
C ALA A 12 14.37 -1.75 2.72
N THR A 13 15.44 -1.36 2.03
CA THR A 13 15.33 -0.89 0.66
C THR A 13 16.72 -0.62 0.09
N PRO A 14 16.91 -0.87 -1.22
CA PRO A 14 18.15 -0.55 -1.92
C PRO A 14 18.30 0.95 -2.17
N GLU A 15 19.05 1.29 -3.20
CA GLU A 15 19.25 2.70 -3.56
C GLU A 15 18.05 3.23 -4.34
N MET A 16 16.86 2.98 -3.81
CA MET A 16 15.60 3.41 -4.42
C MET A 16 15.43 4.92 -4.24
N ASP A 17 14.58 5.53 -5.06
CA ASP A 17 14.31 6.96 -4.93
C ASP A 17 13.44 7.24 -3.72
N ASP A 18 14.08 7.43 -2.58
CA ASP A 18 13.39 7.73 -1.34
C ASP A 18 12.91 9.17 -1.34
N GLU A 19 11.59 9.35 -1.40
CA GLU A 19 11.03 10.69 -1.45
C GLU A 19 11.07 11.33 -0.06
N TYR A 20 10.32 10.76 0.89
CA TYR A 20 10.30 11.30 2.25
C TYR A 20 10.27 10.19 3.29
N PHE A 21 9.07 9.71 3.61
CA PHE A 21 8.85 8.81 4.74
C PHE A 21 7.36 8.57 4.94
N ASP A 22 6.55 9.51 4.48
CA ASP A 22 5.12 9.43 4.62
C ASP A 22 4.59 8.36 3.70
N ARG A 23 4.25 7.25 4.32
CA ARG A 23 3.77 6.07 3.64
C ARG A 23 4.89 5.39 2.84
N THR A 24 5.93 4.98 3.56
CA THR A 24 7.07 4.32 2.94
C THR A 24 6.96 2.80 3.06
N VAL A 25 6.77 2.13 1.92
CA VAL A 25 6.73 0.67 1.84
C VAL A 25 5.70 0.06 2.80
N ILE A 26 4.49 -0.16 2.31
CA ILE A 26 3.42 -0.64 3.17
C ILE A 26 3.26 -2.17 3.12
N TYR A 27 3.05 -2.74 1.93
CA TYR A 27 2.88 -4.20 1.80
C TYR A 27 2.78 -4.62 0.34
N ILE A 28 2.73 -5.94 0.12
CA ILE A 28 2.54 -6.52 -1.20
C ILE A 28 1.06 -6.80 -1.43
N CYS A 29 0.51 -6.30 -2.52
CA CYS A 29 -0.90 -6.43 -2.79
C CYS A 29 -1.26 -7.85 -3.23
N GLU A 30 -0.53 -8.35 -4.23
CA GLU A 30 -0.82 -9.65 -4.80
C GLU A 30 0.40 -10.21 -5.53
N HIS A 31 0.47 -11.53 -5.62
CA HIS A 31 1.47 -12.19 -6.44
C HIS A 31 0.76 -13.04 -7.48
N ASN A 32 0.76 -12.55 -8.71
CA ASN A 32 0.01 -13.16 -9.79
C ASN A 32 0.95 -13.88 -10.76
N ASP A 33 0.38 -14.64 -11.69
CA ASP A 33 1.17 -15.36 -12.69
C ASP A 33 1.97 -14.40 -13.57
N ASN A 34 1.52 -13.16 -13.62
CA ASN A 34 2.21 -12.13 -14.39
C ASN A 34 3.40 -11.56 -13.61
N GLY A 35 3.20 -11.37 -12.31
CA GLY A 35 4.25 -10.80 -11.49
C GLY A 35 3.78 -10.45 -10.09
N THR A 36 4.59 -9.68 -9.37
CA THR A 36 4.26 -9.30 -8.02
C THR A 36 3.79 -7.85 -7.98
N ILE A 37 2.57 -7.64 -7.50
CA ILE A 37 2.00 -6.31 -7.42
C ILE A 37 2.17 -5.76 -6.02
N GLY A 38 2.88 -4.65 -5.90
CA GLY A 38 3.13 -4.08 -4.59
C GLY A 38 3.28 -2.58 -4.65
N VAL A 39 2.97 -1.91 -3.54
CA VAL A 39 3.10 -0.47 -3.44
C VAL A 39 4.17 -0.10 -2.42
N ILE A 40 5.41 -0.01 -2.91
CA ILE A 40 6.54 0.32 -2.04
C ILE A 40 7.28 1.53 -2.59
N ILE A 41 6.60 2.26 -3.45
CA ILE A 41 7.19 3.41 -4.15
C ILE A 41 7.65 4.50 -3.18
N ASN A 42 6.88 4.69 -2.10
CA ASN A 42 7.18 5.74 -1.10
C ASN A 42 7.24 7.12 -1.78
N THR A 43 6.09 7.56 -2.28
CA THR A 43 6.00 8.87 -2.90
C THR A 43 4.55 9.26 -3.15
N PRO A 44 4.00 10.16 -2.31
CA PRO A 44 2.72 10.79 -2.56
C PRO A 44 2.87 11.91 -3.57
N THR A 45 1.79 12.29 -4.22
CA THR A 45 1.84 13.32 -5.23
C THR A 45 1.14 14.58 -4.74
N ASP A 46 1.35 15.69 -5.44
CA ASP A 46 0.83 16.98 -5.01
C ASP A 46 -0.66 17.06 -5.25
N LEU A 47 -1.12 16.36 -6.27
CA LEU A 47 -2.52 16.37 -6.64
C LEU A 47 -3.36 15.71 -5.56
N SER A 48 -4.60 16.16 -5.43
CA SER A 48 -5.45 15.69 -4.37
C SER A 48 -6.37 14.60 -4.88
N VAL A 49 -6.76 13.69 -4.01
CA VAL A 49 -7.69 12.63 -4.38
C VAL A 49 -9.02 13.24 -4.82
N LEU A 50 -9.41 14.32 -4.14
CA LEU A 50 -10.63 15.03 -4.46
C LEU A 50 -10.55 15.66 -5.86
N GLU A 51 -9.35 16.11 -6.21
CA GLU A 51 -9.09 16.69 -7.52
C GLU A 51 -9.34 15.68 -8.63
N LEU A 52 -8.95 14.43 -8.39
CA LEU A 52 -9.14 13.36 -9.36
C LEU A 52 -10.60 12.93 -9.40
N LEU A 53 -11.26 12.95 -8.24
CA LEU A 53 -12.66 12.55 -8.16
C LEU A 53 -13.53 13.50 -8.97
N THR A 54 -13.34 14.80 -8.77
CA THR A 54 -14.09 15.80 -9.50
C THR A 54 -13.71 15.80 -10.98
N ARG A 55 -12.47 15.43 -11.26
CA ARG A 55 -11.93 15.43 -12.61
C ARG A 55 -12.72 14.47 -13.52
N MET A 56 -12.87 13.24 -13.08
CA MET A 56 -13.47 12.20 -13.92
C MET A 56 -14.85 11.78 -13.43
N ASP A 57 -14.93 11.18 -12.26
CA ASP A 57 -16.19 10.64 -11.77
C ASP A 57 -16.22 10.55 -10.25
N PHE A 58 -17.33 10.97 -9.66
CA PHE A 58 -17.52 10.87 -8.24
C PHE A 58 -19.02 10.75 -7.93
N GLN A 59 -19.35 9.90 -6.98
CA GLN A 59 -20.74 9.75 -6.56
C GLN A 59 -21.04 10.70 -5.42
N MET A 60 -22.30 11.11 -5.30
CA MET A 60 -22.69 12.04 -4.26
C MET A 60 -22.80 11.36 -2.90
N ALA A 61 -21.67 11.24 -2.23
CA ALA A 61 -21.62 10.72 -0.88
C ALA A 61 -20.94 11.73 0.04
N LYS A 62 -20.56 12.86 -0.54
CA LYS A 62 -19.86 13.91 0.18
C LYS A 62 -20.56 15.24 -0.04
N PRO A 63 -20.60 16.12 0.99
CA PRO A 63 -21.25 17.43 0.90
C PRO A 63 -20.59 18.35 -0.13
N ARG A 64 -19.34 18.05 -0.48
CA ARG A 64 -18.58 18.77 -1.50
C ARG A 64 -18.21 20.17 -1.07
N ILE A 65 -18.26 20.42 0.23
CA ILE A 65 -17.77 21.67 0.78
C ILE A 65 -16.26 21.59 0.94
N TYR A 66 -15.55 22.56 0.38
CA TYR A 66 -14.10 22.56 0.37
C TYR A 66 -13.52 22.60 1.79
N THR A 67 -12.98 21.48 2.23
CA THR A 67 -12.40 21.35 3.55
C THR A 67 -11.55 20.08 3.65
N GLN A 68 -10.43 20.17 4.34
CA GLN A 68 -9.52 19.04 4.54
C GLN A 68 -8.98 18.49 3.22
N ASP A 69 -7.84 19.00 2.78
CA ASP A 69 -7.24 18.54 1.54
C ASP A 69 -6.54 17.20 1.76
N GLN A 70 -6.80 16.26 0.86
CA GLN A 70 -6.21 14.93 0.97
C GLN A 70 -5.44 14.60 -0.30
N MET A 71 -4.14 14.37 -0.15
CA MET A 71 -3.27 14.07 -1.29
C MET A 71 -3.43 12.62 -1.73
N VAL A 72 -3.18 12.36 -3.00
CA VAL A 72 -3.19 11.01 -3.53
C VAL A 72 -1.75 10.54 -3.80
N LEU A 73 -1.51 9.24 -3.67
CA LEU A 73 -0.20 8.67 -3.97
C LEU A 73 -0.21 7.99 -5.32
N ASN A 74 0.97 7.79 -5.89
CA ASN A 74 1.08 7.06 -7.14
C ASN A 74 1.57 5.64 -6.87
N GLY A 75 0.78 4.66 -7.27
CA GLY A 75 1.09 3.28 -6.95
C GLY A 75 2.12 2.69 -7.88
N GLY A 76 2.23 3.26 -9.07
CA GLY A 76 3.20 2.78 -10.04
C GLY A 76 2.87 3.20 -11.45
N PRO A 77 3.67 2.76 -12.43
CA PRO A 77 3.48 3.12 -13.83
C PRO A 77 2.36 2.33 -14.50
N VAL A 78 2.07 1.14 -13.98
CA VAL A 78 1.08 0.26 -14.60
C VAL A 78 -0.33 0.59 -14.08
N ASN A 79 -1.25 0.84 -15.02
CA ASN A 79 -2.65 1.11 -14.68
C ASN A 79 -2.79 2.44 -13.94
N GLN A 80 -1.90 3.36 -14.26
CA GLN A 80 -1.83 4.65 -13.59
C GLN A 80 -3.07 5.49 -13.86
N ASP A 81 -3.77 5.17 -14.94
CA ASP A 81 -4.97 5.90 -15.32
C ASP A 81 -6.19 5.40 -14.56
N ARG A 82 -5.99 4.41 -13.71
CA ARG A 82 -7.09 3.80 -12.99
C ARG A 82 -6.84 3.84 -11.48
N GLY A 83 -7.90 4.07 -10.73
CA GLY A 83 -7.77 4.27 -9.29
C GLY A 83 -7.69 2.96 -8.53
N PHE A 84 -6.72 2.88 -7.64
CA PHE A 84 -6.53 1.72 -6.79
C PHE A 84 -6.82 2.12 -5.35
N ILE A 85 -7.76 1.44 -4.70
CA ILE A 85 -8.14 1.78 -3.33
C ILE A 85 -8.32 0.53 -2.46
N VAL A 86 -7.53 0.44 -1.41
CA VAL A 86 -7.65 -0.65 -0.46
C VAL A 86 -8.19 -0.12 0.86
N HIS A 87 -9.22 -0.77 1.38
CA HIS A 87 -9.86 -0.32 2.60
C HIS A 87 -10.04 -1.47 3.58
N SER A 88 -10.00 -1.17 4.87
CA SER A 88 -10.21 -2.18 5.89
C SER A 88 -11.67 -2.63 5.89
N LYS A 89 -11.90 -3.88 6.26
CA LYS A 89 -13.25 -4.41 6.27
C LYS A 89 -14.11 -3.68 7.30
N THR A 90 -15.08 -2.93 6.79
CA THR A 90 -16.04 -2.22 7.63
C THR A 90 -17.28 -1.95 6.78
N ASP A 91 -17.02 -1.44 5.59
CA ASP A 91 -18.06 -1.24 4.59
C ASP A 91 -18.15 -2.47 3.68
N HIS A 92 -18.83 -2.32 2.55
CA HIS A 92 -18.90 -3.38 1.55
C HIS A 92 -19.45 -2.80 0.25
N GLU A 93 -18.80 -3.14 -0.85
CA GLU A 93 -19.17 -2.64 -2.16
C GLU A 93 -19.98 -3.68 -2.93
N PHE A 94 -20.23 -3.42 -4.21
CA PHE A 94 -21.02 -4.32 -5.04
C PHE A 94 -20.21 -4.88 -6.21
N THR A 95 -19.48 -4.01 -6.89
CA THR A 95 -18.86 -4.37 -8.17
C THR A 95 -17.62 -5.27 -8.02
N HIS A 96 -16.47 -4.67 -7.78
CA HIS A 96 -15.20 -5.39 -7.77
C HIS A 96 -14.62 -5.47 -6.37
N SER A 97 -14.96 -6.53 -5.67
CA SER A 97 -14.40 -6.79 -4.35
C SER A 97 -13.22 -7.75 -4.45
N TYR A 98 -12.01 -7.21 -4.33
CA TYR A 98 -10.81 -8.02 -4.33
C TYR A 98 -10.30 -8.15 -2.90
N LYS A 99 -10.53 -9.30 -2.29
CA LYS A 99 -10.12 -9.52 -0.93
C LYS A 99 -8.72 -10.10 -0.88
N VAL A 100 -7.76 -9.28 -0.47
CA VAL A 100 -6.40 -9.76 -0.23
C VAL A 100 -6.45 -10.81 0.86
N THR A 101 -7.04 -10.43 1.97
CA THR A 101 -7.40 -11.37 3.02
C THR A 101 -8.83 -11.03 3.46
N ASP A 102 -9.35 -11.71 4.46
CA ASP A 102 -10.77 -11.58 4.80
C ASP A 102 -11.11 -10.17 5.31
N ASP A 103 -10.17 -9.53 5.99
CA ASP A 103 -10.41 -8.21 6.56
C ASP A 103 -9.86 -7.10 5.68
N ILE A 104 -9.29 -7.45 4.53
CA ILE A 104 -8.74 -6.47 3.62
C ILE A 104 -9.48 -6.50 2.29
N THR A 105 -10.03 -5.37 1.89
CA THR A 105 -10.82 -5.31 0.67
C THR A 105 -10.29 -4.26 -0.30
N LEU A 106 -10.00 -4.71 -1.52
CA LEU A 106 -9.59 -3.81 -2.60
C LEU A 106 -10.77 -3.54 -3.53
N THR A 107 -11.02 -2.28 -3.83
CA THR A 107 -12.09 -1.92 -4.73
C THR A 107 -11.58 -0.98 -5.82
N THR A 108 -11.79 -1.35 -7.06
CA THR A 108 -11.28 -0.59 -8.20
C THR A 108 -12.41 0.11 -8.96
N SER A 109 -13.47 0.46 -8.25
CA SER A 109 -14.61 1.12 -8.88
C SER A 109 -15.15 2.25 -8.01
N GLY A 110 -16.17 2.96 -8.53
CA GLY A 110 -16.75 4.09 -7.83
C GLY A 110 -17.41 3.72 -6.52
N ASP A 111 -17.59 2.43 -6.30
CA ASP A 111 -18.13 1.90 -5.05
C ASP A 111 -17.42 2.51 -3.84
N VAL A 112 -16.11 2.72 -3.99
CA VAL A 112 -15.29 3.33 -2.94
C VAL A 112 -15.89 4.66 -2.48
N LEU A 113 -16.38 5.45 -3.43
CA LEU A 113 -16.93 6.77 -3.13
C LEU A 113 -18.14 6.65 -2.22
N ASP A 114 -18.92 5.60 -2.43
CA ASP A 114 -20.13 5.38 -1.66
C ASP A 114 -19.80 4.85 -0.28
N SER A 115 -18.66 4.17 -0.19
CA SER A 115 -18.20 3.57 1.05
C SER A 115 -18.06 4.59 2.18
N PHE A 116 -17.28 5.65 1.94
CA PHE A 116 -16.98 6.61 3.00
C PHE A 116 -17.99 7.76 3.07
N GLY A 117 -19.21 7.50 2.60
CA GLY A 117 -20.25 8.51 2.64
C GLY A 117 -21.30 8.22 3.70
N THR A 118 -20.97 7.34 4.63
CA THR A 118 -21.93 6.91 5.64
C THR A 118 -21.23 6.64 6.98
N GLN A 119 -21.99 6.23 7.99
CA GLN A 119 -21.43 5.95 9.30
C GLN A 119 -20.66 4.63 9.31
N THR A 120 -20.96 3.76 8.37
CA THR A 120 -20.28 2.48 8.26
C THR A 120 -19.07 2.57 7.35
N ALA A 121 -18.54 3.78 7.19
CA ALA A 121 -17.37 4.03 6.38
C ALA A 121 -16.13 3.35 6.97
N PRO A 122 -15.22 2.89 6.11
CA PRO A 122 -13.95 2.29 6.56
C PRO A 122 -13.08 3.31 7.27
N GLU A 123 -12.54 2.92 8.42
CA GLU A 123 -11.71 3.82 9.23
C GLU A 123 -10.44 4.19 8.48
N LYS A 124 -9.89 3.23 7.75
CA LYS A 124 -8.64 3.43 7.04
C LYS A 124 -8.71 2.86 5.64
N PHE A 125 -8.35 3.68 4.67
CA PHE A 125 -8.31 3.27 3.28
C PHE A 125 -7.20 4.03 2.55
N ILE A 126 -6.49 3.34 1.68
CA ILE A 126 -5.41 3.95 0.92
C ILE A 126 -5.79 4.08 -0.55
N VAL A 127 -5.55 5.26 -1.11
CA VAL A 127 -5.85 5.51 -2.50
C VAL A 127 -4.57 5.80 -3.27
N CYS A 128 -4.36 5.06 -4.35
CA CYS A 128 -3.20 5.24 -5.19
C CYS A 128 -3.58 5.11 -6.66
N LEU A 129 -2.87 5.80 -7.52
CA LEU A 129 -3.11 5.70 -8.95
C LEU A 129 -2.08 4.78 -9.59
N GLY A 130 -2.56 3.68 -10.16
CA GLY A 130 -1.65 2.71 -10.75
C GLY A 130 -1.01 1.80 -9.72
N CYS A 131 -0.21 0.86 -10.21
CA CYS A 131 0.53 -0.05 -9.34
C CYS A 131 1.88 -0.40 -9.96
N SER A 132 2.74 -1.02 -9.18
CA SER A 132 4.06 -1.41 -9.64
C SER A 132 4.18 -2.93 -9.67
N THR A 133 4.44 -3.49 -10.84
CA THR A 133 4.60 -4.92 -10.97
C THR A 133 6.06 -5.34 -11.07
N TRP A 134 6.51 -6.05 -10.06
CA TRP A 134 7.89 -6.53 -10.02
C TRP A 134 7.95 -7.98 -10.46
N LYS A 135 8.91 -8.28 -11.29
CA LYS A 135 9.03 -9.61 -11.89
C LYS A 135 9.58 -10.59 -10.84
N PRO A 136 9.00 -11.81 -10.78
CA PRO A 136 9.27 -12.78 -9.71
C PRO A 136 10.63 -13.50 -9.84
N HIS A 137 11.65 -12.72 -10.18
CA HIS A 137 13.03 -13.19 -10.18
C HIS A 137 13.95 -11.98 -10.03
N GLN A 138 13.56 -10.90 -10.70
CA GLN A 138 14.20 -9.61 -10.53
C GLN A 138 14.24 -9.24 -9.05
N LEU A 139 13.06 -9.13 -8.44
CA LEU A 139 12.93 -8.81 -7.03
C LEU A 139 13.56 -9.90 -6.17
N GLU A 140 13.41 -11.13 -6.64
CA GLU A 140 13.97 -12.29 -5.96
C GLU A 140 15.48 -12.13 -5.75
N GLN A 141 16.18 -11.76 -6.81
CA GLN A 141 17.62 -11.56 -6.74
C GLN A 141 17.96 -10.29 -5.97
N GLU A 142 17.09 -9.29 -6.06
CA GLU A 142 17.27 -8.06 -5.28
C GLU A 142 17.30 -8.38 -3.79
N ILE A 143 16.38 -9.24 -3.36
CA ILE A 143 16.33 -9.69 -1.98
C ILE A 143 17.59 -10.49 -1.65
N ALA A 144 18.07 -11.27 -2.61
CA ALA A 144 19.27 -12.08 -2.45
C ALA A 144 20.52 -11.20 -2.26
N GLN A 145 20.45 -9.97 -2.76
CA GLN A 145 21.54 -9.01 -2.57
C GLN A 145 21.49 -8.41 -1.17
N ASN A 146 20.49 -8.85 -0.40
CA ASN A 146 20.30 -8.44 0.99
C ASN A 146 19.87 -6.98 1.10
N TYR A 147 19.13 -6.51 0.10
CA TYR A 147 18.60 -5.15 0.11
C TYR A 147 17.13 -5.14 0.52
N TRP A 148 16.56 -6.32 0.70
CA TRP A 148 15.15 -6.45 1.08
C TRP A 148 14.98 -7.47 2.20
N LEU A 149 13.98 -7.24 3.04
CA LEU A 149 13.62 -8.16 4.11
C LEU A 149 12.15 -8.53 4.00
N LEU A 150 11.77 -9.70 4.49
CA LEU A 150 10.40 -10.17 4.36
C LEU A 150 9.78 -10.45 5.73
N SER A 151 8.55 -10.00 5.91
CA SER A 151 7.78 -10.28 7.10
C SER A 151 6.30 -10.31 6.75
N GLU A 152 5.45 -10.68 7.69
CA GLU A 152 4.03 -10.75 7.41
C GLU A 152 3.22 -10.00 8.46
N ALA A 153 2.04 -9.54 8.07
CA ALA A 153 1.18 -8.79 8.97
C ALA A 153 -0.20 -9.39 9.01
N ASN A 154 -0.51 -10.08 10.10
CA ASN A 154 -1.81 -10.72 10.26
C ASN A 154 -2.83 -9.69 10.76
N ASN A 155 -3.47 -9.00 9.80
CA ASN A 155 -4.54 -8.03 10.09
C ASN A 155 -4.03 -6.76 10.76
N GLN A 156 -3.53 -6.91 11.98
CA GLN A 156 -3.19 -5.77 12.84
C GLN A 156 -2.20 -4.82 12.18
N THR A 157 -0.95 -5.27 12.04
CA THR A 157 0.12 -4.43 11.50
C THR A 157 -0.25 -3.83 10.15
N LEU A 158 -1.07 -4.54 9.38
CA LEU A 158 -1.40 -4.13 8.03
C LEU A 158 -2.36 -2.94 8.01
N PHE A 159 -3.53 -3.08 8.64
CA PHE A 159 -4.56 -2.04 8.52
C PHE A 159 -5.11 -1.57 9.86
N GLU A 160 -4.84 -2.29 10.93
CA GLU A 160 -5.23 -1.81 12.25
C GLU A 160 -4.21 -0.81 12.74
N THR A 161 -2.95 -1.24 12.72
CA THR A 161 -1.80 -0.42 13.11
C THR A 161 -1.89 0.01 14.58
N SER A 162 -0.96 -0.48 15.38
CA SER A 162 -0.95 -0.19 16.80
C SER A 162 -0.54 1.27 17.06
N TYR A 163 -1.50 2.18 16.95
CA TYR A 163 -1.26 3.58 17.24
C TYR A 163 -1.32 3.84 18.74
N LEU A 164 -0.34 3.34 19.47
CA LEU A 164 -0.29 3.55 20.91
C LEU A 164 1.08 4.06 21.34
N ASP A 165 2.11 3.66 20.62
CA ASP A 165 3.48 4.08 20.93
C ASP A 165 4.05 4.91 19.80
N ARG A 166 4.00 4.36 18.60
CA ARG A 166 4.52 5.04 17.42
C ARG A 166 3.64 4.68 16.22
N TRP A 167 3.86 5.34 15.09
CA TRP A 167 3.08 5.07 13.90
C TRP A 167 3.68 3.91 13.10
N VAL A 168 4.98 4.01 12.84
CA VAL A 168 5.66 2.99 12.06
C VAL A 168 6.17 1.87 12.97
N GLU A 169 5.34 0.85 13.15
CA GLU A 169 5.70 -0.30 13.96
C GLU A 169 6.27 -1.42 13.10
N ALA A 170 6.28 -1.18 11.79
CA ALA A 170 6.78 -2.17 10.83
C ALA A 170 8.21 -2.59 11.14
N ASN A 171 9.00 -1.67 11.67
CA ASN A 171 10.40 -1.95 11.99
C ASN A 171 10.49 -2.69 13.32
N GLU A 172 9.52 -2.48 14.20
CA GLU A 172 9.46 -3.18 15.47
C GLU A 172 9.03 -4.64 15.26
N MET A 173 8.35 -4.88 14.15
CA MET A 173 7.87 -6.21 13.80
C MET A 173 9.04 -7.15 13.52
N LEU A 174 10.14 -6.58 13.06
CA LEU A 174 11.30 -7.36 12.68
C LEU A 174 12.47 -7.11 13.63
N GLY A 175 12.79 -5.84 13.84
CA GLY A 175 13.93 -5.48 14.65
C GLY A 175 14.65 -4.27 14.10
N ILE A 176 14.63 -3.18 14.85
CA ILE A 176 15.29 -1.94 14.44
C ILE A 176 16.76 -2.18 14.11
N SER A 177 17.44 -2.94 14.96
CA SER A 177 18.86 -3.23 14.77
C SER A 177 19.06 -4.53 13.98
N GLY A 178 18.11 -4.83 13.11
CA GLY A 178 18.20 -6.01 12.27
C GLY A 178 18.95 -5.74 10.99
N ILE A 179 20.24 -6.05 10.97
CA ILE A 179 21.07 -5.84 9.81
C ILE A 179 21.53 -7.17 9.22
N LEU A 180 21.61 -7.23 7.90
CA LEU A 180 22.01 -8.46 7.23
C LEU A 180 23.53 -8.51 7.07
N ALA A 181 24.06 -9.73 6.99
CA ALA A 181 25.49 -9.97 6.85
C ALA A 181 26.30 -9.29 7.96
N PRO A 182 26.11 -9.72 9.22
CA PRO A 182 26.85 -9.18 10.35
C PRO A 182 28.20 -9.89 10.55
N ALA A 183 28.38 -10.98 9.83
CA ALA A 183 29.60 -11.78 9.93
C ALA A 183 30.43 -11.66 8.65
N GLY A 184 30.32 -10.52 7.99
CA GLY A 184 31.04 -10.29 6.76
C GLY A 184 32.55 -10.42 6.95
N ARG A 185 33.19 -11.04 5.97
CA ARG A 185 34.62 -11.29 6.03
C ARG A 185 35.41 -10.03 5.72
N ALA A 186 34.80 -9.15 4.94
CA ALA A 186 35.44 -7.90 4.55
C ALA A 186 34.51 -6.71 4.82
N LEU A 187 34.52 -6.26 6.06
CA LEU A 187 33.73 -5.10 6.47
C LEU A 187 34.63 -4.01 7.00
N GLU A 188 35.68 -4.43 7.71
CA GLU A 188 36.60 -3.50 8.33
C GLU A 188 38.02 -4.04 8.28
N MET A 1 11.41 -20.26 -2.53
CA MET A 1 10.30 -20.19 -3.53
C MET A 1 9.16 -19.32 -3.01
N PHE A 2 8.62 -19.68 -1.84
CA PHE A 2 7.49 -18.98 -1.24
C PHE A 2 6.24 -19.10 -2.10
N GLY A 3 5.44 -20.13 -1.80
CA GLY A 3 4.23 -20.39 -2.56
C GLY A 3 3.28 -19.21 -2.55
N ASN A 4 2.64 -18.96 -1.43
CA ASN A 4 1.73 -17.84 -1.32
C ASN A 4 2.37 -16.70 -0.55
N LEU A 5 2.87 -15.72 -1.28
CA LEU A 5 3.51 -14.55 -0.67
C LEU A 5 2.52 -13.39 -0.66
N GLN A 6 1.25 -13.69 -0.87
CA GLN A 6 0.21 -12.68 -0.88
C GLN A 6 -0.36 -12.53 0.52
N GLY A 7 -0.48 -11.29 0.98
CA GLY A 7 -0.88 -11.04 2.35
C GLY A 7 0.31 -10.78 3.26
N LYS A 8 1.50 -10.82 2.67
CA LYS A 8 2.73 -10.56 3.40
C LYS A 8 3.28 -9.21 2.99
N PHE A 9 4.37 -8.79 3.62
CA PHE A 9 5.06 -7.59 3.20
C PHE A 9 6.57 -7.77 3.33
N ILE A 10 7.30 -7.04 2.53
CA ILE A 10 8.75 -7.11 2.53
C ILE A 10 9.35 -5.75 2.89
N ILE A 11 10.22 -5.75 3.88
CA ILE A 11 10.80 -4.53 4.39
C ILE A 11 12.03 -4.11 3.58
N ALA A 12 11.89 -3.02 2.86
CA ALA A 12 13.01 -2.42 2.16
C ALA A 12 13.22 -1.00 2.65
N THR A 13 14.12 -0.84 3.59
CA THR A 13 14.40 0.46 4.17
C THR A 13 15.88 0.58 4.52
N PRO A 14 16.65 1.31 3.69
CA PRO A 14 18.10 1.48 3.91
C PRO A 14 18.40 2.47 5.04
N GLU A 15 17.50 3.42 5.25
CA GLU A 15 17.67 4.43 6.28
C GLU A 15 16.72 4.15 7.43
N MET A 16 16.74 5.01 8.44
CA MET A 16 15.74 4.98 9.48
C MET A 16 14.47 5.69 8.98
N ASP A 17 13.47 4.87 8.63
CA ASP A 17 12.25 5.36 7.96
C ASP A 17 12.63 5.86 6.56
N ASP A 18 11.74 6.59 5.91
CA ASP A 18 12.02 7.09 4.58
C ASP A 18 11.83 8.61 4.52
N GLU A 19 11.05 9.15 5.45
CA GLU A 19 10.79 10.58 5.46
C GLU A 19 10.77 11.12 6.90
N TYR A 20 9.61 11.01 7.54
CA TYR A 20 9.40 11.60 8.87
C TYR A 20 7.98 11.38 9.33
N PHE A 21 7.04 11.61 8.43
CA PHE A 21 5.61 11.51 8.75
C PHE A 21 4.87 10.90 7.56
N ASP A 22 5.57 10.06 6.82
CA ASP A 22 5.05 9.55 5.56
C ASP A 22 4.51 8.13 5.72
N ARG A 23 4.06 7.55 4.63
CA ARG A 23 3.46 6.23 4.63
C ARG A 23 4.22 5.33 3.65
N THR A 24 5.29 4.73 4.11
CA THR A 24 6.15 3.94 3.25
C THR A 24 6.27 2.50 3.72
N VAL A 25 6.56 1.60 2.77
CA VAL A 25 6.71 0.17 3.05
C VAL A 25 5.38 -0.46 3.45
N ILE A 26 4.72 -1.06 2.48
CA ILE A 26 3.44 -1.70 2.71
C ILE A 26 3.50 -3.18 2.25
N TYR A 27 2.42 -3.76 1.74
CA TYR A 27 2.34 -5.20 1.62
C TYR A 27 2.22 -5.64 0.16
N ILE A 28 2.32 -6.95 -0.05
CA ILE A 28 2.17 -7.54 -1.37
C ILE A 28 0.70 -7.82 -1.64
N CYS A 29 0.15 -7.14 -2.64
CA CYS A 29 -1.27 -7.22 -2.93
C CYS A 29 -1.63 -8.54 -3.61
N GLU A 30 -0.83 -8.93 -4.60
CA GLU A 30 -1.03 -10.19 -5.28
C GLU A 30 0.31 -10.86 -5.57
N HIS A 31 0.34 -12.18 -5.50
CA HIS A 31 1.52 -12.93 -5.87
C HIS A 31 1.17 -14.03 -6.86
N ASN A 32 1.64 -13.88 -8.08
CA ASN A 32 1.46 -14.88 -9.10
C ASN A 32 2.82 -15.45 -9.48
N ASP A 33 2.84 -16.48 -10.31
CA ASP A 33 4.09 -17.13 -10.69
C ASP A 33 4.90 -16.25 -11.63
N ASN A 34 4.22 -15.34 -12.32
CA ASN A 34 4.87 -14.45 -13.27
C ASN A 34 4.96 -13.02 -12.73
N GLY A 35 4.04 -12.63 -11.86
CA GLY A 35 4.02 -11.27 -11.39
C GLY A 35 3.69 -11.17 -9.92
N THR A 36 4.53 -10.48 -9.18
CA THR A 36 4.26 -10.18 -7.78
C THR A 36 3.90 -8.70 -7.65
N ILE A 37 2.65 -8.43 -7.34
CA ILE A 37 2.14 -7.06 -7.33
C ILE A 37 2.16 -6.49 -5.92
N GLY A 38 2.97 -5.48 -5.72
CA GLY A 38 3.00 -4.77 -4.45
C GLY A 38 3.29 -3.30 -4.65
N VAL A 39 2.96 -2.47 -3.67
CA VAL A 39 3.20 -1.04 -3.80
C VAL A 39 4.25 -0.60 -2.78
N ILE A 40 5.46 -1.11 -2.94
CA ILE A 40 6.53 -0.85 -1.98
C ILE A 40 7.64 0.01 -2.59
N ILE A 41 7.33 0.65 -3.73
CA ILE A 41 8.30 1.50 -4.40
C ILE A 41 8.56 2.77 -3.58
N ASN A 42 7.55 3.17 -2.80
CA ASN A 42 7.64 4.30 -1.88
C ASN A 42 7.88 5.62 -2.61
N THR A 43 6.80 6.28 -3.01
CA THR A 43 6.90 7.57 -3.65
C THR A 43 5.52 8.24 -3.76
N PRO A 44 5.19 9.13 -2.82
CA PRO A 44 3.96 9.91 -2.88
C PRO A 44 4.07 11.02 -3.92
N THR A 45 2.94 11.44 -4.45
CA THR A 45 2.92 12.49 -5.45
C THR A 45 2.19 13.73 -4.92
N ASP A 46 2.57 14.88 -5.43
CA ASP A 46 2.04 16.16 -4.96
C ASP A 46 0.59 16.37 -5.37
N LEU A 47 0.14 15.60 -6.36
CA LEU A 47 -1.26 15.65 -6.75
C LEU A 47 -2.08 14.88 -5.72
N SER A 48 -3.39 15.13 -5.67
CA SER A 48 -4.20 14.54 -4.63
C SER A 48 -5.29 13.67 -5.24
N VAL A 49 -5.84 12.75 -4.43
CA VAL A 49 -6.82 11.80 -4.92
C VAL A 49 -8.11 12.49 -5.35
N LEU A 50 -8.51 13.52 -4.61
CA LEU A 50 -9.71 14.27 -4.91
C LEU A 50 -9.56 15.01 -6.23
N GLU A 51 -8.34 15.47 -6.49
CA GLU A 51 -8.00 16.13 -7.73
C GLU A 51 -8.22 15.20 -8.92
N LEU A 52 -7.85 13.94 -8.75
CA LEU A 52 -8.03 12.93 -9.78
C LEU A 52 -9.50 12.51 -9.90
N LEU A 53 -10.17 12.39 -8.75
CA LEU A 53 -11.58 11.99 -8.73
C LEU A 53 -12.45 13.00 -9.45
N THR A 54 -12.28 14.27 -9.11
CA THR A 54 -13.04 15.35 -9.73
C THR A 54 -12.65 15.51 -11.20
N ARG A 55 -11.39 15.20 -11.49
CA ARG A 55 -10.86 15.23 -12.85
C ARG A 55 -11.63 14.24 -13.74
N MET A 56 -12.00 13.10 -13.16
CA MET A 56 -12.78 12.12 -13.89
C MET A 56 -14.25 12.53 -13.92
N ASP A 57 -15.00 12.22 -12.87
CA ASP A 57 -16.41 12.59 -12.79
C ASP A 57 -16.96 12.34 -11.40
N PHE A 58 -16.08 12.36 -10.42
CA PHE A 58 -16.48 12.10 -9.04
C PHE A 58 -16.23 13.33 -8.19
N GLN A 59 -17.27 14.14 -8.01
CA GLN A 59 -17.14 15.38 -7.26
C GLN A 59 -18.38 15.63 -6.41
N MET A 60 -18.18 15.63 -5.10
CA MET A 60 -19.25 15.92 -4.17
C MET A 60 -18.73 16.81 -3.05
N ALA A 61 -19.20 18.04 -3.02
CA ALA A 61 -18.77 19.00 -2.02
C ALA A 61 -19.49 18.75 -0.71
N LYS A 62 -18.86 17.96 0.16
CA LYS A 62 -19.44 17.61 1.44
C LYS A 62 -19.51 18.85 2.35
N PRO A 63 -20.59 18.96 3.14
CA PRO A 63 -20.82 20.12 4.02
C PRO A 63 -19.76 20.27 5.11
N ARG A 64 -19.00 19.20 5.35
CA ARG A 64 -17.96 19.25 6.36
C ARG A 64 -16.69 19.85 5.76
N ILE A 65 -16.48 21.14 6.02
CA ILE A 65 -15.31 21.85 5.50
C ILE A 65 -14.06 21.56 6.34
N TYR A 66 -14.14 20.51 7.15
CA TYR A 66 -13.04 20.09 7.98
C TYR A 66 -12.33 18.91 7.33
N THR A 67 -11.02 18.81 7.55
CA THR A 67 -10.18 17.79 6.93
C THR A 67 -9.90 18.16 5.47
N GLN A 68 -8.63 18.47 5.19
CA GLN A 68 -8.26 18.96 3.87
C GLN A 68 -8.08 17.80 2.88
N ASP A 69 -7.60 18.14 1.69
CA ASP A 69 -7.42 17.18 0.62
C ASP A 69 -6.44 16.06 1.00
N GLN A 70 -6.60 14.91 0.37
CA GLN A 70 -5.74 13.76 0.61
C GLN A 70 -4.87 13.51 -0.63
N MET A 71 -3.57 13.41 -0.42
CA MET A 71 -2.64 13.23 -1.54
C MET A 71 -2.60 11.77 -2.01
N VAL A 72 -2.17 11.58 -3.24
CA VAL A 72 -2.08 10.25 -3.83
C VAL A 72 -0.62 9.82 -3.95
N LEU A 73 -0.37 8.53 -3.88
CA LEU A 73 0.97 8.00 -4.05
C LEU A 73 1.07 7.27 -5.39
N ASN A 74 2.30 6.95 -5.77
CA ASN A 74 2.52 6.09 -6.93
C ASN A 74 3.03 4.74 -6.45
N GLY A 75 2.50 3.67 -7.04
CA GLY A 75 2.82 2.34 -6.56
C GLY A 75 3.82 1.61 -7.43
N GLY A 76 4.14 2.19 -8.58
CA GLY A 76 5.07 1.57 -9.49
C GLY A 76 4.79 1.93 -10.93
N PRO A 77 5.74 1.69 -11.84
CA PRO A 77 5.60 2.03 -13.26
C PRO A 77 4.61 1.11 -13.98
N VAL A 78 4.37 -0.07 -13.40
CA VAL A 78 3.48 -1.04 -14.00
C VAL A 78 2.04 -0.74 -13.60
N ASN A 79 1.15 -0.67 -14.60
CA ASN A 79 -0.26 -0.35 -14.38
C ASN A 79 -0.41 1.06 -13.82
N GLN A 80 0.57 1.90 -14.10
CA GLN A 80 0.66 3.24 -13.54
C GLN A 80 -0.50 4.12 -14.01
N ASP A 81 -1.06 3.75 -15.14
CA ASP A 81 -2.19 4.48 -15.70
C ASP A 81 -3.45 4.26 -14.89
N ARG A 82 -3.45 3.19 -14.09
CA ARG A 82 -4.65 2.78 -13.40
C ARG A 82 -4.52 3.02 -11.90
N GLY A 83 -5.64 3.40 -11.28
CA GLY A 83 -5.65 3.71 -9.87
C GLY A 83 -5.84 2.47 -9.03
N PHE A 84 -4.99 2.32 -8.03
CA PHE A 84 -5.04 1.17 -7.13
C PHE A 84 -5.46 1.66 -5.74
N ILE A 85 -6.53 1.09 -5.19
CA ILE A 85 -7.02 1.52 -3.89
C ILE A 85 -7.27 0.32 -2.98
N VAL A 86 -6.51 0.26 -1.90
CA VAL A 86 -6.69 -0.79 -0.89
C VAL A 86 -7.26 -0.19 0.38
N HIS A 87 -8.36 -0.74 0.86
CA HIS A 87 -9.02 -0.20 2.05
C HIS A 87 -9.37 -1.30 3.03
N SER A 88 -9.61 -0.91 4.28
CA SER A 88 -10.04 -1.86 5.30
C SER A 88 -11.46 -2.36 5.00
N LYS A 89 -11.81 -3.51 5.57
CA LYS A 89 -13.14 -4.05 5.39
C LYS A 89 -14.16 -3.25 6.18
N THR A 90 -15.12 -2.70 5.47
CA THR A 90 -16.23 -2.01 6.08
C THR A 90 -17.47 -2.25 5.24
N ASP A 91 -18.38 -3.07 5.77
CA ASP A 91 -19.57 -3.48 5.03
C ASP A 91 -20.37 -2.29 4.52
N HIS A 92 -20.83 -2.42 3.29
CA HIS A 92 -21.63 -1.39 2.63
C HIS A 92 -22.08 -1.88 1.27
N GLU A 93 -22.14 -3.21 1.12
CA GLU A 93 -22.29 -3.85 -0.19
C GLU A 93 -21.02 -3.62 -1.01
N PHE A 94 -21.08 -3.88 -2.30
CA PHE A 94 -19.94 -3.65 -3.17
C PHE A 94 -20.37 -3.32 -4.59
N THR A 95 -19.71 -2.33 -5.18
CA THR A 95 -19.95 -1.98 -6.56
C THR A 95 -19.03 -2.78 -7.49
N HIS A 96 -17.75 -2.77 -7.16
CA HIS A 96 -16.76 -3.55 -7.90
C HIS A 96 -15.45 -3.58 -7.13
N SER A 97 -15.31 -4.56 -6.25
CA SER A 97 -14.12 -4.67 -5.43
C SER A 97 -13.58 -6.10 -5.48
N TYR A 98 -12.27 -6.20 -5.61
CA TYR A 98 -11.60 -7.50 -5.67
C TYR A 98 -10.93 -7.77 -4.33
N LYS A 99 -11.39 -8.82 -3.65
CA LYS A 99 -10.90 -9.12 -2.32
C LYS A 99 -9.58 -9.86 -2.35
N VAL A 100 -8.57 -9.27 -1.70
CA VAL A 100 -7.35 -9.99 -1.39
C VAL A 100 -7.70 -11.05 -0.36
N THR A 101 -8.33 -10.57 0.70
CA THR A 101 -8.99 -11.41 1.67
C THR A 101 -10.30 -10.73 2.04
N ASP A 102 -11.00 -11.19 3.06
CA ASP A 102 -12.26 -10.55 3.44
C ASP A 102 -12.00 -9.23 4.14
N ASP A 103 -11.02 -9.20 5.01
CA ASP A 103 -10.70 -8.01 5.81
C ASP A 103 -9.99 -6.94 4.99
N ILE A 104 -9.29 -7.36 3.94
CA ILE A 104 -8.55 -6.44 3.08
C ILE A 104 -9.12 -6.49 1.66
N THR A 105 -9.55 -5.36 1.14
CA THR A 105 -10.25 -5.34 -0.13
C THR A 105 -9.68 -4.28 -1.08
N LEU A 106 -9.45 -4.68 -2.33
CA LEU A 106 -8.99 -3.79 -3.38
C LEU A 106 -10.18 -3.28 -4.20
N THR A 107 -10.19 -2.01 -4.52
CA THR A 107 -11.27 -1.45 -5.32
C THR A 107 -10.72 -0.57 -6.44
N THR A 108 -11.16 -0.83 -7.66
CA THR A 108 -10.74 -0.07 -8.83
C THR A 108 -11.93 0.59 -9.51
N SER A 109 -12.99 0.83 -8.74
CA SER A 109 -14.22 1.34 -9.28
C SER A 109 -14.79 2.44 -8.38
N GLY A 110 -16.03 2.86 -8.67
CA GLY A 110 -16.67 3.93 -7.91
C GLY A 110 -17.02 3.53 -6.49
N ASP A 111 -16.81 2.25 -6.18
CA ASP A 111 -17.03 1.71 -4.83
C ASP A 111 -16.24 2.50 -3.80
N VAL A 112 -15.05 2.91 -4.21
CA VAL A 112 -14.18 3.74 -3.36
C VAL A 112 -14.92 5.00 -2.91
N LEU A 113 -15.53 5.69 -3.87
CA LEU A 113 -16.24 6.94 -3.60
C LEU A 113 -17.40 6.69 -2.65
N ASP A 114 -18.12 5.58 -2.87
CA ASP A 114 -19.24 5.22 -2.01
C ASP A 114 -18.76 4.98 -0.59
N SER A 115 -17.63 4.31 -0.47
CA SER A 115 -17.06 3.94 0.82
C SER A 115 -16.91 5.15 1.75
N PHE A 116 -15.99 6.06 1.43
CA PHE A 116 -15.64 7.14 2.35
C PHE A 116 -16.56 8.34 2.20
N GLY A 117 -17.74 8.13 1.64
CA GLY A 117 -18.67 9.22 1.45
C GLY A 117 -19.97 9.03 2.21
N THR A 118 -19.94 8.17 3.22
CA THR A 118 -21.16 7.86 3.98
C THR A 118 -20.80 7.31 5.37
N GLN A 119 -21.80 6.81 6.08
CA GLN A 119 -21.63 6.33 7.45
C GLN A 119 -20.77 5.06 7.49
N THR A 120 -20.69 4.39 6.35
CA THR A 120 -19.90 3.17 6.26
C THR A 120 -18.52 3.45 5.65
N ALA A 121 -17.96 4.61 5.99
CA ALA A 121 -16.64 5.00 5.51
C ALA A 121 -15.54 4.25 6.25
N PRO A 122 -14.70 3.52 5.51
CA PRO A 122 -13.53 2.85 6.09
C PRO A 122 -12.46 3.85 6.50
N GLU A 123 -11.96 3.69 7.72
CA GLU A 123 -10.96 4.60 8.28
C GLU A 123 -9.74 4.73 7.38
N LYS A 124 -9.23 3.61 6.92
CA LYS A 124 -7.95 3.60 6.25
C LYS A 124 -8.05 2.99 4.85
N PHE A 125 -7.64 3.79 3.88
CA PHE A 125 -7.58 3.36 2.49
C PHE A 125 -6.40 4.03 1.82
N ILE A 126 -5.60 3.25 1.11
CA ILE A 126 -4.44 3.77 0.42
C ILE A 126 -4.72 3.84 -1.08
N VAL A 127 -4.39 4.98 -1.68
CA VAL A 127 -4.56 5.17 -3.10
C VAL A 127 -3.20 5.37 -3.77
N CYS A 128 -2.92 4.53 -4.75
CA CYS A 128 -1.66 4.60 -5.47
C CYS A 128 -1.90 4.44 -6.96
N LEU A 129 -1.14 5.17 -7.75
CA LEU A 129 -1.18 5.04 -9.20
C LEU A 129 -0.12 4.05 -9.65
N GLY A 130 -0.56 2.92 -10.22
CA GLY A 130 0.37 1.90 -10.63
C GLY A 130 0.82 1.01 -9.49
N CYS A 131 1.55 -0.04 -9.82
CA CYS A 131 2.10 -0.95 -8.83
C CYS A 131 3.44 -1.48 -9.30
N SER A 132 4.14 -2.15 -8.41
CA SER A 132 5.43 -2.73 -8.74
C SER A 132 5.30 -4.24 -8.86
N THR A 133 5.55 -4.76 -10.06
CA THR A 133 5.49 -6.18 -10.29
C THR A 133 6.89 -6.77 -10.36
N TRP A 134 7.23 -7.64 -9.42
CA TRP A 134 8.55 -8.22 -9.38
C TRP A 134 8.68 -9.34 -10.40
N LYS A 135 9.91 -9.63 -10.79
CA LYS A 135 10.21 -10.62 -11.83
C LYS A 135 9.81 -12.04 -11.38
N PRO A 136 9.38 -12.87 -12.34
CA PRO A 136 8.93 -14.25 -12.07
C PRO A 136 9.98 -15.08 -11.33
N HIS A 137 9.65 -15.45 -10.10
CA HIS A 137 10.50 -16.32 -9.26
C HIS A 137 11.82 -15.66 -8.85
N GLN A 138 12.09 -14.46 -9.33
CA GLN A 138 13.35 -13.81 -9.02
C GLN A 138 13.36 -13.30 -7.57
N LEU A 139 12.17 -13.03 -7.05
CA LEU A 139 12.02 -12.45 -5.72
C LEU A 139 12.70 -13.32 -4.65
N GLU A 140 12.59 -14.64 -4.77
CA GLU A 140 13.19 -15.54 -3.79
C GLU A 140 14.71 -15.45 -3.84
N GLN A 141 15.26 -15.24 -5.02
CA GLN A 141 16.69 -15.01 -5.18
C GLN A 141 17.08 -13.65 -4.62
N GLU A 142 16.23 -12.66 -4.85
CA GLU A 142 16.44 -11.31 -4.32
C GLU A 142 16.51 -11.34 -2.80
N ILE A 143 15.59 -12.09 -2.19
CA ILE A 143 15.56 -12.25 -0.74
C ILE A 143 16.83 -12.95 -0.24
N ALA A 144 17.33 -13.88 -1.04
CA ALA A 144 18.53 -14.64 -0.69
C ALA A 144 19.77 -13.74 -0.63
N GLN A 145 19.67 -12.56 -1.25
CA GLN A 145 20.75 -11.59 -1.23
C GLN A 145 20.74 -10.81 0.08
N ASN A 146 19.76 -11.11 0.93
CA ASN A 146 19.61 -10.49 2.25
C ASN A 146 19.18 -9.03 2.14
N TYR A 147 18.64 -8.65 0.99
CA TYR A 147 18.18 -7.27 0.79
C TYR A 147 16.67 -7.15 0.95
N TRP A 148 16.02 -8.26 1.32
CA TRP A 148 14.58 -8.25 1.52
C TRP A 148 14.20 -8.97 2.81
N LEU A 149 13.56 -8.25 3.71
CA LEU A 149 13.12 -8.82 4.97
C LEU A 149 11.63 -9.14 4.87
N LEU A 150 11.29 -10.42 4.90
CA LEU A 150 9.90 -10.85 4.74
C LEU A 150 9.21 -10.93 6.09
N SER A 151 8.00 -10.39 6.16
CA SER A 151 7.21 -10.43 7.38
C SER A 151 5.73 -10.65 7.05
N GLU A 152 5.02 -11.27 7.98
CA GLU A 152 3.61 -11.57 7.79
C GLU A 152 2.73 -10.37 8.06
N ALA A 153 1.54 -10.42 7.51
CA ALA A 153 0.53 -9.39 7.68
C ALA A 153 -0.86 -10.04 7.57
N ASN A 154 -1.85 -9.25 7.16
CA ASN A 154 -3.21 -9.75 6.94
C ASN A 154 -3.87 -10.15 8.26
N ASN A 155 -4.10 -9.15 9.11
CA ASN A 155 -4.83 -9.33 10.38
C ASN A 155 -4.96 -8.00 11.09
N GLN A 156 -3.98 -7.67 11.92
CA GLN A 156 -4.00 -6.41 12.66
C GLN A 156 -3.00 -5.42 12.09
N THR A 157 -1.75 -5.85 12.01
CA THR A 157 -0.63 -4.97 11.69
C THR A 157 -0.86 -4.17 10.41
N LEU A 158 -1.61 -4.75 9.48
CA LEU A 158 -1.85 -4.11 8.20
C LEU A 158 -2.62 -2.79 8.34
N PHE A 159 -3.78 -2.82 9.01
CA PHE A 159 -4.63 -1.63 9.08
C PHE A 159 -5.17 -1.33 10.47
N GLU A 160 -4.59 -1.93 11.51
CA GLU A 160 -5.06 -1.63 12.87
C GLU A 160 -4.36 -0.40 13.42
N THR A 161 -3.03 -0.42 13.39
CA THR A 161 -2.26 0.72 13.86
C THR A 161 -2.19 1.80 12.78
N SER A 162 -1.36 1.56 11.76
CA SER A 162 -1.26 2.43 10.60
C SER A 162 -0.84 3.85 11.00
N TYR A 163 -1.47 4.85 10.38
CA TYR A 163 -1.07 6.24 10.54
C TYR A 163 -1.56 6.83 11.88
N LEU A 164 -0.95 6.38 12.97
CA LEU A 164 -1.22 6.96 14.28
C LEU A 164 0.06 7.54 14.89
N ASP A 165 1.16 7.34 14.19
CA ASP A 165 2.45 7.86 14.64
C ASP A 165 3.11 8.60 13.48
N ARG A 166 4.37 8.95 13.62
CA ARG A 166 5.06 9.71 12.59
C ARG A 166 5.84 8.78 11.67
N TRP A 167 6.61 7.88 12.26
CA TRP A 167 7.45 6.96 11.50
C TRP A 167 6.78 5.59 11.41
N VAL A 168 7.11 4.85 10.37
CA VAL A 168 6.54 3.52 10.15
C VAL A 168 7.05 2.54 11.21
N GLU A 169 6.15 1.74 11.78
CA GLU A 169 6.51 0.84 12.86
C GLU A 169 6.77 -0.57 12.33
N ALA A 170 6.56 -0.77 11.04
CA ALA A 170 6.73 -2.09 10.42
C ALA A 170 8.11 -2.68 10.70
N ASN A 171 9.14 -1.85 10.62
CA ASN A 171 10.51 -2.31 10.85
C ASN A 171 10.79 -2.49 12.34
N GLU A 172 10.24 -1.59 13.15
CA GLU A 172 10.47 -1.58 14.58
C GLU A 172 9.68 -2.70 15.26
N MET A 173 8.61 -3.14 14.61
CA MET A 173 7.82 -4.26 15.07
C MET A 173 8.69 -5.49 15.23
N LEU A 174 9.64 -5.64 14.32
CA LEU A 174 10.56 -6.77 14.37
C LEU A 174 11.79 -6.40 15.19
N GLY A 175 12.30 -5.20 14.97
CA GLY A 175 13.47 -4.74 15.70
C GLY A 175 14.63 -4.43 14.78
N ILE A 176 14.39 -4.61 13.47
CA ILE A 176 15.40 -4.36 12.44
C ILE A 176 16.54 -5.40 12.50
N SER A 177 17.39 -5.28 13.53
CA SER A 177 18.57 -6.15 13.71
C SER A 177 19.64 -5.82 12.67
N GLY A 178 20.87 -6.23 12.95
CA GLY A 178 21.98 -5.94 12.05
C GLY A 178 22.19 -7.03 11.02
N ILE A 179 21.45 -8.13 11.17
CA ILE A 179 21.54 -9.23 10.23
C ILE A 179 20.36 -9.17 9.28
N LEU A 180 20.65 -9.30 7.98
CA LEU A 180 19.68 -9.01 6.92
C LEU A 180 19.17 -7.57 7.02
N ALA A 181 20.06 -6.63 6.73
CA ALA A 181 19.70 -5.22 6.77
C ALA A 181 19.96 -4.58 5.41
N PRO A 182 18.91 -4.02 4.79
CA PRO A 182 19.01 -3.39 3.47
C PRO A 182 19.87 -2.14 3.49
N ALA A 183 20.75 -2.02 2.51
CA ALA A 183 21.60 -0.85 2.37
C ALA A 183 21.40 -0.21 1.01
N GLY A 184 21.42 1.11 0.95
CA GLY A 184 21.15 1.81 -0.29
C GLY A 184 22.42 2.16 -1.04
N ARG A 185 23.49 1.43 -0.77
CA ARG A 185 24.77 1.69 -1.40
C ARG A 185 24.97 0.74 -2.59
N ALA A 186 23.88 0.18 -3.07
CA ALA A 186 23.93 -0.76 -4.18
C ALA A 186 23.97 -0.01 -5.51
N LEU A 187 22.96 0.81 -5.75
CA LEU A 187 22.87 1.57 -6.97
C LEU A 187 22.97 3.06 -6.68
N GLU A 188 22.93 3.87 -7.73
CA GLU A 188 22.99 5.32 -7.59
C GLU A 188 21.83 5.96 -8.33
N MET A 1 11.76 -21.34 -3.06
CA MET A 1 11.53 -21.34 -1.60
C MET A 1 10.05 -21.15 -1.29
N PHE A 2 9.46 -20.11 -1.88
CA PHE A 2 8.05 -19.81 -1.66
C PHE A 2 7.34 -19.59 -2.99
N GLY A 3 6.03 -19.46 -2.94
CA GLY A 3 5.26 -19.24 -4.14
C GLY A 3 4.22 -18.15 -3.96
N ASN A 4 3.15 -18.47 -3.24
CA ASN A 4 2.07 -17.52 -3.01
C ASN A 4 2.46 -16.51 -1.94
N LEU A 5 1.98 -15.28 -2.12
CA LEU A 5 2.26 -14.22 -1.16
C LEU A 5 0.96 -13.50 -0.78
N GLN A 6 0.80 -12.27 -1.29
CA GLN A 6 -0.38 -11.44 -1.01
C GLN A 6 -0.57 -11.17 0.48
N GLY A 7 -0.50 -9.89 0.84
CA GLY A 7 -0.67 -9.52 2.23
C GLY A 7 0.63 -9.63 3.02
N LYS A 8 1.71 -9.90 2.30
CA LYS A 8 3.02 -10.04 2.90
C LYS A 8 3.88 -8.87 2.47
N PHE A 9 4.84 -8.46 3.29
CA PHE A 9 5.61 -7.27 2.99
C PHE A 9 7.11 -7.51 3.12
N ILE A 10 7.88 -6.61 2.53
CA ILE A 10 9.33 -6.72 2.54
C ILE A 10 9.96 -5.43 3.05
N ILE A 11 10.85 -5.58 4.03
CA ILE A 11 11.51 -4.44 4.63
C ILE A 11 12.87 -4.21 3.98
N ALA A 12 13.31 -2.96 3.95
CA ALA A 12 14.61 -2.56 3.37
C ALA A 12 14.52 -2.54 1.84
N THR A 13 14.98 -1.45 1.25
CA THR A 13 14.92 -1.28 -0.20
C THR A 13 16.19 -0.61 -0.73
N PRO A 14 16.51 0.62 -0.30
CA PRO A 14 17.70 1.33 -0.75
C PRO A 14 18.90 1.07 0.15
N GLU A 15 20.03 1.67 -0.22
CA GLU A 15 21.25 1.54 0.58
C GLU A 15 21.48 2.82 1.37
N MET A 16 21.40 3.96 0.69
CA MET A 16 21.65 5.25 1.33
C MET A 16 20.56 6.25 0.99
N ASP A 17 19.66 5.87 0.10
CA ASP A 17 18.62 6.78 -0.38
C ASP A 17 17.37 6.69 0.49
N ASP A 18 17.39 7.36 1.63
CA ASP A 18 16.24 7.40 2.52
C ASP A 18 16.22 8.68 3.34
N GLU A 19 15.03 9.27 3.46
CA GLU A 19 14.79 10.47 4.25
C GLU A 19 13.33 10.87 4.09
N TYR A 20 12.81 11.65 5.05
CA TYR A 20 11.45 12.21 4.96
C TYR A 20 10.38 11.15 5.29
N PHE A 21 10.51 9.98 4.67
CA PHE A 21 9.67 8.82 4.96
C PHE A 21 8.18 9.14 4.89
N ASP A 22 7.72 9.68 3.77
CA ASP A 22 6.31 10.00 3.60
C ASP A 22 5.60 8.81 2.98
N ARG A 23 5.20 7.88 3.85
CA ARG A 23 4.49 6.69 3.42
C ARG A 23 5.31 5.86 2.44
N THR A 24 6.21 5.05 2.97
CA THR A 24 7.14 4.29 2.14
C THR A 24 7.00 2.79 2.40
N VAL A 25 6.60 2.06 1.34
CA VAL A 25 6.46 0.60 1.39
C VAL A 25 5.28 0.17 2.27
N ILE A 26 4.47 -0.75 1.79
CA ILE A 26 3.37 -1.27 2.59
C ILE A 26 3.26 -2.79 2.53
N TYR A 27 3.10 -3.36 1.33
CA TYR A 27 3.01 -4.82 1.18
C TYR A 27 2.84 -5.24 -0.28
N ILE A 28 2.79 -6.55 -0.50
CA ILE A 28 2.51 -7.14 -1.81
C ILE A 28 1.02 -7.44 -1.92
N CYS A 29 0.38 -6.91 -2.95
CA CYS A 29 -1.08 -6.97 -3.06
C CYS A 29 -1.53 -8.23 -3.80
N GLU A 30 -0.83 -8.60 -4.85
CA GLU A 30 -1.23 -9.73 -5.66
C GLU A 30 -0.03 -10.53 -6.12
N HIS A 31 -0.21 -11.84 -6.20
CA HIS A 31 0.78 -12.71 -6.79
C HIS A 31 0.12 -13.46 -7.93
N ASN A 32 0.42 -13.04 -9.14
CA ASN A 32 -0.28 -13.54 -10.29
C ASN A 32 0.66 -14.37 -11.15
N ASP A 33 0.10 -15.11 -12.09
CA ASP A 33 0.90 -15.93 -12.99
C ASP A 33 1.49 -15.07 -14.09
N ASN A 34 0.98 -13.84 -14.17
CA ASN A 34 1.49 -12.86 -15.11
C ASN A 34 2.66 -12.09 -14.48
N GLY A 35 2.56 -11.84 -13.17
CA GLY A 35 3.61 -11.10 -12.49
C GLY A 35 3.32 -10.94 -11.01
N THR A 36 4.22 -10.30 -10.30
CA THR A 36 4.05 -10.09 -8.87
C THR A 36 3.71 -8.62 -8.59
N ILE A 37 2.55 -8.37 -8.02
CA ILE A 37 2.03 -7.01 -7.89
C ILE A 37 2.20 -6.50 -6.46
N GLY A 38 3.05 -5.50 -6.29
CA GLY A 38 3.25 -4.90 -4.99
C GLY A 38 3.62 -3.44 -5.09
N VAL A 39 3.53 -2.71 -3.99
CA VAL A 39 3.83 -1.29 -3.99
C VAL A 39 4.90 -0.94 -2.95
N ILE A 40 6.14 -0.88 -3.41
CA ILE A 40 7.28 -0.51 -2.58
C ILE A 40 8.09 0.59 -3.26
N ILE A 41 7.46 1.23 -4.23
CA ILE A 41 8.11 2.20 -5.11
C ILE A 41 8.80 3.33 -4.33
N ASN A 42 8.25 3.68 -3.17
CA ASN A 42 8.82 4.72 -2.31
C ASN A 42 8.85 6.07 -3.02
N THR A 43 7.67 6.67 -3.21
CA THR A 43 7.59 7.99 -3.82
C THR A 43 6.12 8.44 -3.97
N PRO A 44 5.75 9.53 -3.29
CA PRO A 44 4.47 10.19 -3.47
C PRO A 44 4.50 11.17 -4.63
N THR A 45 3.34 11.48 -5.20
CA THR A 45 3.28 12.42 -6.31
C THR A 45 2.92 13.81 -5.79
N ASP A 46 2.92 14.79 -6.69
CA ASP A 46 2.53 16.15 -6.34
C ASP A 46 1.03 16.28 -6.27
N LEU A 47 0.33 15.47 -7.07
CA LEU A 47 -1.11 15.53 -7.18
C LEU A 47 -1.76 15.06 -5.88
N SER A 48 -2.92 15.62 -5.56
CA SER A 48 -3.59 15.31 -4.31
C SER A 48 -4.77 14.39 -4.55
N VAL A 49 -5.13 13.60 -3.54
CA VAL A 49 -6.28 12.72 -3.62
C VAL A 49 -7.56 13.54 -3.75
N LEU A 50 -7.56 14.74 -3.14
CA LEU A 50 -8.71 15.63 -3.20
C LEU A 50 -8.79 16.30 -4.56
N GLU A 51 -7.64 16.42 -5.22
CA GLU A 51 -7.56 16.97 -6.55
C GLU A 51 -8.30 16.08 -7.55
N LEU A 52 -8.21 14.78 -7.32
CA LEU A 52 -8.95 13.81 -8.12
C LEU A 52 -10.46 14.04 -7.96
N LEU A 53 -10.87 14.44 -6.76
CA LEU A 53 -12.28 14.67 -6.47
C LEU A 53 -12.77 15.96 -7.12
N THR A 54 -11.92 17.00 -7.10
CA THR A 54 -12.26 18.27 -7.74
C THR A 54 -12.24 18.13 -9.26
N ARG A 55 -11.40 17.22 -9.75
CA ARG A 55 -11.36 16.87 -11.17
C ARG A 55 -12.72 16.30 -11.61
N MET A 56 -13.40 15.66 -10.65
CA MET A 56 -14.77 15.18 -10.82
C MET A 56 -14.87 14.01 -11.80
N ASP A 57 -13.74 13.36 -12.08
CA ASP A 57 -13.75 12.19 -12.93
C ASP A 57 -13.85 10.94 -12.07
N PHE A 58 -15.08 10.54 -11.78
CA PHE A 58 -15.33 9.38 -10.95
C PHE A 58 -16.58 8.65 -11.40
N GLN A 59 -16.88 7.54 -10.76
CA GLN A 59 -18.05 6.74 -11.12
C GLN A 59 -19.20 7.06 -10.15
N MET A 60 -19.80 8.23 -10.36
CA MET A 60 -20.93 8.71 -9.53
C MET A 60 -20.49 9.00 -8.10
N ALA A 61 -21.40 9.67 -7.37
CA ALA A 61 -21.22 9.95 -5.94
C ALA A 61 -20.10 10.96 -5.66
N LYS A 62 -20.49 12.20 -5.40
CA LYS A 62 -19.56 13.21 -4.93
C LYS A 62 -19.98 13.70 -3.54
N PRO A 63 -19.50 13.02 -2.50
CA PRO A 63 -19.80 13.39 -1.12
C PRO A 63 -18.71 14.26 -0.50
N ARG A 64 -18.87 14.56 0.79
CA ARG A 64 -17.87 15.32 1.53
C ARG A 64 -16.87 14.36 2.17
N ILE A 65 -15.59 14.67 1.99
CA ILE A 65 -14.53 13.81 2.51
C ILE A 65 -14.02 14.34 3.84
N TYR A 66 -14.08 15.66 4.02
CA TYR A 66 -13.60 16.33 5.22
C TYR A 66 -12.08 16.13 5.34
N THR A 67 -11.51 16.50 6.48
CA THR A 67 -10.08 16.37 6.72
C THR A 67 -9.29 17.29 5.78
N GLN A 68 -8.00 17.08 5.65
CA GLN A 68 -7.16 17.91 4.79
C GLN A 68 -6.77 17.19 3.52
N ASP A 69 -5.99 17.87 2.70
CA ASP A 69 -5.55 17.35 1.42
C ASP A 69 -4.34 16.44 1.61
N GLN A 70 -4.29 15.36 0.85
CA GLN A 70 -3.21 14.40 0.93
C GLN A 70 -2.73 14.03 -0.46
N MET A 71 -1.43 14.21 -0.70
CA MET A 71 -0.85 13.88 -1.98
C MET A 71 -0.86 12.37 -2.21
N VAL A 72 -1.29 11.99 -3.41
CA VAL A 72 -1.44 10.59 -3.78
C VAL A 72 -0.09 10.00 -4.22
N LEU A 73 0.11 8.71 -4.02
CA LEU A 73 1.39 8.09 -4.35
C LEU A 73 1.39 7.48 -5.74
N ASN A 74 2.58 7.32 -6.29
CA ASN A 74 2.75 6.76 -7.63
C ASN A 74 3.16 5.30 -7.50
N GLY A 75 2.17 4.42 -7.40
CA GLY A 75 2.41 3.03 -7.04
C GLY A 75 3.30 2.28 -8.02
N GLY A 76 3.21 2.65 -9.28
CA GLY A 76 4.03 2.01 -10.28
C GLY A 76 3.53 2.27 -11.68
N PRO A 77 4.28 1.84 -12.69
CA PRO A 77 3.92 2.08 -14.10
C PRO A 77 2.81 1.18 -14.60
N VAL A 78 2.62 0.03 -13.95
CA VAL A 78 1.59 -0.91 -14.38
C VAL A 78 0.23 -0.49 -13.85
N ASN A 79 -0.69 -0.20 -14.76
CA ASN A 79 -2.02 0.30 -14.42
C ASN A 79 -1.92 1.64 -13.71
N GLN A 80 -0.92 2.41 -14.10
CA GLN A 80 -0.67 3.74 -13.55
C GLN A 80 -1.85 4.66 -13.83
N ASP A 81 -2.61 4.31 -14.84
CA ASP A 81 -3.78 5.09 -15.24
C ASP A 81 -4.98 4.72 -14.37
N ARG A 82 -4.77 3.78 -13.46
CA ARG A 82 -5.82 3.33 -12.56
C ARG A 82 -5.50 3.70 -11.12
N GLY A 83 -6.53 4.10 -10.39
CA GLY A 83 -6.35 4.45 -8.99
C GLY A 83 -6.82 3.34 -8.08
N PHE A 84 -5.92 2.80 -7.30
CA PHE A 84 -6.25 1.71 -6.39
C PHE A 84 -6.43 2.25 -4.98
N ILE A 85 -7.57 1.96 -4.37
CA ILE A 85 -7.85 2.41 -3.02
C ILE A 85 -8.02 1.20 -2.09
N VAL A 86 -7.10 1.05 -1.16
CA VAL A 86 -7.17 0.00 -0.18
C VAL A 86 -7.71 0.56 1.13
N HIS A 87 -8.81 -0.01 1.62
CA HIS A 87 -9.45 0.50 2.82
C HIS A 87 -9.87 -0.63 3.74
N SER A 88 -10.10 -0.30 5.00
CA SER A 88 -10.53 -1.29 5.99
C SER A 88 -12.00 -1.67 5.77
N LYS A 89 -12.52 -2.60 6.57
CA LYS A 89 -13.92 -2.97 6.51
C LYS A 89 -14.82 -1.73 6.59
N THR A 90 -15.54 -1.45 5.52
CA THR A 90 -16.37 -0.26 5.45
C THR A 90 -17.82 -0.64 5.19
N ASP A 91 -18.70 -0.31 6.14
CA ASP A 91 -20.13 -0.58 6.00
C ASP A 91 -20.34 -2.08 5.78
N HIS A 92 -21.42 -2.46 5.10
CA HIS A 92 -21.67 -3.85 4.81
C HIS A 92 -22.15 -4.03 3.36
N GLU A 93 -21.91 -3.01 2.55
CA GLU A 93 -22.22 -3.09 1.13
C GLU A 93 -20.96 -2.86 0.31
N PHE A 94 -21.05 -3.14 -0.97
CA PHE A 94 -19.91 -3.05 -1.88
C PHE A 94 -20.36 -3.30 -3.31
N THR A 95 -19.73 -2.63 -4.25
CA THR A 95 -20.00 -2.86 -5.65
C THR A 95 -19.07 -3.95 -6.20
N HIS A 96 -17.77 -3.74 -6.05
CA HIS A 96 -16.80 -4.74 -6.46
C HIS A 96 -15.49 -4.50 -5.73
N SER A 97 -15.22 -5.32 -4.73
CA SER A 97 -13.99 -5.24 -3.98
C SER A 97 -13.18 -6.51 -4.18
N TYR A 98 -11.90 -6.42 -3.92
CA TYR A 98 -11.01 -7.57 -3.97
C TYR A 98 -10.61 -7.95 -2.56
N LYS A 99 -11.01 -9.14 -2.14
CA LYS A 99 -10.74 -9.62 -0.80
C LYS A 99 -9.28 -10.05 -0.65
N VAL A 100 -8.48 -9.20 -0.03
CA VAL A 100 -7.11 -9.56 0.31
C VAL A 100 -7.11 -10.39 1.59
N THR A 101 -7.73 -9.84 2.63
CA THR A 101 -7.93 -10.57 3.87
C THR A 101 -9.40 -10.45 4.28
N ASP A 102 -9.70 -10.75 5.54
CA ASP A 102 -11.07 -10.63 6.04
C ASP A 102 -11.33 -9.21 6.50
N ASP A 103 -10.36 -8.33 6.31
CA ASP A 103 -10.46 -6.95 6.77
C ASP A 103 -10.00 -5.99 5.68
N ILE A 104 -8.85 -6.28 5.10
CA ILE A 104 -8.28 -5.43 4.07
C ILE A 104 -9.14 -5.53 2.81
N THR A 105 -9.64 -4.39 2.36
CA THR A 105 -10.56 -4.35 1.24
C THR A 105 -10.03 -3.44 0.14
N LEU A 106 -9.76 -4.02 -1.02
CA LEU A 106 -9.32 -3.25 -2.18
C LEU A 106 -10.50 -2.95 -3.09
N THR A 107 -10.68 -1.70 -3.46
CA THR A 107 -11.75 -1.32 -4.37
C THR A 107 -11.20 -0.49 -5.52
N THR A 108 -11.56 -0.85 -6.75
CA THR A 108 -11.01 -0.19 -7.93
C THR A 108 -12.04 0.68 -8.65
N SER A 109 -13.30 0.54 -8.28
CA SER A 109 -14.37 1.26 -8.93
C SER A 109 -14.84 2.46 -8.11
N GLY A 110 -15.92 3.10 -8.55
CA GLY A 110 -16.43 4.28 -7.89
C GLY A 110 -17.14 3.95 -6.59
N ASP A 111 -17.07 2.70 -6.18
CA ASP A 111 -17.65 2.25 -4.92
C ASP A 111 -16.94 2.93 -3.76
N VAL A 112 -15.67 3.26 -4.00
CA VAL A 112 -14.88 4.02 -3.04
C VAL A 112 -15.56 5.34 -2.69
N LEU A 113 -16.19 5.94 -3.69
CA LEU A 113 -16.86 7.24 -3.51
C LEU A 113 -18.01 7.11 -2.52
N ASP A 114 -18.67 5.96 -2.54
CA ASP A 114 -19.79 5.70 -1.64
C ASP A 114 -19.27 5.30 -0.26
N SER A 115 -18.08 4.71 -0.26
CA SER A 115 -17.45 4.25 0.98
C SER A 115 -17.20 5.39 1.95
N PHE A 116 -16.74 6.53 1.45
CA PHE A 116 -16.52 7.69 2.31
C PHE A 116 -17.63 8.71 2.11
N GLY A 117 -17.66 9.72 2.96
CA GLY A 117 -18.71 10.72 2.88
C GLY A 117 -19.99 10.26 3.53
N THR A 118 -19.89 9.16 4.27
CA THR A 118 -21.02 8.61 4.99
C THR A 118 -20.65 8.39 6.46
N GLN A 119 -21.64 8.12 7.30
CA GLN A 119 -21.39 7.96 8.73
C GLN A 119 -20.79 6.59 9.03
N THR A 120 -20.69 5.75 8.00
CA THR A 120 -20.05 4.45 8.12
C THR A 120 -18.76 4.41 7.30
N ALA A 121 -18.16 5.58 7.12
CA ALA A 121 -16.93 5.73 6.34
C ALA A 121 -15.77 4.92 6.93
N PRO A 122 -14.73 4.63 6.13
CA PRO A 122 -13.59 3.83 6.58
C PRO A 122 -12.66 4.61 7.49
N GLU A 123 -12.07 3.92 8.45
CA GLU A 123 -11.10 4.55 9.36
C GLU A 123 -9.94 5.11 8.56
N LYS A 124 -9.34 4.26 7.73
CA LYS A 124 -8.19 4.63 6.94
C LYS A 124 -8.31 4.04 5.53
N PHE A 125 -7.66 4.69 4.58
CA PHE A 125 -7.63 4.20 3.22
C PHE A 125 -6.39 4.73 2.51
N ILE A 126 -5.71 3.86 1.79
CA ILE A 126 -4.53 4.25 1.04
C ILE A 126 -4.81 4.19 -0.44
N VAL A 127 -4.43 5.25 -1.15
CA VAL A 127 -4.67 5.33 -2.58
C VAL A 127 -3.35 5.45 -3.34
N CYS A 128 -3.17 4.58 -4.33
CA CYS A 128 -1.97 4.61 -5.15
C CYS A 128 -2.34 4.52 -6.62
N LEU A 129 -1.69 5.34 -7.43
CA LEU A 129 -1.89 5.30 -8.87
C LEU A 129 -0.93 4.30 -9.51
N GLY A 130 -1.47 3.20 -9.97
CA GLY A 130 -0.66 2.14 -10.54
C GLY A 130 0.02 1.28 -9.49
N CYS A 131 0.70 0.23 -9.94
CA CYS A 131 1.44 -0.64 -9.04
C CYS A 131 2.71 -1.14 -9.72
N SER A 132 3.59 -1.75 -8.95
CA SER A 132 4.85 -2.26 -9.48
C SER A 132 4.79 -3.78 -9.60
N THR A 133 5.16 -4.30 -10.76
CA THR A 133 5.09 -5.74 -11.00
C THR A 133 6.46 -6.35 -11.28
N TRP A 134 6.81 -7.37 -10.51
CA TRP A 134 7.96 -8.20 -10.84
C TRP A 134 7.52 -9.24 -11.85
N LYS A 135 8.48 -10.06 -12.27
CA LYS A 135 8.16 -11.26 -13.04
C LYS A 135 7.58 -12.30 -12.09
N PRO A 136 6.86 -13.29 -12.62
CA PRO A 136 6.33 -14.38 -11.80
C PRO A 136 7.42 -15.04 -10.96
N HIS A 137 7.33 -14.84 -9.64
CA HIS A 137 8.23 -15.49 -8.68
C HIS A 137 9.64 -14.87 -8.69
N GLN A 138 9.78 -13.75 -9.40
CA GLN A 138 11.09 -13.07 -9.50
C GLN A 138 11.56 -12.56 -8.14
N LEU A 139 10.62 -12.10 -7.32
CA LEU A 139 10.95 -11.49 -6.04
C LEU A 139 11.82 -12.41 -5.18
N GLU A 140 11.67 -13.72 -5.35
CA GLU A 140 12.48 -14.67 -4.59
C GLU A 140 13.96 -14.51 -4.92
N GLN A 141 14.26 -14.26 -6.19
CA GLN A 141 15.63 -14.03 -6.63
C GLN A 141 16.14 -12.70 -6.10
N GLU A 142 15.22 -11.75 -5.96
CA GLU A 142 15.55 -10.44 -5.41
C GLU A 142 15.86 -10.55 -3.92
N ILE A 143 15.04 -11.32 -3.21
CA ILE A 143 15.23 -11.53 -1.78
C ILE A 143 16.50 -12.33 -1.51
N ALA A 144 16.83 -13.23 -2.44
CA ALA A 144 18.02 -14.06 -2.33
C ALA A 144 19.29 -13.23 -2.23
N GLN A 145 19.22 -11.99 -2.69
CA GLN A 145 20.35 -11.06 -2.63
C GLN A 145 20.60 -10.58 -1.20
N ASN A 146 19.71 -11.00 -0.28
CA ASN A 146 19.80 -10.64 1.13
C ASN A 146 19.61 -9.15 1.36
N TYR A 147 18.95 -8.48 0.43
CA TYR A 147 18.61 -7.07 0.58
C TYR A 147 17.19 -6.90 1.10
N TRP A 148 16.30 -7.79 0.67
CA TRP A 148 14.91 -7.72 1.08
C TRP A 148 14.67 -8.58 2.31
N LEU A 149 14.07 -8.00 3.33
CA LEU A 149 13.74 -8.74 4.53
C LEU A 149 12.26 -9.11 4.51
N LEU A 150 11.97 -10.39 4.35
CA LEU A 150 10.61 -10.85 4.18
C LEU A 150 9.91 -11.02 5.52
N SER A 151 8.69 -10.53 5.57
CA SER A 151 7.83 -10.67 6.75
C SER A 151 6.37 -10.65 6.32
N GLU A 152 5.53 -11.42 6.97
CA GLU A 152 4.15 -11.50 6.53
C GLU A 152 3.20 -10.91 7.57
N ALA A 153 2.06 -10.45 7.10
CA ALA A 153 1.12 -9.74 7.94
C ALA A 153 -0.18 -10.52 8.08
N ASN A 154 -0.86 -10.30 9.20
CA ASN A 154 -2.16 -10.90 9.44
C ASN A 154 -3.26 -9.92 9.02
N ASN A 155 -3.25 -8.76 9.67
CA ASN A 155 -4.22 -7.70 9.42
C ASN A 155 -3.75 -6.43 10.11
N GLN A 156 -3.36 -6.59 11.38
CA GLN A 156 -2.89 -5.50 12.22
C GLN A 156 -1.75 -4.72 11.55
N THR A 157 -0.81 -5.44 11.00
CA THR A 157 0.37 -4.84 10.37
C THR A 157 -0.01 -3.87 9.25
N LEU A 158 -1.15 -4.10 8.61
CA LEU A 158 -1.55 -3.32 7.46
C LEU A 158 -2.38 -2.09 7.85
N PHE A 159 -3.43 -2.29 8.66
CA PHE A 159 -4.32 -1.17 8.99
C PHE A 159 -4.50 -0.91 10.48
N GLU A 160 -3.85 -1.69 11.33
CA GLU A 160 -3.81 -1.35 12.75
C GLU A 160 -2.59 -0.47 12.99
N THR A 161 -1.44 -1.00 12.64
CA THR A 161 -0.22 -0.21 12.60
C THR A 161 -0.16 0.54 11.29
N SER A 162 -0.89 1.64 11.23
CA SER A 162 -1.00 2.42 10.02
C SER A 162 -1.26 3.87 10.36
N TYR A 163 -0.19 4.65 10.42
CA TYR A 163 -0.25 6.08 10.64
C TYR A 163 -0.80 6.40 12.02
N LEU A 164 0.01 6.14 13.03
CA LEU A 164 -0.32 6.55 14.38
C LEU A 164 0.50 7.79 14.75
N ASP A 165 1.82 7.65 14.70
CA ASP A 165 2.74 8.76 14.95
C ASP A 165 4.17 8.25 14.85
N ARG A 166 4.57 7.89 13.64
CA ARG A 166 5.89 7.34 13.42
C ARG A 166 6.18 7.32 11.92
N TRP A 167 7.41 7.62 11.55
CA TRP A 167 7.81 7.58 10.14
C TRP A 167 8.25 6.18 9.76
N VAL A 168 8.86 5.48 10.71
CA VAL A 168 9.41 4.16 10.46
C VAL A 168 8.72 3.10 11.32
N GLU A 169 7.40 3.16 11.35
CA GLU A 169 6.61 2.21 12.13
C GLU A 169 6.50 0.85 11.43
N ALA A 170 6.76 0.83 10.13
CA ALA A 170 6.72 -0.40 9.34
C ALA A 170 7.80 -1.39 9.82
N ASN A 171 9.04 -0.94 9.78
CA ASN A 171 10.18 -1.78 10.17
C ASN A 171 10.17 -2.06 11.67
N GLU A 172 9.55 -1.16 12.43
CA GLU A 172 9.50 -1.30 13.88
C GLU A 172 8.64 -2.49 14.30
N MET A 173 7.70 -2.88 13.44
CA MET A 173 6.88 -4.05 13.70
C MET A 173 7.77 -5.28 13.86
N LEU A 174 8.84 -5.30 13.06
CA LEU A 174 9.80 -6.40 13.10
C LEU A 174 10.81 -6.15 14.21
N GLY A 175 11.19 -4.89 14.35
CA GLY A 175 12.15 -4.50 15.35
C GLY A 175 13.56 -4.47 14.80
N ILE A 176 13.68 -4.86 13.54
CA ILE A 176 14.96 -4.94 12.84
C ILE A 176 15.89 -5.91 13.58
N SER A 177 15.57 -7.20 13.50
CA SER A 177 16.35 -8.24 14.16
C SER A 177 16.12 -9.58 13.47
N GLY A 178 16.75 -10.63 13.99
CA GLY A 178 16.59 -11.94 13.40
C GLY A 178 17.73 -12.29 12.47
N ILE A 179 17.59 -11.91 11.20
CA ILE A 179 18.60 -12.16 10.20
C ILE A 179 18.34 -11.29 8.98
N LEU A 180 19.38 -11.06 8.17
CA LEU A 180 19.35 -10.13 7.05
C LEU A 180 19.24 -8.68 7.54
N ALA A 181 19.67 -7.76 6.69
CA ALA A 181 19.70 -6.33 7.02
C ALA A 181 20.46 -6.09 8.33
N PRO A 182 21.78 -6.34 8.33
CA PRO A 182 22.61 -6.18 9.54
C PRO A 182 22.88 -4.72 9.86
N ALA A 183 22.72 -3.86 8.88
CA ALA A 183 22.91 -2.44 9.06
C ALA A 183 22.10 -1.63 8.04
N GLY A 184 21.23 -0.77 8.54
CA GLY A 184 20.54 0.16 7.68
C GLY A 184 21.28 1.47 7.61
N ARG A 185 20.66 2.49 7.03
CA ARG A 185 21.32 3.78 6.91
C ARG A 185 20.91 4.69 8.06
N ALA A 186 19.62 4.80 8.30
CA ALA A 186 19.10 5.64 9.37
C ALA A 186 19.00 4.85 10.67
N LEU A 187 20.15 4.59 11.27
CA LEU A 187 20.20 3.88 12.55
C LEU A 187 20.65 4.81 13.66
N GLU A 188 21.55 5.74 13.33
CA GLU A 188 22.13 6.66 14.30
C GLU A 188 22.86 5.87 15.40
N MET A 1 11.02 -19.56 3.65
CA MET A 1 9.87 -19.99 2.83
C MET A 1 8.87 -18.85 2.67
N PHE A 2 8.78 -18.31 1.47
CA PHE A 2 7.88 -17.19 1.19
C PHE A 2 7.21 -17.36 -0.18
N GLY A 3 7.06 -18.60 -0.60
CA GLY A 3 6.49 -18.90 -1.90
C GLY A 3 4.99 -18.72 -1.95
N ASN A 4 4.54 -17.52 -1.61
CA ASN A 4 3.12 -17.16 -1.65
C ASN A 4 2.96 -15.65 -1.53
N LEU A 5 3.54 -15.09 -0.47
CA LEU A 5 3.47 -13.65 -0.22
C LEU A 5 2.01 -13.19 -0.15
N GLN A 6 1.76 -11.93 -0.54
CA GLN A 6 0.42 -11.35 -0.52
C GLN A 6 -0.13 -11.24 0.89
N GLY A 7 -0.14 -10.03 1.42
CA GLY A 7 -0.54 -9.81 2.80
C GLY A 7 0.65 -9.79 3.73
N LYS A 8 1.81 -10.05 3.18
CA LYS A 8 3.05 -10.05 3.95
C LYS A 8 3.92 -8.90 3.47
N PHE A 9 4.99 -8.58 4.18
CA PHE A 9 5.77 -7.40 3.82
C PHE A 9 7.26 -7.69 3.85
N ILE A 10 8.00 -6.90 3.10
CA ILE A 10 9.45 -7.03 3.01
C ILE A 10 10.11 -5.68 3.24
N ILE A 11 11.06 -5.66 4.16
CA ILE A 11 11.76 -4.45 4.52
C ILE A 11 12.96 -4.24 3.62
N ALA A 12 13.10 -3.03 3.09
CA ALA A 12 14.25 -2.68 2.27
C ALA A 12 14.93 -1.45 2.83
N THR A 13 16.25 -1.41 2.74
CA THR A 13 17.02 -0.26 3.21
C THR A 13 16.67 1.00 2.41
N PRO A 14 16.07 2.00 3.07
CA PRO A 14 15.68 3.25 2.42
C PRO A 14 16.87 4.18 2.21
N GLU A 15 16.81 5.00 1.17
CA GLU A 15 17.87 5.95 0.89
C GLU A 15 17.78 7.14 1.84
N MET A 16 16.89 8.08 1.54
CA MET A 16 16.73 9.25 2.38
C MET A 16 15.46 10.02 2.03
N ASP A 17 14.59 10.14 3.01
CA ASP A 17 13.44 11.02 2.94
C ASP A 17 13.14 11.50 4.35
N ASP A 18 11.99 12.09 4.56
CA ASP A 18 11.60 12.54 5.88
C ASP A 18 10.79 11.47 6.57
N GLU A 19 9.85 10.88 5.81
CA GLU A 19 9.06 9.73 6.26
C GLU A 19 8.53 9.92 7.69
N TYR A 20 7.54 10.79 7.84
CA TYR A 20 7.01 11.10 9.16
C TYR A 20 5.61 10.52 9.35
N PHE A 21 4.67 11.01 8.57
CA PHE A 21 3.27 10.60 8.71
C PHE A 21 2.79 9.89 7.45
N ASP A 22 3.63 9.01 6.94
CA ASP A 22 3.32 8.28 5.72
C ASP A 22 3.49 6.79 5.97
N ARG A 23 3.36 5.99 4.93
CA ARG A 23 3.59 4.55 5.04
C ARG A 23 4.57 4.10 3.98
N THR A 24 5.85 4.31 4.25
CA THR A 24 6.90 3.98 3.32
C THR A 24 7.38 2.54 3.53
N VAL A 25 7.33 1.75 2.46
CA VAL A 25 7.72 0.35 2.50
C VAL A 25 6.75 -0.45 3.36
N ILE A 26 5.68 -0.93 2.75
CA ILE A 26 4.68 -1.69 3.48
C ILE A 26 4.54 -3.12 2.93
N TYR A 27 3.39 -3.53 2.40
CA TYR A 27 3.14 -4.94 2.14
C TYR A 27 2.92 -5.26 0.68
N ILE A 28 2.89 -6.56 0.38
CA ILE A 28 2.58 -7.06 -0.94
C ILE A 28 1.07 -7.23 -1.10
N CYS A 29 0.50 -6.56 -2.08
CA CYS A 29 -0.95 -6.54 -2.25
C CYS A 29 -1.42 -7.74 -3.08
N GLU A 30 -0.67 -8.07 -4.12
CA GLU A 30 -1.04 -9.15 -5.02
C GLU A 30 0.20 -9.91 -5.45
N HIS A 31 0.05 -11.18 -5.77
CA HIS A 31 1.19 -11.99 -6.16
C HIS A 31 0.78 -13.10 -7.13
N ASN A 32 1.13 -12.88 -8.38
CA ASN A 32 0.99 -13.89 -9.41
C ASN A 32 2.31 -13.99 -10.15
N ASP A 33 2.51 -15.08 -10.89
CA ASP A 33 3.74 -15.24 -11.66
C ASP A 33 3.76 -14.24 -12.80
N ASN A 34 2.57 -13.79 -13.22
CA ASN A 34 2.44 -12.78 -14.26
C ASN A 34 2.75 -11.40 -13.71
N GLY A 35 2.88 -11.29 -12.39
CA GLY A 35 3.19 -10.02 -11.78
C GLY A 35 2.93 -10.01 -10.28
N THR A 36 3.93 -9.56 -9.52
CA THR A 36 3.77 -9.39 -8.08
C THR A 36 3.61 -7.92 -7.76
N ILE A 37 2.47 -7.56 -7.18
CA ILE A 37 2.14 -6.17 -6.91
C ILE A 37 2.36 -5.85 -5.44
N GLY A 38 3.26 -4.93 -5.16
CA GLY A 38 3.50 -4.50 -3.80
C GLY A 38 3.93 -3.05 -3.73
N VAL A 39 3.41 -2.32 -2.74
CA VAL A 39 3.75 -0.91 -2.59
C VAL A 39 4.94 -0.75 -1.65
N ILE A 40 6.11 -1.02 -2.19
CA ILE A 40 7.33 -1.07 -1.40
C ILE A 40 8.42 -0.17 -1.97
N ILE A 41 8.09 0.59 -3.01
CA ILE A 41 9.07 1.41 -3.69
C ILE A 41 9.47 2.63 -2.86
N ASN A 42 8.63 2.97 -1.88
CA ASN A 42 8.89 4.09 -0.95
C ASN A 42 8.92 5.43 -1.68
N THR A 43 7.75 6.06 -1.79
CA THR A 43 7.62 7.39 -2.35
C THR A 43 6.14 7.79 -2.48
N PRO A 44 5.76 8.96 -1.95
CA PRO A 44 4.46 9.55 -2.20
C PRO A 44 4.48 10.40 -3.47
N THR A 45 3.34 10.58 -4.11
CA THR A 45 3.30 11.34 -5.35
C THR A 45 3.08 12.83 -5.04
N ASP A 46 3.08 13.64 -6.09
CA ASP A 46 2.88 15.06 -5.94
C ASP A 46 1.38 15.39 -5.90
N LEU A 47 0.58 14.44 -6.35
CA LEU A 47 -0.85 14.64 -6.46
C LEU A 47 -1.54 14.30 -5.15
N SER A 48 -2.68 14.93 -4.91
CA SER A 48 -3.46 14.66 -3.73
C SER A 48 -4.64 13.77 -4.08
N VAL A 49 -5.17 13.07 -3.09
CA VAL A 49 -6.31 12.19 -3.30
C VAL A 49 -7.54 13.01 -3.71
N LEU A 50 -7.64 14.22 -3.19
CA LEU A 50 -8.77 15.09 -3.50
C LEU A 50 -8.71 15.58 -4.94
N GLU A 51 -7.49 15.76 -5.45
CA GLU A 51 -7.29 16.22 -6.82
C GLU A 51 -7.85 15.21 -7.82
N LEU A 52 -7.58 13.93 -7.58
CA LEU A 52 -8.05 12.89 -8.49
C LEU A 52 -9.54 12.61 -8.28
N LEU A 53 -10.00 12.77 -7.05
CA LEU A 53 -11.42 12.58 -6.73
C LEU A 53 -12.29 13.63 -7.41
N THR A 54 -11.79 14.86 -7.48
CA THR A 54 -12.53 15.94 -8.13
C THR A 54 -12.40 15.85 -9.65
N ARG A 55 -11.27 15.33 -10.11
CA ARG A 55 -11.01 15.16 -11.54
C ARG A 55 -12.00 14.16 -12.14
N MET A 56 -12.16 13.02 -11.49
CA MET A 56 -13.07 11.98 -11.95
C MET A 56 -14.51 12.26 -11.53
N ASP A 57 -14.65 12.88 -10.36
CA ASP A 57 -15.94 13.10 -9.72
C ASP A 57 -16.56 11.79 -9.23
N PHE A 58 -16.85 11.75 -7.95
CA PHE A 58 -17.41 10.56 -7.33
C PHE A 58 -18.84 10.83 -6.84
N GLN A 59 -19.16 12.12 -6.68
CA GLN A 59 -20.41 12.52 -6.02
C GLN A 59 -20.46 14.02 -5.83
N MET A 60 -19.31 14.61 -5.48
CA MET A 60 -19.19 16.04 -5.16
C MET A 60 -20.03 16.38 -3.93
N ALA A 61 -19.43 16.17 -2.76
CA ALA A 61 -20.09 16.41 -1.49
C ALA A 61 -19.07 16.46 -0.36
N LYS A 62 -18.13 15.52 -0.41
CA LYS A 62 -17.03 15.46 0.57
C LYS A 62 -16.23 16.75 0.57
N PRO A 63 -15.71 17.14 1.75
CA PRO A 63 -14.98 18.40 1.93
C PRO A 63 -13.68 18.46 1.13
N ARG A 64 -13.40 19.65 0.60
CA ARG A 64 -12.17 19.89 -0.14
C ARG A 64 -11.45 21.08 0.48
N ILE A 65 -10.27 20.86 1.04
CA ILE A 65 -9.53 21.94 1.68
C ILE A 65 -8.11 22.01 1.14
N TYR A 66 -7.74 23.17 0.61
CA TYR A 66 -6.46 23.39 -0.05
C TYR A 66 -5.35 23.66 0.98
N THR A 67 -5.31 22.84 2.03
CA THR A 67 -4.34 23.01 3.10
C THR A 67 -4.13 21.71 3.86
N GLN A 68 -5.22 21.18 4.38
CA GLN A 68 -5.18 19.94 5.15
C GLN A 68 -5.67 18.78 4.30
N ASP A 69 -5.05 18.64 3.13
CA ASP A 69 -5.42 17.58 2.20
C ASP A 69 -4.48 16.40 2.36
N GLN A 70 -4.81 15.30 1.69
CA GLN A 70 -4.01 14.09 1.79
C GLN A 70 -3.41 13.75 0.42
N MET A 71 -2.12 13.45 0.41
CA MET A 71 -1.44 13.09 -0.82
C MET A 71 -1.65 11.63 -1.14
N VAL A 72 -1.63 11.28 -2.41
CA VAL A 72 -1.82 9.89 -2.81
C VAL A 72 -0.46 9.22 -3.00
N LEU A 73 -0.32 8.02 -2.46
CA LEU A 73 0.94 7.29 -2.52
C LEU A 73 1.23 6.77 -3.92
N ASN A 74 2.50 6.51 -4.19
CA ASN A 74 2.92 6.01 -5.49
C ASN A 74 3.10 4.50 -5.40
N GLY A 75 2.25 3.78 -6.10
CA GLY A 75 2.32 2.33 -6.09
C GLY A 75 3.42 1.80 -6.97
N GLY A 76 3.63 2.46 -8.11
CA GLY A 76 4.65 2.04 -9.04
C GLY A 76 4.39 2.57 -10.44
N PRO A 77 5.31 2.34 -11.38
CA PRO A 77 5.23 2.91 -12.74
C PRO A 77 4.15 2.25 -13.60
N VAL A 78 3.61 1.14 -13.14
CA VAL A 78 2.60 0.41 -13.88
C VAL A 78 1.20 0.86 -13.46
N ASN A 79 0.34 1.15 -14.44
CA ASN A 79 -1.05 1.53 -14.18
C ASN A 79 -1.14 2.87 -13.45
N GLN A 80 -0.28 3.82 -13.83
CA GLN A 80 -0.21 5.12 -13.16
C GLN A 80 -1.48 5.96 -13.35
N ASP A 81 -2.24 5.65 -14.38
CA ASP A 81 -3.49 6.37 -14.64
C ASP A 81 -4.66 5.65 -13.98
N ARG A 82 -4.33 4.63 -13.20
CA ARG A 82 -5.34 3.85 -12.50
C ARG A 82 -5.15 3.97 -10.99
N GLY A 83 -6.27 4.05 -10.28
CA GLY A 83 -6.21 4.23 -8.84
C GLY A 83 -6.58 2.96 -8.09
N PHE A 84 -5.73 2.58 -7.14
CA PHE A 84 -5.98 1.41 -6.32
C PHE A 84 -6.17 1.83 -4.87
N ILE A 85 -7.29 1.44 -4.28
CA ILE A 85 -7.59 1.80 -2.91
C ILE A 85 -8.02 0.58 -2.10
N VAL A 86 -7.29 0.31 -1.03
CA VAL A 86 -7.63 -0.79 -0.15
C VAL A 86 -8.47 -0.27 1.01
N HIS A 87 -9.58 -0.93 1.30
CA HIS A 87 -10.47 -0.48 2.36
C HIS A 87 -10.96 -1.66 3.19
N SER A 88 -11.43 -1.39 4.39
CA SER A 88 -11.94 -2.43 5.28
C SER A 88 -13.17 -3.11 4.70
N LYS A 89 -13.28 -4.40 4.98
CA LYS A 89 -14.45 -5.19 4.61
C LYS A 89 -15.67 -4.66 5.34
N THR A 90 -16.69 -4.30 4.59
CA THR A 90 -17.87 -3.67 5.17
C THR A 90 -19.13 -4.50 4.97
N ASP A 91 -20.26 -3.97 5.41
CA ASP A 91 -21.51 -4.73 5.45
C ASP A 91 -22.19 -4.81 4.09
N HIS A 92 -22.08 -3.75 3.31
CA HIS A 92 -22.82 -3.67 2.04
C HIS A 92 -22.01 -4.32 0.92
N GLU A 93 -22.62 -4.39 -0.27
CA GLU A 93 -22.00 -5.02 -1.42
C GLU A 93 -20.71 -4.32 -1.85
N PHE A 94 -20.00 -4.97 -2.74
CA PHE A 94 -18.80 -4.42 -3.36
C PHE A 94 -18.61 -5.08 -4.72
N THR A 95 -18.73 -4.28 -5.77
CA THR A 95 -18.81 -4.82 -7.12
C THR A 95 -17.45 -5.34 -7.61
N HIS A 96 -16.56 -4.44 -8.00
CA HIS A 96 -15.30 -4.86 -8.59
C HIS A 96 -14.14 -4.60 -7.65
N SER A 97 -13.94 -5.54 -6.74
CA SER A 97 -12.83 -5.46 -5.80
C SER A 97 -12.01 -6.73 -5.86
N TYR A 98 -10.72 -6.60 -5.54
CA TYR A 98 -9.80 -7.73 -5.53
C TYR A 98 -9.58 -8.15 -4.09
N LYS A 99 -10.24 -9.23 -3.68
CA LYS A 99 -10.15 -9.71 -2.31
C LYS A 99 -8.76 -10.28 -2.03
N VAL A 100 -8.04 -9.63 -1.13
CA VAL A 100 -6.72 -10.11 -0.72
C VAL A 100 -6.87 -11.34 0.17
N THR A 101 -7.66 -11.18 1.23
CA THR A 101 -7.98 -12.31 2.10
C THR A 101 -9.49 -12.35 2.34
N ASP A 102 -10.04 -11.24 2.81
CA ASP A 102 -11.48 -11.06 2.97
C ASP A 102 -11.74 -9.74 3.67
N ASP A 103 -11.28 -9.66 4.92
CA ASP A 103 -11.39 -8.42 5.70
C ASP A 103 -10.61 -7.29 5.04
N ILE A 104 -9.59 -7.64 4.29
CA ILE A 104 -8.84 -6.67 3.52
C ILE A 104 -9.32 -6.70 2.07
N THR A 105 -9.78 -5.56 1.58
CA THR A 105 -10.34 -5.51 0.25
C THR A 105 -9.72 -4.38 -0.59
N LEU A 106 -9.00 -4.76 -1.64
CA LEU A 106 -8.40 -3.81 -2.54
C LEU A 106 -9.33 -3.55 -3.73
N THR A 107 -9.87 -2.36 -3.81
CA THR A 107 -10.81 -2.05 -4.86
C THR A 107 -10.15 -1.29 -5.99
N THR A 108 -10.31 -1.79 -7.20
CA THR A 108 -9.66 -1.24 -8.38
C THR A 108 -10.63 -0.38 -9.20
N SER A 109 -11.66 0.12 -8.54
CA SER A 109 -12.69 0.89 -9.22
C SER A 109 -13.32 1.90 -8.26
N GLY A 110 -14.32 2.65 -8.74
CA GLY A 110 -14.97 3.66 -7.92
C GLY A 110 -15.90 3.07 -6.87
N ASP A 111 -15.81 1.76 -6.66
CA ASP A 111 -16.60 1.06 -5.66
C ASP A 111 -16.23 1.57 -4.27
N VAL A 112 -14.98 1.98 -4.15
CA VAL A 112 -14.48 2.61 -2.93
C VAL A 112 -15.34 3.80 -2.55
N LEU A 113 -15.65 4.64 -3.54
CA LEU A 113 -16.41 5.86 -3.32
C LEU A 113 -17.85 5.54 -2.95
N ASP A 114 -18.36 4.46 -3.52
CA ASP A 114 -19.69 3.95 -3.16
C ASP A 114 -19.72 3.58 -1.68
N SER A 115 -18.64 2.96 -1.24
CA SER A 115 -18.48 2.62 0.16
C SER A 115 -18.54 3.88 1.05
N PHE A 116 -17.93 4.96 0.57
CA PHE A 116 -17.95 6.23 1.31
C PHE A 116 -19.23 7.00 1.03
N GLY A 117 -20.13 6.40 0.29
CA GLY A 117 -21.39 7.05 -0.02
C GLY A 117 -22.56 6.38 0.68
N THR A 118 -22.25 5.60 1.71
CA THR A 118 -23.27 4.88 2.44
C THR A 118 -22.94 4.86 3.93
N GLN A 119 -23.81 4.24 4.72
CA GLN A 119 -23.61 4.15 6.15
C GLN A 119 -22.35 3.36 6.49
N THR A 120 -22.02 2.39 5.65
CA THR A 120 -20.87 1.55 5.89
C THR A 120 -19.62 2.09 5.21
N ALA A 121 -19.41 3.40 5.30
CA ALA A 121 -18.15 4.01 4.91
C ALA A 121 -17.01 3.38 5.70
N PRO A 122 -16.01 2.83 4.99
CA PRO A 122 -14.90 2.10 5.62
C PRO A 122 -14.09 2.98 6.56
N GLU A 123 -13.88 2.47 7.77
CA GLU A 123 -13.11 3.20 8.78
C GLU A 123 -11.68 3.42 8.32
N LYS A 124 -11.07 2.38 7.77
CA LYS A 124 -9.68 2.44 7.35
C LYS A 124 -9.60 2.31 5.84
N PHE A 125 -8.70 3.05 5.22
CA PHE A 125 -8.51 3.01 3.78
C PHE A 125 -7.14 3.58 3.40
N ILE A 126 -6.51 2.98 2.39
CA ILE A 126 -5.27 3.51 1.86
C ILE A 126 -5.37 3.69 0.35
N VAL A 127 -4.95 4.85 -0.13
CA VAL A 127 -5.07 5.17 -1.54
C VAL A 127 -3.70 5.32 -2.19
N CYS A 128 -3.52 4.66 -3.32
CA CYS A 128 -2.27 4.72 -4.06
C CYS A 128 -2.54 4.72 -5.56
N LEU A 129 -1.70 5.42 -6.31
CA LEU A 129 -1.80 5.42 -7.76
C LEU A 129 -0.75 4.52 -8.36
N GLY A 130 -1.12 3.83 -9.43
CA GLY A 130 -0.23 2.87 -10.03
C GLY A 130 0.09 1.70 -9.13
N CYS A 131 0.91 0.78 -9.65
CA CYS A 131 1.37 -0.36 -8.87
C CYS A 131 2.75 -0.77 -9.35
N SER A 132 3.45 -1.54 -8.53
CA SER A 132 4.78 -1.99 -8.84
C SER A 132 4.78 -3.50 -9.03
N THR A 133 5.11 -3.93 -10.24
CA THR A 133 5.10 -5.35 -10.56
C THR A 133 6.52 -5.91 -10.70
N TRP A 134 6.86 -6.84 -9.81
CA TRP A 134 8.15 -7.51 -9.87
C TRP A 134 7.99 -8.89 -10.50
N LYS A 135 9.06 -9.37 -11.14
CA LYS A 135 9.02 -10.61 -11.88
C LYS A 135 9.75 -11.72 -11.14
N PRO A 136 9.16 -12.94 -11.11
CA PRO A 136 9.73 -14.10 -10.42
C PRO A 136 10.95 -14.66 -11.14
N HIS A 137 12.12 -14.18 -10.72
CA HIS A 137 13.43 -14.65 -11.22
C HIS A 137 14.52 -13.73 -10.70
N GLN A 138 14.12 -12.53 -10.29
CA GLN A 138 15.02 -11.61 -9.61
C GLN A 138 14.63 -11.47 -8.14
N LEU A 139 13.39 -11.04 -7.90
CA LEU A 139 12.93 -10.69 -6.55
C LEU A 139 13.06 -11.85 -5.57
N GLU A 140 12.52 -13.00 -5.92
CA GLU A 140 12.47 -14.14 -5.00
C GLU A 140 13.88 -14.58 -4.57
N GLN A 141 14.82 -14.51 -5.48
CA GLN A 141 16.20 -14.87 -5.16
C GLN A 141 16.87 -13.78 -4.32
N GLU A 142 16.54 -12.52 -4.60
CA GLU A 142 17.11 -11.41 -3.83
C GLU A 142 16.61 -11.47 -2.39
N ILE A 143 15.32 -11.76 -2.21
CA ILE A 143 14.75 -11.91 -0.89
C ILE A 143 15.42 -13.06 -0.14
N ALA A 144 15.64 -14.17 -0.85
CA ALA A 144 16.27 -15.34 -0.25
C ALA A 144 17.69 -15.02 0.22
N GLN A 145 18.44 -14.28 -0.60
CA GLN A 145 19.79 -13.88 -0.25
C GLN A 145 19.79 -12.70 0.72
N ASN A 146 18.59 -12.30 1.14
CA ASN A 146 18.41 -11.25 2.14
C ASN A 146 18.85 -9.88 1.65
N TYR A 147 18.58 -9.60 0.37
CA TYR A 147 18.63 -8.22 -0.12
C TYR A 147 17.41 -7.50 0.43
N TRP A 148 16.37 -8.29 0.64
CA TRP A 148 15.14 -7.82 1.26
C TRP A 148 14.95 -8.55 2.58
N LEU A 149 14.29 -7.90 3.53
CA LEU A 149 14.04 -8.51 4.82
C LEU A 149 12.58 -8.93 4.92
N LEU A 150 12.32 -10.23 4.89
CA LEU A 150 10.96 -10.73 4.90
C LEU A 150 10.39 -10.76 6.30
N SER A 151 9.14 -10.31 6.44
CA SER A 151 8.43 -10.38 7.71
C SER A 151 6.96 -10.66 7.45
N GLU A 152 6.28 -11.22 8.42
CA GLU A 152 4.89 -11.62 8.24
C GLU A 152 3.94 -10.57 8.81
N ALA A 153 2.74 -10.53 8.24
CA ALA A 153 1.71 -9.62 8.67
C ALA A 153 0.35 -10.25 8.45
N ASN A 154 -0.64 -9.82 9.22
CA ASN A 154 -1.98 -10.38 9.08
C ASN A 154 -2.97 -9.30 8.68
N ASN A 155 -3.15 -8.30 9.54
CA ASN A 155 -4.13 -7.24 9.29
C ASN A 155 -3.85 -5.99 10.13
N GLN A 156 -3.44 -6.19 11.37
CA GLN A 156 -3.20 -5.09 12.32
C GLN A 156 -2.24 -4.05 11.76
N THR A 157 -1.05 -4.49 11.38
CA THR A 157 -0.03 -3.61 10.82
C THR A 157 -0.57 -2.85 9.60
N LEU A 158 -1.53 -3.47 8.91
CA LEU A 158 -2.07 -2.91 7.70
C LEU A 158 -3.12 -1.83 7.98
N PHE A 159 -4.14 -2.18 8.76
CA PHE A 159 -5.28 -1.28 8.96
C PHE A 159 -5.71 -1.12 10.42
N GLU A 160 -4.86 -1.47 11.37
CA GLU A 160 -5.19 -1.24 12.77
C GLU A 160 -4.30 -0.15 13.35
N THR A 161 -3.01 -0.27 13.12
CA THR A 161 -2.04 0.71 13.61
C THR A 161 -1.82 1.82 12.57
N SER A 162 -2.35 1.61 11.38
CA SER A 162 -2.18 2.55 10.28
C SER A 162 -2.74 3.93 10.63
N TYR A 163 -1.98 4.96 10.28
CA TYR A 163 -2.38 6.37 10.46
C TYR A 163 -2.28 6.83 11.91
N LEU A 164 -2.76 6.01 12.85
CA LEU A 164 -2.76 6.39 14.26
C LEU A 164 -1.39 6.17 14.91
N ASP A 165 -0.53 5.41 14.23
CA ASP A 165 0.84 5.23 14.69
C ASP A 165 1.71 6.37 14.11
N ARG A 166 3.02 6.19 14.09
CA ARG A 166 3.92 7.24 13.65
C ARG A 166 4.66 6.84 12.38
N TRP A 167 5.97 7.11 12.33
CA TRP A 167 6.75 7.01 11.09
C TRP A 167 6.69 5.62 10.45
N VAL A 168 7.61 4.76 10.83
CA VAL A 168 7.71 3.43 10.22
C VAL A 168 7.34 2.33 11.22
N GLU A 169 6.06 1.97 11.22
CA GLU A 169 5.57 0.93 12.10
C GLU A 169 6.08 -0.45 11.67
N ALA A 170 6.31 -0.59 10.36
CA ALA A 170 6.81 -1.85 9.81
C ALA A 170 8.15 -2.23 10.43
N ASN A 171 9.03 -1.25 10.55
CA ASN A 171 10.35 -1.47 11.14
C ASN A 171 10.21 -1.68 12.64
N GLU A 172 9.22 -1.02 13.22
CA GLU A 172 8.95 -1.08 14.66
C GLU A 172 8.39 -2.45 15.06
N MET A 173 7.81 -3.16 14.09
CA MET A 173 7.21 -4.47 14.34
C MET A 173 8.24 -5.45 14.91
N LEU A 174 9.48 -5.31 14.47
CA LEU A 174 10.54 -6.22 14.87
C LEU A 174 11.61 -5.47 15.65
N GLY A 175 12.12 -4.40 15.07
CA GLY A 175 13.21 -3.67 15.66
C GLY A 175 13.93 -2.86 14.62
N ILE A 176 13.89 -1.54 14.78
CA ILE A 176 14.55 -0.61 13.87
C ILE A 176 15.99 -1.05 13.62
N SER A 177 16.21 -1.53 12.41
CA SER A 177 17.50 -2.07 11.98
C SER A 177 17.71 -3.46 12.59
N GLY A 178 17.43 -4.49 11.80
CA GLY A 178 17.52 -5.85 12.30
C GLY A 178 18.78 -6.57 11.85
N ILE A 179 18.64 -7.84 11.50
CA ILE A 179 19.78 -8.67 11.14
C ILE A 179 19.82 -8.90 9.63
N LEU A 180 21.03 -8.81 9.06
CA LEU A 180 21.25 -8.93 7.61
C LEU A 180 20.51 -7.84 6.86
N ALA A 181 20.93 -6.60 7.09
CA ALA A 181 20.37 -5.45 6.38
C ALA A 181 21.43 -4.86 5.46
N PRO A 182 21.25 -5.03 4.13
CA PRO A 182 22.20 -4.54 3.14
C PRO A 182 21.88 -3.13 2.68
N ALA A 183 22.78 -2.20 3.00
CA ALA A 183 22.61 -0.82 2.56
C ALA A 183 23.11 -0.66 1.12
N GLY A 184 23.82 -1.67 0.63
CA GLY A 184 24.37 -1.61 -0.70
C GLY A 184 23.39 -2.04 -1.77
N ARG A 185 22.29 -1.31 -1.88
CA ARG A 185 21.30 -1.56 -2.92
C ARG A 185 20.80 -0.25 -3.51
N ALA A 186 21.44 0.21 -4.56
CA ALA A 186 21.01 1.41 -5.26
C ALA A 186 20.16 1.05 -6.47
N LEU A 187 20.65 0.11 -7.26
CA LEU A 187 19.94 -0.35 -8.45
C LEU A 187 19.98 -1.87 -8.55
N GLU A 188 19.01 -2.43 -9.25
CA GLU A 188 18.92 -3.87 -9.44
C GLU A 188 18.93 -4.20 -10.93
#